data_7R08
#
_entry.id   7R08
#
_cell.length_a   134.334
_cell.length_b   88.359
_cell.length_c   161.094
_cell.angle_alpha   90.000
_cell.angle_beta   103.180
_cell.angle_gamma   90.000
#
_symmetry.space_group_name_H-M   'P 1 21 1'
#
_entity_poly.entity_id   1
_entity_poly.type   'polypeptide(L)'
_entity_poly.pdbx_seq_one_letter_code
;MQIDAVKCATASRNTFNFMIKNIIPNKSIILMKKVYELTSEEALSYFLRHDSYTTLELPAYINFTTLLNDINSSIHNKKI
KIEPTAKELMGKDINYEVLVSKDGLYSWRRITLINPLYYVYFCRKITAPATWEIITEKFKSFESNDLFTCSSIPVRKDNS
SNIAASVMNWWEDFEQKSLALALEYEFMFSTDISNFYPSIYTHSFEWVFISKEEAKKKKSKNNPGGLIDSHIQMMMNNQT
NGIPLGSTLMDTFAELILGQIDIELRKKTNELKIINYKVVRYRDDYRIFSNSKDDLDIISKCLVNVLGDFGLDLNSKKTE
LYEDIILHSLKQAKKDYIKEKRHKSLQKMLYSIYLFSLKHPNSKTTVRYLNDFLRNLFKRKTIKDNGQQVDAMLGIISSI
MAKNPTTYPVGTAIFSKLLSFLYGDDTQKKLTKLEQLHKKLDKQPNTEMLDIWFQRTQAKINLEWNKSYKSALCVRINDE
LTKEKTFSVNNLWNIDWIQGKETSPNKAKILSLLRKTKIVDTDKFDKMDDNITPEEVNLFF
;
_entity_poly.pdbx_strand_id   A,B,C,D,E,F
#
# COMPACT_ATOMS: atom_id res chain seq x y z
N MET A 32 21.67 -27.25 36.26
CA MET A 32 22.05 -26.09 37.06
C MET A 32 20.97 -25.74 38.07
N LYS A 33 21.40 -25.27 39.24
CA LYS A 33 20.47 -24.91 40.30
C LYS A 33 19.88 -23.52 40.05
N LYS A 34 18.56 -23.42 40.17
CA LYS A 34 17.91 -22.13 40.20
C LYS A 34 18.09 -21.52 41.59
N VAL A 35 17.54 -20.31 41.78
CA VAL A 35 17.78 -19.57 43.02
C VAL A 35 17.12 -20.26 44.21
N TYR A 36 16.01 -20.96 43.99
CA TYR A 36 15.19 -21.42 45.11
C TYR A 36 15.54 -22.82 45.59
N GLU A 37 16.15 -23.67 44.77
CA GLU A 37 16.53 -25.02 45.23
C GLU A 37 17.96 -25.08 45.74
N LEU A 38 18.53 -23.95 46.16
CA LEU A 38 19.85 -23.91 46.77
C LEU A 38 19.77 -23.31 48.17
N THR A 39 20.80 -23.58 48.96
CA THR A 39 20.79 -23.28 50.39
C THR A 39 20.97 -21.79 50.67
N SER A 40 20.85 -21.43 51.94
CA SER A 40 20.99 -20.04 52.35
C SER A 40 22.41 -19.53 52.14
N GLU A 41 23.41 -20.31 52.55
CA GLU A 41 24.79 -19.92 52.35
C GLU A 41 25.12 -19.77 50.86
N GLU A 42 24.46 -20.57 50.01
CA GLU A 42 24.68 -20.47 48.57
C GLU A 42 23.94 -19.28 47.97
N ALA A 43 22.84 -18.85 48.60
CA ALA A 43 22.08 -17.72 48.09
C ALA A 43 22.81 -16.41 48.34
N LEU A 44 23.42 -16.27 49.52
CA LEU A 44 24.22 -15.08 49.78
C LEU A 44 25.43 -15.01 48.86
N SER A 45 26.13 -16.13 48.71
CA SER A 45 27.29 -16.16 47.81
C SER A 45 26.87 -15.91 46.37
N TYR A 46 25.65 -16.30 46.00
CA TYR A 46 25.17 -16.04 44.65
C TYR A 46 24.81 -14.56 44.47
N PHE A 47 24.08 -14.00 45.44
CA PHE A 47 23.63 -12.61 45.32
C PHE A 47 24.77 -11.62 45.38
N LEU A 48 25.91 -12.00 45.94
CA LEU A 48 27.07 -11.12 46.01
C LEU A 48 27.93 -11.15 44.76
N ARG A 49 27.61 -12.01 43.79
CA ARG A 49 28.33 -12.01 42.53
C ARG A 49 28.10 -10.70 41.80
N HIS A 50 29.12 -10.27 41.04
CA HIS A 50 28.94 -9.12 40.17
C HIS A 50 27.86 -9.38 39.13
N ASP A 51 27.64 -10.66 38.80
CA ASP A 51 26.56 -11.02 37.89
C ASP A 51 25.20 -10.67 38.50
N SER A 52 24.96 -11.12 39.74
CA SER A 52 23.68 -10.91 40.39
C SER A 52 23.50 -9.50 40.93
N TYR A 53 24.59 -8.79 41.23
CA TYR A 53 24.47 -7.43 41.75
C TYR A 53 23.84 -6.51 40.71
N THR A 54 24.35 -6.52 39.48
CA THR A 54 23.83 -5.68 38.42
C THR A 54 24.09 -6.34 37.08
N THR A 55 23.04 -6.47 36.27
CA THR A 55 23.14 -7.07 34.94
C THR A 55 23.15 -5.98 33.88
N LEU A 56 24.29 -5.30 33.78
CA LEU A 56 24.51 -4.26 32.79
C LEU A 56 25.46 -4.76 31.71
N GLU A 57 25.41 -4.07 30.57
CA GLU A 57 26.33 -4.32 29.45
C GLU A 57 27.64 -3.58 29.73
N LEU A 58 28.33 -4.03 30.82
CA LEU A 58 29.53 -3.41 31.35
C LEU A 58 30.77 -4.19 30.94
N PRO A 59 31.92 -3.51 30.83
CA PRO A 59 33.16 -4.22 30.48
C PRO A 59 33.55 -5.24 31.54
N ALA A 60 34.44 -6.14 31.15
CA ALA A 60 34.79 -7.26 32.01
C ALA A 60 35.66 -6.83 33.19
N TYR A 61 36.44 -5.76 33.03
CA TYR A 61 37.34 -5.36 34.12
C TYR A 61 36.61 -4.79 35.32
N ILE A 62 35.31 -4.51 35.20
CA ILE A 62 34.50 -4.07 36.34
C ILE A 62 33.98 -5.30 37.07
N ASN A 63 34.27 -5.39 38.36
CA ASN A 63 33.88 -6.55 39.15
C ASN A 63 33.63 -6.07 40.58
N PHE A 64 32.38 -6.19 41.03
CA PHE A 64 31.99 -5.74 42.36
C PHE A 64 31.95 -6.89 43.37
N THR A 65 32.43 -8.07 43.01
CA THR A 65 32.32 -9.23 43.89
C THR A 65 33.15 -9.05 45.15
N THR A 66 34.41 -8.63 45.00
CA THR A 66 35.28 -8.48 46.16
C THR A 66 34.75 -7.42 47.12
N LEU A 67 34.21 -6.33 46.58
CA LEU A 67 33.66 -5.29 47.44
C LEU A 67 32.43 -5.80 48.21
N LEU A 68 31.52 -6.48 47.51
CA LEU A 68 30.33 -7.01 48.17
C LEU A 68 30.71 -8.10 49.17
N ASN A 69 31.70 -8.92 48.85
CA ASN A 69 32.12 -9.99 49.75
C ASN A 69 32.98 -9.48 50.89
N ASP A 70 33.56 -8.29 50.77
CA ASP A 70 34.32 -7.71 51.88
C ASP A 70 33.39 -7.03 52.87
N ILE A 71 32.42 -6.26 52.38
CA ILE A 71 31.46 -5.61 53.26
C ILE A 71 30.50 -6.61 53.87
N ASN A 72 30.30 -7.77 53.23
CA ASN A 72 29.52 -8.84 53.84
C ASN A 72 30.22 -9.39 55.08
N SER A 73 31.41 -9.95 54.90
CA SER A 73 32.14 -10.56 56.01
C SER A 73 32.47 -9.57 57.10
N SER A 74 32.51 -8.27 56.79
CA SER A 74 32.73 -7.27 57.83
C SER A 74 31.51 -7.12 58.73
N ILE A 75 30.31 -7.27 58.17
CA ILE A 75 29.11 -7.27 59.00
C ILE A 75 29.02 -8.57 59.80
N HIS A 76 29.40 -9.69 59.18
CA HIS A 76 29.40 -10.97 59.89
C HIS A 76 30.43 -10.98 61.01
N ASN A 77 31.63 -10.45 60.75
CA ASN A 77 32.66 -10.36 61.76
C ASN A 77 32.47 -9.17 62.70
N LYS A 78 31.33 -8.47 62.60
CA LYS A 78 30.98 -7.34 63.45
C LYS A 78 31.97 -6.19 63.33
N LYS A 79 32.76 -6.14 62.26
CA LYS A 79 33.69 -5.03 62.07
C LYS A 79 32.94 -3.74 61.76
N ILE A 80 31.85 -3.84 60.99
CA ILE A 80 30.99 -2.70 60.69
C ILE A 80 29.55 -3.09 61.00
N LYS A 81 28.69 -2.09 61.07
CA LYS A 81 27.28 -2.29 61.41
C LYS A 81 26.42 -1.46 60.48
N ILE A 82 25.49 -2.11 59.79
CA ILE A 82 24.53 -1.45 58.91
C ILE A 82 23.16 -1.55 59.57
N GLU A 83 22.58 -0.39 59.93
CA GLU A 83 21.29 -0.33 60.59
C GLU A 83 20.49 0.81 59.99
N PRO A 84 19.52 0.51 59.14
CA PRO A 84 18.74 1.58 58.49
C PRO A 84 17.53 2.01 59.32
N THR A 85 17.03 3.19 58.97
CA THR A 85 15.85 3.75 59.62
C THR A 85 15.08 4.58 58.59
N ALA A 86 13.77 4.34 58.50
CA ALA A 86 12.95 5.06 57.52
C ALA A 86 13.08 6.57 57.67
N LYS A 87 13.27 7.06 58.90
CA LYS A 87 13.46 8.49 59.09
C LYS A 87 14.83 8.94 58.60
N GLU A 88 15.87 8.14 58.85
CA GLU A 88 17.20 8.49 58.39
C GLU A 88 17.32 8.37 56.87
N LEU A 89 16.51 7.51 56.26
CA LEU A 89 16.62 7.22 54.85
C LEU A 89 15.73 8.11 53.99
N MET A 90 14.68 8.70 54.56
CA MET A 90 13.73 9.49 53.79
C MET A 90 14.37 10.82 53.39
N GLY A 91 14.37 11.11 52.09
CA GLY A 91 14.87 12.37 51.57
C GLY A 91 16.28 12.35 51.04
N LYS A 92 16.90 11.18 50.92
CA LYS A 92 18.27 11.06 50.45
C LYS A 92 18.33 10.05 49.32
N ASP A 93 18.90 10.47 48.18
CA ASP A 93 19.13 9.55 47.07
C ASP A 93 20.35 8.69 47.38
N ILE A 94 20.18 7.38 47.26
CA ILE A 94 21.13 6.41 47.77
C ILE A 94 21.95 5.79 46.66
N ASN A 95 21.31 5.53 45.52
CA ASN A 95 21.81 4.63 44.52
C ASN A 95 22.53 5.41 43.41
N TYR A 96 23.03 4.67 42.42
CA TYR A 96 23.65 5.25 41.23
C TYR A 96 22.88 4.73 40.03
N GLU A 97 22.18 5.64 39.34
CA GLU A 97 21.30 5.28 38.23
C GLU A 97 22.01 5.50 36.92
N VAL A 98 22.09 4.45 36.10
CA VAL A 98 22.65 4.51 34.76
C VAL A 98 21.50 4.36 33.76
N LEU A 99 21.53 5.18 32.71
CA LEU A 99 20.43 5.24 31.74
C LEU A 99 20.83 4.52 30.46
N VAL A 100 20.01 3.55 30.06
CA VAL A 100 20.15 2.86 28.78
C VAL A 100 18.97 3.26 27.91
N SER A 101 19.24 3.66 26.67
CA SER A 101 18.19 4.18 25.81
C SER A 101 17.12 3.15 25.51
N LYS A 102 17.48 1.86 25.50
CA LYS A 102 16.56 0.77 25.22
C LYS A 102 15.98 0.87 23.81
N ASP A 103 15.14 1.88 23.57
CA ASP A 103 14.48 2.01 22.27
C ASP A 103 13.80 3.39 22.21
N GLY A 104 13.58 3.86 20.98
CA GLY A 104 12.89 5.12 20.77
C GLY A 104 13.80 6.33 20.67
N LEU A 105 14.85 6.38 21.49
CA LEU A 105 15.82 7.47 21.60
C LEU A 105 15.23 8.75 22.17
N TYR A 106 13.94 8.76 22.50
CA TYR A 106 13.36 9.81 23.32
C TYR A 106 12.94 9.27 24.69
N SER A 107 13.18 7.98 24.94
CA SER A 107 12.90 7.34 26.21
C SER A 107 14.12 6.54 26.64
N TRP A 108 14.23 6.30 27.95
CA TRP A 108 15.37 5.62 28.52
C TRP A 108 14.88 4.71 29.64
N ARG A 109 15.72 3.73 30.00
CA ARG A 109 15.45 2.81 31.09
C ARG A 109 16.42 3.08 32.23
N ARG A 110 15.88 3.19 33.44
CA ARG A 110 16.68 3.60 34.61
C ARG A 110 17.21 2.35 35.30
N ILE A 111 18.38 1.89 34.87
CA ILE A 111 19.06 0.79 35.54
C ILE A 111 19.74 1.32 36.78
N THR A 112 19.58 0.61 37.90
CA THR A 112 19.99 1.10 39.21
C THR A 112 21.17 0.29 39.73
N LEU A 113 22.21 0.98 40.18
CA LEU A 113 23.31 0.39 40.95
C LEU A 113 23.00 0.63 42.42
N ILE A 114 22.43 -0.37 43.08
CA ILE A 114 22.07 -0.24 44.50
C ILE A 114 23.33 0.00 45.31
N ASN A 115 23.21 0.85 46.34
CA ASN A 115 24.30 1.11 47.27
C ASN A 115 24.87 -0.20 47.78
N PRO A 116 26.16 -0.47 47.55
CA PRO A 116 26.72 -1.76 47.97
C PRO A 116 26.60 -2.02 49.47
N LEU A 117 26.50 -0.98 50.29
CA LEU A 117 26.29 -1.18 51.72
C LEU A 117 24.88 -1.67 52.00
N TYR A 118 23.88 -1.02 51.41
CA TYR A 118 22.50 -1.46 51.61
C TYR A 118 22.18 -2.74 50.86
N TYR A 119 22.96 -3.08 49.82
CA TYR A 119 22.66 -4.28 49.04
C TYR A 119 23.02 -5.54 49.82
N VAL A 120 24.23 -5.61 50.36
CA VAL A 120 24.65 -6.80 51.10
C VAL A 120 23.79 -6.99 52.34
N TYR A 121 23.44 -5.89 53.01
CA TYR A 121 22.55 -5.97 54.16
C TYR A 121 21.19 -6.51 53.76
N PHE A 122 20.64 -5.99 52.65
CA PHE A 122 19.32 -6.44 52.21
C PHE A 122 19.38 -7.86 51.67
N CYS A 123 20.53 -8.30 51.15
CA CYS A 123 20.69 -9.70 50.77
C CYS A 123 20.80 -10.59 52.00
N ARG A 124 21.57 -10.15 53.00
CA ARG A 124 21.74 -10.94 54.22
C ARG A 124 20.44 -11.09 54.98
N LYS A 125 19.47 -10.18 54.79
CA LYS A 125 18.25 -10.24 55.57
C LYS A 125 17.22 -11.18 54.96
N ILE A 126 17.13 -11.23 53.63
CA ILE A 126 16.20 -12.18 53.03
C ILE A 126 16.83 -13.56 52.93
N THR A 127 18.16 -13.64 52.86
CA THR A 127 18.84 -14.93 52.90
C THR A 127 18.95 -15.47 54.32
N ALA A 128 18.44 -14.75 55.31
CA ALA A 128 18.35 -15.30 56.65
C ALA A 128 17.48 -16.56 56.63
N PRO A 129 17.89 -17.63 57.31
CA PRO A 129 17.16 -18.90 57.20
C PRO A 129 15.72 -18.82 57.68
N ALA A 130 15.36 -17.82 58.49
CA ALA A 130 13.99 -17.70 58.96
C ALA A 130 13.04 -17.35 57.82
N THR A 131 13.45 -16.47 56.92
CA THR A 131 12.61 -16.04 55.81
C THR A 131 12.97 -16.72 54.49
N TRP A 132 14.25 -17.09 54.30
CA TRP A 132 14.62 -17.77 53.08
C TRP A 132 13.99 -19.16 53.00
N GLU A 133 13.70 -19.78 54.14
CA GLU A 133 12.97 -21.03 54.14
C GLU A 133 11.56 -20.85 53.58
N ILE A 134 10.93 -19.71 53.89
CA ILE A 134 9.60 -19.43 53.36
C ILE A 134 9.67 -19.09 51.88
N ILE A 135 10.75 -18.41 51.46
CA ILE A 135 10.87 -17.98 50.08
C ILE A 135 11.13 -19.17 49.17
N THR A 136 12.04 -20.07 49.56
CA THR A 136 12.36 -21.22 48.73
C THR A 136 11.15 -22.13 48.55
N GLU A 137 10.33 -22.27 49.60
CA GLU A 137 9.15 -23.11 49.50
C GLU A 137 7.99 -22.42 48.80
N LYS A 138 7.97 -21.09 48.77
CA LYS A 138 6.97 -20.39 47.98
C LYS A 138 7.21 -20.56 46.49
N PHE A 139 8.49 -20.62 46.08
CA PHE A 139 8.81 -20.90 44.69
C PHE A 139 8.50 -22.35 44.33
N LYS A 140 8.72 -23.27 45.28
CA LYS A 140 8.38 -24.67 45.04
C LYS A 140 6.88 -24.87 44.89
N SER A 141 6.07 -23.98 45.45
CA SER A 141 4.63 -24.03 45.21
C SER A 141 4.29 -23.56 43.80
N PHE A 142 5.14 -22.73 43.18
CA PHE A 142 4.92 -22.36 41.79
C PHE A 142 5.13 -23.54 40.87
N GLU A 143 6.03 -24.45 41.22
CA GLU A 143 6.23 -25.66 40.42
C GLU A 143 5.02 -26.57 40.48
N SER A 144 4.28 -26.55 41.59
CA SER A 144 3.05 -27.34 41.68
C SER A 144 1.98 -26.82 40.73
N ASN A 145 2.03 -25.52 40.40
CA ASN A 145 1.17 -24.95 39.35
C ASN A 145 1.65 -25.54 38.03
N ASP A 146 1.18 -26.75 37.73
CA ASP A 146 1.75 -27.56 36.66
C ASP A 146 1.39 -27.04 35.26
N LEU A 147 0.34 -26.23 35.13
CA LEU A 147 -0.04 -25.78 33.80
C LEU A 147 0.90 -24.73 33.23
N PHE A 148 1.70 -24.09 34.07
CA PHE A 148 2.50 -22.94 33.64
C PHE A 148 3.98 -23.32 33.58
N THR A 149 4.73 -22.52 32.81
CA THR A 149 6.16 -22.75 32.62
C THR A 149 6.86 -21.39 32.62
N CYS A 150 7.65 -21.14 33.65
CA CYS A 150 8.39 -19.88 33.79
C CYS A 150 9.85 -20.13 33.42
N SER A 151 10.22 -19.71 32.21
CA SER A 151 11.57 -19.90 31.70
C SER A 151 12.49 -18.72 32.03
N SER A 152 12.12 -17.88 33.00
CA SER A 152 12.88 -16.69 33.33
C SER A 152 13.37 -16.67 34.77
N ILE A 153 13.26 -17.78 35.49
CA ILE A 153 13.77 -17.82 36.87
C ILE A 153 15.29 -17.74 36.83
N PRO A 154 15.91 -16.94 37.70
CA PRO A 154 17.37 -16.78 37.63
C PRO A 154 18.09 -18.07 37.99
N VAL A 155 19.24 -18.27 37.35
CA VAL A 155 20.02 -19.49 37.51
C VAL A 155 21.44 -19.12 37.92
N ARG A 156 22.06 -19.97 38.72
CA ARG A 156 23.46 -19.83 39.09
C ARG A 156 24.33 -20.51 38.04
N LYS A 157 25.14 -19.72 37.34
CA LYS A 157 26.00 -20.26 36.29
C LYS A 157 27.15 -21.08 36.89
N TRP A 170 21.77 -20.98 19.72
CA TRP A 170 20.55 -21.48 19.09
C TRP A 170 19.38 -20.53 19.31
N TRP A 171 18.23 -21.08 19.66
CA TRP A 171 17.04 -20.29 19.95
C TRP A 171 16.72 -20.35 21.44
N GLU A 172 16.00 -19.35 21.90
CA GLU A 172 15.64 -19.26 23.31
C GLU A 172 14.60 -20.33 23.67
N ASP A 173 14.56 -20.69 24.95
CA ASP A 173 13.61 -21.67 25.42
C ASP A 173 12.18 -21.14 25.35
N PHE A 174 12.00 -19.82 25.51
CA PHE A 174 10.67 -19.23 25.38
C PHE A 174 10.08 -19.46 23.99
N GLU A 175 10.94 -19.52 22.98
CA GLU A 175 10.50 -19.79 21.61
C GLU A 175 10.39 -21.28 21.32
N GLN A 176 11.36 -22.07 21.78
CA GLN A 176 11.33 -23.51 21.52
C GLN A 176 10.14 -24.17 22.22
N LYS A 177 9.75 -23.68 23.38
CA LYS A 177 8.59 -24.23 24.07
C LYS A 177 7.28 -23.83 23.40
N SER A 178 7.27 -22.74 22.63
CA SER A 178 6.05 -22.32 21.95
C SER A 178 5.86 -23.07 20.63
N LEU A 179 6.94 -23.27 19.88
CA LEU A 179 6.85 -24.03 18.63
C LEU A 179 6.47 -25.48 18.89
N ALA A 180 6.84 -26.03 20.05
CA ALA A 180 6.61 -27.44 20.32
C ALA A 180 5.14 -27.72 20.62
N LEU A 181 4.49 -26.83 21.36
CA LEU A 181 3.10 -27.06 21.76
C LEU A 181 2.11 -26.79 20.62
N ALA A 182 2.58 -26.39 19.44
CA ALA A 182 1.69 -26.32 18.28
C ALA A 182 1.17 -27.69 17.88
N LEU A 183 1.92 -28.76 18.20
CA LEU A 183 1.44 -30.11 17.99
C LEU A 183 0.21 -30.43 18.83
N GLU A 184 0.03 -29.73 19.96
CA GLU A 184 -1.06 -29.99 20.89
C GLU A 184 -2.17 -28.96 20.80
N TYR A 185 -1.84 -27.68 20.63
CA TYR A 185 -2.83 -26.62 20.60
C TYR A 185 -2.72 -25.84 19.30
N GLU A 186 -3.84 -25.22 18.90
CA GLU A 186 -3.91 -24.49 17.64
C GLU A 186 -3.93 -22.98 17.79
N PHE A 187 -4.36 -22.46 18.94
CA PHE A 187 -4.50 -21.03 19.14
C PHE A 187 -3.56 -20.54 20.24
N MET A 188 -3.26 -19.24 20.19
CA MET A 188 -2.31 -18.62 21.10
C MET A 188 -2.80 -17.23 21.49
N PHE A 189 -2.53 -16.85 22.73
CA PHE A 189 -2.82 -15.51 23.23
C PHE A 189 -1.52 -14.94 23.80
N SER A 190 -0.94 -13.97 23.10
CA SER A 190 0.29 -13.33 23.51
C SER A 190 -0.01 -11.97 24.13
N THR A 191 0.68 -11.64 25.20
CA THR A 191 0.52 -10.33 25.85
C THR A 191 1.77 -10.02 26.63
N ASP A 192 1.77 -8.82 27.23
CA ASP A 192 2.90 -8.30 27.98
C ASP A 192 2.36 -7.29 28.98
N ILE A 193 3.21 -6.90 29.93
CA ILE A 193 2.85 -5.91 30.94
C ILE A 193 3.54 -4.59 30.59
N SER A 194 2.77 -3.50 30.69
CA SER A 194 3.24 -2.17 30.29
C SER A 194 4.58 -1.82 30.91
N ASN A 195 4.61 -1.60 32.22
CA ASN A 195 5.85 -1.37 32.97
C ASN A 195 5.77 -2.21 34.23
N PHE A 196 6.06 -3.51 34.10
CA PHE A 196 5.96 -4.40 35.25
C PHE A 196 6.84 -3.90 36.39
N TYR A 197 8.13 -3.78 36.16
CA TYR A 197 9.04 -3.32 37.21
C TYR A 197 8.69 -1.92 37.73
N PRO A 198 8.38 -0.92 36.89
CA PRO A 198 8.07 0.42 37.43
C PRO A 198 6.65 0.60 37.94
N SER A 199 5.74 -0.36 37.80
CA SER A 199 4.36 -0.16 38.22
C SER A 199 3.91 -1.07 39.35
N ILE A 200 4.80 -1.88 39.92
CA ILE A 200 4.41 -2.78 41.01
C ILE A 200 4.09 -1.96 42.25
N TYR A 201 2.84 -2.05 42.71
CA TYR A 201 2.50 -1.55 44.03
C TYR A 201 3.28 -2.36 45.06
N THR A 202 4.27 -1.75 45.70
CA THR A 202 5.21 -2.51 46.51
C THR A 202 4.53 -3.27 47.64
N HIS A 203 3.35 -2.82 48.08
CA HIS A 203 2.62 -3.53 49.11
C HIS A 203 2.06 -4.85 48.63
N SER A 204 2.13 -5.15 47.33
CA SER A 204 1.64 -6.42 46.81
C SER A 204 2.46 -7.60 47.30
N PHE A 205 3.72 -7.38 47.70
CA PHE A 205 4.54 -8.48 48.19
C PHE A 205 3.93 -9.12 49.43
N GLU A 206 3.22 -8.34 50.26
CA GLU A 206 2.51 -8.91 51.38
C GLU A 206 1.37 -9.81 50.92
N TRP A 207 0.74 -9.48 49.80
CA TRP A 207 -0.34 -10.30 49.25
C TRP A 207 0.14 -11.63 48.69
N VAL A 208 1.46 -11.81 48.55
CA VAL A 208 1.98 -13.06 48.01
C VAL A 208 2.02 -14.15 49.08
N PHE A 209 2.65 -13.85 50.22
CA PHE A 209 2.84 -14.86 51.25
C PHE A 209 1.58 -15.05 52.09
N ILE A 210 0.91 -13.96 52.44
CA ILE A 210 -0.37 -14.01 53.13
C ILE A 210 -1.42 -13.37 52.23
N SER A 211 -2.68 -13.69 52.50
CA SER A 211 -3.79 -13.15 51.74
C SER A 211 -4.59 -12.19 52.61
N LYS A 212 -5.28 -11.26 51.95
CA LYS A 212 -6.02 -10.19 52.62
C LYS A 212 -5.10 -9.41 53.54
N GLU A 213 -5.32 -9.52 54.85
CA GLU A 213 -4.46 -8.88 55.84
C GLU A 213 -4.28 -9.76 57.06
N ASN A 223 5.74 -12.18 58.22
CA ASN A 223 5.69 -12.62 56.83
C ASN A 223 6.77 -11.95 55.99
N PRO A 224 7.38 -12.69 55.07
CA PRO A 224 8.41 -12.10 54.21
C PRO A 224 7.87 -11.01 53.29
N GLY A 225 6.55 -10.95 53.08
CA GLY A 225 6.00 -9.93 52.20
C GLY A 225 6.19 -8.52 52.75
N GLY A 226 5.90 -8.34 54.03
CA GLY A 226 6.14 -7.05 54.65
C GLY A 226 7.61 -6.70 54.74
N LEU A 227 8.47 -7.71 54.88
CA LEU A 227 9.90 -7.47 54.89
C LEU A 227 10.37 -6.92 53.55
N ILE A 228 9.92 -7.52 52.46
CA ILE A 228 10.26 -7.04 51.12
C ILE A 228 9.66 -5.66 50.89
N ASP A 229 8.38 -5.49 51.20
CA ASP A 229 7.72 -4.20 51.04
C ASP A 229 8.46 -3.08 51.76
N SER A 230 8.94 -3.36 52.97
CA SER A 230 9.53 -2.30 53.79
C SER A 230 10.89 -1.86 53.27
N HIS A 231 11.63 -2.74 52.58
CA HIS A 231 13.02 -2.47 52.27
C HIS A 231 13.27 -1.92 50.87
N ILE A 232 12.40 -2.21 49.91
CA ILE A 232 12.39 -1.38 48.70
C ILE A 232 11.85 0.01 49.03
N GLN A 233 11.11 0.15 50.14
CA GLN A 233 10.71 1.47 50.60
C GLN A 233 11.89 2.24 51.17
N MET A 234 12.80 1.56 51.89
CA MET A 234 13.93 2.25 52.50
C MET A 234 14.78 2.94 51.45
N MET A 235 15.03 2.27 50.33
CA MET A 235 15.60 2.93 49.17
C MET A 235 14.48 3.57 48.34
N MET A 236 14.87 4.37 47.36
CA MET A 236 13.94 4.97 46.42
C MET A 236 12.89 5.86 47.10
N ASN A 237 13.27 6.49 48.21
CA ASN A 237 12.57 7.63 48.80
C ASN A 237 11.24 7.27 49.47
N ASN A 238 11.05 6.02 49.88
CA ASN A 238 9.89 5.61 50.67
C ASN A 238 8.57 5.98 49.99
N GLN A 239 8.52 5.82 48.68
CA GLN A 239 7.37 6.27 47.90
C GLN A 239 6.40 5.15 47.54
N THR A 240 6.82 3.88 47.66
CA THR A 240 5.99 2.73 47.26
C THR A 240 5.56 2.84 45.81
N ASN A 241 6.35 3.54 44.99
CA ASN A 241 5.99 3.82 43.61
C ASN A 241 6.38 2.68 42.66
N GLY A 242 7.55 2.10 42.86
CA GLY A 242 8.07 1.10 41.92
C GLY A 242 9.13 0.27 42.64
N ILE A 243 9.73 -0.66 41.89
CA ILE A 243 10.89 -1.41 42.37
C ILE A 243 12.05 -1.10 41.43
N PRO A 244 13.30 -1.19 41.89
CA PRO A 244 14.44 -0.93 41.00
C PRO A 244 14.51 -1.97 39.89
N LEU A 245 15.40 -1.71 38.93
CA LEU A 245 15.57 -2.56 37.77
C LEU A 245 17.05 -2.72 37.45
N GLY A 246 17.46 -3.95 37.17
CA GLY A 246 18.84 -4.22 36.81
C GLY A 246 19.60 -5.00 37.85
N SER A 247 18.95 -5.99 38.47
CA SER A 247 19.60 -6.80 39.49
C SER A 247 18.85 -8.12 39.60
N THR A 248 19.63 -9.21 39.77
CA THR A 248 19.02 -10.52 39.99
C THR A 248 18.15 -10.52 41.24
N LEU A 249 18.57 -9.78 42.27
CA LEU A 249 17.77 -9.67 43.48
C LEU A 249 16.40 -9.08 43.18
N MET A 250 16.36 -8.02 42.37
CA MET A 250 15.08 -7.44 41.98
C MET A 250 14.31 -8.36 41.04
N ASP A 251 15.01 -9.15 40.23
CA ASP A 251 14.34 -10.11 39.37
C ASP A 251 13.71 -11.23 40.18
N THR A 252 14.44 -11.74 41.18
CA THR A 252 13.88 -12.79 42.04
C THR A 252 12.64 -12.30 42.77
N PHE A 253 12.56 -11.01 43.07
CA PHE A 253 11.37 -10.46 43.69
C PHE A 253 10.22 -10.38 42.69
N ALA A 254 10.52 -9.99 41.44
CA ALA A 254 9.48 -9.89 40.42
C ALA A 254 8.86 -11.26 40.15
N GLU A 255 9.69 -12.30 40.03
CA GLU A 255 9.16 -13.63 39.77
C GLU A 255 8.31 -14.16 40.93
N LEU A 256 8.52 -13.63 42.14
CA LEU A 256 7.66 -14.03 43.26
C LEU A 256 6.22 -13.58 43.04
N ILE A 257 6.03 -12.34 42.56
CA ILE A 257 4.67 -11.89 42.30
C ILE A 257 4.21 -12.32 40.91
N LEU A 258 5.14 -12.53 39.98
CA LEU A 258 4.77 -13.09 38.68
C LEU A 258 4.19 -14.48 38.85
N GLY A 259 4.86 -15.34 39.63
CA GLY A 259 4.31 -16.63 39.97
C GLY A 259 3.07 -16.57 40.83
N GLN A 260 2.85 -15.43 41.51
CA GLN A 260 1.63 -15.28 42.30
C GLN A 260 0.44 -14.91 41.42
N ILE A 261 0.66 -14.04 40.43
CA ILE A 261 -0.34 -13.87 39.37
C ILE A 261 -0.65 -15.21 38.73
N ASP A 262 0.38 -16.03 38.55
CA ASP A 262 0.19 -17.39 38.04
C ASP A 262 -0.69 -18.21 38.98
N ILE A 263 -0.49 -18.05 40.28
CA ILE A 263 -1.29 -18.80 41.25
C ILE A 263 -2.73 -18.32 41.24
N GLU A 264 -2.93 -17.00 41.24
CA GLU A 264 -4.28 -16.47 41.34
C GLU A 264 -5.06 -16.61 40.02
N LEU A 265 -4.36 -16.59 38.88
CA LEU A 265 -5.04 -16.84 37.62
C LEU A 265 -5.57 -18.27 37.57
N ARG A 266 -4.77 -19.23 38.04
CA ARG A 266 -5.22 -20.62 38.11
C ARG A 266 -6.41 -20.78 39.04
N LYS A 267 -6.51 -19.93 40.07
CA LYS A 267 -7.63 -20.03 41.00
C LYS A 267 -8.92 -19.54 40.35
N LYS A 268 -8.86 -18.46 39.57
CA LYS A 268 -10.02 -18.07 38.77
C LYS A 268 -10.30 -19.10 37.68
N THR A 269 -9.24 -19.70 37.14
CA THR A 269 -9.38 -20.71 36.10
C THR A 269 -10.20 -21.90 36.59
N ASN A 270 -9.82 -22.47 37.73
CA ASN A 270 -10.49 -23.67 38.21
C ASN A 270 -11.93 -23.41 38.62
N GLU A 271 -12.26 -22.17 38.99
CA GLU A 271 -13.64 -21.85 39.34
C GLU A 271 -14.55 -21.89 38.13
N LEU A 272 -14.01 -21.59 36.95
CA LEU A 272 -14.76 -21.62 35.70
C LEU A 272 -14.56 -22.90 34.92
N LYS A 273 -13.71 -23.80 35.39
CA LYS A 273 -13.48 -25.13 34.80
C LYS A 273 -12.97 -25.02 33.37
N ILE A 274 -11.72 -24.56 33.26
CA ILE A 274 -11.03 -24.46 31.98
C ILE A 274 -9.61 -24.98 32.18
N ILE A 275 -9.41 -26.30 32.12
CA ILE A 275 -8.16 -26.91 32.53
C ILE A 275 -7.41 -27.54 31.35
N ASN A 276 -7.87 -27.31 30.12
CA ASN A 276 -7.17 -27.83 28.96
C ASN A 276 -6.43 -26.69 28.24
N TYR A 277 -5.40 -26.19 28.92
CA TYR A 277 -4.59 -25.11 28.37
C TYR A 277 -3.22 -25.12 29.04
N LYS A 278 -2.27 -24.47 28.37
CA LYS A 278 -0.89 -24.36 28.85
C LYS A 278 -0.45 -22.91 28.74
N VAL A 279 0.51 -22.52 29.57
CA VAL A 279 1.03 -21.16 29.59
C VAL A 279 2.56 -21.22 29.60
N VAL A 280 3.18 -20.54 28.65
CA VAL A 280 4.62 -20.33 28.61
C VAL A 280 4.88 -18.87 28.94
N ARG A 281 5.78 -18.62 29.89
CA ARG A 281 5.97 -17.27 30.42
C ARG A 281 7.45 -16.97 30.59
N TYR A 282 7.82 -15.72 30.32
CA TYR A 282 9.16 -15.19 30.58
C TYR A 282 8.96 -13.77 31.07
N ARG A 283 9.09 -13.57 32.39
CA ARG A 283 8.88 -12.27 33.03
C ARG A 283 7.45 -11.83 32.72
N ASP A 284 7.23 -10.68 32.09
CA ASP A 284 5.88 -10.22 31.78
C ASP A 284 5.38 -10.73 30.43
N ASP A 285 6.18 -11.50 29.71
CA ASP A 285 5.81 -12.01 28.39
C ASP A 285 4.98 -13.27 28.57
N TYR A 286 3.66 -13.14 28.47
CA TYR A 286 2.74 -14.25 28.63
C TYR A 286 2.37 -14.84 27.28
N ARG A 287 2.23 -16.16 27.25
CA ARG A 287 1.78 -16.88 26.06
C ARG A 287 0.88 -18.03 26.51
N ILE A 288 -0.42 -17.90 26.26
CA ILE A 288 -1.41 -18.88 26.71
C ILE A 288 -1.87 -19.69 25.52
N PHE A 289 -1.76 -21.01 25.62
CA PHE A 289 -2.12 -21.94 24.55
C PHE A 289 -3.38 -22.70 24.94
N SER A 290 -4.32 -22.81 24.00
CA SER A 290 -5.48 -23.67 24.19
C SER A 290 -6.14 -23.90 22.84
N ASN A 291 -7.00 -24.91 22.79
CA ASN A 291 -7.69 -25.31 21.57
C ASN A 291 -9.08 -24.72 21.45
N SER A 292 -9.42 -23.74 22.28
CA SER A 292 -10.75 -23.15 22.29
C SER A 292 -10.63 -21.63 22.31
N LYS A 293 -11.09 -20.98 21.25
CA LYS A 293 -11.09 -19.52 21.21
C LYS A 293 -11.93 -18.93 22.33
N ASP A 294 -13.01 -19.61 22.72
CA ASP A 294 -13.84 -19.13 23.81
C ASP A 294 -13.08 -19.15 25.13
N ASP A 295 -12.22 -20.15 25.32
CA ASP A 295 -11.48 -20.26 26.57
C ASP A 295 -10.44 -19.15 26.70
N LEU A 296 -9.69 -18.90 25.62
CA LEU A 296 -8.65 -17.87 25.67
C LEU A 296 -9.23 -16.51 26.06
N ASP A 297 -10.40 -16.17 25.51
CA ASP A 297 -11.02 -14.89 25.86
C ASP A 297 -11.37 -14.84 27.34
N ILE A 298 -11.87 -15.94 27.89
CA ILE A 298 -12.18 -15.98 29.32
C ILE A 298 -10.89 -15.89 30.14
N ILE A 299 -9.85 -16.62 29.73
CA ILE A 299 -8.58 -16.55 30.42
C ILE A 299 -7.99 -15.14 30.34
N SER A 300 -8.21 -14.44 29.23
CA SER A 300 -7.72 -13.08 29.11
C SER A 300 -8.45 -12.14 30.06
N LYS A 301 -9.78 -12.27 30.16
CA LYS A 301 -10.54 -11.44 31.08
C LYS A 301 -10.28 -11.80 32.53
N CYS A 302 -9.84 -13.03 32.81
CA CYS A 302 -9.43 -13.38 34.17
C CYS A 302 -8.02 -12.88 34.46
N LEU A 303 -7.14 -12.91 33.46
CA LEU A 303 -5.78 -12.42 33.65
C LEU A 303 -5.75 -10.91 33.80
N VAL A 304 -6.68 -10.20 33.16
CA VAL A 304 -6.77 -8.75 33.35
C VAL A 304 -7.45 -8.40 34.67
N ASN A 305 -8.22 -9.33 35.24
CA ASN A 305 -8.83 -9.09 36.55
C ASN A 305 -7.82 -9.27 37.67
N VAL A 306 -6.98 -10.30 37.59
CA VAL A 306 -5.98 -10.52 38.63
C VAL A 306 -4.91 -9.44 38.60
N LEU A 307 -4.56 -8.95 37.39
CA LEU A 307 -3.60 -7.85 37.32
C LEU A 307 -4.21 -6.55 37.84
N GLY A 308 -5.53 -6.40 37.75
CA GLY A 308 -6.20 -5.24 38.29
C GLY A 308 -6.10 -5.13 39.80
N ASP A 309 -5.75 -6.21 40.48
CA ASP A 309 -5.56 -6.16 41.92
C ASP A 309 -4.15 -5.72 42.29
N PHE A 310 -3.16 -6.10 41.49
CA PHE A 310 -1.77 -5.73 41.74
C PHE A 310 -1.39 -4.39 41.12
N GLY A 311 -2.36 -3.68 40.55
CA GLY A 311 -2.07 -2.38 39.97
C GLY A 311 -1.41 -2.41 38.60
N LEU A 312 -1.59 -3.50 37.85
CA LEU A 312 -0.99 -3.64 36.53
C LEU A 312 -2.08 -3.96 35.51
N ASP A 313 -1.71 -3.84 34.23
CA ASP A 313 -2.61 -4.20 33.15
C ASP A 313 -1.78 -4.59 31.93
N LEU A 314 -2.47 -5.11 30.92
CA LEU A 314 -1.80 -5.64 29.73
C LEU A 314 -1.49 -4.52 28.75
N ASN A 315 -0.36 -4.66 28.06
CA ASN A 315 0.01 -3.72 27.01
C ASN A 315 -0.93 -3.89 25.82
N SER A 316 -1.81 -2.91 25.62
CA SER A 316 -2.81 -3.02 24.56
C SER A 316 -2.18 -3.17 23.19
N LYS A 317 -0.97 -2.65 23.01
CA LYS A 317 -0.29 -2.78 21.73
C LYS A 317 0.17 -4.22 21.49
N LYS A 318 0.95 -4.77 22.42
CA LYS A 318 1.50 -6.11 22.29
C LYS A 318 0.61 -7.19 22.88
N THR A 319 -0.71 -7.06 22.73
CA THR A 319 -1.67 -8.06 23.20
C THR A 319 -2.56 -8.45 22.03
N GLU A 320 -2.61 -9.74 21.72
CA GLU A 320 -3.35 -10.20 20.55
C GLU A 320 -3.59 -11.70 20.68
N LEU A 321 -4.75 -12.13 20.15
CA LEU A 321 -5.05 -13.55 20.02
C LEU A 321 -4.64 -14.00 18.62
N TYR A 322 -3.89 -15.09 18.55
CA TYR A 322 -3.29 -15.54 17.31
C TYR A 322 -3.83 -16.90 16.90
N GLU A 323 -3.86 -17.14 15.58
CA GLU A 323 -4.25 -18.44 15.04
C GLU A 323 -3.09 -19.23 14.46
N ASP A 324 -2.00 -18.57 14.05
CA ASP A 324 -0.80 -19.24 13.57
C ASP A 324 0.24 -19.14 14.68
N ILE A 325 0.36 -20.21 15.48
CA ILE A 325 1.31 -20.23 16.59
C ILE A 325 2.75 -20.17 16.06
N ILE A 326 3.03 -20.88 14.98
CA ILE A 326 4.40 -20.98 14.48
C ILE A 326 4.90 -19.63 14.00
N LEU A 327 4.02 -18.83 13.38
CA LEU A 327 4.44 -17.53 12.86
C LEU A 327 4.83 -16.59 13.98
N HIS A 328 4.05 -16.55 15.06
CA HIS A 328 4.17 -15.51 16.07
C HIS A 328 4.98 -15.93 17.29
N SER A 329 5.68 -17.07 17.23
CA SER A 329 6.53 -17.48 18.34
C SER A 329 7.87 -16.77 18.30
N LEU A 330 8.32 -16.35 17.12
CA LEU A 330 9.55 -15.59 16.97
C LEU A 330 9.23 -14.10 16.83
N LYS A 331 10.19 -13.27 17.24
CA LYS A 331 10.05 -11.84 17.02
C LYS A 331 10.28 -11.52 15.55
N GLN A 332 9.66 -10.42 15.10
CA GLN A 332 9.79 -10.02 13.70
C GLN A 332 11.23 -9.67 13.35
N ALA A 333 11.99 -9.17 14.33
CA ALA A 333 13.40 -8.85 14.08
C ALA A 333 14.25 -10.11 13.91
N LYS A 334 13.89 -11.18 14.62
CA LYS A 334 14.64 -12.43 14.48
C LYS A 334 14.26 -13.16 13.19
N LYS A 335 13.05 -12.95 12.68
CA LYS A 335 12.66 -13.56 11.41
C LYS A 335 13.47 -12.98 10.26
N ASP A 336 13.57 -11.64 10.20
CA ASP A 336 14.28 -11.00 9.10
C ASP A 336 15.78 -11.29 9.16
N TYR A 337 16.31 -11.55 10.36
CA TYR A 337 17.70 -11.96 10.48
C TYR A 337 17.97 -13.28 9.76
N ILE A 338 16.96 -14.16 9.70
CA ILE A 338 17.11 -15.44 9.04
C ILE A 338 17.27 -15.25 7.53
N LYS A 339 16.54 -14.29 6.95
CA LYS A 339 16.52 -14.09 5.51
C LYS A 339 17.69 -13.26 5.00
N GLU A 340 18.49 -12.69 5.89
CA GLU A 340 19.58 -11.82 5.46
C GLU A 340 20.62 -12.60 4.66
N LYS A 341 21.11 -11.99 3.59
CA LYS A 341 22.06 -12.64 2.72
C LYS A 341 23.45 -12.69 3.36
N ARG A 342 24.12 -13.83 3.20
CA ARG A 342 25.48 -14.01 3.72
C ARG A 342 26.47 -13.44 2.71
N HIS A 343 27.28 -12.47 3.14
CA HIS A 343 28.22 -11.80 2.27
C HIS A 343 29.65 -12.06 2.73
N LYS A 344 30.56 -12.12 1.75
CA LYS A 344 31.98 -12.24 2.05
C LYS A 344 32.67 -10.89 2.11
N SER A 345 32.21 -9.92 1.32
CA SER A 345 32.78 -8.58 1.37
C SER A 345 32.40 -7.88 2.67
N LEU A 346 33.37 -7.20 3.27
CA LEU A 346 33.11 -6.52 4.54
C LEU A 346 32.17 -5.34 4.34
N GLN A 347 32.45 -4.49 3.34
CA GLN A 347 31.62 -3.32 3.12
C GLN A 347 30.20 -3.71 2.69
N LYS A 348 30.08 -4.78 1.89
CA LYS A 348 28.76 -5.23 1.48
C LYS A 348 27.97 -5.75 2.68
N MET A 349 28.63 -6.49 3.58
CA MET A 349 27.94 -6.99 4.77
C MET A 349 27.62 -5.85 5.73
N LEU A 350 28.60 -4.98 6.00
CA LEU A 350 28.37 -3.89 6.95
C LEU A 350 27.27 -2.95 6.47
N TYR A 351 27.24 -2.66 5.17
CA TYR A 351 26.14 -1.86 4.63
C TYR A 351 24.81 -2.58 4.76
N SER A 352 24.82 -3.91 4.64
CA SER A 352 23.59 -4.68 4.86
C SER A 352 23.15 -4.62 6.31
N ILE A 353 24.09 -4.51 7.24
CA ILE A 353 23.75 -4.39 8.65
C ILE A 353 23.02 -3.07 8.91
N TYR A 354 23.54 -1.98 8.35
CA TYR A 354 22.92 -0.67 8.54
C TYR A 354 21.48 -0.68 8.04
N LEU A 355 21.26 -1.24 6.84
CA LEU A 355 19.89 -1.34 6.32
C LEU A 355 19.01 -2.15 7.25
N PHE A 356 19.57 -3.22 7.84
CA PHE A 356 18.81 -3.99 8.83
C PHE A 356 18.51 -3.16 10.07
N SER A 357 19.37 -2.21 10.41
CA SER A 357 19.19 -1.39 11.60
C SER A 357 18.08 -0.36 11.46
N LEU A 358 17.58 -0.13 10.25
CA LEU A 358 16.44 0.77 10.06
C LEU A 358 15.11 0.04 10.20
N LYS A 359 14.99 -1.15 9.61
CA LYS A 359 13.74 -1.91 9.72
C LYS A 359 13.51 -2.39 11.15
N HIS A 360 14.57 -2.60 11.92
CA HIS A 360 14.48 -3.02 13.31
C HIS A 360 15.40 -2.14 14.14
N PRO A 361 14.93 -0.96 14.53
CA PRO A 361 15.81 0.00 15.20
C PRO A 361 16.05 -0.37 16.67
N ASN A 362 17.30 -0.21 17.09
CA ASN A 362 17.70 -0.39 18.48
C ASN A 362 17.32 -1.78 19.00
N SER A 363 17.60 -2.79 18.19
CA SER A 363 17.26 -4.17 18.51
C SER A 363 18.52 -4.95 18.86
N LYS A 364 18.40 -5.87 19.80
CA LYS A 364 19.51 -6.75 20.15
C LYS A 364 19.89 -7.68 19.00
N THR A 365 18.96 -7.95 18.09
CA THR A 365 19.28 -8.74 16.91
C THR A 365 20.27 -7.99 16.01
N THR A 366 20.23 -6.66 16.02
CA THR A 366 21.24 -5.89 15.30
C THR A 366 22.61 -6.07 15.93
N VAL A 367 22.67 -6.21 17.25
CA VAL A 367 23.95 -6.45 17.93
C VAL A 367 24.50 -7.83 17.57
N ARG A 368 23.63 -8.84 17.55
CA ARG A 368 24.05 -10.18 17.14
C ARG A 368 24.58 -10.16 15.71
N TYR A 369 23.87 -9.48 14.81
CA TYR A 369 24.29 -9.41 13.41
C TYR A 369 25.47 -8.47 13.23
N LEU A 370 25.69 -7.54 14.16
CA LEU A 370 26.90 -6.74 14.16
C LEU A 370 28.07 -7.47 14.81
N ASN A 371 27.79 -8.34 15.78
CA ASN A 371 28.86 -9.09 16.44
C ASN A 371 29.50 -10.08 15.48
N ASP A 372 28.70 -10.72 14.63
CA ASP A 372 29.26 -11.64 13.64
C ASP A 372 30.12 -10.90 12.63
N PHE A 373 29.80 -9.64 12.34
CA PHE A 373 30.69 -8.81 11.53
C PHE A 373 32.01 -8.59 12.24
N LEU A 374 31.97 -8.42 13.57
CA LEU A 374 33.20 -8.29 14.34
C LEU A 374 33.96 -9.60 14.41
N ARG A 375 33.26 -10.74 14.32
CA ARG A 375 33.94 -12.02 14.27
C ARG A 375 34.81 -12.14 13.03
N ASN A 376 34.31 -11.65 11.89
CA ASN A 376 35.06 -11.73 10.64
C ASN A 376 36.17 -10.70 10.57
N LEU A 377 36.11 -9.64 11.38
CA LEU A 377 37.18 -8.63 11.37
C LEU A 377 38.47 -9.20 11.92
N PHE A 378 38.39 -9.93 13.03
CA PHE A 378 39.59 -10.56 13.61
C PHE A 378 40.13 -11.68 12.73
N LYS A 379 39.28 -12.29 11.90
CA LYS A 379 39.73 -13.38 11.04
C LYS A 379 40.52 -12.87 9.85
N ARG A 380 40.19 -11.69 9.33
CA ARG A 380 40.88 -11.15 8.18
C ARG A 380 42.28 -10.69 8.56
N LYS A 381 43.14 -10.56 7.55
CA LYS A 381 44.53 -10.14 7.74
C LYS A 381 44.74 -8.73 7.21
N THR A 382 44.74 -8.54 5.90
CA THR A 382 44.95 -7.24 5.28
C THR A 382 43.62 -6.69 4.77
N ILE A 383 43.45 -5.39 4.87
CA ILE A 383 42.27 -4.69 4.39
C ILE A 383 42.70 -3.83 3.22
N LYS A 384 42.40 -4.29 2.01
CA LYS A 384 42.78 -3.54 0.81
C LYS A 384 41.98 -2.24 0.72
N ASP A 385 42.59 -1.25 0.06
CA ASP A 385 42.00 0.08 -0.08
C ASP A 385 41.65 0.67 1.29
N ASN A 386 42.63 0.68 2.18
CA ASN A 386 42.40 1.16 3.54
C ASN A 386 42.15 2.66 3.57
N GLY A 387 42.69 3.40 2.59
CA GLY A 387 42.49 4.84 2.58
C GLY A 387 41.10 5.24 2.16
N GLN A 388 40.41 4.41 1.39
CA GLN A 388 39.08 4.70 0.88
C GLN A 388 37.99 3.89 1.55
N GLN A 389 38.16 2.56 1.64
CA GLN A 389 37.10 1.70 2.14
C GLN A 389 36.95 1.80 3.65
N VAL A 390 38.06 1.81 4.39
CA VAL A 390 38.00 1.85 5.85
C VAL A 390 37.31 3.13 6.31
N ASP A 391 37.65 4.27 5.69
CA ASP A 391 36.99 5.52 6.02
C ASP A 391 35.48 5.43 5.76
N ALA A 392 35.08 4.70 4.72
CA ALA A 392 33.66 4.55 4.43
C ALA A 392 32.98 3.67 5.47
N MET A 393 33.63 2.58 5.88
CA MET A 393 33.05 1.69 6.87
C MET A 393 32.98 2.36 8.25
N LEU A 394 33.89 3.29 8.53
CA LEU A 394 33.83 4.03 9.78
C LEU A 394 32.59 4.91 9.83
N GLY A 395 32.26 5.59 8.73
CA GLY A 395 31.07 6.39 8.68
C GLY A 395 29.79 5.58 8.76
N ILE A 396 29.83 4.35 8.24
CA ILE A 396 28.66 3.48 8.33
C ILE A 396 28.40 3.06 9.78
N ILE A 397 29.43 2.55 10.44
CA ILE A 397 29.25 2.05 11.81
C ILE A 397 29.01 3.21 12.78
N SER A 398 29.51 4.40 12.47
CA SER A 398 29.22 5.55 13.31
C SER A 398 27.76 5.96 13.23
N SER A 399 27.13 5.77 12.07
CA SER A 399 25.72 6.08 11.92
C SER A 399 24.84 5.01 12.54
N ILE A 400 25.28 3.75 12.56
CA ILE A 400 24.52 2.69 13.21
C ILE A 400 24.42 2.96 14.71
N MET A 401 25.50 3.47 15.31
CA MET A 401 25.49 3.79 16.73
C MET A 401 24.73 5.09 17.02
N ALA A 402 24.81 6.06 16.12
CA ALA A 402 24.12 7.33 16.33
C ALA A 402 22.60 7.17 16.35
N LYS A 403 22.09 6.04 15.85
CA LYS A 403 20.67 5.76 15.86
C LYS A 403 20.29 4.53 16.68
N ASN A 404 21.27 3.73 17.12
CA ASN A 404 21.00 2.54 17.91
C ASN A 404 21.98 2.48 19.07
N PRO A 405 21.58 3.00 20.24
CA PRO A 405 22.52 3.07 21.37
C PRO A 405 22.89 1.71 21.95
N THR A 406 22.11 0.66 21.69
CA THR A 406 22.46 -0.67 22.20
C THR A 406 23.71 -1.24 21.56
N THR A 407 24.17 -0.66 20.44
CA THR A 407 25.34 -1.15 19.73
C THR A 407 26.62 -0.44 20.15
N TYR A 408 26.67 0.09 21.38
CA TYR A 408 27.88 0.79 21.82
C TYR A 408 29.03 -0.18 22.05
N PRO A 409 28.85 -1.33 22.72
CA PRO A 409 29.98 -2.28 22.81
C PRO A 409 30.50 -2.71 21.45
N VAL A 410 29.63 -3.24 20.60
CA VAL A 410 30.09 -3.77 19.31
C VAL A 410 30.63 -2.66 18.42
N GLY A 411 29.89 -1.55 18.36
CA GLY A 411 30.28 -0.46 17.50
C GLY A 411 31.64 0.12 17.86
N THR A 412 31.92 0.24 19.16
CA THR A 412 33.25 0.64 19.60
C THR A 412 34.28 -0.41 19.21
N ALA A 413 33.91 -1.69 19.25
CA ALA A 413 34.82 -2.74 18.81
C ALA A 413 35.04 -2.67 17.31
N ILE A 414 34.00 -2.37 16.55
CA ILE A 414 34.15 -2.19 15.10
C ILE A 414 35.03 -0.99 14.80
N PHE A 415 34.78 0.13 15.48
CA PHE A 415 35.57 1.34 15.26
C PHE A 415 37.01 1.16 15.72
N SER A 416 37.24 0.29 16.72
CA SER A 416 38.59 0.08 17.23
C SER A 416 39.42 -0.81 16.29
N LYS A 417 38.84 -1.92 15.85
CA LYS A 417 39.59 -2.85 15.01
C LYS A 417 39.86 -2.28 13.63
N LEU A 418 38.88 -1.57 13.06
CA LEU A 418 39.10 -0.93 11.76
C LEU A 418 40.19 0.12 11.82
N LEU A 419 40.38 0.75 12.99
CA LEU A 419 41.42 1.74 13.14
C LEU A 419 42.79 1.12 13.38
N SER A 420 42.84 -0.11 13.90
CA SER A 420 44.10 -0.84 13.96
C SER A 420 44.58 -1.25 12.58
N PHE A 421 43.68 -1.29 11.60
CA PHE A 421 44.08 -1.56 10.22
C PHE A 421 44.57 -0.28 9.53
N LEU A 422 43.81 0.81 9.67
CA LEU A 422 44.20 2.06 9.03
C LEU A 422 45.46 2.64 9.67
N TYR A 423 45.55 2.60 11.00
CA TYR A 423 46.71 3.08 11.75
C TYR A 423 47.16 1.95 12.66
N GLY A 424 48.21 1.24 12.24
CA GLY A 424 48.71 0.10 13.00
C GLY A 424 49.13 0.46 14.41
N ASP A 425 50.15 1.32 14.53
CA ASP A 425 50.65 1.75 15.83
C ASP A 425 50.45 3.22 16.13
N ASP A 426 50.18 4.04 15.12
CA ASP A 426 50.02 5.49 15.30
C ASP A 426 48.74 5.74 16.11
N THR A 427 48.87 5.65 17.44
CA THR A 427 47.73 5.84 18.32
C THR A 427 47.27 7.28 18.37
N GLN A 428 48.12 8.23 17.96
CA GLN A 428 47.70 9.63 17.91
C GLN A 428 46.61 9.83 16.86
N LYS A 429 46.83 9.31 15.66
CA LYS A 429 45.78 9.37 14.64
C LYS A 429 44.58 8.52 15.02
N LYS A 430 44.79 7.43 15.75
CA LYS A 430 43.67 6.62 16.23
C LYS A 430 42.80 7.43 17.19
N LEU A 431 43.42 8.16 18.11
CA LEU A 431 42.65 8.91 19.10
C LEU A 431 41.84 10.03 18.47
N THR A 432 42.31 10.58 17.34
CA THR A 432 41.56 11.65 16.68
C THR A 432 40.27 11.15 16.07
N LYS A 433 40.24 9.90 15.59
CA LYS A 433 39.03 9.36 15.00
C LYS A 433 38.01 8.97 16.06
N LEU A 434 38.46 8.54 17.25
CA LEU A 434 37.53 8.30 18.35
C LEU A 434 36.94 9.60 18.87
N GLU A 435 37.77 10.63 19.03
CA GLU A 435 37.26 11.94 19.42
C GLU A 435 36.27 12.47 18.39
N GLN A 436 36.53 12.20 17.11
CA GLN A 436 35.55 12.50 16.07
C GLN A 436 34.29 11.66 16.27
N LEU A 437 34.45 10.39 16.65
CA LEU A 437 33.30 9.54 16.90
C LEU A 437 32.52 9.99 18.13
N HIS A 438 33.24 10.41 19.17
CA HIS A 438 32.57 10.89 20.37
C HIS A 438 31.82 12.19 20.11
N LYS A 439 32.41 13.09 19.31
CA LYS A 439 31.76 14.37 19.04
C LYS A 439 30.42 14.19 18.34
N LYS A 440 30.28 13.14 17.53
CA LYS A 440 29.00 12.88 16.88
C LYS A 440 28.01 12.21 17.84
N LEU A 441 28.45 11.15 18.52
CA LEU A 441 27.55 10.39 19.38
C LEU A 441 27.17 11.14 20.65
N ASP A 442 27.94 12.15 21.05
CA ASP A 442 27.61 12.92 22.24
C ASP A 442 26.45 13.88 22.02
N LYS A 443 25.96 14.00 20.78
CA LYS A 443 24.81 14.86 20.53
C LYS A 443 23.53 14.32 21.14
N GLN A 444 23.50 13.05 21.53
CA GLN A 444 22.35 12.48 22.19
C GLN A 444 22.31 12.93 23.66
N PRO A 445 21.11 13.05 24.24
CA PRO A 445 21.03 13.61 25.60
C PRO A 445 21.73 12.77 26.66
N ASN A 446 21.38 11.49 26.78
CA ASN A 446 21.90 10.62 27.84
C ASN A 446 22.87 9.61 27.21
N THR A 447 24.16 9.92 27.30
CA THR A 447 25.18 9.05 26.73
C THR A 447 26.20 8.62 27.77
N GLU A 448 25.73 8.03 28.88
CA GLU A 448 26.67 7.52 29.88
C GLU A 448 27.16 6.13 29.52
N MET A 449 26.29 5.29 28.97
CA MET A 449 26.71 3.95 28.54
C MET A 449 27.77 4.02 27.46
N LEU A 450 27.74 5.06 26.63
CA LEU A 450 28.81 5.24 25.64
C LEU A 450 30.14 5.55 26.31
N ASP A 451 30.11 6.41 27.34
CA ASP A 451 31.35 6.82 27.99
C ASP A 451 32.05 5.64 28.67
N ILE A 452 31.30 4.66 29.15
CA ILE A 452 31.90 3.52 29.82
C ILE A 452 32.64 2.65 28.81
N TRP A 453 31.99 2.36 27.68
CA TRP A 453 32.62 1.50 26.67
C TRP A 453 33.63 2.25 25.82
N PHE A 454 33.42 3.55 25.62
CA PHE A 454 34.47 4.39 25.03
C PHE A 454 35.71 4.40 25.89
N GLN A 455 35.58 4.12 27.19
CA GLN A 455 36.72 4.11 28.09
C GLN A 455 37.50 2.80 28.01
N ARG A 456 36.85 1.70 27.63
CA ARG A 456 37.56 0.43 27.45
C ARG A 456 38.59 0.54 26.35
N THR A 457 38.20 1.13 25.21
CA THR A 457 39.15 1.32 24.12
C THR A 457 40.16 2.42 24.45
N GLN A 458 39.71 3.46 25.16
CA GLN A 458 40.60 4.57 25.50
C GLN A 458 41.69 4.12 26.46
N ALA A 459 41.36 3.27 27.43
CA ALA A 459 42.32 2.87 28.44
C ALA A 459 43.45 2.01 27.89
N LYS A 460 43.23 1.33 26.76
CA LYS A 460 44.24 0.44 26.19
C LYS A 460 45.11 1.12 25.14
N ILE A 461 44.75 2.33 24.69
CA ILE A 461 45.54 3.04 23.70
C ILE A 461 46.29 4.22 24.31
N ASN A 462 45.74 4.89 25.32
CA ASN A 462 46.39 6.04 25.94
C ASN A 462 45.74 6.36 27.28
N LEU A 463 46.50 6.27 28.37
CA LEU A 463 45.96 6.59 29.68
C LEU A 463 46.15 8.05 30.06
N GLU A 464 47.18 8.70 29.53
CA GLU A 464 47.44 10.11 29.82
C GLU A 464 46.56 10.96 28.90
N TRP A 465 45.46 11.46 29.44
CA TRP A 465 44.50 12.28 28.71
C TRP A 465 44.00 11.59 27.44
N SER A 468 38.71 13.11 32.79
CA SER A 468 37.68 14.09 32.46
C SER A 468 36.53 13.42 31.71
N TYR A 469 35.98 12.35 32.29
CA TYR A 469 34.88 11.62 31.69
C TYR A 469 33.51 12.09 32.15
N LYS A 470 33.47 12.92 33.19
CA LYS A 470 32.24 13.53 33.73
C LYS A 470 31.23 12.50 34.23
N SER A 471 31.63 11.23 34.34
CA SER A 471 30.76 10.18 34.86
C SER A 471 31.31 9.72 36.20
N ALA A 472 30.42 9.63 37.21
CA ALA A 472 30.86 9.26 38.55
C ALA A 472 31.48 7.88 38.57
N LEU A 473 30.95 6.95 37.77
CA LEU A 473 31.55 5.62 37.69
C LEU A 473 32.84 5.64 36.90
N CYS A 474 32.87 6.40 35.79
CA CYS A 474 34.06 6.40 34.94
C CYS A 474 35.24 7.04 35.64
N VAL A 475 35.01 8.08 36.43
CA VAL A 475 36.13 8.70 37.17
C VAL A 475 36.58 7.77 38.29
N ARG A 476 35.69 6.94 38.81
CA ARG A 476 36.09 5.94 39.79
C ARG A 476 36.96 4.87 39.15
N ILE A 477 36.57 4.41 37.95
CA ILE A 477 37.39 3.44 37.23
C ILE A 477 38.74 4.04 36.89
N ASN A 478 38.75 5.30 36.44
CA ASN A 478 40.01 5.94 36.06
C ASN A 478 40.94 6.09 37.25
N ASP A 479 40.40 6.30 38.45
CA ASP A 479 41.24 6.38 39.65
C ASP A 479 41.92 5.03 39.91
N GLU A 480 41.19 3.93 39.74
CA GLU A 480 41.77 2.61 39.90
C GLU A 480 42.60 2.19 38.70
N LEU A 481 42.41 2.84 37.54
CA LEU A 481 43.24 2.55 36.38
C LEU A 481 44.55 3.32 36.41
N THR A 482 44.52 4.56 36.87
CA THR A 482 45.72 5.39 36.98
C THR A 482 46.48 5.17 38.28
N LYS A 483 46.05 4.21 39.10
CA LYS A 483 46.71 3.88 40.37
C LYS A 483 46.76 5.09 41.29
N GLU A 484 45.57 5.60 41.63
CA GLU A 484 45.47 6.70 42.58
C GLU A 484 45.54 6.17 44.01
N LYS A 485 45.94 7.06 44.93
CA LYS A 485 46.09 6.66 46.32
C LYS A 485 44.74 6.24 46.91
N THR A 486 43.75 7.12 46.85
CA THR A 486 42.41 6.84 47.35
C THR A 486 41.41 7.01 46.21
N PHE A 487 40.50 6.04 46.09
CA PHE A 487 39.47 6.09 45.06
C PHE A 487 38.32 6.99 45.50
N SER A 488 37.73 7.68 44.53
CA SER A 488 36.64 8.60 44.82
C SER A 488 35.34 7.84 45.05
N VAL A 489 34.50 8.39 45.92
CA VAL A 489 33.21 7.78 46.25
C VAL A 489 32.13 8.86 46.28
N ASN A 490 32.54 10.13 46.25
CA ASN A 490 31.58 11.21 46.34
C ASN A 490 30.72 11.28 45.09
N ASN A 491 29.44 11.55 45.28
CA ASN A 491 28.42 11.59 44.23
C ASN A 491 28.24 10.25 43.53
N LEU A 492 28.84 9.19 44.05
CA LEU A 492 28.65 7.82 43.56
C LEU A 492 27.68 7.04 44.43
N TRP A 493 27.93 7.00 45.74
CA TRP A 493 27.05 6.37 46.70
C TRP A 493 26.97 7.26 47.94
N ASN A 494 25.75 7.57 48.36
CA ASN A 494 25.54 8.45 49.50
C ASN A 494 25.55 7.65 50.80
N ILE A 495 26.37 8.09 51.74
CA ILE A 495 26.45 7.48 53.06
C ILE A 495 25.80 8.35 54.12
N ASP A 496 25.06 9.39 53.71
CA ASP A 496 24.44 10.30 54.66
C ASP A 496 23.41 9.60 55.54
N TRP A 497 22.84 8.49 55.08
CA TRP A 497 21.89 7.75 55.90
C TRP A 497 22.56 7.04 57.07
N ILE A 498 23.88 6.84 57.02
CA ILE A 498 24.61 6.23 58.12
C ILE A 498 24.85 7.29 59.19
N GLN A 499 24.57 6.93 60.44
CA GLN A 499 24.68 7.89 61.54
C GLN A 499 26.14 8.20 61.84
N GLY A 500 26.41 9.47 62.16
CA GLY A 500 27.73 9.92 62.51
C GLY A 500 28.27 10.93 61.51
N LYS A 501 29.47 11.40 61.80
CA LYS A 501 30.19 12.31 60.92
C LYS A 501 31.15 11.52 60.03
N GLU A 502 31.81 12.21 59.11
CA GLU A 502 32.73 11.54 58.21
C GLU A 502 33.94 10.97 58.95
N THR A 503 34.27 11.50 60.12
CA THR A 503 35.35 10.97 60.95
C THR A 503 34.82 10.18 62.14
N SER A 504 33.53 9.83 62.15
CA SER A 504 32.98 8.98 63.18
C SER A 504 33.60 7.58 63.08
N PRO A 505 33.74 6.88 64.22
CA PRO A 505 34.38 5.55 64.18
C PRO A 505 33.73 4.56 63.24
N ASN A 506 32.43 4.71 62.96
CA ASN A 506 31.77 3.77 62.05
C ASN A 506 31.80 4.25 60.60
N LYS A 507 31.42 5.50 60.36
CA LYS A 507 31.38 6.01 58.99
C LYS A 507 32.78 6.05 58.37
N ALA A 508 33.79 6.46 59.16
CA ALA A 508 35.16 6.46 58.65
C ALA A 508 35.67 5.05 58.42
N LYS A 509 35.20 4.08 59.22
CA LYS A 509 35.59 2.69 58.98
C LYS A 509 34.94 2.15 57.71
N ILE A 510 33.69 2.54 57.45
CA ILE A 510 33.04 2.13 56.22
C ILE A 510 33.61 2.89 55.02
N LEU A 511 34.05 4.14 55.24
CA LEU A 511 34.70 4.88 54.17
C LEU A 511 36.01 4.25 53.76
N SER A 512 36.68 3.54 54.67
CA SER A 512 37.92 2.85 54.32
C SER A 512 37.65 1.73 53.32
N LEU A 513 36.55 1.01 53.47
CA LEU A 513 36.21 -0.03 52.51
C LEU A 513 35.84 0.58 51.15
N LEU A 514 35.07 1.67 51.17
CA LEU A 514 34.61 2.27 49.91
C LEU A 514 35.75 2.91 49.14
N ARG A 515 36.82 3.33 49.82
CA ARG A 515 37.90 4.07 49.19
C ARG A 515 39.15 3.22 48.94
N LYS A 516 39.26 2.05 49.56
CA LYS A 516 40.42 1.18 49.38
C LYS A 516 40.13 -0.07 48.56
N THR A 517 38.91 -0.60 48.62
CA THR A 517 38.58 -1.79 47.86
C THR A 517 38.53 -1.47 46.37
N LYS A 518 39.20 -2.29 45.56
CA LYS A 518 39.27 -2.08 44.12
C LYS A 518 38.09 -2.73 43.43
N ILE A 519 37.36 -1.96 42.63
CA ILE A 519 36.26 -2.48 41.84
C ILE A 519 36.69 -2.88 40.43
N VAL A 520 37.97 -2.74 40.11
CA VAL A 520 38.48 -3.04 38.78
C VAL A 520 39.51 -4.16 38.90
N ASP A 521 39.31 -5.23 38.14
CA ASP A 521 40.27 -6.34 38.10
C ASP A 521 41.42 -5.91 37.21
N THR A 522 42.41 -5.23 37.81
CA THR A 522 43.58 -4.79 37.06
C THR A 522 44.40 -5.97 36.54
N ASP A 523 44.27 -7.14 37.16
CA ASP A 523 44.95 -8.32 36.64
C ASP A 523 44.30 -8.79 35.34
N LYS A 524 42.96 -8.79 35.30
CA LYS A 524 42.26 -9.14 34.06
C LYS A 524 42.39 -8.04 33.02
N PHE A 525 42.36 -6.78 33.46
CA PHE A 525 42.45 -5.66 32.52
C PHE A 525 43.76 -5.68 31.75
N ASP A 526 44.87 -5.95 32.44
CA ASP A 526 46.16 -6.04 31.77
C ASP A 526 46.24 -7.25 30.85
N LYS A 527 45.46 -8.29 31.11
CA LYS A 527 45.43 -9.46 30.24
C LYS A 527 44.49 -9.27 29.05
N MET A 528 43.58 -8.30 29.12
CA MET A 528 42.64 -8.07 28.03
C MET A 528 43.37 -7.55 26.80
N ASP A 529 42.77 -7.81 25.64
CA ASP A 529 43.38 -7.43 24.37
C ASP A 529 43.32 -5.92 24.18
N ASP A 530 44.10 -5.43 23.21
CA ASP A 530 44.14 -4.01 22.93
C ASP A 530 42.79 -3.51 22.44
N ASN A 531 42.17 -4.24 21.51
CA ASN A 531 40.85 -3.93 21.00
C ASN A 531 39.80 -4.82 21.63
N ILE A 532 38.55 -4.37 21.57
CA ILE A 532 37.44 -5.16 22.11
C ILE A 532 37.21 -6.38 21.23
N THR A 533 37.21 -7.55 21.84
CA THR A 533 37.06 -8.81 21.13
C THR A 533 35.60 -9.24 21.11
N PRO A 534 35.22 -10.07 20.13
CA PRO A 534 33.84 -10.60 20.12
C PRO A 534 33.51 -11.43 21.35
N GLU A 535 34.52 -12.04 21.98
CA GLU A 535 34.27 -12.85 23.17
C GLU A 535 33.77 -12.00 24.33
N GLU A 536 34.18 -10.73 24.39
CA GLU A 536 33.72 -9.86 25.46
C GLU A 536 32.26 -9.45 25.28
N VAL A 537 31.79 -9.41 24.03
CA VAL A 537 30.41 -9.04 23.75
C VAL A 537 29.51 -10.26 23.60
N ASN A 538 30.06 -11.43 23.26
CA ASN A 538 29.24 -12.61 23.01
C ASN A 538 28.41 -12.99 24.24
N LEU A 539 28.87 -12.66 25.44
CA LEU A 539 28.11 -13.00 26.64
C LEU A 539 26.89 -12.12 26.83
N PHE A 540 26.85 -10.95 26.20
CA PHE A 540 25.67 -10.08 26.27
C PHE A 540 24.52 -10.58 25.42
N PHE A 541 24.72 -11.63 24.62
CA PHE A 541 23.69 -12.19 23.75
C PHE A 541 23.11 -11.14 22.81
N MET B 32 -49.06 -9.58 2.50
CA MET B 32 -49.42 -10.60 1.52
C MET B 32 -49.23 -12.01 2.09
N LYS B 33 -49.84 -13.00 1.46
CA LYS B 33 -49.74 -14.38 1.89
C LYS B 33 -48.55 -15.06 1.23
N LYS B 34 -48.08 -16.13 1.89
CA LYS B 34 -46.94 -16.88 1.40
C LYS B 34 -47.38 -17.87 0.33
N VAL B 35 -46.41 -18.60 -0.24
CA VAL B 35 -46.72 -19.50 -1.33
C VAL B 35 -47.30 -20.82 -0.82
N TYR B 36 -46.93 -21.24 0.39
CA TYR B 36 -47.47 -22.47 0.97
C TYR B 36 -48.69 -22.22 1.84
N GLU B 37 -49.19 -20.98 1.86
CA GLU B 37 -50.44 -20.64 2.53
C GLU B 37 -51.61 -20.54 1.55
N LEU B 38 -51.44 -21.07 0.34
CA LEU B 38 -52.43 -21.00 -0.71
C LEU B 38 -53.03 -22.37 -0.98
N THR B 39 -54.26 -22.38 -1.48
CA THR B 39 -54.96 -23.62 -1.79
C THR B 39 -54.58 -24.07 -3.20
N SER B 40 -55.27 -25.09 -3.72
CA SER B 40 -54.98 -25.58 -5.06
C SER B 40 -55.48 -24.60 -6.12
N GLU B 41 -56.71 -24.12 -5.97
CA GLU B 41 -57.25 -23.13 -6.91
C GLU B 41 -56.49 -21.81 -6.85
N GLU B 42 -55.69 -21.58 -5.81
CA GLU B 42 -54.90 -20.37 -5.67
C GLU B 42 -53.44 -20.56 -6.09
N ALA B 43 -52.84 -21.72 -5.78
CA ALA B 43 -51.45 -21.94 -6.13
C ALA B 43 -51.27 -22.04 -7.64
N LEU B 44 -52.18 -22.74 -8.33
CA LEU B 44 -52.10 -22.84 -9.77
C LEU B 44 -52.27 -21.46 -10.43
N SER B 45 -53.20 -20.66 -9.93
CA SER B 45 -53.37 -19.31 -10.43
C SER B 45 -52.14 -18.45 -10.13
N TYR B 46 -51.45 -18.74 -9.03
CA TYR B 46 -50.24 -17.99 -8.71
C TYR B 46 -49.10 -18.34 -9.67
N PHE B 47 -48.86 -19.64 -9.88
CA PHE B 47 -47.78 -20.04 -10.77
C PHE B 47 -48.07 -19.64 -12.21
N LEU B 48 -49.34 -19.52 -12.58
CA LEU B 48 -49.70 -19.09 -13.93
C LEU B 48 -49.53 -17.59 -14.13
N ARG B 49 -49.32 -16.83 -13.06
CA ARG B 49 -49.02 -15.41 -13.20
C ARG B 49 -47.70 -15.22 -13.94
N HIS B 50 -47.65 -14.21 -14.80
CA HIS B 50 -46.45 -13.95 -15.58
C HIS B 50 -45.24 -13.67 -14.69
N ASP B 51 -45.47 -13.04 -13.52
CA ASP B 51 -44.37 -12.77 -12.61
C ASP B 51 -43.75 -14.05 -12.09
N SER B 52 -44.58 -15.08 -11.84
CA SER B 52 -44.09 -16.36 -11.36
C SER B 52 -43.62 -17.28 -12.48
N TYR B 53 -44.14 -17.10 -13.69
CA TYR B 53 -43.72 -17.94 -14.81
C TYR B 53 -42.25 -17.74 -15.13
N THR B 54 -41.83 -16.49 -15.30
CA THR B 54 -40.43 -16.15 -15.53
C THR B 54 -40.08 -14.91 -14.73
N THR B 55 -38.79 -14.77 -14.43
CA THR B 55 -38.30 -13.65 -13.62
C THR B 55 -37.28 -12.80 -14.38
N LEU B 56 -37.24 -12.91 -15.71
CA LEU B 56 -36.30 -12.11 -16.48
C LEU B 56 -36.69 -10.64 -16.45
N GLU B 57 -35.67 -9.78 -16.56
CA GLU B 57 -35.86 -8.34 -16.66
C GLU B 57 -36.34 -8.01 -18.07
N LEU B 58 -37.62 -8.33 -18.33
CA LEU B 58 -38.24 -8.10 -19.61
C LEU B 58 -39.08 -6.82 -19.59
N PRO B 59 -39.26 -6.18 -20.74
CA PRO B 59 -40.09 -4.96 -20.78
C PRO B 59 -41.53 -5.26 -20.42
N ALA B 60 -42.29 -4.18 -20.19
CA ALA B 60 -43.64 -4.30 -19.64
C ALA B 60 -44.65 -4.85 -20.64
N TYR B 61 -44.39 -4.73 -21.95
CA TYR B 61 -45.37 -5.17 -22.94
C TYR B 61 -45.28 -6.66 -23.24
N ILE B 62 -44.66 -7.45 -22.36
CA ILE B 62 -44.62 -8.90 -22.48
C ILE B 62 -45.38 -9.49 -21.29
N ASN B 63 -46.35 -10.36 -21.58
CA ASN B 63 -47.21 -10.90 -20.55
C ASN B 63 -47.62 -12.31 -20.95
N PHE B 64 -47.09 -13.31 -20.27
CA PHE B 64 -47.43 -14.71 -20.53
C PHE B 64 -48.68 -15.17 -19.77
N THR B 65 -49.30 -14.30 -18.99
CA THR B 65 -50.48 -14.71 -18.21
C THR B 65 -51.61 -15.16 -19.13
N THR B 66 -51.81 -14.47 -20.25
CA THR B 66 -52.86 -14.86 -21.18
C THR B 66 -52.60 -16.23 -21.79
N LEU B 67 -51.36 -16.49 -22.20
CA LEU B 67 -51.04 -17.76 -22.81
C LEU B 67 -51.02 -18.88 -21.77
N LEU B 68 -50.34 -18.65 -20.65
CA LEU B 68 -50.19 -19.71 -19.65
C LEU B 68 -51.51 -20.10 -19.03
N ASN B 69 -52.46 -19.17 -18.92
CA ASN B 69 -53.74 -19.47 -18.30
C ASN B 69 -54.77 -20.01 -19.29
N ASP B 70 -54.57 -19.79 -20.59
CA ASP B 70 -55.46 -20.36 -21.60
C ASP B 70 -55.00 -21.74 -22.05
N ILE B 71 -53.68 -21.98 -22.11
CA ILE B 71 -53.16 -23.31 -22.36
C ILE B 71 -53.51 -24.24 -21.20
N ASN B 72 -53.83 -23.69 -20.04
CA ASN B 72 -54.30 -24.51 -18.93
C ASN B 72 -55.70 -25.05 -19.20
N SER B 73 -56.63 -24.18 -19.59
CA SER B 73 -58.00 -24.61 -19.84
C SER B 73 -58.08 -25.55 -21.03
N SER B 74 -57.13 -25.46 -21.97
CA SER B 74 -57.10 -26.39 -23.09
C SER B 74 -56.80 -27.81 -22.66
N ILE B 75 -56.29 -28.00 -21.44
CA ILE B 75 -56.05 -29.32 -20.88
C ILE B 75 -57.18 -29.67 -19.92
N HIS B 76 -57.79 -28.64 -19.33
CA HIS B 76 -58.88 -28.87 -18.38
C HIS B 76 -60.11 -29.42 -19.08
N ASN B 77 -60.62 -28.70 -20.08
CA ASN B 77 -61.78 -29.14 -20.83
C ASN B 77 -61.44 -30.21 -21.88
N LYS B 78 -60.21 -30.72 -21.87
CA LYS B 78 -59.79 -31.82 -22.74
C LYS B 78 -59.91 -31.45 -24.22
N LYS B 79 -59.50 -30.23 -24.56
CA LYS B 79 -59.40 -29.82 -25.96
C LYS B 79 -58.00 -29.99 -26.53
N ILE B 80 -57.00 -30.16 -25.66
CA ILE B 80 -55.60 -30.35 -26.09
C ILE B 80 -54.98 -31.37 -25.15
N LYS B 81 -54.35 -32.39 -25.72
CA LYS B 81 -53.70 -33.45 -24.96
C LYS B 81 -52.21 -33.11 -24.81
N ILE B 82 -51.74 -33.06 -23.56
CA ILE B 82 -50.34 -32.76 -23.29
C ILE B 82 -49.86 -33.62 -22.12
N GLU B 83 -49.24 -34.76 -22.45
CA GLU B 83 -48.69 -35.66 -21.44
C GLU B 83 -47.45 -36.34 -22.01
N PRO B 84 -46.27 -36.07 -21.46
CA PRO B 84 -45.04 -36.58 -22.08
C PRO B 84 -44.46 -37.81 -21.41
N THR B 85 -43.48 -38.44 -22.06
CA THR B 85 -42.73 -39.55 -21.52
C THR B 85 -41.24 -39.23 -21.58
N ALA B 86 -40.43 -40.09 -20.96
CA ALA B 86 -38.98 -39.90 -20.99
C ALA B 86 -38.40 -40.20 -22.37
N LYS B 87 -39.02 -41.12 -23.10
CA LYS B 87 -38.53 -41.45 -24.45
C LYS B 87 -38.90 -40.38 -25.46
N GLU B 88 -40.03 -39.70 -25.27
CA GLU B 88 -40.43 -38.63 -26.19
C GLU B 88 -39.55 -37.39 -26.07
N LEU B 89 -38.83 -37.24 -24.96
CA LEU B 89 -38.09 -36.03 -24.68
C LEU B 89 -36.58 -36.20 -24.66
N MET B 90 -36.08 -37.43 -24.72
CA MET B 90 -34.65 -37.69 -24.65
C MET B 90 -34.03 -37.45 -26.03
N GLY B 91 -33.25 -36.38 -26.15
CA GLY B 91 -32.51 -36.11 -27.37
C GLY B 91 -32.79 -34.77 -28.02
N LYS B 92 -33.54 -33.91 -27.34
CA LYS B 92 -33.87 -32.61 -27.89
C LYS B 92 -34.14 -31.63 -26.76
N ASP B 93 -33.68 -30.39 -26.94
CA ASP B 93 -33.98 -29.32 -26.00
C ASP B 93 -35.38 -28.76 -26.27
N ILE B 94 -36.12 -28.51 -25.20
CA ILE B 94 -37.51 -28.11 -25.31
C ILE B 94 -37.71 -26.62 -25.03
N ASN B 95 -36.78 -25.98 -24.34
CA ASN B 95 -37.00 -24.69 -23.71
C ASN B 95 -36.20 -23.60 -24.42
N TYR B 96 -36.70 -22.38 -24.31
CA TYR B 96 -35.96 -21.21 -24.78
C TYR B 96 -35.04 -20.72 -23.67
N GLU B 97 -33.79 -20.43 -24.02
CA GLU B 97 -32.78 -20.03 -23.06
C GLU B 97 -32.28 -18.62 -23.39
N VAL B 98 -32.15 -17.81 -22.35
CA VAL B 98 -31.62 -16.44 -22.47
C VAL B 98 -30.39 -16.34 -21.58
N LEU B 99 -29.28 -15.91 -22.17
CA LEU B 99 -28.01 -15.80 -21.45
C LEU B 99 -27.90 -14.41 -20.84
N VAL B 100 -27.91 -14.34 -19.52
CA VAL B 100 -27.72 -13.10 -18.78
C VAL B 100 -26.32 -13.16 -18.18
N SER B 101 -25.36 -12.49 -18.82
CA SER B 101 -23.99 -12.49 -18.31
C SER B 101 -23.93 -11.79 -16.96
N LYS B 102 -23.12 -12.33 -16.06
CA LYS B 102 -22.99 -11.76 -14.72
C LYS B 102 -21.52 -11.70 -14.34
N ASP B 103 -21.07 -10.50 -13.97
CA ASP B 103 -19.66 -10.21 -13.68
C ASP B 103 -18.72 -10.81 -14.72
N TYR B 106 -15.44 -13.66 -17.98
CA TYR B 106 -16.32 -14.06 -19.07
C TYR B 106 -17.43 -14.97 -18.54
N SER B 107 -17.93 -14.65 -17.35
CA SER B 107 -18.94 -15.47 -16.70
C SER B 107 -20.33 -15.07 -17.15
N TRP B 108 -21.13 -16.06 -17.53
CA TRP B 108 -22.50 -15.85 -17.97
C TRP B 108 -23.38 -16.99 -17.49
N ARG B 109 -24.58 -16.65 -17.03
CA ARG B 109 -25.53 -17.64 -16.56
C ARG B 109 -26.61 -17.88 -17.62
N ARG B 110 -27.41 -18.92 -17.41
CA ARG B 110 -28.42 -19.35 -18.37
C ARG B 110 -29.78 -19.35 -17.67
N ILE B 111 -30.60 -18.34 -18.00
CA ILE B 111 -31.96 -18.25 -17.49
C ILE B 111 -32.89 -18.83 -18.54
N THR B 112 -33.81 -19.70 -18.11
CA THR B 112 -34.61 -20.52 -19.01
C THR B 112 -36.04 -20.02 -19.07
N LEU B 113 -36.50 -19.67 -20.28
CA LEU B 113 -37.92 -19.52 -20.55
C LEU B 113 -38.50 -20.91 -20.77
N ILE B 114 -39.13 -21.45 -19.72
CA ILE B 114 -39.57 -22.84 -19.78
C ILE B 114 -40.65 -23.00 -20.83
N ASN B 115 -40.78 -24.23 -21.33
CA ASN B 115 -41.78 -24.55 -22.34
C ASN B 115 -43.17 -24.32 -21.77
N PRO B 116 -43.98 -23.42 -22.33
CA PRO B 116 -45.32 -23.18 -21.78
C PRO B 116 -46.20 -24.42 -21.84
N LEU B 117 -46.02 -25.28 -22.84
CA LEU B 117 -46.73 -26.55 -22.87
C LEU B 117 -46.34 -27.43 -21.70
N TYR B 118 -45.03 -27.50 -21.41
CA TYR B 118 -44.56 -28.34 -20.31
C TYR B 118 -44.76 -27.66 -18.95
N TYR B 119 -44.81 -26.33 -18.92
CA TYR B 119 -44.96 -25.62 -17.65
C TYR B 119 -46.33 -25.87 -17.04
N VAL B 120 -47.40 -25.77 -17.84
CA VAL B 120 -48.72 -26.03 -17.32
C VAL B 120 -48.94 -27.53 -17.13
N TYR B 121 -48.31 -28.35 -17.97
CA TYR B 121 -48.37 -29.79 -17.77
C TYR B 121 -47.58 -30.24 -16.55
N PHE B 122 -46.84 -29.34 -15.91
CA PHE B 122 -46.07 -29.62 -14.72
C PHE B 122 -46.60 -28.90 -13.48
N CYS B 123 -47.07 -27.65 -13.64
CA CYS B 123 -47.74 -26.98 -12.53
C CYS B 123 -49.11 -27.57 -12.24
N ARG B 124 -49.73 -28.22 -13.22
CA ARG B 124 -51.00 -28.91 -12.98
C ARG B 124 -50.82 -30.04 -11.97
N LYS B 125 -49.67 -30.70 -11.98
CA LYS B 125 -49.41 -31.85 -11.14
C LYS B 125 -48.96 -31.46 -9.73
N ILE B 126 -48.08 -30.46 -9.62
CA ILE B 126 -47.57 -30.06 -8.31
C ILE B 126 -48.68 -29.43 -7.48
N THR B 127 -49.68 -28.84 -8.11
CA THR B 127 -50.77 -28.16 -7.43
C THR B 127 -51.91 -29.10 -7.07
N ALA B 128 -51.89 -30.32 -7.58
CA ALA B 128 -52.96 -31.28 -7.28
C ALA B 128 -53.10 -31.47 -5.77
N PRO B 129 -54.33 -31.53 -5.26
CA PRO B 129 -54.51 -31.52 -3.79
C PRO B 129 -53.82 -32.67 -3.08
N ALA B 130 -53.67 -33.82 -3.72
CA ALA B 130 -53.02 -34.95 -3.08
C ALA B 130 -51.56 -34.65 -2.78
N THR B 131 -50.82 -34.15 -3.78
CA THR B 131 -49.42 -33.81 -3.59
C THR B 131 -49.21 -32.42 -3.01
N TRP B 132 -50.10 -31.48 -3.32
CA TRP B 132 -49.94 -30.13 -2.77
C TRP B 132 -50.14 -30.11 -1.26
N GLU B 133 -51.02 -30.95 -0.73
CA GLU B 133 -51.17 -31.06 0.71
C GLU B 133 -49.91 -31.63 1.36
N ILE B 134 -49.17 -32.46 0.64
CA ILE B 134 -47.92 -32.99 1.16
C ILE B 134 -46.80 -31.96 1.01
N ILE B 135 -46.82 -31.17 -0.05
CA ILE B 135 -45.80 -30.13 -0.23
C ILE B 135 -46.00 -29.02 0.79
N THR B 136 -47.25 -28.56 0.94
CA THR B 136 -47.52 -27.45 1.86
C THR B 136 -47.25 -27.84 3.31
N GLU B 137 -47.31 -29.13 3.64
CA GLU B 137 -47.02 -29.55 5.01
C GLU B 137 -45.52 -29.66 5.26
N LYS B 138 -44.72 -29.96 4.23
CA LYS B 138 -43.28 -29.93 4.40
C LYS B 138 -42.77 -28.51 4.58
N PHE B 139 -43.45 -27.53 3.99
CA PHE B 139 -43.12 -26.14 4.26
C PHE B 139 -43.56 -25.71 5.66
N LYS B 140 -44.68 -26.25 6.13
CA LYS B 140 -45.15 -25.92 7.48
C LYS B 140 -44.24 -26.51 8.55
N SER B 141 -43.60 -27.65 8.25
CA SER B 141 -42.64 -28.21 9.19
C SER B 141 -41.32 -27.44 9.20
N PHE B 142 -41.10 -26.56 8.23
CA PHE B 142 -39.89 -25.75 8.20
C PHE B 142 -39.96 -24.61 9.21
N GLU B 143 -41.13 -24.00 9.37
CA GLU B 143 -41.30 -22.92 10.33
C GLU B 143 -41.40 -23.42 11.77
N SER B 144 -41.36 -24.73 11.99
CA SER B 144 -41.18 -25.28 13.32
C SER B 144 -39.71 -25.35 13.72
N ASN B 145 -38.81 -24.90 12.84
CA ASN B 145 -37.38 -24.82 13.13
C ASN B 145 -37.09 -23.37 13.52
N ASP B 146 -37.39 -23.06 14.78
CA ASP B 146 -37.39 -21.67 15.23
C ASP B 146 -36.00 -21.03 15.20
N LEU B 147 -34.94 -21.83 15.25
CA LEU B 147 -33.59 -21.25 15.25
C LEU B 147 -33.26 -20.64 13.89
N PHE B 148 -33.86 -21.14 12.81
CA PHE B 148 -33.53 -20.68 11.47
C PHE B 148 -34.59 -19.73 10.95
N THR B 149 -34.15 -18.75 10.16
CA THR B 149 -35.04 -17.77 9.55
C THR B 149 -34.79 -17.72 8.06
N CYS B 150 -35.86 -17.84 7.27
CA CYS B 150 -35.79 -17.79 5.81
C CYS B 150 -36.68 -16.66 5.33
N SER B 151 -36.08 -15.72 4.61
CA SER B 151 -36.78 -14.57 4.03
C SER B 151 -36.67 -14.58 2.52
N SER B 152 -36.70 -15.76 1.91
CA SER B 152 -36.56 -15.90 0.48
C SER B 152 -37.60 -16.80 -0.18
N ILE B 153 -38.48 -17.42 0.60
CA ILE B 153 -39.54 -18.24 0.02
C ILE B 153 -40.52 -17.32 -0.71
N PRO B 154 -41.01 -17.72 -1.89
CA PRO B 154 -41.82 -16.79 -2.71
C PRO B 154 -43.11 -16.40 -2.01
N VAL B 155 -43.58 -15.20 -2.33
CA VAL B 155 -44.76 -14.59 -1.72
C VAL B 155 -45.64 -14.02 -2.82
N ARG B 156 -46.94 -14.25 -2.71
CA ARG B 156 -47.91 -13.72 -3.68
C ARG B 156 -48.05 -12.21 -3.43
N LYS B 157 -47.13 -11.44 -4.01
CA LYS B 157 -47.22 -9.99 -3.94
C LYS B 157 -48.36 -9.50 -4.83
N ASP B 158 -49.24 -8.68 -4.27
CA ASP B 158 -50.42 -8.22 -4.97
C ASP B 158 -50.57 -6.71 -4.79
N ASN B 159 -51.12 -6.06 -5.81
CA ASN B 159 -51.37 -4.63 -5.77
C ASN B 159 -52.70 -4.30 -5.11
N TRP B 170 -35.96 0.13 1.28
CA TRP B 170 -34.64 0.65 0.97
C TRP B 170 -33.55 -0.26 1.54
N TRP B 171 -33.81 -0.86 2.69
CA TRP B 171 -32.88 -1.75 3.37
C TRP B 171 -33.51 -3.14 3.46
N GLU B 172 -32.82 -4.14 2.93
CA GLU B 172 -33.39 -5.47 2.81
C GLU B 172 -33.60 -6.10 4.18
N ASP B 173 -34.62 -6.98 4.27
CA ASP B 173 -34.89 -7.68 5.51
C ASP B 173 -33.75 -8.63 5.89
N PHE B 174 -33.04 -9.15 4.89
CA PHE B 174 -31.83 -9.93 5.18
C PHE B 174 -30.80 -9.09 5.91
N GLU B 175 -30.79 -7.78 5.68
CA GLU B 175 -29.86 -6.87 6.32
C GLU B 175 -30.39 -6.36 7.65
N GLN B 176 -31.71 -6.13 7.74
CA GLN B 176 -32.28 -5.63 8.98
C GLN B 176 -32.24 -6.68 10.08
N LYS B 177 -32.53 -7.94 9.74
CA LYS B 177 -32.47 -9.01 10.73
C LYS B 177 -31.04 -9.23 11.22
N SER B 178 -30.06 -8.97 10.37
CA SER B 178 -28.66 -9.16 10.76
C SER B 178 -28.20 -8.04 11.69
N LEU B 179 -28.57 -6.79 11.39
CA LEU B 179 -28.19 -5.69 12.27
C LEU B 179 -28.90 -5.77 13.61
N ALA B 180 -30.11 -6.34 13.65
CA ALA B 180 -30.88 -6.39 14.88
C ALA B 180 -30.28 -7.38 15.87
N LEU B 181 -29.84 -8.54 15.40
CA LEU B 181 -29.32 -9.57 16.28
C LEU B 181 -27.90 -9.30 16.76
N ALA B 182 -27.33 -8.14 16.43
CA ALA B 182 -26.06 -7.74 17.02
C ALA B 182 -26.21 -7.40 18.49
N LEU B 183 -27.43 -7.16 18.95
CA LEU B 183 -27.67 -6.89 20.37
C LEU B 183 -27.55 -8.16 21.20
N GLU B 184 -27.84 -9.32 20.61
CA GLU B 184 -27.81 -10.58 21.35
C GLU B 184 -26.54 -11.38 21.12
N TYR B 185 -25.95 -11.33 19.92
CA TYR B 185 -24.82 -12.16 19.58
C TYR B 185 -23.64 -11.32 19.15
N GLU B 186 -22.45 -11.89 19.30
CA GLU B 186 -21.19 -11.19 19.05
C GLU B 186 -20.50 -11.58 17.76
N PHE B 187 -20.74 -12.80 17.25
CA PHE B 187 -20.02 -13.32 16.10
C PHE B 187 -21.00 -13.71 15.00
N MET B 188 -20.49 -13.77 13.78
CA MET B 188 -21.30 -14.05 12.60
C MET B 188 -20.52 -14.93 11.64
N PHE B 189 -21.22 -15.90 11.04
CA PHE B 189 -20.64 -16.79 10.03
C PHE B 189 -21.42 -16.58 8.73
N SER B 190 -20.74 -16.05 7.71
CA SER B 190 -21.33 -15.80 6.41
C SER B 190 -20.77 -16.77 5.39
N THR B 191 -21.66 -17.40 4.62
CA THR B 191 -21.24 -18.34 3.59
C THR B 191 -22.38 -18.53 2.60
N ASP B 192 -22.05 -19.09 1.44
CA ASP B 192 -23.03 -19.36 0.41
C ASP B 192 -22.63 -20.62 -0.35
N ILE B 193 -23.59 -21.17 -1.08
CA ILE B 193 -23.37 -22.39 -1.86
C ILE B 193 -22.82 -22.01 -3.23
N SER B 194 -21.81 -22.74 -3.67
CA SER B 194 -21.13 -22.46 -4.94
C SER B 194 -21.86 -23.16 -6.08
N ASN B 195 -22.33 -22.37 -7.05
CA ASN B 195 -23.10 -22.88 -8.19
C ASN B 195 -24.24 -23.76 -7.73
N PHE B 196 -25.09 -23.18 -6.87
CA PHE B 196 -26.13 -23.96 -6.21
C PHE B 196 -27.10 -24.57 -7.22
N TYR B 197 -27.79 -23.73 -7.98
CA TYR B 197 -28.77 -24.23 -8.93
C TYR B 197 -28.18 -25.20 -9.96
N PRO B 198 -27.00 -24.97 -10.55
CA PRO B 198 -26.46 -25.95 -11.50
C PRO B 198 -25.93 -27.23 -10.88
N SER B 199 -25.73 -27.28 -9.57
CA SER B 199 -25.12 -28.44 -8.92
C SER B 199 -26.08 -29.22 -8.05
N ILE B 200 -27.39 -28.97 -8.15
CA ILE B 200 -28.36 -29.72 -7.37
C ILE B 200 -28.46 -31.13 -7.93
N TYR B 201 -28.06 -32.13 -7.15
CA TYR B 201 -28.28 -33.51 -7.52
C TYR B 201 -29.79 -33.74 -7.65
N THR B 202 -30.25 -33.96 -8.88
CA THR B 202 -31.69 -33.97 -9.15
C THR B 202 -32.43 -35.01 -8.31
N HIS B 203 -31.74 -36.08 -7.90
CA HIS B 203 -32.35 -37.11 -7.07
C HIS B 203 -32.46 -36.70 -5.60
N SER B 204 -32.04 -35.50 -5.24
CA SER B 204 -32.08 -35.08 -3.84
C SER B 204 -33.50 -34.82 -3.35
N PHE B 205 -34.46 -34.64 -4.26
CA PHE B 205 -35.82 -34.38 -3.83
C PHE B 205 -36.46 -35.61 -3.20
N GLU B 206 -36.04 -36.81 -3.62
CA GLU B 206 -36.50 -38.02 -2.95
C GLU B 206 -35.94 -38.14 -1.53
N TRP B 207 -34.90 -37.37 -1.20
CA TRP B 207 -34.33 -37.37 0.13
C TRP B 207 -35.04 -36.42 1.09
N VAL B 208 -35.69 -35.38 0.57
CA VAL B 208 -36.40 -34.43 1.42
C VAL B 208 -37.66 -35.03 2.05
N PHE B 209 -38.13 -36.17 1.55
CA PHE B 209 -39.32 -36.81 2.07
C PHE B 209 -39.06 -38.16 2.72
N ILE B 210 -38.12 -38.94 2.18
CA ILE B 210 -37.73 -40.21 2.77
C ILE B 210 -36.21 -40.34 2.70
N SER B 211 -35.63 -41.07 3.65
CA SER B 211 -34.20 -41.29 3.66
C SER B 211 -33.80 -42.58 2.94
N LYS B 212 -34.68 -43.57 2.93
CA LYS B 212 -34.40 -44.84 2.29
C LYS B 212 -34.44 -44.68 0.76
N GLU B 213 -34.14 -45.77 0.06
CA GLU B 213 -34.14 -45.76 -1.40
C GLU B 213 -35.37 -46.49 -1.94
N ASN B 223 -43.55 -40.71 -3.34
CA ASN B 223 -43.37 -39.40 -2.72
C ASN B 223 -43.34 -38.28 -3.75
N PRO B 224 -43.65 -37.05 -3.33
CA PRO B 224 -43.59 -35.92 -4.26
C PRO B 224 -42.19 -35.63 -4.76
N GLY B 225 -41.14 -36.17 -4.14
CA GLY B 225 -39.79 -35.93 -4.61
C GLY B 225 -39.47 -36.69 -5.88
N GLY B 226 -40.06 -37.87 -6.06
CA GLY B 226 -39.83 -38.63 -7.27
C GLY B 226 -40.44 -37.99 -8.51
N LEU B 227 -41.57 -37.31 -8.34
CA LEU B 227 -42.17 -36.59 -9.47
C LEU B 227 -41.29 -35.42 -9.90
N ILE B 228 -40.72 -34.71 -8.94
CA ILE B 228 -39.85 -33.58 -9.27
C ILE B 228 -38.56 -34.07 -9.92
N ASP B 229 -37.92 -35.08 -9.33
CA ASP B 229 -36.67 -35.61 -9.89
C ASP B 229 -36.87 -36.16 -11.29
N SER B 230 -38.05 -36.69 -11.59
CA SER B 230 -38.31 -37.25 -12.91
C SER B 230 -38.62 -36.17 -13.93
N HIS B 231 -39.54 -35.26 -13.60
CA HIS B 231 -39.98 -34.27 -14.58
C HIS B 231 -38.90 -33.26 -14.94
N ILE B 232 -37.93 -33.03 -14.03
CA ILE B 232 -36.82 -32.15 -14.38
C ILE B 232 -35.89 -32.83 -15.38
N GLN B 233 -35.70 -34.14 -15.24
CA GLN B 233 -34.89 -34.88 -16.20
C GLN B 233 -35.51 -34.85 -17.59
N MET B 234 -36.83 -35.05 -17.67
CA MET B 234 -37.52 -34.89 -18.94
C MET B 234 -37.52 -33.44 -19.40
N MET B 235 -37.48 -32.51 -18.45
CA MET B 235 -37.48 -31.09 -18.79
C MET B 235 -36.18 -30.70 -19.49
N MET B 236 -35.04 -31.15 -18.98
CA MET B 236 -33.76 -30.89 -19.63
C MET B 236 -33.44 -31.98 -20.63
N ASN B 237 -32.71 -33.00 -20.22
CA ASN B 237 -32.39 -34.13 -21.08
C ASN B 237 -32.20 -35.41 -20.26
N ASN B 241 -27.89 -33.93 -11.53
CA ASN B 241 -27.93 -33.06 -12.69
C ASN B 241 -28.00 -31.60 -12.27
N GLY B 242 -29.09 -30.93 -12.66
CA GLY B 242 -29.29 -29.53 -12.35
C GLY B 242 -30.77 -29.20 -12.52
N ILE B 243 -31.15 -28.02 -12.05
CA ILE B 243 -32.51 -27.52 -12.24
C ILE B 243 -32.43 -26.19 -12.99
N PRO B 244 -33.46 -25.81 -13.74
CA PRO B 244 -33.41 -24.53 -14.45
C PRO B 244 -33.54 -23.36 -13.50
N LEU B 245 -33.22 -22.18 -14.02
CA LEU B 245 -33.19 -20.95 -13.23
C LEU B 245 -34.05 -19.89 -13.91
N GLY B 246 -34.89 -19.22 -13.13
CA GLY B 246 -35.70 -18.14 -13.66
C GLY B 246 -37.19 -18.37 -13.56
N SER B 247 -37.63 -19.01 -12.49
CA SER B 247 -39.05 -19.26 -12.30
C SER B 247 -39.33 -19.45 -10.81
N THR B 248 -40.56 -19.12 -10.41
CA THR B 248 -40.96 -19.32 -9.02
C THR B 248 -41.10 -20.80 -8.69
N LEU B 249 -41.58 -21.59 -9.65
CA LEU B 249 -41.66 -23.03 -9.43
C LEU B 249 -40.28 -23.61 -9.17
N MET B 250 -39.25 -23.08 -9.85
CA MET B 250 -37.89 -23.50 -9.55
C MET B 250 -37.40 -22.94 -8.23
N ASP B 251 -37.85 -21.72 -7.88
CA ASP B 251 -37.50 -21.16 -6.58
C ASP B 251 -38.15 -21.94 -5.45
N THR B 252 -39.40 -22.34 -5.61
CA THR B 252 -40.07 -23.16 -4.61
C THR B 252 -39.42 -24.53 -4.50
N PHE B 253 -38.95 -25.08 -5.63
CA PHE B 253 -38.27 -26.36 -5.60
C PHE B 253 -36.93 -26.25 -4.88
N ALA B 254 -36.25 -25.10 -5.02
CA ALA B 254 -35.01 -24.88 -4.29
C ALA B 254 -35.28 -24.86 -2.78
N GLU B 255 -36.22 -24.02 -2.34
CA GLU B 255 -36.52 -23.91 -0.92
C GLU B 255 -36.97 -25.23 -0.31
N LEU B 256 -37.38 -26.19 -1.13
CA LEU B 256 -37.68 -27.53 -0.62
C LEU B 256 -36.45 -28.16 0.00
N ILE B 257 -35.29 -28.05 -0.67
CA ILE B 257 -34.11 -28.72 -0.17
C ILE B 257 -33.37 -27.86 0.86
N LEU B 258 -33.46 -26.53 0.75
CA LEU B 258 -32.86 -25.67 1.77
C LEU B 258 -33.51 -25.91 3.13
N GLY B 259 -34.85 -25.94 3.18
CA GLY B 259 -35.53 -26.28 4.41
C GLY B 259 -35.18 -27.66 4.92
N GLN B 260 -34.83 -28.57 4.01
CA GLN B 260 -34.38 -29.89 4.45
C GLN B 260 -32.95 -29.83 4.98
N ILE B 261 -32.06 -29.10 4.31
CA ILE B 261 -30.76 -28.81 4.90
C ILE B 261 -30.93 -28.08 6.22
N ASP B 262 -31.93 -27.20 6.30
CA ASP B 262 -32.26 -26.56 7.56
C ASP B 262 -32.69 -27.59 8.61
N ILE B 263 -33.35 -28.66 8.17
CA ILE B 263 -33.74 -29.72 9.10
C ILE B 263 -32.55 -30.63 9.42
N GLU B 264 -31.83 -31.06 8.38
CA GLU B 264 -30.73 -32.00 8.60
C GLU B 264 -29.56 -31.35 9.32
N LEU B 265 -29.38 -30.04 9.16
CA LEU B 265 -28.33 -29.36 9.92
C LEU B 265 -28.68 -29.29 11.40
N ARG B 266 -29.93 -28.94 11.72
CA ARG B 266 -30.33 -28.87 13.11
C ARG B 266 -30.39 -30.26 13.74
N LYS B 267 -30.60 -31.30 12.93
CA LYS B 267 -30.52 -32.66 13.45
C LYS B 267 -29.12 -32.96 13.98
N LYS B 268 -28.09 -32.48 13.30
CA LYS B 268 -26.72 -32.62 13.76
C LYS B 268 -26.37 -31.59 14.84
N THR B 269 -27.19 -30.56 15.00
CA THR B 269 -26.91 -29.53 16.01
C THR B 269 -27.34 -29.99 17.40
N ASN B 270 -28.54 -30.57 17.52
CA ASN B 270 -29.04 -30.98 18.82
C ASN B 270 -28.26 -32.16 19.39
N GLU B 271 -27.74 -33.04 18.52
CA GLU B 271 -26.94 -34.16 19.00
C GLU B 271 -25.56 -33.72 19.46
N LEU B 272 -25.06 -32.57 18.98
CA LEU B 272 -23.82 -31.99 19.47
C LEU B 272 -24.04 -31.01 20.61
N LYS B 273 -25.26 -30.93 21.15
CA LYS B 273 -25.64 -30.13 22.30
C LYS B 273 -25.55 -28.63 22.05
N ILE B 274 -25.29 -28.19 20.83
CA ILE B 274 -25.34 -26.77 20.50
C ILE B 274 -26.81 -26.32 20.55
N ILE B 275 -27.08 -25.28 21.32
CA ILE B 275 -28.45 -24.93 21.73
C ILE B 275 -28.83 -23.52 21.30
N ASN B 276 -27.98 -22.54 21.57
CA ASN B 276 -28.35 -21.13 21.46
C ASN B 276 -27.60 -20.47 20.31
N TYR B 277 -28.31 -20.25 19.20
CA TYR B 277 -27.81 -19.47 18.08
C TYR B 277 -29.01 -19.11 17.21
N LYS B 278 -28.74 -18.46 16.08
CA LYS B 278 -29.79 -18.07 15.16
C LYS B 278 -29.21 -17.98 13.76
N VAL B 279 -29.97 -18.48 12.78
CA VAL B 279 -29.55 -18.48 11.38
C VAL B 279 -30.59 -17.72 10.57
N VAL B 280 -30.16 -16.63 9.95
CA VAL B 280 -30.98 -15.87 9.01
C VAL B 280 -30.35 -16.06 7.63
N ARG B 281 -31.11 -16.67 6.72
CA ARG B 281 -30.59 -16.99 5.39
C ARG B 281 -31.55 -16.53 4.31
N TYR B 282 -30.99 -16.15 3.17
CA TYR B 282 -31.74 -15.79 1.98
C TYR B 282 -31.18 -16.62 0.83
N ARG B 283 -31.96 -17.60 0.39
CA ARG B 283 -31.55 -18.54 -0.68
C ARG B 283 -30.26 -19.22 -0.22
N ASP B 284 -29.27 -19.39 -1.08
CA ASP B 284 -28.05 -20.11 -0.71
C ASP B 284 -27.14 -19.34 0.24
N ASP B 285 -27.43 -18.07 0.50
CA ASP B 285 -26.59 -17.27 1.38
C ASP B 285 -26.98 -17.51 2.84
N TYR B 286 -25.99 -17.80 3.67
CA TYR B 286 -26.21 -18.16 5.07
C TYR B 286 -25.59 -17.12 5.99
N ARG B 287 -26.16 -17.00 7.19
CA ARG B 287 -25.64 -16.08 8.21
C ARG B 287 -25.99 -16.67 9.58
N ILE B 288 -25.01 -17.29 10.23
CA ILE B 288 -25.19 -17.93 11.52
C ILE B 288 -24.61 -17.03 12.60
N PHE B 289 -25.43 -16.68 13.58
CA PHE B 289 -25.03 -15.79 14.67
C PHE B 289 -24.90 -16.58 15.97
N SER B 290 -23.84 -16.30 16.72
CA SER B 290 -23.66 -16.90 18.03
C SER B 290 -22.62 -16.10 18.80
N ASN B 291 -22.49 -16.45 20.08
CA ASN B 291 -21.52 -15.83 20.98
C ASN B 291 -20.31 -16.73 21.25
N SER B 292 -20.01 -17.65 20.33
CA SER B 292 -18.96 -18.63 20.55
C SER B 292 -18.27 -18.93 19.23
N LYS B 293 -17.02 -18.50 19.09
CA LYS B 293 -16.26 -18.82 17.88
C LYS B 293 -16.03 -20.31 17.72
N ASP B 294 -16.04 -21.07 18.82
CA ASP B 294 -15.86 -22.51 18.73
C ASP B 294 -17.12 -23.22 18.24
N ASP B 295 -18.30 -22.70 18.59
CA ASP B 295 -19.54 -23.29 18.10
C ASP B 295 -19.68 -23.08 16.60
N LEU B 296 -19.28 -21.90 16.09
CA LEU B 296 -19.32 -21.65 14.66
C LEU B 296 -18.43 -22.62 13.90
N ASP B 297 -17.24 -22.91 14.44
CA ASP B 297 -16.35 -23.87 13.79
C ASP B 297 -16.92 -25.28 13.76
N ILE B 298 -17.88 -25.56 14.63
CA ILE B 298 -18.52 -26.88 14.64
C ILE B 298 -19.80 -26.89 13.82
N ILE B 299 -20.62 -25.83 13.95
CA ILE B 299 -21.84 -25.75 13.15
C ILE B 299 -21.50 -25.72 11.66
N SER B 300 -20.48 -24.94 11.28
CA SER B 300 -20.04 -24.94 9.89
C SER B 300 -19.46 -26.28 9.48
N LYS B 301 -18.81 -26.99 10.40
CA LYS B 301 -18.31 -28.32 10.10
C LYS B 301 -19.46 -29.28 9.81
N CYS B 302 -20.61 -29.09 10.48
CA CYS B 302 -21.78 -29.90 10.19
C CYS B 302 -22.51 -29.43 8.94
N LEU B 303 -22.50 -28.12 8.67
CA LEU B 303 -23.13 -27.60 7.46
C LEU B 303 -22.43 -28.12 6.21
N VAL B 304 -21.10 -28.23 6.26
CA VAL B 304 -20.36 -28.77 5.12
C VAL B 304 -20.73 -30.23 4.89
N ASN B 305 -20.97 -30.98 5.97
CA ASN B 305 -21.31 -32.39 5.84
C ASN B 305 -22.69 -32.56 5.18
N VAL B 306 -23.69 -31.83 5.67
CA VAL B 306 -25.03 -31.96 5.09
C VAL B 306 -25.06 -31.38 3.68
N LEU B 307 -24.26 -30.36 3.40
CA LEU B 307 -24.15 -29.85 2.04
C LEU B 307 -23.49 -30.86 1.12
N GLY B 308 -22.53 -31.64 1.64
CA GLY B 308 -21.89 -32.66 0.82
C GLY B 308 -22.79 -33.84 0.55
N ASP B 309 -23.77 -34.10 1.42
CA ASP B 309 -24.72 -35.18 1.17
C ASP B 309 -25.54 -34.90 -0.07
N PHE B 310 -26.05 -33.68 -0.19
CA PHE B 310 -26.84 -33.27 -1.36
C PHE B 310 -25.98 -32.98 -2.59
N GLY B 311 -24.70 -33.31 -2.53
CA GLY B 311 -23.82 -33.06 -3.66
C GLY B 311 -23.49 -31.60 -3.88
N LEU B 312 -23.36 -30.83 -2.81
CA LEU B 312 -23.09 -29.40 -2.90
C LEU B 312 -21.84 -29.06 -2.10
N ASP B 313 -21.26 -27.90 -2.41
CA ASP B 313 -20.06 -27.42 -1.76
C ASP B 313 -20.18 -25.93 -1.49
N LEU B 314 -19.54 -25.49 -0.41
CA LEU B 314 -19.60 -24.09 -0.02
C LEU B 314 -18.65 -23.26 -0.85
N ASN B 315 -19.05 -22.02 -1.16
CA ASN B 315 -18.19 -21.10 -1.91
C ASN B 315 -17.02 -20.69 -1.02
N SER B 316 -15.83 -21.22 -1.33
CA SER B 316 -14.68 -21.04 -0.45
C SER B 316 -14.19 -19.59 -0.42
N LYS B 317 -14.49 -18.80 -1.44
CA LYS B 317 -14.00 -17.42 -1.50
C LYS B 317 -14.88 -16.46 -0.72
N LYS B 318 -16.17 -16.74 -0.58
CA LYS B 318 -17.10 -15.89 0.14
C LYS B 318 -17.56 -16.55 1.45
N THR B 319 -16.61 -17.11 2.19
CA THR B 319 -16.90 -17.81 3.45
C THR B 319 -15.83 -17.45 4.46
N GLU B 320 -16.20 -16.67 5.47
CA GLU B 320 -15.27 -16.30 6.53
C GLU B 320 -16.05 -16.09 7.81
N LEU B 321 -15.34 -16.20 8.94
CA LEU B 321 -15.92 -16.00 10.26
C LEU B 321 -15.67 -14.57 10.69
N TYR B 322 -16.72 -13.75 10.67
CA TYR B 322 -16.61 -12.33 10.95
C TYR B 322 -16.76 -12.04 12.44
N GLU B 323 -16.17 -10.93 12.87
CA GLU B 323 -16.30 -10.44 14.24
C GLU B 323 -17.02 -9.10 14.31
N ASP B 324 -17.47 -8.57 13.18
CA ASP B 324 -18.19 -7.29 13.12
C ASP B 324 -19.51 -7.55 12.40
N ILE B 325 -20.57 -7.81 13.17
CA ILE B 325 -21.87 -8.10 12.57
C ILE B 325 -22.38 -6.89 11.80
N ILE B 326 -22.23 -5.69 12.37
CA ILE B 326 -22.73 -4.50 11.71
C ILE B 326 -21.95 -4.20 10.45
N LEU B 327 -20.62 -4.33 10.50
CA LEU B 327 -19.79 -3.98 9.35
C LEU B 327 -20.03 -4.91 8.17
N HIS B 328 -20.34 -6.18 8.42
CA HIS B 328 -20.43 -7.19 7.37
C HIS B 328 -21.86 -7.70 7.18
N SER B 329 -22.86 -6.88 7.51
CA SER B 329 -24.25 -7.20 7.22
C SER B 329 -24.73 -6.56 5.91
N LEU B 330 -23.96 -5.63 5.35
CA LEU B 330 -24.28 -5.00 4.08
C LEU B 330 -23.12 -5.20 3.12
N LYS B 331 -23.44 -5.38 1.84
CA LYS B 331 -22.40 -5.52 0.83
C LYS B 331 -21.65 -4.20 0.67
N GLN B 332 -20.40 -4.30 0.22
CA GLN B 332 -19.56 -3.12 0.06
C GLN B 332 -20.13 -2.16 -0.96
N ALA B 333 -20.89 -2.67 -1.94
CA ALA B 333 -21.48 -1.79 -2.94
C ALA B 333 -22.52 -0.87 -2.34
N LYS B 334 -23.35 -1.38 -1.43
CA LYS B 334 -24.36 -0.54 -0.80
C LYS B 334 -23.74 0.42 0.22
N LYS B 335 -22.63 0.01 0.85
CA LYS B 335 -21.94 0.91 1.77
C LYS B 335 -21.33 2.10 1.03
N ASP B 336 -20.63 1.83 -0.06
CA ASP B 336 -20.03 2.90 -0.85
C ASP B 336 -21.08 3.75 -1.56
N TYR B 337 -22.28 3.20 -1.79
CA TYR B 337 -23.37 4.00 -2.35
C TYR B 337 -23.85 5.05 -1.35
N ILE B 338 -23.78 4.75 -0.05
CA ILE B 338 -24.20 5.70 0.96
C ILE B 338 -23.31 6.93 0.95
N LYS B 339 -22.03 6.77 0.63
CA LYS B 339 -21.06 7.86 0.63
C LYS B 339 -21.12 8.75 -0.59
N GLU B 340 -22.06 8.49 -1.52
CA GLU B 340 -22.05 9.19 -2.81
C GLU B 340 -22.55 10.63 -2.64
N LYS B 341 -21.74 11.58 -3.10
CA LYS B 341 -22.13 12.98 -3.06
C LYS B 341 -23.20 13.27 -4.11
N ARG B 342 -24.27 13.93 -3.69
CA ARG B 342 -25.33 14.30 -4.63
C ARG B 342 -24.88 15.47 -5.48
N HIS B 343 -25.18 15.41 -6.78
CA HIS B 343 -24.72 16.39 -7.75
C HIS B 343 -25.91 16.93 -8.53
N LYS B 344 -26.06 18.26 -8.53
CA LYS B 344 -27.10 18.88 -9.35
C LYS B 344 -26.73 18.81 -10.82
N SER B 345 -25.45 18.99 -11.14
CA SER B 345 -24.98 18.86 -12.53
C SER B 345 -25.11 17.41 -12.97
N LEU B 346 -25.82 17.18 -14.08
CA LEU B 346 -26.07 15.82 -14.53
C LEU B 346 -24.80 15.15 -15.02
N GLN B 347 -23.92 15.89 -15.69
CA GLN B 347 -22.68 15.29 -16.18
C GLN B 347 -21.77 14.91 -15.02
N LYS B 348 -21.73 15.73 -13.97
CA LYS B 348 -20.96 15.36 -12.78
C LYS B 348 -21.57 14.14 -12.09
N MET B 349 -22.90 14.04 -12.09
CA MET B 349 -23.55 12.86 -11.53
C MET B 349 -23.24 11.62 -12.36
N LEU B 350 -23.40 11.73 -13.67
CA LEU B 350 -23.14 10.58 -14.55
C LEU B 350 -21.66 10.18 -14.49
N TYR B 351 -20.76 11.16 -14.46
CA TYR B 351 -19.34 10.84 -14.34
C TYR B 351 -19.04 10.20 -12.99
N SER B 352 -19.78 10.56 -11.95
CA SER B 352 -19.61 9.90 -10.66
C SER B 352 -20.08 8.46 -10.71
N ILE B 353 -21.12 8.17 -11.51
CA ILE B 353 -21.59 6.79 -11.64
C ILE B 353 -20.56 5.93 -12.37
N TYR B 354 -19.83 6.50 -13.33
CA TYR B 354 -18.79 5.74 -14.02
C TYR B 354 -17.71 5.30 -13.06
N LEU B 355 -17.28 6.20 -12.17
CA LEU B 355 -16.27 5.83 -11.18
C LEU B 355 -16.80 4.78 -10.21
N PHE B 356 -18.10 4.79 -9.94
CA PHE B 356 -18.70 3.77 -9.08
C PHE B 356 -18.70 2.42 -9.77
N SER B 357 -18.98 2.40 -11.08
CA SER B 357 -19.05 1.14 -11.82
C SER B 357 -17.68 0.47 -11.96
N LEU B 358 -16.59 1.23 -11.80
CA LEU B 358 -15.26 0.64 -11.81
C LEU B 358 -14.95 -0.06 -10.50
N LYS B 359 -15.30 0.58 -9.37
CA LYS B 359 -15.06 -0.03 -8.07
C LYS B 359 -15.94 -1.25 -7.84
N HIS B 360 -17.17 -1.24 -8.35
CA HIS B 360 -18.14 -2.30 -8.13
C HIS B 360 -18.67 -2.77 -9.48
N PRO B 361 -17.91 -3.63 -10.16
CA PRO B 361 -18.28 -4.00 -11.53
C PRO B 361 -19.58 -4.78 -11.59
N ASN B 362 -20.49 -4.32 -12.45
CA ASN B 362 -21.70 -5.06 -12.80
C ASN B 362 -22.56 -5.35 -11.56
N SER B 363 -22.78 -4.32 -10.76
CA SER B 363 -23.55 -4.43 -9.54
C SER B 363 -24.95 -3.86 -9.73
N LYS B 364 -25.91 -4.46 -9.03
CA LYS B 364 -27.27 -3.91 -9.01
C LYS B 364 -27.30 -2.51 -8.41
N THR B 365 -26.34 -2.18 -7.55
CA THR B 365 -26.27 -0.84 -6.98
C THR B 365 -25.99 0.20 -8.07
N THR B 366 -25.18 -0.17 -9.07
CA THR B 366 -24.95 0.74 -10.19
C THR B 366 -26.23 1.02 -10.95
N VAL B 367 -27.10 0.02 -11.08
CA VAL B 367 -28.40 0.23 -11.71
C VAL B 367 -29.26 1.16 -10.86
N ARG B 368 -29.28 0.94 -9.54
CA ARG B 368 -29.99 1.85 -8.66
C ARG B 368 -29.41 3.26 -8.74
N TYR B 369 -28.08 3.36 -8.83
CA TYR B 369 -27.44 4.66 -8.94
C TYR B 369 -27.68 5.29 -10.31
N LEU B 370 -27.86 4.45 -11.34
CA LEU B 370 -28.22 4.96 -12.65
C LEU B 370 -29.68 5.38 -12.73
N ASN B 371 -30.55 4.72 -11.96
CA ASN B 371 -31.98 5.05 -12.00
C ASN B 371 -32.25 6.43 -11.41
N ASP B 372 -31.47 6.86 -10.41
CA ASP B 372 -31.62 8.21 -9.89
C ASP B 372 -31.24 9.23 -10.94
N PHE B 373 -30.21 8.95 -11.74
CA PHE B 373 -29.85 9.84 -12.83
C PHE B 373 -30.92 9.85 -13.92
N LEU B 374 -31.63 8.72 -14.10
CA LEU B 374 -32.73 8.69 -15.05
C LEU B 374 -33.90 9.54 -14.56
N ARG B 375 -34.18 9.52 -13.25
CA ARG B 375 -35.23 10.36 -12.72
C ARG B 375 -34.89 11.84 -12.87
N ASN B 376 -33.62 12.19 -12.68
CA ASN B 376 -33.19 13.57 -12.89
C ASN B 376 -33.38 14.00 -14.34
N LEU B 377 -33.21 13.07 -15.28
CA LEU B 377 -33.48 13.37 -16.68
C LEU B 377 -34.97 13.62 -16.92
N PHE B 378 -35.81 12.75 -16.36
CA PHE B 378 -37.26 12.89 -16.53
C PHE B 378 -37.80 14.10 -15.77
N LYS B 379 -37.18 14.46 -14.64
CA LYS B 379 -37.64 15.60 -13.88
C LYS B 379 -37.43 16.91 -14.65
N ARG B 380 -36.36 17.00 -15.41
CA ARG B 380 -36.08 18.19 -16.20
C ARG B 380 -36.87 18.16 -17.51
N LYS B 381 -36.81 19.27 -18.23
CA LYS B 381 -37.38 19.36 -19.57
C LYS B 381 -36.57 20.35 -20.40
N THR B 382 -35.67 21.07 -19.74
CA THR B 382 -34.77 22.01 -20.40
C THR B 382 -33.34 21.64 -20.05
N ILE B 383 -32.63 21.05 -21.01
CA ILE B 383 -31.23 20.69 -20.82
C ILE B 383 -30.37 21.80 -21.41
N LYS B 384 -29.15 21.93 -20.87
CA LYS B 384 -28.27 23.04 -21.20
C LYS B 384 -27.17 22.59 -22.15
N ASP B 385 -27.00 23.34 -23.24
CA ASP B 385 -25.92 23.13 -24.20
C ASP B 385 -25.88 21.69 -24.71
N ASN B 386 -26.71 21.38 -25.70
CA ASN B 386 -26.82 20.01 -26.20
C ASN B 386 -25.59 19.55 -26.96
N GLY B 387 -24.76 20.48 -27.44
CA GLY B 387 -23.61 20.08 -28.23
C GLY B 387 -22.52 19.43 -27.41
N GLN B 388 -22.13 20.08 -26.32
CA GLN B 388 -21.00 19.59 -25.52
C GLN B 388 -21.44 18.54 -24.50
N GLN B 389 -22.30 18.94 -23.56
CA GLN B 389 -22.61 18.09 -22.41
C GLN B 389 -23.32 16.81 -22.82
N VAL B 390 -24.30 16.91 -23.72
CA VAL B 390 -25.12 15.75 -24.06
C VAL B 390 -24.29 14.70 -24.78
N ASP B 391 -23.59 15.10 -25.85
CA ASP B 391 -22.78 14.14 -26.60
C ASP B 391 -21.74 13.48 -25.71
N ALA B 392 -21.19 14.22 -24.76
CA ALA B 392 -20.26 13.61 -23.81
C ALA B 392 -20.96 12.61 -22.91
N MET B 393 -22.19 12.93 -22.48
CA MET B 393 -22.94 12.00 -21.64
C MET B 393 -23.36 10.75 -22.39
N LEU B 394 -23.62 10.87 -23.70
CA LEU B 394 -23.90 9.67 -24.50
C LEU B 394 -22.70 8.73 -24.51
N GLY B 395 -21.48 9.28 -24.46
CA GLY B 395 -20.30 8.43 -24.41
C GLY B 395 -20.03 7.85 -23.04
N ILE B 396 -20.41 8.57 -21.98
CA ILE B 396 -20.24 8.05 -20.63
C ILE B 396 -21.18 6.88 -20.38
N ILE B 397 -22.46 7.06 -20.74
CA ILE B 397 -23.43 5.99 -20.50
C ILE B 397 -23.15 4.79 -21.39
N SER B 398 -22.50 5.01 -22.54
CA SER B 398 -22.15 3.89 -23.40
C SER B 398 -20.98 3.09 -22.82
N SER B 399 -20.01 3.76 -22.21
CA SER B 399 -18.89 3.06 -21.59
C SER B 399 -19.34 2.31 -20.35
N ILE B 400 -20.34 2.83 -19.63
CA ILE B 400 -20.92 2.08 -18.52
C ILE B 400 -21.61 0.83 -19.05
N MET B 401 -22.34 0.96 -20.15
CA MET B 401 -23.03 -0.19 -20.73
C MET B 401 -22.05 -1.18 -21.34
N ALA B 402 -20.91 -0.71 -21.83
CA ALA B 402 -19.94 -1.59 -22.46
C ALA B 402 -19.22 -2.48 -21.45
N LYS B 403 -19.18 -2.07 -20.18
CA LYS B 403 -18.49 -2.83 -19.15
C LYS B 403 -19.44 -3.46 -18.13
N ASN B 404 -20.64 -2.93 -17.96
CA ASN B 404 -21.61 -3.46 -17.01
C ASN B 404 -22.84 -3.93 -17.77
N PRO B 405 -22.95 -5.23 -18.07
CA PRO B 405 -24.08 -5.71 -18.89
C PRO B 405 -25.45 -5.54 -18.23
N THR B 406 -25.55 -5.62 -16.90
CA THR B 406 -26.87 -5.56 -16.28
C THR B 406 -27.52 -4.18 -16.41
N THR B 407 -26.77 -3.16 -16.81
CA THR B 407 -27.30 -1.82 -17.00
C THR B 407 -27.93 -1.61 -18.36
N TYR B 408 -28.18 -2.67 -19.11
CA TYR B 408 -28.75 -2.53 -20.45
C TYR B 408 -30.11 -1.83 -20.45
N PRO B 409 -31.08 -2.20 -19.60
CA PRO B 409 -32.37 -1.49 -19.61
C PRO B 409 -32.24 -0.03 -19.22
N VAL B 410 -31.66 0.23 -18.04
CA VAL B 410 -31.54 1.61 -17.57
C VAL B 410 -30.54 2.39 -18.41
N GLY B 411 -29.55 1.70 -18.99
CA GLY B 411 -28.61 2.38 -19.86
C GLY B 411 -29.26 2.86 -21.14
N THR B 412 -30.06 2.00 -21.76
CA THR B 412 -30.83 2.41 -22.93
C THR B 412 -31.83 3.50 -22.56
N ALA B 413 -32.36 3.46 -21.34
CA ALA B 413 -33.22 4.52 -20.84
C ALA B 413 -32.50 5.87 -20.91
N ILE B 414 -31.33 5.95 -20.29
CA ILE B 414 -30.57 7.19 -20.27
C ILE B 414 -30.12 7.56 -21.69
N PHE B 415 -29.81 6.56 -22.51
CA PHE B 415 -29.34 6.83 -23.87
C PHE B 415 -30.44 7.48 -24.70
N SER B 416 -31.65 6.92 -24.67
CA SER B 416 -32.73 7.43 -25.51
C SER B 416 -33.30 8.74 -24.97
N LYS B 417 -33.40 8.85 -23.64
CA LYS B 417 -33.93 10.08 -23.06
C LYS B 417 -32.98 11.25 -23.30
N LEU B 418 -31.67 11.00 -23.28
CA LEU B 418 -30.72 12.04 -23.63
C LEU B 418 -30.81 12.40 -25.11
N LEU B 419 -31.09 11.41 -25.96
CA LEU B 419 -31.21 11.67 -27.39
C LEU B 419 -32.46 12.46 -27.71
N SER B 420 -33.55 12.24 -26.97
CA SER B 420 -34.75 13.05 -27.15
C SER B 420 -34.52 14.49 -26.74
N PHE B 421 -33.58 14.74 -25.83
CA PHE B 421 -33.26 16.10 -25.41
C PHE B 421 -32.41 16.82 -26.44
N LEU B 422 -31.64 16.09 -27.25
CA LEU B 422 -30.66 16.67 -28.15
C LEU B 422 -31.17 16.81 -29.57
N TYR B 423 -31.65 15.72 -30.18
CA TYR B 423 -32.04 15.71 -31.58
C TYR B 423 -33.54 15.97 -31.78
N GLY B 424 -34.27 16.32 -30.73
CA GLY B 424 -35.68 16.61 -30.85
C GLY B 424 -36.51 15.42 -31.28
N ASP B 425 -37.21 15.55 -32.41
CA ASP B 425 -38.07 14.50 -32.93
C ASP B 425 -37.53 13.90 -34.23
N ASP B 426 -36.29 14.19 -34.59
CA ASP B 426 -35.68 13.65 -35.80
C ASP B 426 -35.43 12.17 -35.60
N THR B 427 -36.32 11.33 -36.14
CA THR B 427 -36.20 9.89 -35.94
C THR B 427 -34.93 9.35 -36.60
N GLN B 428 -34.53 9.93 -37.74
CA GLN B 428 -33.33 9.47 -38.43
C GLN B 428 -32.09 9.76 -37.61
N LYS B 429 -31.97 10.98 -37.07
CA LYS B 429 -30.80 11.34 -36.29
C LYS B 429 -30.70 10.51 -35.02
N LYS B 430 -31.83 10.14 -34.42
CA LYS B 430 -31.80 9.30 -33.23
C LYS B 430 -31.42 7.86 -33.57
N LEU B 431 -32.11 7.27 -34.55
CA LEU B 431 -31.87 5.86 -34.89
C LEU B 431 -30.43 5.61 -35.31
N THR B 432 -29.83 6.57 -36.02
CA THR B 432 -28.41 6.44 -36.37
C THR B 432 -27.52 6.47 -35.13
N LYS B 433 -28.01 7.03 -34.02
CA LYS B 433 -27.22 7.04 -32.78
C LYS B 433 -27.44 5.76 -31.98
N LEU B 434 -28.66 5.24 -31.97
CA LEU B 434 -28.90 3.94 -31.32
C LEU B 434 -28.11 2.83 -32.01
N GLU B 435 -28.06 2.86 -33.35
CA GLU B 435 -27.23 1.89 -34.06
C GLU B 435 -25.75 2.15 -33.81
N GLN B 436 -25.36 3.41 -33.65
CA GLN B 436 -23.99 3.72 -33.25
C GLN B 436 -23.70 3.14 -31.87
N LEU B 437 -24.70 3.16 -30.98
CA LEU B 437 -24.56 2.49 -29.69
C LEU B 437 -24.55 0.98 -29.86
N HIS B 438 -25.42 0.45 -30.72
CA HIS B 438 -25.48 -0.99 -30.91
C HIS B 438 -24.20 -1.54 -31.54
N LYS B 439 -23.51 -0.73 -32.34
CA LYS B 439 -22.26 -1.19 -32.96
C LYS B 439 -21.16 -1.40 -31.92
N LYS B 440 -21.14 -0.58 -30.87
CA LYS B 440 -20.15 -0.75 -29.82
C LYS B 440 -20.49 -1.95 -28.93
N LEU B 441 -21.70 -1.97 -28.38
CA LEU B 441 -22.08 -3.00 -27.42
C LEU B 441 -22.18 -4.38 -28.05
N ASP B 442 -22.28 -4.47 -29.38
CA ASP B 442 -22.31 -5.77 -30.04
C ASP B 442 -20.97 -6.48 -29.99
N LYS B 443 -19.89 -5.78 -29.61
CA LYS B 443 -18.59 -6.42 -29.45
C LYS B 443 -18.58 -7.43 -28.32
N GLN B 444 -19.53 -7.34 -27.39
CA GLN B 444 -19.67 -8.33 -26.34
C GLN B 444 -20.23 -9.63 -26.93
N PRO B 445 -19.98 -10.77 -26.28
CA PRO B 445 -20.33 -12.05 -26.91
C PRO B 445 -21.82 -12.27 -27.10
N ASN B 446 -22.62 -12.15 -26.03
CA ASN B 446 -24.04 -12.49 -26.10
C ASN B 446 -24.88 -11.32 -26.62
N THR B 447 -25.14 -10.35 -25.74
CA THR B 447 -25.91 -9.14 -26.09
C THR B 447 -27.30 -9.46 -26.61
N GLU B 448 -27.93 -10.52 -26.09
CA GLU B 448 -29.32 -10.78 -26.45
C GLU B 448 -30.27 -9.87 -25.67
N MET B 449 -29.94 -9.57 -24.41
CA MET B 449 -30.78 -8.69 -23.61
C MET B 449 -30.80 -7.28 -24.18
N LEU B 450 -29.73 -6.88 -24.89
CA LEU B 450 -29.71 -5.55 -25.48
C LEU B 450 -30.72 -5.45 -26.63
N ASP B 451 -30.82 -6.49 -27.45
CA ASP B 451 -31.81 -6.50 -28.53
C ASP B 451 -33.23 -6.52 -27.98
N ILE B 452 -33.43 -7.17 -26.84
CA ILE B 452 -34.76 -7.21 -26.22
C ILE B 452 -35.16 -5.83 -25.75
N TRP B 453 -34.21 -5.02 -25.28
CA TRP B 453 -34.54 -3.70 -24.76
C TRP B 453 -34.42 -2.60 -25.80
N PHE B 454 -33.58 -2.79 -26.82
CA PHE B 454 -33.65 -1.90 -27.98
C PHE B 454 -34.98 -2.05 -28.69
N GLN B 455 -35.56 -3.25 -28.68
CA GLN B 455 -36.84 -3.48 -29.34
C GLN B 455 -37.95 -2.63 -28.71
N ARG B 456 -37.83 -2.32 -27.42
CA ARG B 456 -38.84 -1.49 -26.78
C ARG B 456 -38.65 -0.01 -27.10
N THR B 457 -37.41 0.47 -27.04
CA THR B 457 -37.15 1.88 -27.33
C THR B 457 -37.23 2.18 -28.82
N GLN B 458 -36.89 1.24 -29.68
CA GLN B 458 -36.98 1.46 -31.12
C GLN B 458 -38.40 1.37 -31.62
N ALA B 459 -39.25 0.56 -30.98
CA ALA B 459 -40.62 0.37 -31.46
C ALA B 459 -41.43 1.65 -31.42
N LYS B 460 -41.18 2.50 -30.43
CA LYS B 460 -41.94 3.74 -30.29
C LYS B 460 -41.54 4.79 -31.31
N ILE B 461 -40.34 4.69 -31.88
CA ILE B 461 -39.89 5.65 -32.88
C ILE B 461 -39.98 5.03 -34.27
N ASN B 462 -39.81 3.71 -34.35
CA ASN B 462 -39.85 3.02 -35.65
C ASN B 462 -40.34 1.60 -35.42
N LEU B 463 -41.56 1.31 -35.87
CA LEU B 463 -42.11 -0.04 -35.72
C LEU B 463 -41.33 -1.04 -36.56
N GLU B 464 -41.16 -0.75 -37.85
CA GLU B 464 -40.40 -1.55 -38.80
C GLU B 464 -41.07 -2.90 -39.08
N TRP B 465 -40.84 -3.42 -40.28
CA TRP B 465 -41.40 -4.71 -40.69
C TRP B 465 -40.34 -5.60 -41.32
N SER B 468 -35.99 -7.62 -38.65
CA SER B 468 -35.43 -8.95 -38.40
C SER B 468 -34.49 -8.93 -37.20
N TYR B 469 -34.45 -10.04 -36.48
CA TYR B 469 -33.61 -10.17 -35.29
C TYR B 469 -32.96 -11.54 -35.26
N LYS B 470 -31.79 -11.60 -34.62
CA LYS B 470 -31.10 -12.89 -34.46
C LYS B 470 -31.72 -13.70 -33.33
N SER B 471 -32.30 -13.05 -32.33
CA SER B 471 -32.99 -13.75 -31.25
C SER B 471 -34.37 -14.17 -31.72
N ALA B 472 -34.67 -15.46 -31.59
CA ALA B 472 -35.98 -15.96 -32.00
C ALA B 472 -37.10 -15.36 -31.16
N LEU B 473 -36.80 -14.97 -29.92
CA LEU B 473 -37.81 -14.35 -29.08
C LEU B 473 -38.20 -12.98 -29.63
N CYS B 474 -37.22 -12.19 -30.08
CA CYS B 474 -37.53 -10.86 -30.62
C CYS B 474 -38.35 -10.95 -31.89
N VAL B 475 -38.24 -12.06 -32.64
CA VAL B 475 -39.02 -12.21 -33.85
C VAL B 475 -40.50 -12.36 -33.53
N ARG B 476 -40.83 -13.20 -32.55
CA ARG B 476 -42.22 -13.38 -32.16
C ARG B 476 -42.79 -12.11 -31.54
N ILE B 477 -41.96 -11.39 -30.75
CA ILE B 477 -42.41 -10.13 -30.17
C ILE B 477 -42.71 -9.11 -31.25
N ASN B 478 -41.87 -9.07 -32.29
CA ASN B 478 -42.08 -8.11 -33.37
C ASN B 478 -43.32 -8.44 -34.19
N ASP B 479 -43.66 -9.73 -34.29
CA ASP B 479 -44.88 -10.12 -35.01
C ASP B 479 -46.12 -9.68 -34.26
N GLU B 480 -46.19 -9.97 -32.95
CA GLU B 480 -47.33 -9.54 -32.15
C GLU B 480 -47.35 -8.03 -31.95
N LEU B 481 -46.24 -7.35 -32.22
CA LEU B 481 -46.20 -5.90 -32.11
C LEU B 481 -46.77 -5.23 -33.34
N THR B 482 -46.43 -5.72 -34.53
CA THR B 482 -46.87 -5.14 -35.79
C THR B 482 -48.22 -5.67 -36.26
N LYS B 483 -48.90 -6.46 -35.43
CA LYS B 483 -50.24 -6.98 -35.73
C LYS B 483 -50.24 -7.83 -37.00
N GLU B 484 -49.13 -8.51 -37.28
CA GLU B 484 -49.08 -9.41 -38.43
C GLU B 484 -49.96 -10.63 -38.18
N LYS B 485 -50.48 -11.19 -39.27
CA LYS B 485 -51.35 -12.36 -39.15
C LYS B 485 -50.60 -13.61 -38.69
N THR B 486 -49.29 -13.67 -38.92
CA THR B 486 -48.48 -14.83 -38.60
C THR B 486 -47.59 -14.51 -37.41
N PHE B 487 -47.79 -15.25 -36.32
CA PHE B 487 -46.92 -15.16 -35.15
C PHE B 487 -45.96 -16.34 -35.16
N SER B 488 -44.66 -16.05 -35.09
CA SER B 488 -43.64 -17.09 -35.23
C SER B 488 -43.48 -17.86 -33.91
N VAL B 489 -43.40 -19.18 -34.03
CA VAL B 489 -43.22 -20.07 -32.89
C VAL B 489 -42.33 -21.23 -33.31
N ASN B 490 -41.80 -21.15 -34.53
CA ASN B 490 -41.01 -22.25 -35.08
C ASN B 490 -39.70 -22.44 -34.31
N ASN B 491 -39.02 -21.35 -33.98
CA ASN B 491 -37.73 -21.42 -33.31
C ASN B 491 -37.79 -21.13 -31.82
N LEU B 492 -38.94 -20.67 -31.32
CA LEU B 492 -39.01 -20.22 -29.93
C LEU B 492 -39.21 -21.39 -28.98
N TRP B 493 -39.97 -22.41 -29.38
CA TRP B 493 -40.19 -23.58 -28.54
C TRP B 493 -40.31 -24.82 -29.43
N ASN B 494 -39.77 -25.94 -28.96
CA ASN B 494 -39.80 -27.19 -29.69
C ASN B 494 -40.98 -28.04 -29.22
N ILE B 495 -41.69 -28.63 -30.17
CA ILE B 495 -42.86 -29.46 -29.87
C ILE B 495 -42.72 -30.81 -30.56
N ASP B 496 -41.48 -31.20 -30.89
CA ASP B 496 -41.26 -32.49 -31.52
C ASP B 496 -41.68 -33.66 -30.62
N TRP B 497 -41.71 -33.43 -29.30
CA TRP B 497 -42.15 -34.46 -28.36
C TRP B 497 -43.65 -34.65 -28.34
N ILE B 498 -44.41 -33.83 -29.05
CA ILE B 498 -45.86 -33.99 -29.13
C ILE B 498 -46.21 -34.91 -30.29
N LYS B 501 -48.46 -36.17 -37.54
CA LYS B 501 -47.47 -35.13 -37.80
C LYS B 501 -48.02 -33.75 -37.43
N GLU B 502 -47.67 -32.74 -38.23
CA GLU B 502 -48.17 -31.40 -37.99
C GLU B 502 -49.67 -31.31 -38.31
N THR B 503 -50.13 -32.10 -39.28
CA THR B 503 -51.55 -32.12 -39.64
C THR B 503 -52.29 -33.19 -38.83
N SER B 504 -52.22 -33.04 -37.51
CA SER B 504 -52.87 -33.90 -36.55
C SER B 504 -53.73 -33.06 -35.63
N PRO B 505 -54.78 -33.65 -35.04
CA PRO B 505 -55.72 -32.81 -34.24
C PRO B 505 -55.07 -32.13 -33.05
N ASN B 506 -54.27 -32.84 -32.26
CA ASN B 506 -53.72 -32.24 -31.05
C ASN B 506 -52.61 -31.25 -31.36
N LYS B 507 -51.75 -31.57 -32.33
CA LYS B 507 -50.63 -30.68 -32.63
C LYS B 507 -51.09 -29.41 -33.34
N ALA B 508 -52.04 -29.54 -34.28
CA ALA B 508 -52.55 -28.36 -34.95
C ALA B 508 -53.35 -27.47 -34.01
N LYS B 509 -54.06 -28.06 -33.05
CA LYS B 509 -54.75 -27.26 -32.04
C LYS B 509 -53.75 -26.56 -31.12
N ILE B 510 -52.60 -27.18 -30.87
CA ILE B 510 -51.56 -26.53 -30.09
C ILE B 510 -50.96 -25.36 -30.88
N LEU B 511 -50.65 -25.58 -32.15
CA LEU B 511 -50.12 -24.51 -32.98
C LEU B 511 -51.13 -23.38 -33.14
N SER B 512 -52.41 -23.71 -33.31
CA SER B 512 -53.44 -22.69 -33.36
C SER B 512 -53.58 -21.95 -32.04
N LEU B 513 -53.20 -22.58 -30.92
CA LEU B 513 -53.20 -21.90 -29.63
C LEU B 513 -51.90 -21.15 -29.37
N LEU B 514 -50.79 -21.60 -29.96
CA LEU B 514 -49.50 -20.93 -29.79
C LEU B 514 -49.27 -19.84 -30.82
N ARG B 515 -49.99 -19.87 -31.95
CA ARG B 515 -49.83 -18.83 -32.97
C ARG B 515 -50.84 -17.70 -32.81
N LYS B 516 -52.09 -18.02 -32.44
CA LYS B 516 -53.16 -17.04 -32.41
C LYS B 516 -53.25 -16.28 -31.09
N THR B 517 -52.42 -16.62 -30.10
CA THR B 517 -52.45 -15.97 -28.79
C THR B 517 -51.23 -15.07 -28.68
N LYS B 518 -51.47 -13.76 -28.70
CA LYS B 518 -50.38 -12.79 -28.64
C LYS B 518 -49.84 -12.70 -27.22
N ILE B 519 -48.54 -12.95 -27.07
CA ILE B 519 -47.88 -12.74 -25.78
C ILE B 519 -47.54 -11.28 -25.53
N VAL B 520 -47.61 -10.45 -26.57
CA VAL B 520 -47.35 -9.02 -26.46
C VAL B 520 -48.70 -8.32 -26.29
N ASP B 521 -48.96 -7.85 -25.07
CA ASP B 521 -50.17 -7.09 -24.79
C ASP B 521 -50.07 -5.74 -25.48
N THR B 522 -50.74 -5.62 -26.64
CA THR B 522 -50.60 -4.41 -27.45
C THR B 522 -51.26 -3.21 -26.79
N ASP B 523 -52.34 -3.43 -26.04
CA ASP B 523 -53.02 -2.32 -25.38
C ASP B 523 -52.14 -1.69 -24.30
N LYS B 524 -51.22 -2.47 -23.72
CA LYS B 524 -50.29 -1.92 -22.76
C LYS B 524 -49.19 -1.12 -23.44
N PHE B 525 -48.71 -1.61 -24.59
CA PHE B 525 -47.67 -0.90 -25.33
C PHE B 525 -48.18 0.44 -25.85
N ASP B 526 -49.42 0.47 -26.34
CA ASP B 526 -49.99 1.69 -26.89
C ASP B 526 -50.21 2.77 -25.84
N LYS B 527 -50.15 2.42 -24.55
CA LYS B 527 -50.35 3.37 -23.46
C LYS B 527 -49.08 3.53 -22.63
N MET B 528 -47.91 3.29 -23.22
CA MET B 528 -46.64 3.42 -22.55
C MET B 528 -45.84 4.59 -23.13
N ASP B 529 -44.91 5.09 -22.33
CA ASP B 529 -44.06 6.18 -22.76
C ASP B 529 -43.09 5.71 -23.84
N ASP B 530 -42.64 6.66 -24.67
CA ASP B 530 -41.72 6.31 -25.75
C ASP B 530 -40.38 5.86 -25.20
N ASN B 531 -39.87 6.52 -24.16
CA ASN B 531 -38.64 6.13 -23.53
C ASN B 531 -38.93 5.22 -22.33
N ILE B 532 -37.87 4.56 -21.84
CA ILE B 532 -37.98 3.81 -20.60
C ILE B 532 -38.32 4.78 -19.47
N THR B 533 -39.38 4.48 -18.75
CA THR B 533 -39.69 5.30 -17.59
C THR B 533 -38.85 4.85 -16.39
N PRO B 534 -38.58 5.75 -15.46
CA PRO B 534 -37.89 5.34 -14.23
C PRO B 534 -38.63 4.26 -13.45
N GLU B 535 -39.93 4.09 -13.68
CA GLU B 535 -40.72 3.09 -12.98
C GLU B 535 -40.70 1.73 -13.65
N GLU B 536 -40.29 1.64 -14.92
CA GLU B 536 -40.21 0.35 -15.59
C GLU B 536 -38.97 -0.43 -15.14
N VAL B 537 -37.82 0.24 -15.06
CA VAL B 537 -36.62 -0.41 -14.55
C VAL B 537 -36.68 -0.55 -13.03
N ASN B 538 -37.54 0.22 -12.36
CA ASN B 538 -37.67 0.14 -10.91
C ASN B 538 -38.32 -1.17 -10.45
N LEU B 539 -38.94 -1.93 -11.36
CA LEU B 539 -39.52 -3.21 -11.00
C LEU B 539 -38.47 -4.21 -10.55
N PHE B 540 -37.22 -4.03 -10.97
CA PHE B 540 -36.15 -4.99 -10.72
C PHE B 540 -35.39 -4.70 -9.44
N PHE B 541 -35.99 -3.95 -8.51
CA PHE B 541 -35.35 -3.52 -7.28
C PHE B 541 -34.06 -2.75 -7.57
N MET C 32 47.24 8.44 -11.17
CA MET C 32 47.83 9.03 -12.38
C MET C 32 47.65 10.54 -12.39
N LYS C 33 48.20 11.19 -13.42
CA LYS C 33 48.14 12.64 -13.52
C LYS C 33 46.79 13.09 -14.06
N LYS C 34 46.36 14.26 -13.62
CA LYS C 34 45.12 14.85 -14.09
C LYS C 34 45.31 15.46 -15.47
N VAL C 35 44.21 15.96 -16.05
CA VAL C 35 44.29 16.53 -17.39
C VAL C 35 44.97 17.88 -17.37
N TYR C 36 44.94 18.58 -16.23
CA TYR C 36 45.60 19.88 -16.11
C TYR C 36 47.03 19.76 -15.61
N GLU C 37 47.49 18.56 -15.27
CA GLU C 37 48.87 18.32 -14.86
C GLU C 37 49.75 17.89 -16.02
N LEU C 38 49.37 18.22 -17.25
CA LEU C 38 50.10 17.81 -18.44
C LEU C 38 50.57 19.03 -19.22
N THR C 39 51.77 18.94 -19.78
CA THR C 39 52.28 20.01 -20.63
C THR C 39 51.62 19.96 -22.00
N SER C 40 51.88 21.01 -22.79
CA SER C 40 51.24 21.12 -24.10
C SER C 40 51.60 19.96 -25.01
N GLU C 41 52.85 19.47 -24.92
CA GLU C 41 53.28 18.39 -25.79
C GLU C 41 52.53 17.09 -25.50
N GLU C 42 52.17 16.85 -24.24
CA GLU C 42 51.45 15.65 -23.85
C GLU C 42 49.98 15.90 -23.58
N ALA C 43 49.53 17.15 -23.60
CA ALA C 43 48.10 17.42 -23.53
C ALA C 43 47.43 17.19 -24.88
N LEU C 44 48.09 17.59 -25.97
CA LEU C 44 47.59 17.25 -27.29
C LEU C 44 47.72 15.75 -27.57
N SER C 45 48.66 15.09 -26.90
CA SER C 45 48.76 13.63 -27.03
C SER C 45 47.61 12.93 -26.34
N TYR C 46 47.23 13.41 -25.15
CA TYR C 46 46.08 12.84 -24.45
C TYR C 46 44.79 13.10 -25.22
N PHE C 47 44.62 14.31 -25.75
CA PHE C 47 43.39 14.66 -26.45
C PHE C 47 43.23 13.90 -27.76
N LEU C 48 44.31 13.37 -28.32
CA LEU C 48 44.27 12.64 -29.59
C LEU C 48 44.24 11.12 -29.38
N ARG C 49 43.72 10.66 -28.26
CA ARG C 49 43.52 9.24 -28.01
C ARG C 49 42.10 8.83 -28.40
N HIS C 50 41.95 7.54 -28.70
CA HIS C 50 40.63 7.03 -29.10
C HIS C 50 39.64 7.15 -27.95
N ASP C 51 40.08 6.85 -26.72
CA ASP C 51 39.23 7.08 -25.56
C ASP C 51 38.90 8.55 -25.38
N SER C 52 39.82 9.43 -25.78
CA SER C 52 39.58 10.87 -25.67
C SER C 52 38.65 11.37 -26.75
N TYR C 53 38.74 10.81 -27.96
CA TYR C 53 37.92 11.26 -29.07
C TYR C 53 36.44 10.94 -28.82
N THR C 54 36.13 9.69 -28.48
CA THR C 54 34.76 9.28 -28.25
C THR C 54 34.71 8.41 -27.00
N THR C 55 33.54 8.39 -26.37
CA THR C 55 33.27 7.56 -25.20
C THR C 55 32.16 6.56 -25.47
N LEU C 56 31.80 6.35 -26.73
CA LEU C 56 30.76 5.39 -27.08
C LEU C 56 31.16 3.98 -26.67
N GLU C 57 30.15 3.11 -26.59
CA GLU C 57 30.39 1.69 -26.34
C GLU C 57 30.79 1.00 -27.63
N LEU C 58 31.82 1.53 -28.30
CA LEU C 58 32.31 0.97 -29.54
C LEU C 58 33.18 -0.26 -29.28
N PRO C 59 33.17 -1.23 -30.19
CA PRO C 59 34.03 -2.41 -30.01
C PRO C 59 35.50 -2.04 -30.04
N ALA C 60 36.34 -3.02 -29.72
CA ALA C 60 37.76 -2.77 -29.54
C ALA C 60 38.55 -2.74 -30.85
N TYR C 61 37.94 -3.08 -31.98
CA TYR C 61 38.63 -3.07 -33.25
C TYR C 61 38.38 -1.77 -34.03
N ILE C 62 38.04 -0.69 -33.35
CA ILE C 62 37.91 0.63 -33.97
C ILE C 62 38.65 1.63 -33.06
N ASN C 63 39.89 1.95 -33.41
CA ASN C 63 40.71 2.88 -32.66
C ASN C 63 40.98 4.10 -33.54
N PHE C 64 40.46 5.25 -33.15
CA PHE C 64 40.64 6.49 -33.88
C PHE C 64 42.02 7.11 -33.63
N THR C 65 42.96 6.36 -33.07
CA THR C 65 44.26 6.92 -32.73
C THR C 65 45.11 7.17 -33.99
N THR C 66 45.10 6.23 -34.93
CA THR C 66 45.95 6.36 -36.11
C THR C 66 45.48 7.50 -37.02
N LEU C 67 44.17 7.75 -37.09
CA LEU C 67 43.66 8.80 -37.96
C LEU C 67 43.90 10.18 -37.36
N LEU C 68 43.60 10.35 -36.07
CA LEU C 68 43.71 11.66 -35.45
C LEU C 68 45.15 12.08 -35.26
N ASN C 69 46.06 11.13 -35.02
CA ASN C 69 47.45 11.47 -34.82
C ASN C 69 48.19 11.73 -36.13
N ASP C 70 47.71 11.19 -37.25
CA ASP C 70 48.35 11.43 -38.53
C ASP C 70 47.88 12.76 -39.14
N ILE C 71 46.62 13.12 -38.94
CA ILE C 71 46.13 14.42 -39.39
C ILE C 71 46.71 15.54 -38.53
N ASN C 72 47.15 15.22 -37.31
CA ASN C 72 47.89 16.20 -36.51
C ASN C 72 49.22 16.53 -37.16
N SER C 73 49.93 15.52 -37.66
CA SER C 73 51.22 15.76 -38.30
C SER C 73 51.07 16.54 -39.61
N SER C 74 49.96 16.34 -40.32
CA SER C 74 49.74 17.08 -41.56
C SER C 74 49.67 18.58 -41.29
N ILE C 75 49.00 18.97 -40.21
CA ILE C 75 48.98 20.39 -39.84
C ILE C 75 50.32 20.81 -39.27
N HIS C 76 51.03 19.89 -38.62
CA HIS C 76 52.30 20.22 -37.99
C HIS C 76 53.37 20.55 -39.03
N ASN C 77 53.48 19.71 -40.06
CA ASN C 77 54.49 19.90 -41.10
C ASN C 77 53.95 20.63 -42.32
N LYS C 78 52.87 21.40 -42.16
CA LYS C 78 52.34 22.27 -43.21
C LYS C 78 51.90 21.50 -44.45
N LYS C 79 51.51 20.24 -44.28
CA LYS C 79 50.99 19.48 -45.41
C LYS C 79 49.60 19.96 -45.79
N ILE C 80 48.73 20.17 -44.80
CA ILE C 80 47.39 20.67 -45.01
C ILE C 80 47.18 21.90 -44.13
N LYS C 81 46.17 22.68 -44.49
CA LYS C 81 45.81 23.89 -43.76
C LYS C 81 44.35 23.80 -43.34
N ILE C 82 44.11 23.91 -42.04
CA ILE C 82 42.77 23.81 -41.47
C ILE C 82 42.54 25.06 -40.62
N GLU C 83 41.82 26.02 -41.16
CA GLU C 83 41.44 27.23 -40.44
C GLU C 83 40.00 27.58 -40.81
N PRO C 84 39.04 27.26 -39.94
CA PRO C 84 37.63 27.47 -40.29
C PRO C 84 37.21 28.93 -40.10
N THR C 85 36.01 29.23 -40.58
CA THR C 85 35.43 30.56 -40.52
C THR C 85 33.94 30.42 -40.22
N ALA C 86 33.42 31.34 -39.40
CA ALA C 86 32.00 31.30 -39.05
C ALA C 86 31.12 31.38 -40.29
N LYS C 87 31.51 32.19 -41.27
CA LYS C 87 30.75 32.27 -42.51
C LYS C 87 30.93 31.03 -43.37
N GLU C 88 32.12 30.42 -43.33
CA GLU C 88 32.37 29.23 -44.14
C GLU C 88 31.62 28.01 -43.62
N LEU C 89 31.37 27.95 -42.31
CA LEU C 89 30.85 26.75 -41.68
C LEU C 89 29.38 26.85 -41.28
N MET C 90 28.79 28.04 -41.30
CA MET C 90 27.40 28.18 -40.87
C MET C 90 26.46 27.48 -41.84
N GLY C 91 25.64 26.58 -41.30
CA GLY C 91 24.67 25.85 -42.09
C GLY C 91 25.06 24.45 -42.49
N LYS C 92 26.13 23.90 -41.92
CA LYS C 92 26.62 22.58 -42.28
C LYS C 92 26.66 21.69 -41.04
N ASP C 93 26.12 20.47 -41.17
CA ASP C 93 26.22 19.46 -40.13
C ASP C 93 27.57 18.78 -40.26
N ILE C 94 28.53 19.19 -39.44
CA ILE C 94 29.91 18.79 -39.64
C ILE C 94 30.22 17.44 -39.00
N ASN C 95 29.54 17.11 -37.91
CA ASN C 95 29.89 15.94 -37.11
C ASN C 95 28.94 14.77 -37.38
N TYR C 96 29.38 13.59 -36.97
CA TYR C 96 28.57 12.37 -37.03
C TYR C 96 27.93 12.13 -35.68
N GLU C 97 26.66 11.71 -35.69
CA GLU C 97 25.89 11.57 -34.46
C GLU C 97 25.39 10.14 -34.31
N VAL C 98 25.56 9.58 -33.11
CA VAL C 98 25.03 8.28 -32.74
C VAL C 98 24.13 8.47 -31.55
N LEU C 99 22.94 7.86 -31.60
CA LEU C 99 21.93 8.05 -30.57
C LEU C 99 21.92 6.86 -29.61
N VAL C 100 22.13 7.13 -28.33
CA VAL C 100 22.01 6.14 -27.27
C VAL C 100 20.83 6.52 -26.39
N SER C 101 19.91 5.58 -26.19
CA SER C 101 18.65 5.88 -25.52
C SER C 101 18.83 6.23 -24.04
N LYS C 102 19.96 5.83 -23.43
CA LYS C 102 20.27 6.14 -22.04
C LYS C 102 19.28 5.50 -21.07
N ASP C 103 18.01 5.88 -21.16
CA ASP C 103 17.00 5.34 -20.25
C ASP C 103 15.66 5.35 -20.94
N GLY C 104 15.03 4.17 -21.03
CA GLY C 104 13.74 4.05 -21.67
C GLY C 104 13.73 3.04 -22.81
N SER C 107 12.88 9.43 -25.46
CA SER C 107 13.96 9.71 -24.52
C SER C 107 15.25 9.01 -24.94
N TRP C 108 16.04 9.71 -25.76
CA TRP C 108 17.30 9.16 -26.27
C TRP C 108 18.33 10.27 -26.36
N ARG C 109 19.53 10.01 -25.83
CA ARG C 109 20.61 10.99 -25.91
C ARG C 109 21.24 10.96 -27.30
N ARG C 110 22.17 11.90 -27.52
CA ARG C 110 22.84 12.03 -28.81
C ARG C 110 24.33 12.26 -28.55
N ILE C 111 25.12 11.20 -28.69
CA ILE C 111 26.57 11.32 -28.61
C ILE C 111 27.11 11.74 -29.97
N THR C 112 28.05 12.67 -29.96
CA THR C 112 28.57 13.28 -31.19
C THR C 112 29.96 12.73 -31.48
N LEU C 113 30.12 12.17 -32.68
CA LEU C 113 31.44 11.84 -33.22
C LEU C 113 31.95 13.10 -33.92
N ILE C 114 32.71 13.91 -33.18
CA ILE C 114 33.15 15.20 -33.69
C ILE C 114 34.01 15.00 -34.94
N ASN C 115 33.86 15.90 -35.90
CA ASN C 115 34.60 15.86 -37.15
C ASN C 115 36.10 15.80 -36.86
N PRO C 116 36.83 14.80 -37.38
CA PRO C 116 38.25 14.66 -37.04
C PRO C 116 39.09 15.84 -37.48
N LEU C 117 38.77 16.46 -38.62
CA LEU C 117 39.51 17.64 -39.06
C LEU C 117 39.33 18.79 -38.07
N TYR C 118 38.07 19.08 -37.71
CA TYR C 118 37.82 20.17 -36.77
C TYR C 118 38.30 19.83 -35.37
N TYR C 119 38.32 18.55 -35.01
CA TYR C 119 38.73 18.15 -33.67
C TYR C 119 40.20 18.48 -33.43
N VAL C 120 41.08 18.04 -34.32
CA VAL C 120 42.51 18.24 -34.13
C VAL C 120 42.87 19.73 -34.20
N TYR C 121 42.18 20.49 -35.06
CA TYR C 121 42.37 21.94 -35.05
C TYR C 121 41.96 22.53 -33.71
N PHE C 122 40.84 22.07 -33.15
CA PHE C 122 40.30 22.62 -31.92
C PHE C 122 41.06 22.15 -30.69
N CYS C 123 41.78 21.02 -30.79
CA CYS C 123 42.64 20.60 -29.69
C CYS C 123 44.00 21.28 -29.75
N ARG C 124 44.53 21.53 -30.95
CA ARG C 124 45.80 22.22 -31.08
C ARG C 124 45.70 23.67 -30.61
N LYS C 125 44.56 24.32 -30.87
CA LYS C 125 44.38 25.69 -30.41
C LYS C 125 44.22 25.76 -28.91
N ILE C 126 43.61 24.74 -28.30
CA ILE C 126 43.47 24.71 -26.85
C ILE C 126 44.81 24.41 -26.19
N THR C 127 45.52 23.41 -26.71
CA THR C 127 46.82 23.03 -26.15
C THR C 127 47.93 24.02 -26.50
N ALA C 128 47.61 25.12 -27.17
CA ALA C 128 48.61 26.14 -27.42
C ALA C 128 49.11 26.72 -26.09
N PRO C 129 50.43 26.78 -25.87
CA PRO C 129 50.92 27.23 -24.56
C PRO C 129 50.50 28.64 -24.19
N ALA C 130 50.15 29.48 -25.17
CA ALA C 130 49.63 30.80 -24.86
C ALA C 130 48.28 30.75 -24.15
N THR C 131 47.54 29.66 -24.30
CA THR C 131 46.27 29.48 -23.62
C THR C 131 46.25 28.29 -22.67
N TRP C 132 47.04 27.25 -22.93
CA TRP C 132 47.05 26.09 -22.03
C TRP C 132 47.64 26.44 -20.68
N GLU C 133 48.52 27.44 -20.62
CA GLU C 133 49.07 27.87 -19.33
C GLU C 133 48.03 28.56 -18.48
N ILE C 134 47.06 29.24 -19.10
CA ILE C 134 46.03 29.96 -18.36
C ILE C 134 44.71 29.21 -18.32
N ILE C 135 44.62 28.04 -18.94
CA ILE C 135 43.50 27.14 -18.72
C ILE C 135 43.77 26.21 -17.54
N THR C 136 44.97 25.64 -17.49
CA THR C 136 45.35 24.83 -16.33
C THR C 136 45.47 25.68 -15.07
N GLU C 137 45.82 26.97 -15.22
CA GLU C 137 45.87 27.86 -14.07
C GLU C 137 44.48 28.03 -13.45
N LYS C 138 43.44 28.08 -14.29
CA LYS C 138 42.08 28.11 -13.78
C LYS C 138 41.71 26.79 -13.11
N PHE C 139 42.27 25.67 -13.57
CA PHE C 139 42.06 24.40 -12.91
C PHE C 139 42.78 24.34 -11.57
N LYS C 140 43.96 24.96 -11.47
CA LYS C 140 44.68 24.97 -10.20
C LYS C 140 43.95 25.79 -9.16
N SER C 141 43.26 26.86 -9.56
CA SER C 141 42.47 27.64 -8.62
C SER C 141 41.32 26.83 -8.05
N PHE C 142 40.85 25.82 -8.80
CA PHE C 142 39.83 24.92 -8.26
C PHE C 142 40.39 24.04 -7.15
N GLU C 143 41.69 23.75 -7.19
CA GLU C 143 42.30 22.94 -6.15
C GLU C 143 42.39 23.69 -4.83
N SER C 144 42.57 25.01 -4.89
CA SER C 144 42.63 25.81 -3.67
C SER C 144 41.27 25.90 -2.98
N ASN C 145 40.17 25.67 -3.71
CA ASN C 145 38.85 25.62 -3.10
C ASN C 145 38.75 24.37 -2.23
N ASP C 146 39.06 24.51 -0.94
CA ASP C 146 39.21 23.35 -0.07
C ASP C 146 37.88 22.68 0.24
N LEU C 147 36.80 23.46 0.36
CA LEU C 147 35.53 22.88 0.78
C LEU C 147 34.92 22.00 -0.31
N PHE C 148 35.23 22.26 -1.58
CA PHE C 148 34.67 21.51 -2.69
C PHE C 148 35.63 20.41 -3.11
N THR C 149 35.11 19.19 -3.24
CA THR C 149 35.90 18.03 -3.65
C THR C 149 35.30 17.44 -4.90
N CYS C 150 36.06 17.44 -5.99
CA CYS C 150 35.63 16.90 -7.27
C CYS C 150 36.42 15.63 -7.58
N SER C 151 35.77 14.73 -8.32
CA SER C 151 36.39 13.49 -8.76
C SER C 151 36.12 13.17 -10.22
N SER C 152 35.52 14.11 -10.96
CA SER C 152 35.16 13.90 -12.36
C SER C 152 36.13 14.58 -13.31
N ILE C 153 37.32 14.93 -12.84
CA ILE C 153 38.33 15.51 -13.74
C ILE C 153 38.92 14.41 -14.62
N PRO C 154 39.18 14.67 -15.90
CA PRO C 154 39.80 13.65 -16.75
C PRO C 154 41.19 13.28 -16.24
N VAL C 155 41.52 11.99 -16.34
CA VAL C 155 42.78 11.46 -15.86
C VAL C 155 43.45 10.69 -17.00
N ARG C 156 44.74 10.92 -17.19
CA ARG C 156 45.52 10.19 -18.20
C ARG C 156 45.74 8.77 -17.70
N LYS C 157 44.96 7.83 -18.23
CA LYS C 157 45.02 6.44 -17.80
C LYS C 157 46.26 5.77 -18.41
N ASP C 158 46.33 4.45 -18.27
CA ASP C 158 47.46 3.66 -18.74
C ASP C 158 46.99 2.71 -19.85
N ASN C 159 47.88 1.81 -20.25
CA ASN C 159 47.58 0.83 -21.28
C ASN C 159 46.97 -0.44 -20.68
N TRP C 170 33.98 -1.82 -8.32
CA TRP C 170 33.65 -2.16 -6.95
C TRP C 170 32.79 -1.08 -6.30
N TRP C 171 33.44 -0.09 -5.69
CA TRP C 171 32.76 1.03 -5.05
C TRP C 171 33.33 2.32 -5.60
N GLU C 172 32.46 3.16 -6.16
CA GLU C 172 32.89 4.41 -6.77
C GLU C 172 33.37 5.39 -5.72
N ASP C 173 34.30 6.26 -6.13
CA ASP C 173 34.83 7.26 -5.20
C ASP C 173 33.77 8.29 -4.81
N PHE C 174 32.81 8.56 -5.69
CA PHE C 174 31.74 9.48 -5.37
C PHE C 174 30.91 8.96 -4.19
N GLU C 175 30.74 7.65 -4.09
CA GLU C 175 30.00 7.05 -2.99
C GLU C 175 30.88 6.81 -1.77
N GLN C 176 32.10 6.32 -1.98
CA GLN C 176 33.00 6.05 -0.85
C GLN C 176 33.36 7.32 -0.10
N LYS C 177 33.45 8.46 -0.80
CA LYS C 177 33.74 9.71 -0.14
C LYS C 177 32.55 10.20 0.67
N SER C 178 31.34 10.03 0.14
CA SER C 178 30.14 10.44 0.86
C SER C 178 29.86 9.52 2.04
N LEU C 179 30.21 8.24 1.94
CA LEU C 179 30.01 7.33 3.05
C LEU C 179 30.91 7.69 4.23
N ALA C 180 32.15 8.10 3.94
CA ALA C 180 33.09 8.45 5.00
C ALA C 180 32.72 9.76 5.69
N LEU C 181 31.92 10.61 5.04
CA LEU C 181 31.57 11.91 5.62
C LEU C 181 30.45 11.83 6.65
N ALA C 182 29.83 10.66 6.83
CA ALA C 182 28.85 10.51 7.88
C ALA C 182 29.47 10.65 9.26
N LEU C 183 30.78 10.40 9.37
CA LEU C 183 31.47 10.62 10.64
C LEU C 183 31.51 12.09 11.01
N GLU C 184 31.66 12.97 10.02
CA GLU C 184 31.78 14.39 10.27
C GLU C 184 30.43 15.10 10.29
N TYR C 185 29.60 14.87 9.29
CA TYR C 185 28.32 15.55 9.15
C TYR C 185 27.17 14.55 9.24
N GLU C 186 25.96 15.07 9.36
CA GLU C 186 24.77 14.25 9.51
C GLU C 186 23.74 14.44 8.40
N PHE C 187 23.60 15.65 7.85
CA PHE C 187 22.64 15.91 6.79
C PHE C 187 23.35 15.93 5.43
N MET C 188 22.58 15.66 4.39
CA MET C 188 23.09 15.63 3.03
C MET C 188 22.06 16.25 2.09
N PHE C 189 22.56 17.06 1.15
CA PHE C 189 21.72 17.69 0.12
C PHE C 189 22.23 17.23 -1.24
N SER C 190 21.41 16.46 -1.95
CA SER C 190 21.82 15.82 -3.20
C SER C 190 20.90 16.28 -4.33
N THR C 191 21.48 16.90 -5.37
CA THR C 191 20.74 17.33 -6.55
C THR C 191 21.58 17.03 -7.79
N ASP C 192 20.97 17.29 -8.95
CA ASP C 192 21.63 17.20 -10.24
C ASP C 192 21.32 18.48 -11.03
N ILE C 193 22.05 18.68 -12.11
CA ILE C 193 21.77 19.74 -13.07
C ILE C 193 20.97 19.13 -14.21
N SER C 194 19.76 19.64 -14.44
CA SER C 194 18.87 19.07 -15.45
C SER C 194 19.35 19.46 -16.84
N ASN C 195 19.73 18.46 -17.64
CA ASN C 195 20.19 18.65 -19.01
C ASN C 195 21.37 19.64 -19.04
N PHE C 196 22.41 19.30 -18.29
CA PHE C 196 23.55 20.20 -18.15
C PHE C 196 24.23 20.42 -19.51
N TYR C 197 24.71 19.35 -20.13
CA TYR C 197 25.38 19.47 -21.42
C TYR C 197 24.49 20.10 -22.49
N PRO C 198 23.25 19.64 -22.73
CA PRO C 198 22.46 20.23 -23.81
C PRO C 198 22.02 21.66 -23.57
N SER C 199 22.17 22.19 -22.34
CA SER C 199 21.68 23.53 -22.03
C SER C 199 22.74 24.43 -21.43
N ILE C 200 24.02 24.17 -21.70
CA ILE C 200 25.08 25.10 -21.30
C ILE C 200 25.04 26.30 -22.23
N TYR C 201 24.88 27.50 -21.65
CA TYR C 201 24.96 28.72 -22.44
C TYR C 201 26.39 28.89 -22.93
N THR C 202 26.55 28.96 -24.25
CA THR C 202 27.89 28.88 -24.86
C THR C 202 28.77 30.04 -24.42
N HIS C 203 28.20 31.25 -24.30
CA HIS C 203 28.98 32.42 -23.94
C HIS C 203 29.40 32.41 -22.47
N SER C 204 28.95 31.44 -21.67
CA SER C 204 29.36 31.38 -20.27
C SER C 204 30.82 30.98 -20.11
N PHE C 205 31.43 30.42 -21.15
CA PHE C 205 32.84 30.03 -21.06
C PHE C 205 33.74 31.24 -20.89
N GLU C 206 33.30 32.42 -21.34
CA GLU C 206 34.06 33.64 -21.11
C GLU C 206 33.91 34.15 -19.70
N TRP C 207 32.89 33.69 -18.96
CA TRP C 207 32.64 34.14 -17.61
C TRP C 207 33.47 33.42 -16.56
N VAL C 208 34.23 32.40 -16.95
CA VAL C 208 35.05 31.66 -16.00
C VAL C 208 36.45 32.27 -15.97
N PHE C 209 36.63 33.38 -16.67
CA PHE C 209 37.91 34.08 -16.69
C PHE C 209 37.73 35.55 -16.34
N ILE C 210 36.81 36.24 -17.02
CA ILE C 210 36.50 37.64 -16.78
C ILE C 210 34.99 37.79 -16.67
N SER C 211 34.56 38.65 -15.75
CA SER C 211 33.12 38.84 -15.52
C SER C 211 32.53 39.84 -16.51
N LYS C 212 33.03 41.05 -16.53
CA LYS C 212 32.49 42.09 -17.39
C LYS C 212 32.76 41.77 -18.85
N GLU C 213 31.73 41.87 -19.69
CA GLU C 213 31.82 41.56 -21.11
C GLU C 213 31.53 42.81 -21.93
N GLU C 214 32.29 43.00 -23.00
CA GLU C 214 32.12 44.14 -23.89
C GLU C 214 32.65 43.74 -25.26
N ALA C 215 32.98 44.73 -26.09
CA ALA C 215 33.51 44.48 -27.42
C ALA C 215 35.03 44.56 -27.43
N ASN C 223 41.39 35.87 -24.28
CA ASN C 223 40.86 35.00 -23.23
C ASN C 223 40.46 33.64 -23.78
N PRO C 224 40.72 32.57 -23.02
CA PRO C 224 40.34 31.23 -23.47
C PRO C 224 38.83 31.03 -23.58
N GLY C 225 38.04 31.88 -22.92
CA GLY C 225 36.59 31.73 -23.00
C GLY C 225 36.05 32.01 -24.38
N GLY C 226 36.49 33.12 -24.98
CA GLY C 226 36.09 33.42 -26.35
C GLY C 226 36.65 32.43 -27.35
N LEU C 227 37.80 31.82 -27.05
CA LEU C 227 38.34 30.79 -27.92
C LEU C 227 37.44 29.56 -27.93
N ILE C 228 36.84 29.22 -26.79
CA ILE C 228 35.96 28.07 -26.70
C ILE C 228 34.54 28.42 -27.14
N ASP C 229 34.08 29.65 -26.84
CA ASP C 229 32.73 30.05 -27.23
C ASP C 229 32.60 30.19 -28.75
N SER C 230 33.65 30.65 -29.43
CA SER C 230 33.56 30.89 -30.86
C SER C 230 33.68 29.61 -31.67
N HIS C 231 34.53 28.68 -31.23
CA HIS C 231 34.77 27.48 -32.02
C HIS C 231 33.72 26.40 -31.79
N ILE C 232 33.07 26.40 -30.64
CA ILE C 232 31.98 25.44 -30.42
C ILE C 232 30.77 25.80 -31.28
N GLN C 233 30.46 27.10 -31.39
CA GLN C 233 29.34 27.53 -32.22
C GLN C 233 29.60 27.30 -33.71
N MET C 234 30.84 27.07 -34.11
CA MET C 234 31.15 26.81 -35.51
C MET C 234 30.79 25.39 -35.90
N MET C 235 31.14 24.41 -35.05
CA MET C 235 30.88 23.02 -35.38
C MET C 235 29.41 22.65 -35.23
N MET C 236 28.66 23.38 -34.42
CA MET C 236 27.27 23.04 -34.14
C MET C 236 26.31 23.79 -35.06
N ASN C 237 26.32 25.12 -35.01
CA ASN C 237 25.44 25.93 -35.85
C ASN C 237 25.98 26.04 -37.26
N ASN C 241 24.50 27.45 -27.38
CA ASN C 241 23.16 26.92 -27.18
C ASN C 241 23.21 25.52 -26.56
N GLY C 242 24.37 24.88 -26.67
CA GLY C 242 24.58 23.54 -26.13
C GLY C 242 26.08 23.26 -26.15
N ILE C 243 26.46 22.02 -25.85
CA ILE C 243 27.84 21.57 -25.93
C ILE C 243 27.81 20.11 -26.37
N PRO C 244 28.71 19.67 -27.26
CA PRO C 244 28.67 18.28 -27.71
C PRO C 244 28.98 17.31 -26.58
N LEU C 245 28.56 16.06 -26.80
CA LEU C 245 28.72 14.99 -25.83
C LEU C 245 29.63 13.90 -26.37
N GLY C 246 30.18 13.10 -25.46
CA GLY C 246 30.90 11.90 -25.83
C GLY C 246 32.40 12.05 -25.97
N SER C 247 32.97 13.22 -25.72
CA SER C 247 34.40 13.43 -25.84
C SER C 247 34.94 14.00 -24.54
N THR C 248 36.16 13.59 -24.16
CA THR C 248 36.76 14.14 -22.94
C THR C 248 37.19 15.60 -23.11
N LEU C 249 37.37 16.07 -24.35
CA LEU C 249 37.60 17.50 -24.56
C LEU C 249 36.38 18.30 -24.14
N MET C 250 35.17 17.81 -24.45
CA MET C 250 33.96 18.47 -24.02
C MET C 250 33.74 18.34 -22.52
N ASP C 251 34.32 17.32 -21.89
CA ASP C 251 34.22 17.19 -20.44
C ASP C 251 35.13 18.19 -19.74
N THR C 252 36.34 18.41 -20.27
CA THR C 252 37.23 19.41 -19.70
C THR C 252 36.61 20.81 -19.75
N PHE C 253 35.80 21.08 -20.77
CA PHE C 253 35.06 22.34 -20.82
C PHE C 253 33.99 22.37 -19.74
N ALA C 254 33.34 21.24 -19.47
CA ALA C 254 32.31 21.20 -18.46
C ALA C 254 32.90 21.37 -17.06
N GLU C 255 34.09 20.83 -16.82
CA GLU C 255 34.70 20.96 -15.51
C GLU C 255 35.12 22.40 -15.22
N LEU C 256 35.44 23.17 -16.27
CA LEU C 256 35.75 24.58 -16.07
C LEU C 256 34.52 25.37 -15.67
N ILE C 257 33.41 25.16 -16.36
CA ILE C 257 32.18 25.88 -16.02
C ILE C 257 31.59 25.33 -14.72
N LEU C 258 31.81 24.06 -14.42
CA LEU C 258 31.38 23.51 -13.14
C LEU C 258 32.32 23.95 -12.02
N GLY C 259 33.61 24.04 -12.30
CA GLY C 259 34.55 24.54 -11.29
C GLY C 259 34.31 25.98 -10.95
N GLN C 260 33.94 26.80 -11.94
CA GLN C 260 33.60 28.19 -11.67
C GLN C 260 32.35 28.30 -10.81
N ILE C 261 31.39 27.39 -11.01
CA ILE C 261 30.24 27.32 -10.12
C ILE C 261 30.69 27.05 -8.69
N ASP C 262 31.67 26.16 -8.53
CA ASP C 262 32.21 25.90 -7.20
C ASP C 262 32.91 27.13 -6.64
N ILE C 263 33.65 27.87 -7.49
CA ILE C 263 34.32 29.08 -7.03
C ILE C 263 33.31 30.16 -6.71
N GLU C 264 32.31 30.35 -7.57
CA GLU C 264 31.33 31.40 -7.34
C GLU C 264 30.42 31.08 -6.16
N LEU C 265 30.12 29.79 -5.93
CA LEU C 265 29.36 29.43 -4.74
C LEU C 265 30.18 29.65 -3.48
N ARG C 266 31.48 29.40 -3.54
CA ARG C 266 32.34 29.64 -2.38
C ARG C 266 32.41 31.12 -2.04
N LYS C 267 32.36 31.99 -3.05
CA LYS C 267 32.34 33.42 -2.78
C LYS C 267 31.01 33.84 -2.16
N LYS C 268 29.91 33.21 -2.57
CA LYS C 268 28.61 33.54 -2.00
C LYS C 268 28.43 32.96 -0.60
N THR C 269 29.09 31.84 -0.30
CA THR C 269 28.97 31.23 1.01
C THR C 269 29.93 31.82 2.03
N ASN C 270 31.04 32.43 1.59
CA ASN C 270 31.94 33.08 2.51
C ASN C 270 31.45 34.46 2.91
N GLU C 271 30.72 35.13 2.02
CA GLU C 271 30.10 36.41 2.36
C GLU C 271 29.03 36.23 3.43
N LEU C 272 28.33 35.11 3.41
CA LEU C 272 27.31 34.81 4.42
C LEU C 272 27.88 34.14 5.65
N LYS C 273 29.20 33.94 5.71
CA LYS C 273 29.87 33.34 6.87
C LYS C 273 29.33 31.94 7.16
N ILE C 274 29.30 31.11 6.11
CA ILE C 274 28.88 29.71 6.22
C ILE C 274 30.10 28.88 5.86
N ILE C 275 30.80 28.35 6.87
CA ILE C 275 32.09 27.73 6.67
C ILE C 275 32.08 26.23 6.95
N ASN C 276 31.17 25.72 7.78
CA ASN C 276 31.20 24.33 8.21
C ASN C 276 30.34 23.49 7.28
N TYR C 277 30.95 23.03 6.19
CA TYR C 277 30.31 22.10 5.26
C TYR C 277 31.36 21.62 4.27
N LYS C 278 31.05 20.50 3.61
CA LYS C 278 31.90 19.95 2.56
C LYS C 278 31.02 19.52 1.40
N VAL C 279 31.56 19.63 0.18
CA VAL C 279 30.83 19.33 -1.04
C VAL C 279 31.59 18.26 -1.82
N VAL C 280 30.89 17.20 -2.18
CA VAL C 280 31.42 16.14 -3.05
C VAL C 280 30.64 16.18 -4.34
N ARG C 281 31.32 16.50 -5.45
CA ARG C 281 30.68 16.71 -6.73
C ARG C 281 31.21 15.71 -7.76
N TYR C 282 30.32 15.28 -8.65
CA TYR C 282 30.70 14.48 -9.82
C TYR C 282 29.88 15.00 -11.00
N ARG C 283 30.48 15.92 -11.78
CA ARG C 283 29.82 16.55 -12.91
C ARG C 283 28.50 17.19 -12.49
N ASP C 284 27.38 16.52 -12.79
CA ASP C 284 26.08 17.08 -12.47
C ASP C 284 25.67 16.81 -11.03
N ASP C 285 26.11 15.69 -10.47
CA ASP C 285 25.62 15.24 -9.17
C ASP C 285 26.28 16.04 -8.06
N TYR C 286 25.47 16.73 -7.26
CA TYR C 286 25.93 17.52 -6.14
C TYR C 286 25.59 16.81 -4.83
N ARG C 287 26.49 16.92 -3.85
CA ARG C 287 26.23 16.40 -2.52
C ARG C 287 26.89 17.34 -1.51
N ILE C 288 26.07 18.05 -0.74
CA ILE C 288 26.54 19.02 0.25
C ILE C 288 26.24 18.45 1.63
N PHE C 289 27.27 18.43 2.49
CA PHE C 289 27.18 17.81 3.80
C PHE C 289 27.39 18.87 4.87
N SER C 290 26.41 19.00 5.78
CA SER C 290 26.51 19.92 6.88
C SER C 290 25.76 19.36 8.08
N ASN C 291 26.19 19.78 9.28
CA ASN C 291 25.51 19.42 10.51
C ASN C 291 24.37 20.36 10.84
N SER C 292 24.06 21.30 9.95
CA SER C 292 23.01 22.30 10.18
C SER C 292 22.03 22.25 9.02
N LYS C 293 20.78 21.86 9.31
CA LYS C 293 19.76 21.83 8.28
C LYS C 293 19.44 23.22 7.74
N ASP C 294 19.71 24.28 8.51
CA ASP C 294 19.46 25.63 8.05
C ASP C 294 20.58 26.16 7.19
N ASP C 295 21.83 25.76 7.46
CA ASP C 295 22.92 26.12 6.56
C ASP C 295 22.85 25.35 5.25
N LEU C 296 22.33 24.11 5.29
CA LEU C 296 22.34 23.28 4.10
C LEU C 296 21.33 23.76 3.07
N ASP C 297 20.17 24.23 3.52
CA ASP C 297 19.16 24.75 2.60
C ASP C 297 19.31 26.25 2.33
N ILE C 298 20.42 26.84 2.78
CA ILE C 298 20.79 28.19 2.36
C ILE C 298 21.87 28.15 1.28
N ILE C 299 22.83 27.23 1.41
CA ILE C 299 23.76 26.94 0.32
C ILE C 299 23.00 26.49 -0.92
N SER C 300 21.89 25.78 -0.73
CA SER C 300 21.05 25.37 -1.85
C SER C 300 20.46 26.58 -2.56
N LYS C 301 19.91 27.53 -1.79
CA LYS C 301 19.35 28.74 -2.37
C LYS C 301 20.41 29.58 -3.08
N CYS C 302 21.68 29.44 -2.70
CA CYS C 302 22.76 30.10 -3.41
C CYS C 302 23.24 29.31 -4.61
N LEU C 303 23.08 27.99 -4.59
CA LEU C 303 23.46 27.18 -5.74
C LEU C 303 22.51 27.43 -6.91
N VAL C 304 21.22 27.58 -6.64
CA VAL C 304 20.27 27.86 -7.70
C VAL C 304 20.45 29.28 -8.24
N ASN C 305 21.02 30.19 -7.44
CA ASN C 305 21.25 31.55 -7.91
C ASN C 305 22.45 31.60 -8.85
N VAL C 306 23.55 30.92 -8.48
CA VAL C 306 24.72 30.92 -9.35
C VAL C 306 24.49 30.05 -10.58
N LEU C 307 23.72 28.97 -10.45
CA LEU C 307 23.32 28.21 -11.63
C LEU C 307 22.24 28.93 -12.42
N GLY C 308 21.52 29.88 -11.80
CA GLY C 308 20.55 30.68 -12.53
C GLY C 308 21.16 31.75 -13.40
N ASP C 309 22.40 32.17 -13.10
CA ASP C 309 23.09 33.14 -13.94
C ASP C 309 23.78 32.49 -15.12
N PHE C 310 24.04 31.18 -15.06
CA PHE C 310 24.63 30.43 -16.15
C PHE C 310 23.58 29.77 -17.05
N GLY C 311 22.33 30.21 -16.96
CA GLY C 311 21.27 29.60 -17.73
C GLY C 311 20.93 28.18 -17.33
N LEU C 312 21.40 27.73 -16.17
CA LEU C 312 21.16 26.36 -15.72
C LEU C 312 20.06 26.36 -14.66
N ASP C 313 19.73 25.16 -14.17
CA ASP C 313 18.75 24.98 -13.12
C ASP C 313 19.01 23.66 -12.43
N LEU C 314 18.15 23.30 -11.49
CA LEU C 314 18.27 22.06 -10.74
C LEU C 314 17.15 21.11 -11.14
N ASN C 315 17.49 19.83 -11.23
CA ASN C 315 16.49 18.80 -11.52
C ASN C 315 15.62 18.62 -10.29
N SER C 316 14.46 19.27 -10.28
CA SER C 316 13.59 19.23 -9.11
C SER C 316 13.09 17.83 -8.79
N LYS C 317 13.12 16.92 -9.76
CA LYS C 317 12.75 15.53 -9.48
C LYS C 317 13.84 14.81 -8.68
N LYS C 318 15.09 15.25 -8.81
CA LYS C 318 16.21 14.65 -8.11
C LYS C 318 16.82 15.59 -7.08
N THR C 319 16.05 16.58 -6.62
CA THR C 319 16.51 17.54 -5.61
C THR C 319 15.88 17.17 -4.27
N GLU C 320 16.73 16.84 -3.29
CA GLU C 320 16.23 16.37 -2.01
C GLU C 320 17.25 16.68 -0.92
N LEU C 321 16.74 16.90 0.29
CA LEU C 321 17.53 17.09 1.49
C LEU C 321 17.37 15.86 2.38
N TYR C 322 18.44 15.08 2.51
CA TYR C 322 18.38 13.80 3.21
C TYR C 322 18.90 13.93 4.63
N GLU C 323 18.63 12.89 5.42
CA GLU C 323 19.16 12.75 6.77
C GLU C 323 20.03 11.51 6.95
N ASP C 324 19.73 10.42 6.24
CA ASP C 324 20.52 9.20 6.31
C ASP C 324 21.54 9.25 5.19
N ILE C 325 22.77 9.65 5.52
CA ILE C 325 23.82 9.74 4.51
C ILE C 325 24.19 8.36 3.98
N ILE C 326 24.24 7.37 4.87
CA ILE C 326 24.60 6.01 4.44
C ILE C 326 23.54 5.43 3.52
N LEU C 327 22.27 5.73 3.79
CA LEU C 327 21.18 5.20 2.95
C LEU C 327 21.28 5.74 1.53
N HIS C 328 21.31 7.06 1.37
CA HIS C 328 21.29 7.70 0.07
C HIS C 328 22.68 7.99 -0.48
N SER C 329 23.67 7.18 -0.12
CA SER C 329 24.98 7.25 -0.76
C SER C 329 25.11 6.27 -1.93
N LEU C 330 24.28 5.25 -1.97
CA LEU C 330 24.23 4.30 -3.07
C LEU C 330 22.90 4.41 -3.79
N LYS C 331 22.92 4.18 -5.10
CA LYS C 331 21.69 4.16 -5.87
C LYS C 331 20.88 2.91 -5.53
N GLN C 332 19.57 2.97 -5.81
CA GLN C 332 18.70 1.84 -5.53
C GLN C 332 19.11 0.61 -6.32
N ALA C 333 19.66 0.80 -7.52
CA ALA C 333 20.12 -0.34 -8.32
C ALA C 333 21.31 -1.03 -7.67
N LYS C 334 22.19 -0.25 -7.03
CA LYS C 334 23.34 -0.84 -6.35
C LYS C 334 22.91 -1.64 -5.13
N LYS C 335 21.90 -1.16 -4.40
CA LYS C 335 21.45 -1.86 -3.20
C LYS C 335 20.83 -3.20 -3.55
N ASP C 336 19.88 -3.21 -4.48
CA ASP C 336 19.18 -4.45 -4.82
C ASP C 336 20.11 -5.45 -5.50
N TYR C 337 21.18 -4.97 -6.13
CA TYR C 337 22.18 -5.87 -6.70
C TYR C 337 22.89 -6.65 -5.62
N ILE C 338 23.14 -6.02 -4.47
CA ILE C 338 23.80 -6.69 -3.35
C ILE C 338 22.93 -7.82 -2.82
N LYS C 339 21.62 -7.60 -2.75
CA LYS C 339 20.70 -8.56 -2.16
C LYS C 339 20.44 -9.77 -3.05
N GLU C 340 20.90 -9.75 -4.30
CA GLU C 340 20.54 -10.81 -5.23
C GLU C 340 21.17 -12.14 -4.82
N LYS C 341 20.40 -13.21 -4.96
CA LYS C 341 20.87 -14.55 -4.65
C LYS C 341 21.77 -15.08 -5.78
N ARG C 342 22.87 -15.69 -5.38
CA ARG C 342 23.79 -16.31 -6.34
C ARG C 342 23.22 -17.66 -6.77
N HIS C 343 22.83 -17.77 -8.03
CA HIS C 343 22.24 -18.99 -8.57
C HIS C 343 23.29 -19.77 -9.35
N LYS C 344 23.49 -21.03 -8.98
CA LYS C 344 24.41 -21.88 -9.73
C LYS C 344 23.84 -22.30 -11.07
N SER C 345 22.51 -22.42 -11.16
CA SER C 345 21.88 -22.79 -12.42
C SER C 345 21.90 -21.61 -13.39
N LEU C 346 22.07 -21.92 -14.67
CA LEU C 346 22.14 -20.86 -15.68
C LEU C 346 20.77 -20.25 -15.93
N GLN C 347 19.77 -21.09 -16.19
CA GLN C 347 18.42 -20.57 -16.45
C GLN C 347 17.83 -19.90 -15.21
N LYS C 348 18.15 -20.42 -14.02
CA LYS C 348 17.68 -19.78 -12.79
C LYS C 348 18.28 -18.40 -12.62
N MET C 349 19.59 -18.27 -12.88
CA MET C 349 20.24 -16.97 -12.74
C MET C 349 19.79 -16.00 -13.82
N LEU C 350 19.75 -16.45 -15.07
CA LEU C 350 19.33 -15.57 -16.16
C LEU C 350 17.90 -15.09 -15.97
N TYR C 351 17.03 -15.96 -15.46
CA TYR C 351 15.66 -15.53 -15.14
C TYR C 351 15.67 -14.50 -14.02
N SER C 352 16.55 -14.68 -13.02
CA SER C 352 16.64 -13.72 -11.93
C SER C 352 17.17 -12.38 -12.42
N ILE C 353 18.11 -12.40 -13.38
CA ILE C 353 18.60 -11.16 -13.97
C ILE C 353 17.48 -10.44 -14.70
N TYR C 354 16.61 -11.19 -15.36
CA TYR C 354 15.50 -10.59 -16.09
C TYR C 354 14.57 -9.84 -15.14
N LEU C 355 14.21 -10.48 -14.01
CA LEU C 355 13.34 -9.82 -13.04
C LEU C 355 13.98 -8.55 -12.49
N PHE C 356 15.31 -8.53 -12.39
CA PHE C 356 16.00 -7.34 -11.92
C PHE C 356 15.82 -6.18 -12.91
N SER C 357 15.81 -6.48 -14.21
CA SER C 357 15.70 -5.43 -15.21
C SER C 357 14.33 -4.76 -15.16
N LEU C 358 13.31 -5.46 -14.67
CA LEU C 358 11.99 -4.85 -14.52
C LEU C 358 11.99 -3.82 -13.41
N LYS C 359 12.51 -4.20 -12.24
CA LYS C 359 12.56 -3.29 -11.10
C LYS C 359 13.59 -2.19 -11.27
N HIS C 360 14.45 -2.27 -12.28
CA HIS C 360 15.48 -1.27 -12.54
C HIS C 360 15.63 -1.12 -14.04
N PRO C 361 14.76 -0.33 -14.68
CA PRO C 361 14.75 -0.26 -16.15
C PRO C 361 15.98 0.46 -16.68
N ASN C 362 16.72 -0.24 -17.55
CA ASN C 362 17.80 0.34 -18.37
C ASN C 362 18.87 0.98 -17.48
N SER C 363 19.51 0.14 -16.67
CA SER C 363 20.55 0.57 -15.75
C SER C 363 21.84 -0.17 -16.02
N LYS C 364 22.97 0.48 -15.74
CA LYS C 364 24.27 -0.15 -15.88
C LYS C 364 24.45 -1.31 -14.91
N THR C 365 23.65 -1.35 -13.83
CA THR C 365 23.69 -2.47 -12.91
C THR C 365 23.21 -3.75 -13.59
N THR C 366 22.22 -3.63 -14.48
CA THR C 366 21.78 -4.80 -15.24
C THR C 366 22.86 -5.29 -16.19
N VAL C 367 23.61 -4.36 -16.79
CA VAL C 367 24.75 -4.74 -17.62
C VAL C 367 25.82 -5.43 -16.78
N ARG C 368 26.09 -4.88 -15.59
CA ARG C 368 27.04 -5.51 -14.68
C ARG C 368 26.54 -6.86 -14.21
N TYR C 369 25.22 -6.98 -14.00
CA TYR C 369 24.63 -8.24 -13.56
C TYR C 369 24.52 -9.23 -14.71
N LEU C 370 24.41 -8.74 -15.95
CA LEU C 370 24.46 -9.62 -17.12
C LEU C 370 25.89 -10.03 -17.44
N ASN C 371 26.85 -9.14 -17.23
CA ASN C 371 28.24 -9.48 -17.49
C ASN C 371 28.73 -10.61 -16.60
N ASP C 372 28.20 -10.70 -15.38
CA ASP C 372 28.51 -11.84 -14.52
C ASP C 372 27.94 -13.13 -15.09
N PHE C 373 26.83 -13.03 -15.83
CA PHE C 373 26.27 -14.21 -16.48
C PHE C 373 27.08 -14.61 -17.70
N LEU C 374 27.73 -13.66 -18.36
CA LEU C 374 28.64 -14.00 -19.45
C LEU C 374 29.92 -14.63 -18.91
N ARG C 375 30.40 -14.17 -17.76
CA ARG C 375 31.55 -14.82 -17.13
C ARG C 375 31.22 -16.25 -16.73
N ASN C 376 29.97 -16.51 -16.34
CA ASN C 376 29.55 -17.87 -16.03
C ASN C 376 29.45 -18.73 -17.30
N LEU C 377 29.04 -18.12 -18.41
CA LEU C 377 28.92 -18.87 -19.65
C LEU C 377 30.28 -19.28 -20.20
N PHE C 378 31.23 -18.35 -20.22
CA PHE C 378 32.58 -18.66 -20.68
C PHE C 378 33.27 -19.69 -19.79
N LYS C 379 32.87 -19.78 -18.52
CA LYS C 379 33.43 -20.80 -17.64
C LYS C 379 32.89 -22.18 -17.95
N ARG C 380 31.65 -22.28 -18.42
CA ARG C 380 31.08 -23.57 -18.78
C ARG C 380 31.72 -24.09 -20.05
N LYS C 381 31.97 -25.40 -20.09
CA LYS C 381 32.42 -26.08 -21.29
C LYS C 381 31.37 -26.98 -21.91
N THR C 382 30.36 -27.38 -21.14
CA THR C 382 29.30 -28.25 -21.62
C THR C 382 28.00 -27.87 -20.94
N ILE C 383 26.90 -27.89 -21.70
CA ILE C 383 25.57 -27.64 -21.16
C ILE C 383 24.68 -28.80 -21.55
N LYS C 384 23.75 -29.15 -20.66
CA LYS C 384 22.85 -30.28 -20.87
C LYS C 384 21.44 -29.79 -21.15
N ASP C 385 20.61 -30.70 -21.64
CA ASP C 385 19.23 -30.40 -22.04
C ASP C 385 19.20 -29.22 -23.01
N ASN C 386 20.00 -29.35 -24.08
CA ASN C 386 20.16 -28.25 -25.03
C ASN C 386 18.88 -27.94 -25.79
N GLY C 387 17.93 -28.86 -25.85
CA GLY C 387 16.71 -28.65 -26.58
C GLY C 387 15.80 -27.59 -25.99
N GLN C 388 15.25 -27.86 -24.81
CA GLN C 388 14.28 -26.96 -24.21
C GLN C 388 14.91 -25.86 -23.37
N GLN C 389 16.04 -26.13 -22.73
CA GLN C 389 16.62 -25.17 -21.80
C GLN C 389 17.34 -24.03 -22.52
N VAL C 390 18.14 -24.36 -23.54
CA VAL C 390 18.91 -23.33 -24.23
C VAL C 390 17.99 -22.40 -25.01
N ASP C 391 16.97 -22.97 -25.67
CA ASP C 391 16.03 -22.15 -26.42
C ASP C 391 15.27 -21.20 -25.49
N ALA C 392 14.92 -21.67 -24.29
CA ALA C 392 14.22 -20.81 -23.33
C ALA C 392 15.11 -19.67 -22.86
N MET C 393 16.42 -19.89 -22.77
CA MET C 393 17.33 -18.83 -22.34
C MET C 393 17.51 -17.79 -23.44
N LEU C 394 17.50 -18.21 -24.71
CA LEU C 394 17.55 -17.24 -25.80
C LEU C 394 16.33 -16.32 -25.77
N GLY C 395 15.16 -16.88 -25.47
CA GLY C 395 13.96 -16.05 -25.38
C GLY C 395 13.98 -15.11 -24.19
N ILE C 396 14.71 -15.46 -23.14
CA ILE C 396 14.78 -14.58 -21.97
C ILE C 396 15.62 -13.35 -22.28
N ILE C 397 16.81 -13.57 -22.85
CA ILE C 397 17.69 -12.43 -23.14
C ILE C 397 17.13 -11.58 -24.28
N SER C 398 16.39 -12.18 -25.21
CA SER C 398 15.80 -11.41 -26.29
C SER C 398 14.75 -10.43 -25.75
N SER C 399 14.09 -10.79 -24.66
CA SER C 399 13.15 -9.87 -24.03
C SER C 399 13.87 -8.81 -23.20
N ILE C 400 15.05 -9.12 -22.68
CA ILE C 400 15.81 -8.15 -21.90
C ILE C 400 16.31 -7.03 -22.81
N MET C 401 16.90 -7.39 -23.95
CA MET C 401 17.37 -6.38 -24.89
C MET C 401 16.22 -5.61 -25.51
N ALA C 402 15.03 -6.22 -25.58
CA ALA C 402 13.88 -5.55 -26.17
C ALA C 402 13.41 -4.36 -25.36
N LYS C 403 13.71 -4.34 -24.05
CA LYS C 403 13.28 -3.26 -23.18
C LYS C 403 14.44 -2.52 -22.52
N ASN C 404 15.67 -3.02 -22.62
CA ASN C 404 16.85 -2.40 -22.02
C ASN C 404 17.87 -2.15 -23.12
N PRO C 405 17.82 -1.00 -23.79
CA PRO C 405 18.71 -0.77 -24.93
C PRO C 405 20.19 -0.77 -24.58
N THR C 406 20.55 -0.42 -23.34
CA THR C 406 21.97 -0.40 -22.97
C THR C 406 22.55 -1.79 -22.83
N THR C 407 21.72 -2.84 -22.89
CA THR C 407 22.18 -4.22 -22.83
C THR C 407 22.46 -4.81 -24.20
N TYR C 408 22.67 -3.96 -25.22
CA TYR C 408 22.92 -4.49 -26.56
C TYR C 408 24.27 -5.19 -26.66
N PRO C 409 25.39 -4.62 -26.18
CA PRO C 409 26.65 -5.37 -26.24
C PRO C 409 26.63 -6.66 -25.44
N VAL C 410 26.26 -6.60 -24.16
CA VAL C 410 26.28 -7.81 -23.34
C VAL C 410 25.15 -8.76 -23.74
N GLY C 411 24.04 -8.23 -24.27
CA GLY C 411 22.98 -9.09 -24.72
C GLY C 411 23.34 -9.87 -25.97
N THR C 412 23.93 -9.19 -26.94
CA THR C 412 24.49 -9.88 -28.10
C THR C 412 25.63 -10.79 -27.70
N ALA C 413 26.32 -10.45 -26.60
CA ALA C 413 27.45 -11.25 -26.15
C ALA C 413 27.00 -12.66 -25.75
N ILE C 414 26.06 -12.75 -24.80
CA ILE C 414 25.64 -14.07 -24.34
C ILE C 414 24.82 -14.79 -25.41
N PHE C 415 24.11 -14.03 -26.25
CA PHE C 415 23.31 -14.65 -27.31
C PHE C 415 24.21 -15.41 -28.28
N SER C 416 25.33 -14.81 -28.68
CA SER C 416 26.27 -15.52 -29.54
C SER C 416 26.95 -16.67 -28.79
N LYS C 417 27.22 -16.48 -27.50
CA LYS C 417 27.82 -17.55 -26.72
C LYS C 417 26.82 -18.66 -26.41
N LEU C 418 25.55 -18.29 -26.20
CA LEU C 418 24.51 -19.31 -26.01
C LEU C 418 24.28 -20.11 -27.29
N LEU C 419 24.42 -19.47 -28.45
CA LEU C 419 24.20 -20.17 -29.71
C LEU C 419 25.33 -21.17 -30.00
N SER C 420 26.56 -20.85 -29.62
CA SER C 420 27.67 -21.76 -29.84
C SER C 420 27.57 -22.99 -28.96
N PHE C 421 26.90 -22.88 -27.81
CA PHE C 421 26.70 -24.04 -26.95
C PHE C 421 25.69 -25.01 -27.55
N LEU C 422 24.71 -24.50 -28.30
CA LEU C 422 23.65 -25.33 -28.85
C LEU C 422 23.97 -25.78 -30.27
N TYR C 423 23.93 -24.84 -31.22
CA TYR C 423 24.12 -25.18 -32.63
C TYR C 423 25.58 -25.46 -32.98
N GLY C 424 26.51 -25.14 -32.09
CA GLY C 424 27.91 -25.48 -32.34
C GLY C 424 28.51 -24.61 -33.44
N ASP C 425 29.25 -25.26 -34.34
CA ASP C 425 29.94 -24.60 -35.42
C ASP C 425 29.08 -24.45 -36.67
N ASP C 426 27.79 -24.80 -36.60
CA ASP C 426 26.90 -24.62 -37.74
C ASP C 426 26.62 -23.14 -37.94
N THR C 427 27.41 -22.49 -38.81
CA THR C 427 27.29 -21.05 -38.99
C THR C 427 25.93 -20.66 -39.57
N GLN C 428 25.32 -21.54 -40.37
CA GLN C 428 24.03 -21.21 -40.97
C GLN C 428 22.94 -21.10 -39.91
N LYS C 429 22.78 -22.13 -39.08
CA LYS C 429 21.75 -22.10 -38.06
C LYS C 429 22.02 -21.04 -37.00
N LYS C 430 23.29 -20.77 -36.71
CA LYS C 430 23.62 -19.75 -35.71
C LYS C 430 23.38 -18.34 -36.26
N LEU C 431 23.69 -18.12 -37.53
CA LEU C 431 23.49 -16.79 -38.11
C LEU C 431 22.01 -16.50 -38.35
N THR C 432 21.23 -17.53 -38.71
CA THR C 432 19.80 -17.31 -38.92
C THR C 432 19.09 -16.96 -37.62
N LYS C 433 19.54 -17.52 -36.49
CA LYS C 433 18.95 -17.17 -35.20
C LYS C 433 19.34 -15.74 -34.80
N LEU C 434 20.56 -15.32 -35.10
CA LEU C 434 20.96 -13.95 -34.84
C LEU C 434 20.12 -12.97 -35.65
N GLU C 435 19.78 -13.35 -36.88
CA GLU C 435 18.88 -12.51 -37.68
C GLU C 435 17.48 -12.50 -37.10
N GLN C 436 17.05 -13.59 -36.46
CA GLN C 436 15.77 -13.58 -35.77
C GLN C 436 15.80 -12.66 -34.55
N LEU C 437 16.95 -12.53 -33.91
CA LEU C 437 17.09 -11.56 -32.83
C LEU C 437 17.06 -10.13 -33.37
N HIS C 438 17.64 -9.92 -34.56
CA HIS C 438 17.62 -8.59 -35.17
C HIS C 438 16.19 -8.16 -35.49
N LYS C 439 15.39 -9.06 -36.05
CA LYS C 439 14.03 -8.71 -36.45
C LYS C 439 13.20 -8.29 -35.23
N LYS C 440 13.42 -8.94 -34.09
CA LYS C 440 12.69 -8.56 -32.89
C LYS C 440 13.11 -7.19 -32.39
N LEU C 441 14.42 -6.96 -32.28
CA LEU C 441 14.92 -5.70 -31.75
C LEU C 441 14.86 -4.57 -32.77
N ASP C 442 14.66 -4.88 -34.05
CA ASP C 442 14.57 -3.82 -35.05
C ASP C 442 13.32 -2.98 -34.86
N LYS C 443 12.32 -3.50 -34.15
CA LYS C 443 11.10 -2.74 -33.90
C LYS C 443 11.36 -1.49 -33.06
N GLN C 444 12.38 -1.53 -32.22
CA GLN C 444 12.71 -0.36 -31.41
C GLN C 444 13.20 0.78 -32.30
N PRO C 445 12.98 2.03 -31.89
CA PRO C 445 13.20 3.15 -32.82
C PRO C 445 14.65 3.35 -33.23
N ASN C 446 15.58 3.33 -32.27
CA ASN C 446 16.97 3.64 -32.56
C ASN C 446 17.72 2.44 -33.11
N THR C 447 18.36 1.67 -32.20
CA THR C 447 19.09 0.44 -32.53
C THR C 447 20.27 0.69 -33.46
N GLU C 448 20.83 1.90 -33.43
CA GLU C 448 22.06 2.14 -34.19
C GLU C 448 23.24 1.43 -33.54
N MET C 449 23.28 1.40 -32.20
CA MET C 449 24.33 0.67 -31.51
C MET C 449 24.22 -0.83 -31.76
N LEU C 450 23.01 -1.34 -32.01
CA LEU C 450 22.85 -2.76 -32.29
C LEU C 450 23.56 -3.15 -33.58
N ASP C 451 23.44 -2.32 -34.62
CA ASP C 451 24.14 -2.60 -35.87
C ASP C 451 25.64 -2.49 -35.70
N ILE C 452 26.11 -1.66 -34.77
CA ILE C 452 27.54 -1.57 -34.51
C ILE C 452 28.05 -2.86 -33.86
N TRP C 453 27.23 -3.49 -33.03
CA TRP C 453 27.67 -4.66 -32.28
C TRP C 453 27.32 -5.99 -32.95
N PHE C 454 26.25 -6.04 -33.74
CA PHE C 454 26.05 -7.20 -34.60
C PHE C 454 27.17 -7.31 -35.63
N GLN C 455 27.70 -6.16 -36.08
CA GLN C 455 28.82 -6.18 -37.00
C GLN C 455 30.04 -6.86 -36.39
N ARG C 456 30.26 -6.65 -35.09
CA ARG C 456 31.37 -7.34 -34.42
C ARG C 456 31.09 -8.83 -34.29
N THR C 457 29.83 -9.22 -34.11
CA THR C 457 29.50 -10.63 -33.93
C THR C 457 29.46 -11.37 -35.26
N GLN C 458 28.84 -10.76 -36.28
CA GLN C 458 28.68 -11.44 -37.56
C GLN C 458 29.99 -11.53 -38.33
N ALA C 459 30.89 -10.56 -38.14
CA ALA C 459 32.14 -10.57 -38.90
C ALA C 459 33.06 -11.70 -38.47
N LYS C 460 33.06 -12.02 -37.17
CA LYS C 460 33.93 -13.08 -36.67
C LYS C 460 33.46 -14.47 -37.07
N ILE C 461 32.27 -14.60 -37.64
CA ILE C 461 31.76 -15.90 -38.08
C ILE C 461 31.45 -15.95 -39.56
N ASN C 462 31.30 -14.82 -40.24
CA ASN C 462 30.98 -14.79 -41.66
C ASN C 462 31.25 -13.37 -42.17
N LEU C 463 30.96 -13.15 -43.45
CA LEU C 463 31.09 -11.81 -44.05
C LEU C 463 30.01 -11.66 -45.11
N GLU C 464 29.19 -10.63 -44.97
CA GLU C 464 28.11 -10.33 -45.90
C GLU C 464 27.17 -11.51 -46.09
N SER C 468 24.44 -4.51 -46.36
CA SER C 468 23.70 -4.32 -45.12
C SER C 468 24.21 -3.12 -44.35
N TYR C 469 24.51 -3.32 -43.06
CA TYR C 469 25.06 -2.30 -42.18
C TYR C 469 24.09 -1.12 -42.03
N LYS C 470 23.81 -0.42 -43.13
CA LYS C 470 22.86 0.69 -43.14
C LYS C 470 23.28 1.83 -42.22
N SER C 471 24.58 2.07 -42.12
CA SER C 471 25.11 3.16 -41.31
C SER C 471 26.45 3.59 -41.89
N ALA C 472 26.68 4.91 -41.92
CA ALA C 472 27.92 5.43 -42.49
C ALA C 472 29.15 4.89 -41.76
N LEU C 473 29.07 4.78 -40.43
CA LEU C 473 30.17 4.19 -39.68
C LEU C 473 30.23 2.68 -39.90
N CYS C 474 29.07 2.03 -39.99
CA CYS C 474 29.04 0.57 -40.15
C CYS C 474 29.56 0.15 -41.52
N VAL C 475 29.23 0.92 -42.56
CA VAL C 475 29.74 0.57 -43.89
C VAL C 475 31.23 0.90 -44.01
N ARG C 476 31.69 1.92 -43.29
CA ARG C 476 33.12 2.23 -43.32
C ARG C 476 33.93 1.17 -42.60
N ILE C 477 33.46 0.72 -41.43
CA ILE C 477 34.12 -0.38 -40.74
C ILE C 477 34.06 -1.65 -41.59
N ASN C 478 32.94 -1.86 -42.28
CA ASN C 478 32.82 -3.03 -43.15
C ASN C 478 33.77 -2.95 -44.33
N ASP C 479 33.99 -1.74 -44.87
CA ASP C 479 34.95 -1.58 -45.94
C ASP C 479 36.37 -1.84 -45.45
N GLU C 480 36.70 -1.35 -44.26
CA GLU C 480 38.03 -1.58 -43.71
C GLU C 480 38.23 -3.05 -43.32
N LEU C 481 37.16 -3.72 -42.89
CA LEU C 481 37.27 -5.13 -42.51
C LEU C 481 37.49 -6.01 -43.74
N THR C 482 36.67 -5.84 -44.77
CA THR C 482 36.80 -6.64 -45.98
C THR C 482 38.03 -6.28 -46.80
N LYS C 483 38.76 -5.23 -46.40
CA LYS C 483 40.01 -4.82 -47.04
C LYS C 483 39.78 -4.44 -48.51
N GLU C 484 39.16 -3.28 -48.69
CA GLU C 484 38.97 -2.68 -50.00
C GLU C 484 40.00 -1.57 -50.21
N LYS C 485 39.84 -0.84 -51.30
CA LYS C 485 40.77 0.25 -51.62
C LYS C 485 40.30 1.56 -51.01
N THR C 486 39.34 2.22 -51.65
CA THR C 486 38.84 3.50 -51.19
C THR C 486 37.82 3.28 -50.08
N PHE C 487 38.19 3.66 -48.85
CA PHE C 487 37.24 3.60 -47.75
C PHE C 487 36.23 4.73 -47.87
N SER C 488 34.95 4.39 -47.68
CA SER C 488 33.86 5.31 -47.95
C SER C 488 33.79 6.36 -46.85
N VAL C 489 34.17 7.60 -47.18
CA VAL C 489 34.02 8.74 -46.30
C VAL C 489 33.01 9.74 -46.88
N ASN C 490 32.15 9.29 -47.79
CA ASN C 490 31.28 10.20 -48.51
C ASN C 490 30.19 10.76 -47.61
N ASN C 491 29.61 9.94 -46.74
CA ASN C 491 28.52 10.34 -45.88
C ASN C 491 28.87 10.28 -44.40
N LEU C 492 30.14 10.09 -44.06
CA LEU C 492 30.54 9.98 -42.67
C LEU C 492 30.77 11.34 -42.03
N TRP C 493 31.64 12.15 -42.62
CA TRP C 493 31.95 13.48 -42.11
C TRP C 493 31.89 14.48 -43.26
N ASN C 494 31.24 15.62 -43.01
CA ASN C 494 31.10 16.66 -44.03
C ASN C 494 32.38 17.50 -44.06
N ILE C 495 33.12 17.42 -45.16
CA ILE C 495 34.30 18.24 -45.36
C ILE C 495 34.03 19.36 -46.36
N ASP C 496 32.76 19.72 -46.55
CA ASP C 496 32.41 20.77 -47.51
C ASP C 496 32.93 22.13 -47.06
N TRP C 497 33.13 22.32 -45.75
CA TRP C 497 33.54 23.61 -45.23
C TRP C 497 34.99 23.94 -45.59
N ILE C 498 35.79 22.96 -45.97
CA ILE C 498 37.14 23.21 -46.44
C ILE C 498 37.05 23.95 -47.77
N GLN C 499 37.50 25.20 -47.78
CA GLN C 499 37.37 26.04 -48.97
C GLN C 499 38.13 25.43 -50.14
N GLY C 500 37.49 25.41 -51.31
CA GLY C 500 38.10 24.85 -52.50
C GLY C 500 37.36 23.62 -53.01
N LYS C 501 37.41 23.42 -54.33
CA LYS C 501 36.77 22.27 -54.94
C LYS C 501 37.66 21.03 -54.78
N GLU C 502 37.17 19.91 -55.31
CA GLU C 502 37.96 18.68 -55.28
C GLU C 502 39.17 18.81 -56.20
N THR C 503 40.11 17.87 -56.04
CA THR C 503 41.34 17.80 -56.84
C THR C 503 42.29 18.96 -56.50
N SER C 504 41.76 20.01 -55.87
CA SER C 504 42.60 21.10 -55.41
C SER C 504 43.59 20.60 -54.37
N PRO C 505 44.75 21.24 -54.25
CA PRO C 505 45.82 20.67 -53.40
C PRO C 505 45.44 20.49 -51.94
N ASN C 506 44.48 21.25 -51.42
CA ASN C 506 44.13 21.14 -50.00
C ASN C 506 43.09 20.06 -49.75
N LYS C 507 41.98 20.09 -50.49
CA LYS C 507 40.91 19.11 -50.25
C LYS C 507 41.31 17.71 -50.73
N ALA C 508 42.14 17.62 -51.78
CA ALA C 508 42.55 16.32 -52.27
C ALA C 508 43.58 15.67 -51.35
N LYS C 509 44.54 16.46 -50.86
CA LYS C 509 45.50 15.93 -49.90
C LYS C 509 44.86 15.58 -48.56
N ILE C 510 43.68 16.12 -48.28
CA ILE C 510 42.93 15.75 -47.09
C ILE C 510 42.04 14.53 -47.37
N LEU C 511 41.41 14.49 -48.54
CA LEU C 511 40.66 13.30 -48.94
C LEU C 511 41.58 12.08 -49.03
N SER C 512 42.81 12.29 -49.48
CA SER C 512 43.78 11.20 -49.51
C SER C 512 44.11 10.69 -48.12
N LEU C 513 43.99 11.55 -47.11
CA LEU C 513 44.26 11.17 -45.73
C LEU C 513 43.02 10.58 -45.05
N LEU C 514 41.82 10.91 -45.50
CA LEU C 514 40.61 10.36 -44.92
C LEU C 514 40.27 8.99 -45.50
N ARG C 515 40.69 8.71 -46.74
CA ARG C 515 40.37 7.46 -47.40
C ARG C 515 41.43 6.38 -47.15
N LYS C 516 42.71 6.75 -47.18
CA LYS C 516 43.79 5.77 -47.08
C LYS C 516 44.13 5.40 -45.64
N THR C 517 43.66 6.16 -44.66
CA THR C 517 43.94 5.89 -43.26
C THR C 517 42.95 4.88 -42.72
N LYS C 518 43.45 3.88 -42.00
CA LYS C 518 42.62 2.80 -41.47
C LYS C 518 42.28 3.10 -40.01
N ILE C 519 40.98 3.18 -39.72
CA ILE C 519 40.51 3.35 -38.35
C ILE C 519 40.12 2.03 -37.70
N VAL C 520 40.10 0.93 -38.45
CA VAL C 520 39.76 -0.39 -37.95
C VAL C 520 41.07 -1.17 -37.85
N ASP C 521 41.64 -1.23 -36.66
CA ASP C 521 42.89 -1.95 -36.44
C ASP C 521 42.63 -3.44 -36.60
N THR C 522 43.11 -4.01 -37.73
CA THR C 522 42.76 -5.38 -38.07
C THR C 522 43.53 -6.40 -37.23
N ASP C 523 44.74 -6.06 -36.77
CA ASP C 523 45.51 -6.99 -35.96
C ASP C 523 44.80 -7.29 -34.64
N LYS C 524 44.13 -6.29 -34.07
CA LYS C 524 43.32 -6.55 -32.88
C LYS C 524 42.09 -7.38 -33.23
N PHE C 525 41.46 -7.08 -34.38
CA PHE C 525 40.28 -7.84 -34.80
C PHE C 525 40.62 -9.30 -35.04
N ASP C 526 41.78 -9.57 -35.62
CA ASP C 526 42.20 -10.95 -35.86
C ASP C 526 42.67 -11.66 -34.59
N LYS C 527 42.82 -10.93 -33.49
CA LYS C 527 43.28 -11.51 -32.24
C LYS C 527 42.16 -11.71 -31.22
N MET C 528 40.95 -11.23 -31.51
CA MET C 528 39.82 -11.40 -30.60
C MET C 528 39.21 -12.79 -30.75
N ASP C 529 38.21 -13.07 -29.93
CA ASP C 529 37.46 -14.31 -30.03
C ASP C 529 36.29 -14.15 -30.99
N ASP C 530 35.68 -15.27 -31.34
CA ASP C 530 34.48 -15.23 -32.19
C ASP C 530 33.31 -14.62 -31.43
N ASN C 531 33.11 -15.05 -30.19
CA ASN C 531 32.06 -14.51 -29.33
C ASN C 531 32.60 -13.34 -28.53
N ILE C 532 31.68 -12.47 -28.09
CA ILE C 532 32.06 -11.30 -27.31
C ILE C 532 32.50 -11.75 -25.93
N THR C 533 33.71 -11.34 -25.53
CA THR C 533 34.27 -11.75 -24.25
C THR C 533 33.81 -10.82 -23.14
N PRO C 534 33.70 -11.32 -21.90
CA PRO C 534 33.34 -10.44 -20.77
C PRO C 534 34.32 -9.31 -20.55
N GLU C 535 35.58 -9.47 -20.99
CA GLU C 535 36.56 -8.40 -20.79
C GLU C 535 36.22 -7.18 -21.64
N GLU C 536 35.73 -7.39 -22.87
CA GLU C 536 35.34 -6.27 -23.71
C GLU C 536 34.24 -5.44 -23.05
N VAL C 537 33.24 -6.11 -22.48
CA VAL C 537 32.15 -5.41 -21.82
C VAL C 537 32.65 -4.70 -20.56
N ASN C 538 33.69 -5.25 -19.92
CA ASN C 538 34.18 -4.67 -18.67
C ASN C 538 34.84 -3.32 -18.88
N LEU C 539 35.40 -3.07 -20.06
CA LEU C 539 36.05 -1.78 -20.33
C LEU C 539 35.06 -0.62 -20.33
N PHE C 540 33.78 -0.89 -20.58
CA PHE C 540 32.79 0.18 -20.65
C PHE C 540 32.23 0.50 -19.26
N MET D 32 9.60 -41.12 -25.43
CA MET D 32 8.83 -42.36 -25.40
C MET D 32 7.63 -42.22 -26.32
N LYS D 33 6.79 -43.25 -26.39
CA LYS D 33 5.63 -43.25 -27.27
C LYS D 33 4.39 -42.73 -26.55
N LYS D 34 3.58 -41.97 -27.27
CA LYS D 34 2.34 -41.44 -26.72
C LYS D 34 1.30 -42.55 -26.61
N VAL D 35 0.10 -42.18 -26.13
CA VAL D 35 -0.94 -43.18 -25.92
C VAL D 35 -1.55 -43.62 -27.25
N TYR D 36 -1.60 -42.74 -28.24
CA TYR D 36 -2.17 -43.09 -29.54
C TYR D 36 -1.15 -43.72 -30.48
N GLU D 37 0.14 -43.63 -30.16
CA GLU D 37 1.18 -44.30 -30.93
C GLU D 37 1.40 -45.74 -30.52
N LEU D 38 0.60 -46.25 -29.59
CA LEU D 38 0.66 -47.65 -29.18
C LEU D 38 -0.40 -48.46 -29.90
N THR D 39 -0.07 -49.70 -30.25
CA THR D 39 -1.00 -50.57 -30.93
C THR D 39 -2.12 -51.01 -29.99
N SER D 40 -3.04 -51.83 -30.52
CA SER D 40 -4.21 -52.22 -29.76
C SER D 40 -3.85 -53.11 -28.57
N GLU D 41 -2.92 -54.05 -28.78
CA GLU D 41 -2.57 -54.98 -27.72
C GLU D 41 -1.90 -54.26 -26.55
N GLU D 42 -0.96 -53.36 -26.83
CA GLU D 42 -0.27 -52.64 -25.78
C GLU D 42 -1.10 -51.51 -25.19
N ALA D 43 -2.11 -51.02 -25.90
CA ALA D 43 -3.00 -50.01 -25.34
C ALA D 43 -3.82 -50.58 -24.19
N LEU D 44 -4.14 -51.87 -24.24
CA LEU D 44 -4.83 -52.50 -23.12
C LEU D 44 -3.88 -52.72 -21.95
N SER D 45 -2.62 -53.08 -22.24
CA SER D 45 -1.63 -53.23 -21.18
C SER D 45 -1.33 -51.91 -20.50
N TYR D 46 -1.38 -50.80 -21.26
CA TYR D 46 -1.20 -49.49 -20.66
C TYR D 46 -2.35 -49.15 -19.72
N PHE D 47 -3.59 -49.30 -20.19
CA PHE D 47 -4.75 -48.92 -19.39
C PHE D 47 -4.94 -49.83 -18.17
N LEU D 48 -4.28 -50.99 -18.14
CA LEU D 48 -4.38 -51.88 -16.99
C LEU D 48 -3.29 -51.63 -15.95
N ARG D 49 -2.35 -50.74 -16.23
CA ARG D 49 -1.29 -50.45 -15.27
C ARG D 49 -1.84 -49.65 -14.09
N HIS D 50 -1.27 -49.88 -12.91
CA HIS D 50 -1.76 -49.21 -11.70
C HIS D 50 -1.55 -47.71 -11.77
N ASP D 51 -0.36 -47.28 -12.21
CA ASP D 51 -0.10 -45.85 -12.37
C ASP D 51 -0.97 -45.22 -13.44
N SER D 52 -1.58 -46.04 -14.30
CA SER D 52 -2.55 -45.58 -15.29
C SER D 52 -3.99 -45.73 -14.81
N TYR D 53 -4.29 -46.82 -14.09
CA TYR D 53 -5.62 -46.99 -13.52
C TYR D 53 -5.98 -45.84 -12.59
N THR D 54 -4.98 -45.30 -11.87
CA THR D 54 -5.20 -44.16 -10.99
C THR D 54 -3.89 -43.38 -10.86
N THR D 55 -4.00 -42.06 -10.90
CA THR D 55 -2.87 -41.18 -10.67
C THR D 55 -2.87 -40.61 -9.26
N LEU D 56 -3.64 -41.19 -8.36
CA LEU D 56 -3.72 -40.73 -6.99
C LEU D 56 -2.45 -41.10 -6.23
N GLU D 57 -1.92 -40.15 -5.47
CA GLU D 57 -0.69 -40.36 -4.71
C GLU D 57 -0.94 -41.38 -3.62
N LEU D 58 -0.56 -42.63 -3.87
CA LEU D 58 -0.72 -43.73 -2.95
C LEU D 58 0.65 -44.32 -2.60
N PRO D 59 0.77 -45.00 -1.46
CA PRO D 59 2.04 -45.66 -1.13
C PRO D 59 2.40 -46.72 -2.16
N ALA D 60 3.70 -47.03 -2.19
CA ALA D 60 4.21 -47.95 -3.20
C ALA D 60 3.69 -49.37 -3.02
N TYR D 61 3.25 -49.74 -1.82
CA TYR D 61 2.75 -51.09 -1.61
C TYR D 61 1.35 -51.31 -2.18
N ILE D 62 0.73 -50.28 -2.74
CA ILE D 62 -0.54 -50.42 -3.44
C ILE D 62 -0.25 -50.61 -4.93
N ASN D 63 -0.74 -51.71 -5.49
CA ASN D 63 -0.49 -52.01 -6.91
C ASN D 63 -1.73 -52.69 -7.47
N PHE D 64 -2.57 -51.91 -8.15
CA PHE D 64 -3.77 -52.45 -8.79
C PHE D 64 -3.48 -53.18 -10.09
N THR D 65 -2.21 -53.30 -10.47
CA THR D 65 -1.87 -53.99 -11.72
C THR D 65 -2.25 -55.46 -11.67
N THR D 66 -2.15 -56.09 -10.49
CA THR D 66 -2.44 -57.51 -10.40
C THR D 66 -3.94 -57.79 -10.52
N LEU D 67 -4.77 -56.93 -9.92
CA LEU D 67 -6.21 -57.17 -9.94
C LEU D 67 -6.79 -56.99 -11.32
N LEU D 68 -6.58 -55.82 -11.92
CA LEU D 68 -7.20 -55.51 -13.21
C LEU D 68 -6.72 -56.45 -14.30
N ASN D 69 -5.41 -56.72 -14.34
CA ASN D 69 -4.87 -57.56 -15.41
C ASN D 69 -5.34 -58.99 -15.27
N ASP D 70 -5.64 -59.44 -14.05
CA ASP D 70 -6.20 -60.77 -13.86
C ASP D 70 -7.68 -60.82 -14.17
N ILE D 71 -8.39 -59.69 -14.00
CA ILE D 71 -9.78 -59.63 -14.44
C ILE D 71 -9.84 -59.65 -15.96
N ASN D 72 -8.88 -59.01 -16.63
CA ASN D 72 -8.83 -59.04 -18.08
C ASN D 72 -8.69 -60.47 -18.59
N SER D 73 -7.68 -61.20 -18.09
CA SER D 73 -7.48 -62.57 -18.51
C SER D 73 -8.70 -63.46 -18.21
N SER D 74 -9.52 -63.06 -17.24
CA SER D 74 -10.77 -63.79 -16.98
C SER D 74 -11.83 -63.48 -18.03
N ILE D 75 -11.83 -62.26 -18.58
CA ILE D 75 -12.76 -61.95 -19.66
C ILE D 75 -12.28 -62.59 -20.97
N HIS D 76 -10.97 -62.63 -21.18
CA HIS D 76 -10.44 -63.23 -22.40
C HIS D 76 -10.56 -64.74 -22.38
N ASN D 77 -10.53 -65.36 -21.19
CA ASN D 77 -10.69 -66.80 -21.06
C ASN D 77 -12.13 -67.23 -20.88
N LYS D 78 -13.08 -66.29 -20.94
CA LYS D 78 -14.51 -66.55 -20.80
C LYS D 78 -14.86 -67.20 -19.46
N LYS D 79 -14.00 -67.05 -18.45
CA LYS D 79 -14.32 -67.56 -17.12
C LYS D 79 -15.39 -66.72 -16.46
N ILE D 80 -15.34 -65.40 -16.68
CA ILE D 80 -16.36 -64.48 -16.18
C ILE D 80 -16.71 -63.51 -17.31
N LYS D 81 -17.99 -63.17 -17.41
CA LYS D 81 -18.48 -62.27 -18.45
C LYS D 81 -19.22 -61.11 -17.79
N ILE D 82 -18.69 -59.91 -17.97
CA ILE D 82 -19.30 -58.70 -17.40
C ILE D 82 -20.23 -58.10 -18.45
N GLU D 83 -21.53 -58.15 -18.17
CA GLU D 83 -22.53 -57.62 -19.08
C GLU D 83 -23.20 -56.40 -18.46
N PRO D 84 -23.01 -55.21 -19.01
CA PRO D 84 -23.62 -54.02 -18.43
C PRO D 84 -24.97 -53.69 -19.07
N THR D 85 -25.77 -52.95 -18.32
CA THR D 85 -27.08 -52.50 -18.78
C THR D 85 -27.36 -51.13 -18.19
N ALA D 86 -27.85 -50.21 -19.03
CA ALA D 86 -28.19 -48.88 -18.54
C ALA D 86 -29.34 -48.92 -17.55
N LYS D 87 -30.19 -49.94 -17.63
CA LYS D 87 -31.28 -50.09 -16.67
C LYS D 87 -30.80 -50.70 -15.36
N GLU D 88 -29.89 -51.66 -15.43
CA GLU D 88 -29.38 -52.30 -14.22
C GLU D 88 -28.39 -51.40 -13.48
N LEU D 89 -27.54 -50.68 -14.23
CA LEU D 89 -26.57 -49.78 -13.61
C LEU D 89 -27.20 -48.51 -13.07
N MET D 90 -28.44 -48.20 -13.44
CA MET D 90 -29.08 -46.98 -12.99
C MET D 90 -29.41 -47.06 -11.51
N GLY D 91 -29.16 -45.95 -10.80
CA GLY D 91 -29.48 -45.88 -9.39
C GLY D 91 -28.53 -46.64 -8.49
N LYS D 92 -27.25 -46.71 -8.85
CA LYS D 92 -26.28 -47.42 -8.04
C LYS D 92 -24.91 -46.75 -8.20
N ASP D 93 -24.29 -46.42 -7.07
CA ASP D 93 -22.94 -45.87 -7.07
C ASP D 93 -21.94 -46.99 -7.27
N ILE D 94 -21.36 -47.09 -8.46
CA ILE D 94 -20.53 -48.22 -8.82
C ILE D 94 -19.08 -48.04 -8.39
N ASN D 95 -18.62 -46.82 -8.18
CA ASN D 95 -17.21 -46.53 -7.97
C ASN D 95 -16.94 -46.04 -6.56
N TYR D 96 -15.66 -46.11 -6.17
CA TYR D 96 -15.17 -45.57 -4.91
C TYR D 96 -14.51 -44.22 -5.15
N GLU D 97 -14.65 -43.32 -4.19
CA GLU D 97 -14.14 -41.96 -4.32
C GLU D 97 -13.27 -41.60 -3.13
N VAL D 98 -12.13 -40.96 -3.43
CA VAL D 98 -11.24 -40.41 -2.42
C VAL D 98 -11.16 -38.90 -2.64
N LEU D 99 -11.28 -38.13 -1.56
CA LEU D 99 -11.31 -36.68 -1.62
C LEU D 99 -9.93 -36.09 -1.35
N VAL D 100 -9.46 -35.24 -2.26
CA VAL D 100 -8.24 -34.48 -2.10
C VAL D 100 -8.62 -33.01 -2.01
N SER D 101 -8.04 -32.31 -1.03
CA SER D 101 -8.45 -30.93 -0.76
C SER D 101 -8.07 -29.99 -1.89
N LYS D 102 -6.97 -30.27 -2.59
CA LYS D 102 -6.44 -29.42 -3.65
C LYS D 102 -5.99 -28.07 -3.10
N ASP D 103 -6.94 -27.24 -2.67
CA ASP D 103 -6.64 -25.91 -2.17
C ASP D 103 -7.91 -25.33 -1.54
N GLY D 104 -7.74 -24.23 -0.80
CA GLY D 104 -8.86 -23.54 -0.17
C GLY D 104 -9.32 -24.08 1.18
N LEU D 105 -9.26 -25.41 1.34
CA LEU D 105 -9.58 -26.12 2.59
C LEU D 105 -11.07 -26.11 2.90
N TYR D 106 -11.86 -25.28 2.24
CA TYR D 106 -13.31 -25.40 2.27
C TYR D 106 -13.85 -26.08 1.02
N SER D 107 -12.96 -26.43 0.09
CA SER D 107 -13.33 -27.13 -1.14
C SER D 107 -12.40 -28.31 -1.35
N TRP D 108 -12.94 -29.37 -1.95
CA TRP D 108 -12.18 -30.59 -2.21
C TRP D 108 -12.55 -31.13 -3.58
N ARG D 109 -11.61 -31.88 -4.16
CA ARG D 109 -11.80 -32.51 -5.46
C ARG D 109 -12.02 -34.00 -5.28
N ARG D 110 -12.99 -34.54 -6.01
CA ARG D 110 -13.40 -35.93 -5.89
C ARG D 110 -12.60 -36.77 -6.89
N ILE D 111 -11.63 -37.53 -6.38
CA ILE D 111 -10.88 -38.48 -7.20
C ILE D 111 -11.57 -39.83 -7.13
N THR D 112 -11.86 -40.42 -8.29
CA THR D 112 -12.68 -41.61 -8.39
C THR D 112 -11.81 -42.82 -8.75
N LEU D 113 -11.89 -43.86 -7.92
CA LEU D 113 -11.33 -45.17 -8.26
C LEU D 113 -12.43 -45.96 -8.95
N ILE D 114 -12.46 -45.86 -10.28
CA ILE D 114 -13.46 -46.54 -11.09
C ILE D 114 -13.53 -48.03 -10.73
N ASN D 115 -14.72 -48.60 -10.81
CA ASN D 115 -14.93 -50.01 -10.50
C ASN D 115 -14.03 -50.88 -11.37
N PRO D 116 -13.30 -51.83 -10.80
CA PRO D 116 -12.38 -52.65 -11.62
C PRO D 116 -13.08 -53.43 -12.71
N LEU D 117 -14.28 -53.96 -12.44
CA LEU D 117 -14.98 -54.74 -13.45
C LEU D 117 -15.43 -53.86 -14.61
N TYR D 118 -16.07 -52.73 -14.31
CA TYR D 118 -16.48 -51.81 -15.36
C TYR D 118 -15.29 -51.18 -16.06
N TYR D 119 -14.15 -51.09 -15.38
CA TYR D 119 -12.97 -50.47 -15.97
C TYR D 119 -12.36 -51.35 -17.05
N VAL D 120 -12.08 -52.62 -16.73
CA VAL D 120 -11.47 -53.50 -17.71
C VAL D 120 -12.41 -53.76 -18.87
N TYR D 121 -13.73 -53.73 -18.62
CA TYR D 121 -14.69 -53.85 -19.72
C TYR D 121 -14.63 -52.62 -20.62
N PHE D 122 -14.75 -51.44 -20.04
CA PHE D 122 -14.72 -50.21 -20.81
C PHE D 122 -13.35 -49.94 -21.41
N CYS D 123 -12.28 -50.49 -20.81
CA CYS D 123 -10.97 -50.40 -21.43
C CYS D 123 -10.88 -51.32 -22.65
N ARG D 124 -11.42 -52.53 -22.53
CA ARG D 124 -11.44 -53.44 -23.67
C ARG D 124 -12.35 -52.98 -24.79
N LYS D 125 -13.36 -52.15 -24.48
CA LYS D 125 -14.30 -51.72 -25.50
C LYS D 125 -13.67 -50.74 -26.48
N ILE D 126 -12.92 -49.77 -25.97
CA ILE D 126 -12.35 -48.76 -26.86
C ILE D 126 -11.03 -49.23 -27.47
N THR D 127 -10.32 -50.13 -26.79
CA THR D 127 -9.06 -50.65 -27.32
C THR D 127 -9.26 -51.73 -28.37
N ALA D 128 -10.50 -52.11 -28.66
CA ALA D 128 -10.75 -53.05 -29.72
C ALA D 128 -10.31 -52.45 -31.05
N PRO D 129 -9.73 -53.25 -31.95
CA PRO D 129 -9.15 -52.67 -33.18
C PRO D 129 -10.14 -51.91 -34.03
N ALA D 130 -11.43 -52.20 -33.93
CA ALA D 130 -12.42 -51.47 -34.72
C ALA D 130 -12.54 -50.03 -34.27
N THR D 131 -12.79 -49.81 -32.98
CA THR D 131 -12.95 -48.47 -32.45
C THR D 131 -11.64 -47.79 -32.09
N TRP D 132 -10.56 -48.56 -31.88
CA TRP D 132 -9.28 -47.95 -31.55
C TRP D 132 -8.67 -47.26 -32.76
N GLU D 133 -8.76 -47.89 -33.93
CA GLU D 133 -8.20 -47.29 -35.14
C GLU D 133 -8.83 -45.93 -35.45
N ILE D 134 -10.09 -45.74 -35.07
CA ILE D 134 -10.74 -44.45 -35.28
C ILE D 134 -10.23 -43.41 -34.28
N ILE D 135 -9.91 -43.85 -33.06
CA ILE D 135 -9.44 -42.90 -32.05
C ILE D 135 -8.01 -42.46 -32.34
N THR D 136 -7.14 -43.41 -32.70
CA THR D 136 -5.76 -43.05 -33.05
C THR D 136 -5.72 -42.17 -34.29
N GLU D 137 -6.59 -42.45 -35.27
CA GLU D 137 -6.64 -41.61 -36.47
C GLU D 137 -7.12 -40.20 -36.14
N LYS D 138 -7.79 -40.01 -35.02
CA LYS D 138 -8.22 -38.69 -34.59
C LYS D 138 -7.12 -37.96 -33.83
N PHE D 139 -6.46 -38.64 -32.89
CA PHE D 139 -5.33 -38.03 -32.20
C PHE D 139 -4.20 -37.69 -33.16
N LYS D 140 -4.04 -38.48 -34.23
CA LYS D 140 -3.04 -38.18 -35.24
C LYS D 140 -3.42 -36.94 -36.04
N SER D 141 -4.72 -36.66 -36.16
CA SER D 141 -5.15 -35.44 -36.85
C SER D 141 -4.81 -34.19 -36.05
N PHE D 142 -4.74 -34.31 -34.71
CA PHE D 142 -4.33 -33.18 -33.90
C PHE D 142 -2.87 -32.80 -34.17
N GLU D 143 -2.06 -33.76 -34.61
CA GLU D 143 -0.68 -33.46 -34.97
C GLU D 143 -0.60 -32.55 -36.19
N SER D 144 -1.58 -32.63 -37.09
CA SER D 144 -1.56 -31.78 -38.28
C SER D 144 -1.71 -30.31 -37.93
N ASN D 145 -2.39 -29.99 -36.83
CA ASN D 145 -2.55 -28.62 -36.36
C ASN D 145 -1.19 -28.14 -35.85
N ASP D 146 -0.37 -27.66 -36.79
CA ASP D 146 1.00 -27.29 -36.45
C ASP D 146 1.07 -26.08 -35.52
N LEU D 147 0.07 -25.20 -35.57
CA LEU D 147 0.10 -24.02 -34.71
C LEU D 147 -0.11 -24.38 -33.25
N PHE D 148 -0.83 -25.46 -32.97
CA PHE D 148 -1.17 -25.83 -31.61
C PHE D 148 -0.29 -26.99 -31.17
N THR D 149 0.40 -26.82 -30.05
CA THR D 149 1.28 -27.83 -29.48
C THR D 149 0.78 -28.20 -28.09
N CYS D 150 0.51 -29.49 -27.87
CA CYS D 150 0.00 -29.99 -26.60
C CYS D 150 1.07 -30.82 -25.92
N SER D 151 1.41 -30.45 -24.68
CA SER D 151 2.38 -31.17 -23.88
C SER D 151 1.73 -31.89 -22.70
N SER D 152 0.48 -32.33 -22.88
CA SER D 152 -0.28 -32.97 -21.80
C SER D 152 -1.01 -34.23 -22.27
N ILE D 153 -0.56 -34.85 -23.36
CA ILE D 153 -1.14 -36.11 -23.81
C ILE D 153 -0.55 -37.23 -22.97
N PRO D 154 -1.34 -38.24 -22.59
CA PRO D 154 -0.80 -39.34 -21.77
C PRO D 154 0.25 -40.13 -22.54
N VAL D 155 1.34 -40.45 -21.84
CA VAL D 155 2.51 -41.07 -22.43
C VAL D 155 2.90 -42.29 -21.61
N ARG D 156 3.30 -43.36 -22.29
CA ARG D 156 3.83 -44.54 -21.61
C ARG D 156 5.10 -44.16 -20.85
N LYS D 157 5.19 -44.62 -19.59
CA LYS D 157 6.32 -44.29 -18.74
C LYS D 157 7.50 -45.22 -19.02
N ASP D 158 8.41 -45.34 -18.06
CA ASP D 158 9.57 -46.20 -18.20
C ASP D 158 10.06 -46.71 -16.84
N TRP D 170 12.75 -28.96 -12.45
CA TRP D 170 13.28 -27.69 -12.90
C TRP D 170 12.23 -26.88 -13.66
N TRP D 171 12.24 -27.00 -14.98
CA TRP D 171 11.30 -26.30 -15.86
C TRP D 171 10.51 -27.33 -16.65
N GLU D 172 9.19 -27.26 -16.55
CA GLU D 172 8.35 -28.16 -17.32
C GLU D 172 8.28 -27.70 -18.78
N ASP D 173 7.87 -28.62 -19.65
CA ASP D 173 7.84 -28.32 -21.08
C ASP D 173 6.83 -27.23 -21.41
N PHE D 174 5.75 -27.13 -20.65
CA PHE D 174 4.78 -26.07 -20.86
C PHE D 174 5.40 -24.69 -20.58
N GLU D 175 6.34 -24.62 -19.65
CA GLU D 175 7.00 -23.37 -19.30
C GLU D 175 8.21 -23.10 -20.18
N GLN D 176 9.00 -24.13 -20.49
CA GLN D 176 10.19 -23.93 -21.31
C GLN D 176 9.84 -23.55 -22.74
N LYS D 177 8.73 -24.08 -23.26
CA LYS D 177 8.31 -23.72 -24.62
C LYS D 177 7.74 -22.31 -24.66
N SER D 178 7.00 -21.91 -23.63
CA SER D 178 6.46 -20.56 -23.57
C SER D 178 7.56 -19.52 -23.41
N LEU D 179 8.68 -19.90 -22.80
CA LEU D 179 9.79 -18.97 -22.64
C LEU D 179 10.51 -18.74 -23.97
N ALA D 180 10.77 -19.81 -24.73
CA ALA D 180 11.50 -19.68 -25.98
C ALA D 180 10.71 -18.91 -27.03
N LEU D 181 9.38 -18.91 -26.93
CA LEU D 181 8.56 -18.19 -27.90
C LEU D 181 8.66 -16.68 -27.75
N ALA D 182 9.27 -16.18 -26.67
CA ALA D 182 9.48 -14.74 -26.54
C ALA D 182 10.44 -14.20 -27.59
N LEU D 183 11.28 -15.08 -28.18
CA LEU D 183 12.13 -14.65 -29.28
C LEU D 183 11.31 -14.30 -30.51
N GLU D 184 10.22 -15.03 -30.75
CA GLU D 184 9.39 -14.81 -31.93
C GLU D 184 8.28 -13.80 -31.66
N TYR D 185 7.41 -14.10 -30.70
CA TYR D 185 6.24 -13.28 -30.42
C TYR D 185 6.48 -12.36 -29.23
N GLU D 186 5.57 -11.40 -29.07
CA GLU D 186 5.70 -10.36 -28.05
C GLU D 186 4.69 -10.51 -26.92
N PHE D 187 3.42 -10.72 -27.24
CA PHE D 187 2.36 -10.78 -26.25
C PHE D 187 1.91 -12.22 -26.03
N MET D 188 1.14 -12.41 -24.96
CA MET D 188 0.67 -13.74 -24.57
C MET D 188 -0.73 -13.61 -23.98
N PHE D 189 -1.53 -14.66 -24.15
CA PHE D 189 -2.89 -14.72 -23.62
C PHE D 189 -3.08 -16.09 -22.97
N SER D 190 -3.08 -16.13 -21.64
CA SER D 190 -3.16 -17.37 -20.89
C SER D 190 -4.50 -17.45 -20.18
N THR D 191 -5.17 -18.60 -20.30
CA THR D 191 -6.47 -18.82 -19.67
C THR D 191 -6.56 -20.27 -19.21
N ASP D 192 -7.69 -20.59 -18.59
CA ASP D 192 -7.96 -21.94 -18.09
C ASP D 192 -9.47 -22.16 -18.08
N ILE D 193 -9.91 -23.31 -18.56
CA ILE D 193 -11.33 -23.64 -18.50
C ILE D 193 -11.77 -23.74 -17.04
N SER D 194 -12.96 -23.21 -16.76
CA SER D 194 -13.40 -23.00 -15.38
C SER D 194 -13.36 -24.30 -14.58
N ASN D 195 -14.11 -25.31 -15.05
CA ASN D 195 -14.15 -26.61 -14.39
C ASN D 195 -14.30 -27.65 -15.51
N PHE D 196 -13.18 -27.89 -16.21
CA PHE D 196 -13.20 -28.68 -17.44
C PHE D 196 -13.81 -30.06 -17.21
N TYR D 197 -13.14 -30.91 -16.43
CA TYR D 197 -13.65 -32.26 -16.21
C TYR D 197 -15.07 -32.30 -15.66
N PRO D 198 -15.43 -31.58 -14.59
CA PRO D 198 -16.80 -31.73 -14.04
C PRO D 198 -17.89 -31.09 -14.88
N SER D 199 -17.56 -30.33 -15.92
CA SER D 199 -18.57 -29.62 -16.71
C SER D 199 -18.66 -30.10 -18.15
N ILE D 200 -17.93 -31.15 -18.52
CA ILE D 200 -18.01 -31.68 -19.87
C ILE D 200 -19.38 -32.32 -20.07
N TYR D 201 -20.09 -31.86 -21.09
CA TYR D 201 -21.32 -32.53 -21.51
C TYR D 201 -20.95 -33.87 -22.14
N THR D 202 -21.42 -34.97 -21.54
CA THR D 202 -21.03 -36.29 -22.01
C THR D 202 -21.47 -36.54 -23.45
N HIS D 203 -22.55 -35.90 -23.88
CA HIS D 203 -23.02 -36.06 -25.25
C HIS D 203 -22.14 -35.33 -26.27
N SER D 204 -21.19 -34.51 -25.81
CA SER D 204 -20.31 -33.81 -26.73
C SER D 204 -19.25 -34.71 -27.35
N PHE D 205 -19.07 -35.93 -26.84
CA PHE D 205 -18.11 -36.87 -27.42
C PHE D 205 -18.52 -37.33 -28.80
N GLU D 206 -19.77 -37.10 -29.22
CA GLU D 206 -20.15 -37.40 -30.58
C GLU D 206 -19.74 -36.28 -31.54
N TRP D 207 -19.82 -35.03 -31.08
CA TRP D 207 -19.49 -33.90 -31.95
C TRP D 207 -18.02 -33.90 -32.37
N VAL D 208 -17.16 -34.66 -31.68
CA VAL D 208 -15.76 -34.75 -32.08
C VAL D 208 -15.52 -35.81 -33.15
N PHE D 209 -16.53 -36.61 -33.49
CA PHE D 209 -16.43 -37.59 -34.56
C PHE D 209 -17.50 -37.44 -35.64
N ILE D 210 -18.64 -36.84 -35.33
CA ILE D 210 -19.69 -36.58 -36.29
C ILE D 210 -20.03 -35.09 -36.24
N SER D 211 -20.94 -34.67 -37.11
CA SER D 211 -21.39 -33.28 -37.19
C SER D 211 -22.87 -33.23 -36.84
N LYS D 212 -23.21 -32.50 -35.77
CA LYS D 212 -24.59 -32.36 -35.30
C LYS D 212 -25.14 -33.75 -34.96
N GLU D 213 -26.11 -34.27 -35.71
CA GLU D 213 -26.53 -35.65 -35.52
C GLU D 213 -26.59 -36.39 -36.84
N ASN D 222 -23.66 -45.62 -33.97
CA ASN D 222 -22.54 -46.15 -34.74
C ASN D 222 -21.31 -45.26 -34.62
N ASN D 223 -21.43 -44.18 -33.85
CA ASN D 223 -20.33 -43.26 -33.67
C ASN D 223 -19.36 -43.80 -32.61
N PRO D 224 -18.06 -43.63 -32.81
CA PRO D 224 -17.11 -44.09 -31.78
C PRO D 224 -17.19 -43.27 -30.51
N GLY D 225 -17.42 -41.96 -30.62
CA GLY D 225 -17.63 -41.14 -29.43
C GLY D 225 -18.93 -41.43 -28.71
N GLY D 226 -19.91 -41.99 -29.41
CA GLY D 226 -21.15 -42.37 -28.75
C GLY D 226 -20.98 -43.51 -27.78
N LEU D 227 -20.03 -44.41 -28.04
CA LEU D 227 -19.74 -45.49 -27.10
C LEU D 227 -19.11 -44.96 -25.81
N ILE D 228 -18.62 -43.72 -25.82
CA ILE D 228 -18.08 -43.12 -24.61
C ILE D 228 -19.14 -42.33 -23.85
N ASP D 229 -20.09 -41.70 -24.57
CA ASP D 229 -21.17 -40.98 -23.91
C ASP D 229 -22.06 -41.92 -23.11
N SER D 230 -22.28 -43.13 -23.62
CA SER D 230 -23.15 -44.08 -22.94
C SER D 230 -22.42 -44.86 -21.85
N HIS D 231 -21.10 -45.05 -22.00
CA HIS D 231 -20.34 -45.81 -21.02
C HIS D 231 -19.89 -44.97 -19.83
N ILE D 232 -19.99 -43.65 -19.92
CA ILE D 232 -19.77 -42.79 -18.76
C ILE D 232 -21.08 -42.52 -18.02
N GLN D 233 -22.17 -42.30 -18.76
CA GLN D 233 -23.47 -42.10 -18.16
C GLN D 233 -24.02 -43.36 -17.49
N MET D 234 -23.38 -44.52 -17.71
CA MET D 234 -23.80 -45.76 -17.06
C MET D 234 -23.05 -46.01 -15.76
N MET D 235 -21.75 -45.75 -15.74
CA MET D 235 -20.93 -45.94 -14.54
C MET D 235 -21.15 -44.85 -13.49
N MET D 236 -21.97 -43.85 -13.78
CA MET D 236 -22.27 -42.79 -12.84
C MET D 236 -23.71 -42.35 -13.03
N ASN D 237 -24.31 -41.87 -11.95
CA ASN D 237 -25.68 -41.37 -12.00
C ASN D 237 -25.73 -40.09 -12.83
N ASN D 238 -25.97 -40.22 -14.13
CA ASN D 238 -25.98 -39.09 -15.04
C ASN D 238 -27.09 -38.10 -14.71
N GLY D 242 -20.74 -35.75 -15.71
CA GLY D 242 -19.60 -35.46 -16.57
C GLY D 242 -18.55 -36.55 -16.46
N ILE D 243 -17.32 -36.22 -16.87
CA ILE D 243 -16.22 -37.18 -16.87
C ILE D 243 -15.60 -37.24 -15.48
N PRO D 244 -15.29 -38.43 -14.95
CA PRO D 244 -14.68 -38.51 -13.62
C PRO D 244 -13.25 -38.00 -13.58
N LEU D 245 -12.58 -38.20 -12.45
CA LEU D 245 -11.21 -37.74 -12.25
C LEU D 245 -10.37 -38.88 -11.67
N GLY D 246 -9.08 -38.87 -12.01
CA GLY D 246 -8.15 -39.82 -11.42
C GLY D 246 -7.48 -40.75 -12.41
N SER D 247 -8.27 -41.36 -13.29
CA SER D 247 -7.75 -42.35 -14.23
C SER D 247 -7.20 -41.67 -15.49
N THR D 248 -6.12 -42.24 -16.04
CA THR D 248 -5.58 -41.70 -17.27
C THR D 248 -6.51 -41.97 -18.45
N LEU D 249 -7.44 -42.91 -18.31
CA LEU D 249 -8.45 -43.10 -19.34
C LEU D 249 -9.29 -41.84 -19.52
N MET D 250 -9.60 -41.16 -18.42
CA MET D 250 -10.29 -39.87 -18.51
C MET D 250 -9.40 -38.80 -19.12
N ASP D 251 -8.09 -38.87 -18.86
CA ASP D 251 -7.17 -37.90 -19.44
C ASP D 251 -7.12 -38.04 -20.96
N THR D 252 -7.22 -39.27 -21.47
CA THR D 252 -7.24 -39.48 -22.91
C THR D 252 -8.55 -38.99 -23.52
N PHE D 253 -9.66 -39.23 -22.83
CA PHE D 253 -10.95 -38.72 -23.31
C PHE D 253 -10.99 -37.20 -23.26
N ALA D 254 -10.47 -36.62 -22.19
CA ALA D 254 -10.40 -35.17 -22.09
C ALA D 254 -9.55 -34.58 -23.20
N GLU D 255 -8.45 -35.25 -23.54
CA GLU D 255 -7.59 -34.77 -24.61
C GLU D 255 -8.22 -34.95 -25.98
N LEU D 256 -9.24 -35.81 -26.10
CA LEU D 256 -9.95 -35.94 -27.37
C LEU D 256 -10.71 -34.66 -27.70
N ILE D 257 -11.62 -34.25 -26.81
CA ILE D 257 -12.38 -33.03 -27.07
C ILE D 257 -11.48 -31.81 -26.98
N LEU D 258 -10.43 -31.86 -26.16
CA LEU D 258 -9.48 -30.75 -26.09
C LEU D 258 -8.80 -30.55 -27.43
N GLY D 259 -8.43 -31.65 -28.10
CA GLY D 259 -7.90 -31.54 -29.45
C GLY D 259 -8.96 -31.10 -30.44
N GLN D 260 -10.23 -31.40 -30.16
CA GLN D 260 -11.30 -30.94 -31.04
C GLN D 260 -11.58 -29.46 -30.84
N ILE D 261 -11.46 -28.96 -29.61
CA ILE D 261 -11.46 -27.52 -29.40
C ILE D 261 -10.34 -26.87 -30.20
N ASP D 262 -9.21 -27.58 -30.32
CA ASP D 262 -8.09 -27.06 -31.11
C ASP D 262 -8.40 -27.08 -32.60
N ILE D 263 -9.07 -28.14 -33.07
CA ILE D 263 -9.41 -28.22 -34.49
C ILE D 263 -10.49 -27.20 -34.84
N GLU D 264 -11.53 -27.10 -34.00
CA GLU D 264 -12.63 -26.19 -34.28
C GLU D 264 -12.21 -24.73 -34.11
N LEU D 265 -11.19 -24.46 -33.28
CA LEU D 265 -10.71 -23.09 -33.14
C LEU D 265 -9.93 -22.64 -34.37
N ARG D 266 -9.07 -23.51 -34.90
CA ARG D 266 -8.30 -23.16 -36.09
C ARG D 266 -9.19 -22.93 -37.30
N LYS D 267 -10.39 -23.52 -37.32
CA LYS D 267 -11.33 -23.23 -38.39
C LYS D 267 -11.83 -21.79 -38.33
N LYS D 268 -12.12 -21.30 -37.12
CA LYS D 268 -12.61 -19.94 -36.95
C LYS D 268 -11.52 -18.89 -37.12
N THR D 269 -10.25 -19.24 -36.89
CA THR D 269 -9.17 -18.28 -37.08
C THR D 269 -8.65 -18.26 -38.51
N ASN D 270 -8.78 -19.37 -39.24
CA ASN D 270 -8.46 -19.36 -40.66
C ASN D 270 -9.57 -18.69 -41.47
N GLU D 271 -10.80 -18.72 -40.96
CA GLU D 271 -11.91 -18.03 -41.61
C GLU D 271 -11.73 -16.51 -41.51
N LEU D 272 -11.17 -16.03 -40.40
CA LEU D 272 -10.98 -14.61 -40.17
C LEU D 272 -9.60 -14.12 -40.62
N LYS D 273 -8.86 -14.94 -41.38
CA LYS D 273 -7.58 -14.55 -41.96
C LYS D 273 -6.56 -14.17 -40.88
N ILE D 274 -6.54 -14.93 -39.79
CA ILE D 274 -5.55 -14.78 -38.73
C ILE D 274 -4.77 -16.08 -38.65
N ILE D 275 -3.45 -16.00 -38.85
CA ILE D 275 -2.65 -17.22 -38.97
C ILE D 275 -1.29 -17.07 -38.33
N ASN D 276 -0.82 -15.83 -38.16
CA ASN D 276 0.53 -15.58 -37.64
C ASN D 276 0.48 -15.58 -36.11
N TYR D 277 0.39 -16.77 -35.54
CA TYR D 277 0.36 -16.95 -34.10
C TYR D 277 0.68 -18.39 -33.76
N LYS D 278 0.89 -18.64 -32.47
CA LYS D 278 1.17 -19.99 -31.97
C LYS D 278 0.51 -20.16 -30.62
N VAL D 279 0.31 -21.42 -30.23
CA VAL D 279 -0.42 -21.75 -29.01
C VAL D 279 0.28 -22.93 -28.32
N VAL D 280 0.55 -22.78 -27.03
CA VAL D 280 1.05 -23.87 -26.18
C VAL D 280 -0.05 -24.21 -25.18
N ARG D 281 -0.35 -25.50 -25.06
CA ARG D 281 -1.45 -25.96 -24.23
C ARG D 281 -1.00 -27.09 -23.31
N TYR D 282 -1.54 -27.09 -22.10
CA TYR D 282 -1.40 -28.22 -21.18
C TYR D 282 -2.78 -28.45 -20.57
N ARG D 283 -3.43 -29.55 -20.98
CA ARG D 283 -4.80 -29.85 -20.57
C ARG D 283 -5.70 -28.68 -20.94
N ASP D 284 -6.27 -28.00 -19.93
CA ASP D 284 -7.11 -26.84 -20.15
C ASP D 284 -6.36 -25.53 -19.94
N ASP D 285 -5.04 -25.58 -19.81
CA ASP D 285 -4.23 -24.38 -19.61
C ASP D 285 -3.75 -23.90 -20.97
N TYR D 286 -4.36 -22.82 -21.46
CA TYR D 286 -4.02 -22.25 -22.76
C TYR D 286 -2.96 -21.17 -22.61
N ARG D 287 -2.16 -21.02 -23.67
CA ARG D 287 -1.16 -19.95 -23.74
C ARG D 287 -1.02 -19.58 -25.21
N ILE D 288 -1.62 -18.46 -25.60
CA ILE D 288 -1.73 -18.05 -26.99
C ILE D 288 -0.75 -16.90 -27.24
N PHE D 289 0.14 -17.08 -28.22
CA PHE D 289 1.20 -16.14 -28.50
C PHE D 289 0.97 -15.47 -29.85
N SER D 290 1.28 -14.18 -29.93
CA SER D 290 1.16 -13.42 -31.16
C SER D 290 1.88 -12.09 -31.00
N ASN D 291 2.01 -11.37 -32.12
CA ASN D 291 2.59 -10.03 -32.13
C ASN D 291 1.53 -8.95 -32.36
N SER D 292 0.26 -9.29 -32.23
CA SER D 292 -0.83 -8.34 -32.47
C SER D 292 -1.84 -8.48 -31.34
N LYS D 293 -1.97 -7.44 -30.51
CA LYS D 293 -2.94 -7.47 -29.42
C LYS D 293 -4.36 -7.53 -29.94
N ASP D 294 -4.62 -6.91 -31.10
CA ASP D 294 -5.96 -6.95 -31.68
C ASP D 294 -6.30 -8.34 -32.19
N ASP D 295 -5.31 -9.04 -32.75
CA ASP D 295 -5.54 -10.42 -33.18
C ASP D 295 -5.82 -11.33 -31.98
N LEU D 296 -5.14 -11.07 -30.86
CA LEU D 296 -5.31 -11.94 -29.69
C LEU D 296 -6.70 -11.84 -29.09
N ASP D 297 -7.33 -10.66 -29.14
CA ASP D 297 -8.65 -10.53 -28.56
C ASP D 297 -9.72 -11.17 -29.45
N ILE D 298 -9.47 -11.26 -30.76
CA ILE D 298 -10.41 -11.95 -31.64
C ILE D 298 -10.17 -13.45 -31.66
N ILE D 299 -8.95 -13.90 -31.35
CA ILE D 299 -8.71 -15.33 -31.18
C ILE D 299 -9.38 -15.81 -29.89
N SER D 300 -9.28 -15.02 -28.83
CA SER D 300 -9.95 -15.38 -27.58
C SER D 300 -11.47 -15.31 -27.73
N LYS D 301 -11.96 -14.28 -28.43
CA LYS D 301 -13.39 -14.19 -28.70
C LYS D 301 -13.88 -15.35 -29.55
N CYS D 302 -13.00 -15.98 -30.33
CA CYS D 302 -13.36 -17.20 -31.03
C CYS D 302 -13.22 -18.43 -30.15
N LEU D 303 -12.30 -18.39 -29.18
CA LEU D 303 -12.13 -19.52 -28.28
C LEU D 303 -13.32 -19.67 -27.34
N VAL D 304 -13.88 -18.55 -26.90
CA VAL D 304 -15.05 -18.62 -26.03
C VAL D 304 -16.28 -19.10 -26.79
N ASN D 305 -16.31 -18.86 -28.12
CA ASN D 305 -17.42 -19.33 -28.92
C ASN D 305 -17.40 -20.85 -29.06
N VAL D 306 -16.25 -21.41 -29.46
CA VAL D 306 -16.14 -22.86 -29.61
C VAL D 306 -16.28 -23.55 -28.26
N LEU D 307 -15.78 -22.92 -27.19
CA LEU D 307 -15.97 -23.49 -25.85
C LEU D 307 -17.44 -23.40 -25.43
N GLY D 308 -18.10 -22.29 -25.75
CA GLY D 308 -19.52 -22.17 -25.45
C GLY D 308 -20.36 -23.18 -26.20
N ASP D 309 -19.89 -23.62 -27.37
CA ASP D 309 -20.58 -24.68 -28.11
C ASP D 309 -20.44 -26.03 -27.41
N PHE D 310 -19.50 -26.16 -26.48
CA PHE D 310 -19.33 -27.37 -25.69
C PHE D 310 -19.85 -27.21 -24.27
N GLY D 311 -20.53 -26.10 -23.98
CA GLY D 311 -20.98 -25.84 -22.63
C GLY D 311 -19.88 -25.51 -21.65
N LEU D 312 -18.70 -25.19 -22.15
CA LEU D 312 -17.55 -24.94 -21.31
C LEU D 312 -17.28 -23.44 -21.16
N ASP D 313 -16.69 -23.09 -20.03
CA ASP D 313 -16.47 -21.71 -19.62
C ASP D 313 -15.00 -21.48 -19.37
N LEU D 314 -14.54 -20.27 -19.62
CA LEU D 314 -13.22 -19.86 -19.19
C LEU D 314 -13.33 -19.16 -17.84
N ASN D 315 -12.33 -19.38 -16.98
CA ASN D 315 -12.27 -18.62 -15.73
C ASN D 315 -12.02 -17.16 -16.01
N SER D 316 -12.99 -16.32 -15.63
CA SER D 316 -12.79 -14.88 -15.64
C SER D 316 -11.58 -14.49 -14.80
N LYS D 317 -11.45 -15.10 -13.61
CA LYS D 317 -10.40 -14.70 -12.68
C LYS D 317 -9.01 -14.91 -13.27
N LYS D 318 -8.82 -16.00 -14.01
CA LYS D 318 -7.52 -16.26 -14.62
C LYS D 318 -7.57 -16.03 -16.12
N THR D 319 -7.86 -14.78 -16.53
CA THR D 319 -7.91 -14.42 -17.94
C THR D 319 -7.29 -13.04 -18.09
N GLU D 320 -6.21 -12.96 -18.87
CA GLU D 320 -5.50 -11.70 -19.03
C GLU D 320 -4.69 -11.73 -20.33
N LEU D 321 -4.62 -10.59 -21.00
CA LEU D 321 -3.76 -10.41 -22.16
C LEU D 321 -2.43 -9.83 -21.65
N TYR D 322 -1.43 -10.69 -21.48
CA TYR D 322 -0.19 -10.29 -20.83
C TYR D 322 0.72 -9.54 -21.78
N GLU D 323 1.19 -8.37 -21.35
CA GLU D 323 2.15 -7.58 -22.10
C GLU D 323 3.57 -8.16 -22.02
N ASP D 324 3.82 -9.11 -21.13
CA ASP D 324 5.16 -9.59 -20.84
C ASP D 324 5.12 -11.10 -20.70
N ILE D 325 5.77 -11.81 -21.62
CA ILE D 325 5.70 -13.27 -21.64
C ILE D 325 6.55 -13.88 -20.53
N ILE D 326 7.80 -13.42 -20.40
CA ILE D 326 8.73 -14.02 -19.45
C ILE D 326 8.22 -13.86 -18.02
N LEU D 327 7.50 -12.78 -17.73
CA LEU D 327 7.03 -12.53 -16.38
C LEU D 327 5.96 -13.55 -15.96
N HIS D 328 5.09 -13.95 -16.88
CA HIS D 328 3.96 -14.80 -16.55
C HIS D 328 4.09 -16.20 -17.14
N SER D 329 5.30 -16.61 -17.52
CA SER D 329 5.51 -17.97 -18.00
C SER D 329 5.63 -18.97 -16.85
N LEU D 330 5.90 -18.51 -15.63
CA LEU D 330 6.03 -19.36 -14.46
C LEU D 330 4.98 -18.98 -13.44
N LYS D 331 4.47 -19.97 -12.72
CA LYS D 331 3.59 -19.71 -11.60
C LYS D 331 4.33 -18.93 -10.52
N GLN D 332 3.58 -18.16 -9.73
CA GLN D 332 4.22 -17.31 -8.73
C GLN D 332 4.94 -18.12 -7.66
N ALA D 333 4.40 -19.30 -7.30
CA ALA D 333 5.05 -20.11 -6.29
C ALA D 333 6.42 -20.58 -6.74
N LYS D 334 6.58 -20.93 -8.03
CA LYS D 334 7.88 -21.32 -8.52
C LYS D 334 8.85 -20.15 -8.58
N LYS D 335 8.34 -18.95 -8.87
CA LYS D 335 9.21 -17.78 -8.90
C LYS D 335 9.77 -17.46 -7.52
N ASP D 336 8.94 -17.58 -6.48
CA ASP D 336 9.41 -17.31 -5.12
C ASP D 336 10.31 -18.42 -4.59
N TYR D 337 10.19 -19.64 -5.13
CA TYR D 337 11.05 -20.73 -4.69
C TYR D 337 12.52 -20.44 -4.97
N ILE D 338 12.81 -19.75 -6.07
CA ILE D 338 14.19 -19.39 -6.37
C ILE D 338 14.69 -18.30 -5.44
N LYS D 339 13.78 -17.47 -4.92
CA LYS D 339 14.18 -16.38 -4.03
C LYS D 339 14.50 -16.85 -2.62
N GLU D 340 14.11 -18.06 -2.25
CA GLU D 340 14.31 -18.54 -0.89
C GLU D 340 15.79 -18.82 -0.63
N LYS D 341 16.27 -18.36 0.52
CA LYS D 341 17.66 -18.53 0.89
C LYS D 341 17.91 -19.95 1.40
N ARG D 342 18.94 -20.60 0.87
CA ARG D 342 19.32 -21.92 1.34
C ARG D 342 19.87 -21.84 2.76
N HIS D 343 19.47 -22.80 3.59
CA HIS D 343 19.81 -22.80 5.01
C HIS D 343 20.50 -24.10 5.37
N LYS D 344 21.68 -23.99 5.99
CA LYS D 344 22.38 -25.17 6.48
C LYS D 344 21.76 -25.69 7.78
N SER D 345 21.14 -24.81 8.57
CA SER D 345 20.47 -25.23 9.79
C SER D 345 19.14 -25.90 9.46
N LEU D 346 18.84 -26.98 10.17
CA LEU D 346 17.61 -27.73 9.90
C LEU D 346 16.38 -26.93 10.32
N GLN D 347 16.41 -26.33 11.52
CA GLN D 347 15.25 -25.59 12.01
C GLN D 347 15.03 -24.31 11.22
N LYS D 348 16.12 -23.60 10.89
CA LYS D 348 15.98 -22.39 10.08
C LYS D 348 15.38 -22.69 8.71
N MET D 349 15.68 -23.86 8.15
CA MET D 349 15.08 -24.25 6.88
C MET D 349 13.60 -24.58 7.06
N LEU D 350 13.28 -25.43 8.05
CA LEU D 350 11.89 -25.84 8.24
C LEU D 350 10.99 -24.67 8.59
N TYR D 351 11.51 -23.68 9.31
CA TYR D 351 10.71 -22.48 9.60
C TYR D 351 10.49 -21.66 8.33
N SER D 352 11.51 -21.58 7.48
CA SER D 352 11.35 -20.90 6.20
C SER D 352 10.35 -21.64 5.31
N ILE D 353 10.27 -22.97 5.44
CA ILE D 353 9.27 -23.72 4.69
C ILE D 353 7.88 -23.32 5.13
N TYR D 354 7.66 -23.21 6.45
CA TYR D 354 6.36 -22.82 6.97
C TYR D 354 5.96 -21.44 6.47
N LEU D 355 6.90 -20.49 6.48
CA LEU D 355 6.60 -19.15 5.98
C LEU D 355 6.20 -19.19 4.51
N PHE D 356 6.82 -20.09 3.73
CA PHE D 356 6.48 -20.20 2.32
C PHE D 356 5.08 -20.78 2.11
N SER D 357 4.65 -21.67 3.00
CA SER D 357 3.33 -22.28 2.86
C SER D 357 2.19 -21.30 3.14
N LEU D 358 2.48 -20.18 3.80
CA LEU D 358 1.45 -19.18 4.08
C LEU D 358 1.26 -18.21 2.93
N LYS D 359 2.31 -17.96 2.14
CA LYS D 359 2.16 -17.14 0.94
C LYS D 359 1.63 -17.94 -0.24
N HIS D 360 1.79 -19.26 -0.20
CA HIS D 360 1.32 -20.14 -1.29
C HIS D 360 0.67 -21.37 -0.65
N PRO D 361 -0.60 -21.24 -0.27
CA PRO D 361 -1.25 -22.31 0.51
C PRO D 361 -1.54 -23.54 -0.35
N ASN D 362 -1.31 -24.71 0.24
CA ASN D 362 -1.64 -26.00 -0.39
C ASN D 362 -1.00 -26.13 -1.76
N SER D 363 0.26 -25.69 -1.87
CA SER D 363 0.96 -25.63 -3.14
C SER D 363 1.86 -26.85 -3.33
N LYS D 364 1.91 -27.34 -4.57
CA LYS D 364 2.86 -28.40 -4.90
C LYS D 364 4.29 -27.90 -4.89
N THR D 365 4.50 -26.59 -5.03
CA THR D 365 5.84 -26.04 -4.91
C THR D 365 6.36 -26.19 -3.48
N THR D 366 5.49 -26.04 -2.49
CA THR D 366 5.88 -26.28 -1.10
C THR D 366 6.24 -27.74 -0.87
N VAL D 367 5.57 -28.66 -1.57
CA VAL D 367 5.88 -30.08 -1.42
C VAL D 367 7.30 -30.36 -1.89
N ARG D 368 7.71 -29.77 -3.01
CA ARG D 368 9.07 -29.92 -3.48
C ARG D 368 10.08 -29.43 -2.46
N TYR D 369 9.70 -28.44 -1.65
CA TYR D 369 10.63 -27.75 -0.76
C TYR D 369 10.63 -28.35 0.64
N LEU D 370 9.58 -29.10 0.99
CA LEU D 370 9.66 -30.05 2.10
C LEU D 370 10.50 -31.27 1.72
N ASN D 371 10.41 -31.70 0.45
CA ASN D 371 11.17 -32.87 0.01
C ASN D 371 12.66 -32.63 0.15
N ASP D 372 13.10 -31.39 -0.07
CA ASP D 372 14.51 -31.06 0.14
C ASP D 372 14.88 -31.19 1.62
N PHE D 373 13.96 -30.81 2.52
CA PHE D 373 14.20 -30.99 3.95
C PHE D 373 14.33 -32.47 4.30
N LEU D 374 13.50 -33.32 3.67
CA LEU D 374 13.58 -34.76 3.94
C LEU D 374 14.93 -35.33 3.50
N ARG D 375 15.43 -34.87 2.34
CA ARG D 375 16.73 -35.33 1.88
C ARG D 375 17.84 -34.90 2.83
N ASN D 376 17.71 -33.72 3.42
CA ASN D 376 18.72 -33.25 4.37
C ASN D 376 18.63 -34.01 5.68
N LEU D 377 17.42 -34.34 6.15
CA LEU D 377 17.28 -35.15 7.34
C LEU D 377 17.89 -36.53 7.13
N PHE D 378 17.66 -37.14 5.96
CA PHE D 378 18.18 -38.48 5.71
C PHE D 378 19.70 -38.48 5.68
N LYS D 379 20.32 -37.36 5.30
CA LYS D 379 21.78 -37.31 5.25
C LYS D 379 22.39 -37.23 6.64
N ARG D 380 21.79 -36.45 7.53
CA ARG D 380 22.35 -36.27 8.87
C ARG D 380 22.36 -37.59 9.62
N LYS D 381 23.53 -37.93 10.18
CA LYS D 381 23.65 -39.15 10.98
C LYS D 381 23.13 -38.92 12.39
N THR D 382 23.76 -38.02 13.13
CA THR D 382 23.31 -37.65 14.48
C THR D 382 22.62 -36.30 14.44
N ILE D 383 21.64 -36.13 15.32
CA ILE D 383 20.89 -34.89 15.40
C ILE D 383 21.56 -33.97 16.42
N LYS D 384 21.30 -32.67 16.29
CA LYS D 384 21.90 -31.66 17.15
C LYS D 384 20.86 -31.17 18.15
N ASP D 385 21.14 -31.39 19.44
CA ASP D 385 20.27 -30.96 20.53
C ASP D 385 18.86 -31.47 20.36
N ASN D 386 18.62 -32.74 20.65
CA ASN D 386 17.30 -33.33 20.48
C ASN D 386 16.32 -32.92 21.57
N GLY D 387 16.80 -32.37 22.68
CA GLY D 387 15.92 -32.04 23.79
C GLY D 387 14.96 -30.91 23.47
N GLN D 388 15.44 -29.88 22.79
CA GLN D 388 14.64 -28.69 22.49
C GLN D 388 14.35 -28.49 21.01
N GLN D 389 15.35 -28.68 20.15
CA GLN D 389 15.19 -28.35 18.74
C GLN D 389 14.24 -29.31 18.03
N VAL D 390 14.24 -30.58 18.42
CA VAL D 390 13.43 -31.57 17.72
C VAL D 390 11.95 -31.37 18.04
N ASP D 391 11.62 -31.24 19.33
CA ASP D 391 10.22 -31.09 19.73
C ASP D 391 9.57 -29.88 19.09
N ALA D 392 10.36 -28.86 18.76
CA ALA D 392 9.81 -27.69 18.07
C ALA D 392 9.54 -27.99 16.60
N MET D 393 10.43 -28.74 15.95
CA MET D 393 10.23 -29.07 14.54
C MET D 393 9.03 -29.97 14.34
N LEU D 394 8.73 -30.84 15.32
CA LEU D 394 7.52 -31.65 15.23
C LEU D 394 6.27 -30.77 15.24
N GLY D 395 6.33 -29.64 15.93
CA GLY D 395 5.21 -28.72 15.93
C GLY D 395 5.11 -27.89 14.67
N ILE D 396 6.24 -27.60 14.03
CA ILE D 396 6.21 -26.82 12.79
C ILE D 396 5.58 -27.63 11.67
N ILE D 397 6.00 -28.89 11.51
CA ILE D 397 5.45 -29.72 10.44
C ILE D 397 3.99 -30.06 10.72
N SER D 398 3.62 -30.26 11.99
CA SER D 398 2.24 -30.56 12.33
C SER D 398 1.32 -29.39 11.96
N SER D 399 1.81 -28.16 12.07
CA SER D 399 1.02 -27.00 11.69
C SER D 399 0.96 -26.83 10.17
N ILE D 400 2.00 -27.28 9.46
CA ILE D 400 1.98 -27.20 8.00
C ILE D 400 0.98 -28.20 7.42
N MET D 401 1.03 -29.44 7.91
CA MET D 401 0.08 -30.45 7.43
C MET D 401 -1.35 -30.11 7.83
N ALA D 402 -1.54 -29.39 8.93
CA ALA D 402 -2.87 -29.00 9.38
C ALA D 402 -3.40 -27.78 8.64
N LYS D 403 -2.78 -27.39 7.53
CA LYS D 403 -3.24 -26.24 6.75
C LYS D 403 -2.89 -26.43 5.28
N ASN D 404 -2.04 -27.43 4.99
CA ASN D 404 -1.66 -27.78 3.63
C ASN D 404 -1.84 -29.28 3.47
N PRO D 405 -3.06 -29.73 3.12
CA PRO D 405 -3.31 -31.17 3.03
C PRO D 405 -2.47 -31.89 1.98
N THR D 406 -1.96 -31.18 0.97
CA THR D 406 -1.11 -31.82 -0.02
C THR D 406 0.22 -32.26 0.57
N THR D 407 0.59 -31.74 1.75
CA THR D 407 1.82 -32.12 2.43
C THR D 407 1.62 -33.27 3.40
N TYR D 408 0.52 -34.02 3.26
CA TYR D 408 0.34 -35.21 4.09
C TYR D 408 1.41 -36.27 3.87
N PRO D 409 1.76 -36.65 2.62
CA PRO D 409 2.79 -37.69 2.44
C PRO D 409 4.15 -37.26 2.95
N VAL D 410 4.70 -36.18 2.39
CA VAL D 410 6.04 -35.75 2.77
C VAL D 410 6.08 -35.32 4.23
N GLY D 411 4.99 -34.71 4.71
CA GLY D 411 4.95 -34.28 6.10
C GLY D 411 5.02 -35.44 7.08
N THR D 412 4.26 -36.50 6.80
CA THR D 412 4.36 -37.71 7.62
C THR D 412 5.77 -38.28 7.59
N ALA D 413 6.47 -38.12 6.48
CA ALA D 413 7.83 -38.63 6.36
C ALA D 413 8.79 -37.90 7.30
N ILE D 414 8.75 -36.56 7.29
CA ILE D 414 9.64 -35.82 8.17
C ILE D 414 9.22 -35.98 9.63
N PHE D 415 7.93 -36.22 9.88
CA PHE D 415 7.48 -36.48 11.24
C PHE D 415 8.10 -37.76 11.78
N SER D 416 8.12 -38.81 10.96
CA SER D 416 8.65 -40.10 11.40
C SER D 416 10.16 -40.06 11.52
N LYS D 417 10.84 -39.50 10.52
CA LYS D 417 12.30 -39.43 10.56
C LYS D 417 12.76 -38.57 11.74
N LEU D 418 12.00 -37.53 12.07
CA LEU D 418 12.36 -36.68 13.21
C LEU D 418 12.20 -37.44 14.53
N LEU D 419 11.15 -38.25 14.65
CA LEU D 419 10.96 -39.02 15.88
C LEU D 419 11.98 -40.14 16.01
N SER D 420 12.49 -40.66 14.89
CA SER D 420 13.55 -41.65 14.97
C SER D 420 14.84 -41.03 15.50
N PHE D 421 15.07 -39.75 15.22
CA PHE D 421 16.23 -39.07 15.78
C PHE D 421 16.03 -38.74 17.25
N LEU D 422 14.78 -38.56 17.69
CA LEU D 422 14.49 -38.20 19.07
C LEU D 422 14.27 -39.46 19.92
N TYR D 423 13.07 -40.03 19.83
CA TYR D 423 12.71 -41.17 20.66
C TYR D 423 13.45 -42.44 20.30
N GLY D 424 14.12 -42.48 19.14
CA GLY D 424 14.90 -43.65 18.79
C GLY D 424 14.04 -44.83 18.39
N ASP D 425 14.49 -46.03 18.76
CA ASP D 425 13.79 -47.26 18.41
C ASP D 425 12.62 -47.55 19.34
N ASP D 426 12.35 -46.70 20.32
CA ASP D 426 11.23 -46.89 21.24
C ASP D 426 9.94 -46.54 20.50
N THR D 427 9.23 -47.55 20.01
CA THR D 427 8.02 -47.30 19.24
C THR D 427 6.86 -46.85 20.13
N GLN D 428 6.88 -47.22 21.41
CA GLN D 428 5.81 -46.81 22.31
C GLN D 428 5.81 -45.31 22.52
N LYS D 429 7.00 -44.72 22.72
CA LYS D 429 7.08 -43.27 22.85
C LYS D 429 6.79 -42.55 21.55
N LYS D 430 6.97 -43.23 20.41
CA LYS D 430 6.66 -42.61 19.12
C LYS D 430 5.16 -42.65 18.82
N LEU D 431 4.51 -43.78 19.10
CA LEU D 431 3.09 -43.92 18.80
C LEU D 431 2.26 -42.87 19.53
N THR D 432 2.67 -42.47 20.74
CA THR D 432 1.97 -41.41 21.44
C THR D 432 2.09 -40.07 20.74
N LYS D 433 3.13 -39.87 19.94
CA LYS D 433 3.28 -38.64 19.17
C LYS D 433 2.53 -38.70 17.85
N LEU D 434 2.51 -39.88 17.19
CA LEU D 434 1.69 -40.03 16.01
C LEU D 434 0.21 -39.87 16.33
N GLU D 435 -0.22 -40.36 17.49
CA GLU D 435 -1.60 -40.10 17.93
C GLU D 435 -1.82 -38.62 18.18
N GLN D 436 -0.80 -37.93 18.68
CA GLN D 436 -0.90 -36.47 18.82
C GLN D 436 -0.96 -35.79 17.47
N LEU D 437 -0.23 -36.32 16.48
CA LEU D 437 -0.31 -35.77 15.13
C LEU D 437 -1.65 -36.09 14.48
N HIS D 438 -2.13 -37.32 14.64
CA HIS D 438 -3.41 -37.70 14.04
C HIS D 438 -4.55 -36.90 14.65
N LYS D 439 -4.48 -36.60 15.95
CA LYS D 439 -5.54 -35.83 16.58
C LYS D 439 -5.57 -34.40 16.08
N LYS D 440 -4.40 -33.80 15.87
CA LYS D 440 -4.35 -32.43 15.35
C LYS D 440 -4.88 -32.34 13.93
N LEU D 441 -4.64 -33.37 13.13
CA LEU D 441 -5.03 -33.36 11.72
C LEU D 441 -6.40 -33.97 11.47
N ASP D 442 -6.92 -34.78 12.40
CA ASP D 442 -8.27 -35.28 12.27
C ASP D 442 -9.31 -34.18 12.46
N LYS D 443 -8.92 -33.05 13.05
CA LYS D 443 -9.81 -31.91 13.14
C LYS D 443 -10.16 -31.36 11.76
N GLN D 444 -9.35 -31.66 10.75
CA GLN D 444 -9.71 -31.36 9.37
C GLN D 444 -10.93 -32.19 8.98
N PRO D 445 -11.79 -31.67 8.11
CA PRO D 445 -13.09 -32.32 7.86
C PRO D 445 -13.01 -33.69 7.21
N ASN D 446 -12.28 -33.81 6.10
CA ASN D 446 -12.33 -35.02 5.28
C ASN D 446 -11.22 -36.02 5.59
N THR D 447 -9.97 -35.55 5.67
CA THR D 447 -8.81 -36.41 5.88
C THR D 447 -8.74 -37.51 4.83
N GLU D 448 -8.95 -38.76 5.26
CA GLU D 448 -8.93 -39.93 4.37
C GLU D 448 -7.57 -40.14 3.72
N MET D 449 -7.14 -39.18 2.89
CA MET D 449 -5.79 -39.23 2.33
C MET D 449 -4.74 -39.25 3.44
N LEU D 450 -5.03 -38.57 4.55
CA LEU D 450 -4.20 -38.71 5.75
C LEU D 450 -4.11 -40.17 6.19
N ASP D 451 -5.26 -40.81 6.36
CA ASP D 451 -5.28 -42.18 6.88
C ASP D 451 -4.57 -43.15 5.95
N ILE D 452 -4.57 -42.88 4.64
CA ILE D 452 -3.87 -43.75 3.70
C ILE D 452 -2.37 -43.65 3.91
N TRP D 453 -1.83 -42.43 3.92
CA TRP D 453 -0.40 -42.24 4.13
C TRP D 453 0.01 -42.43 5.58
N PHE D 454 -0.94 -42.37 6.52
CA PHE D 454 -0.63 -42.62 7.91
C PHE D 454 -0.55 -44.12 8.21
N GLN D 455 -1.24 -44.94 7.42
CA GLN D 455 -1.06 -46.39 7.51
C GLN D 455 0.36 -46.79 7.12
N ARG D 456 0.90 -46.15 6.08
CA ARG D 456 2.24 -46.50 5.59
C ARG D 456 3.29 -46.38 6.69
N THR D 457 3.12 -45.42 7.60
CA THR D 457 4.01 -45.29 8.75
C THR D 457 3.56 -46.15 9.91
N GLN D 458 2.25 -46.22 10.17
CA GLN D 458 1.75 -46.99 11.30
C GLN D 458 1.92 -48.50 11.07
N ALA D 459 1.47 -48.99 9.92
CA ALA D 459 1.55 -50.42 9.64
C ALA D 459 3.00 -50.90 9.51
N LYS D 460 3.94 -49.99 9.26
CA LYS D 460 5.35 -50.36 9.14
C LYS D 460 6.03 -50.55 10.50
N ILE D 461 5.33 -50.29 11.60
CA ILE D 461 5.94 -50.42 12.92
C ILE D 461 5.06 -51.27 13.83
N ASN D 462 3.75 -51.28 13.59
CA ASN D 462 2.83 -52.03 14.43
C ASN D 462 1.52 -52.25 13.69
N LEU D 463 0.83 -53.33 14.08
CA LEU D 463 -0.49 -53.63 13.53
C LEU D 463 -1.52 -53.77 14.64
N LYS D 470 -11.53 -46.93 9.31
CA LYS D 470 -12.14 -45.62 9.09
C LYS D 470 -12.75 -45.54 7.70
N SER D 471 -12.02 -46.05 6.71
CA SER D 471 -12.47 -46.06 5.32
C SER D 471 -12.39 -47.47 4.77
N ALA D 472 -13.16 -47.71 3.70
CA ALA D 472 -13.19 -49.04 3.11
C ALA D 472 -11.86 -49.42 2.47
N LEU D 473 -11.10 -48.42 1.99
CA LEU D 473 -9.81 -48.72 1.36
C LEU D 473 -8.75 -49.05 2.39
N CYS D 474 -8.64 -48.23 3.45
CA CYS D 474 -7.60 -48.46 4.44
C CYS D 474 -7.80 -49.74 5.23
N VAL D 475 -9.05 -50.23 5.34
CA VAL D 475 -9.27 -51.52 5.97
C VAL D 475 -9.07 -52.67 5.01
N ARG D 476 -9.21 -52.43 3.70
CA ARG D 476 -8.84 -53.45 2.72
C ARG D 476 -7.33 -53.66 2.70
N ILE D 477 -6.56 -52.57 2.84
CA ILE D 477 -5.12 -52.69 3.00
C ILE D 477 -4.79 -53.40 4.30
N ASN D 478 -5.56 -53.11 5.35
CA ASN D 478 -5.33 -53.77 6.64
C ASN D 478 -5.58 -55.26 6.55
N ASP D 479 -6.59 -55.68 5.78
CA ASP D 479 -6.89 -57.09 5.64
C ASP D 479 -5.75 -57.83 4.94
N GLU D 480 -5.13 -57.20 3.95
CA GLU D 480 -4.05 -57.83 3.20
C GLU D 480 -2.71 -57.74 3.92
N LEU D 481 -2.65 -57.05 5.06
CA LEU D 481 -1.46 -57.03 5.90
C LEU D 481 -1.56 -57.99 7.08
N THR D 482 -2.72 -58.62 7.28
CA THR D 482 -2.90 -59.65 8.29
C THR D 482 -3.13 -61.03 7.67
N LYS D 483 -3.04 -61.14 6.34
CA LYS D 483 -3.21 -62.40 5.62
C LYS D 483 -4.58 -63.03 5.86
N GLU D 484 -5.58 -62.21 6.13
CA GLU D 484 -6.94 -62.70 6.36
C GLU D 484 -7.60 -63.11 5.05
N PHE D 487 -9.98 -61.23 2.68
CA PHE D 487 -9.81 -59.91 2.06
C PHE D 487 -11.17 -59.32 1.72
N SER D 488 -11.79 -58.65 2.70
CA SER D 488 -13.15 -58.16 2.55
C SER D 488 -13.21 -57.03 1.53
N VAL D 489 -14.00 -57.23 0.47
CA VAL D 489 -14.20 -56.22 -0.56
C VAL D 489 -15.47 -55.45 -0.19
N ASN D 490 -15.88 -55.59 1.06
CA ASN D 490 -17.14 -55.00 1.52
C ASN D 490 -17.11 -53.48 1.40
N ASN D 491 -18.16 -52.93 0.79
CA ASN D 491 -18.37 -51.48 0.71
C ASN D 491 -17.23 -50.75 0.01
N LEU D 492 -16.56 -51.44 -0.91
CA LEU D 492 -15.46 -50.85 -1.67
C LEU D 492 -15.80 -50.66 -3.14
N TRP D 493 -16.34 -51.70 -3.79
CA TRP D 493 -16.83 -51.59 -5.16
C TRP D 493 -18.14 -52.36 -5.25
N ASN D 494 -19.20 -51.68 -5.69
CA ASN D 494 -20.51 -52.31 -5.76
C ASN D 494 -20.57 -53.28 -6.94
N ILE D 495 -21.17 -54.45 -6.68
CA ILE D 495 -21.35 -55.49 -7.69
C ILE D 495 -22.82 -55.76 -7.97
N ASP D 496 -23.72 -54.96 -7.40
CA ASP D 496 -25.15 -55.21 -7.51
C ASP D 496 -25.68 -55.09 -8.93
N TRP D 497 -24.87 -54.61 -9.87
CA TRP D 497 -25.28 -54.52 -11.27
C TRP D 497 -25.04 -55.83 -12.03
N ILE D 498 -25.00 -56.95 -11.34
CA ILE D 498 -24.82 -58.26 -11.95
C ILE D 498 -26.02 -59.13 -11.58
N GLN D 499 -26.55 -59.85 -12.58
CA GLN D 499 -27.69 -60.73 -12.35
C GLN D 499 -27.32 -61.86 -11.40
N GLY D 500 -28.30 -62.33 -10.65
CA GLY D 500 -28.10 -63.39 -9.69
C GLY D 500 -27.63 -62.88 -8.34
N LYS D 501 -27.84 -63.70 -7.32
CA LYS D 501 -27.45 -63.37 -5.97
C LYS D 501 -26.00 -63.79 -5.73
N GLU D 502 -25.54 -63.69 -4.48
CA GLU D 502 -24.19 -64.14 -4.15
C GLU D 502 -24.04 -65.65 -4.30
N THR D 503 -25.14 -66.39 -4.17
CA THR D 503 -25.09 -67.83 -4.37
C THR D 503 -24.97 -68.21 -5.84
N SER D 504 -25.36 -67.32 -6.75
CA SER D 504 -25.26 -67.61 -8.17
C SER D 504 -23.79 -67.75 -8.58
N PRO D 505 -23.49 -68.61 -9.56
CA PRO D 505 -22.08 -68.86 -9.89
C PRO D 505 -21.37 -67.65 -10.48
N ASN D 506 -22.07 -66.81 -11.24
CA ASN D 506 -21.42 -65.67 -11.88
C ASN D 506 -20.90 -64.68 -10.85
N LYS D 507 -21.76 -64.29 -9.89
CA LYS D 507 -21.34 -63.35 -8.86
C LYS D 507 -20.36 -64.00 -7.88
N ALA D 508 -20.52 -65.30 -7.61
CA ALA D 508 -19.61 -65.96 -6.69
C ALA D 508 -18.21 -66.09 -7.27
N LYS D 509 -18.11 -66.31 -8.58
CA LYS D 509 -16.80 -66.39 -9.21
C LYS D 509 -16.11 -65.04 -9.26
N ILE D 510 -16.87 -63.95 -9.38
CA ILE D 510 -16.27 -62.62 -9.40
C ILE D 510 -15.78 -62.24 -8.02
N LEU D 511 -16.53 -62.60 -6.97
CA LEU D 511 -16.07 -62.34 -5.60
C LEU D 511 -14.80 -63.10 -5.29
N SER D 512 -14.62 -64.28 -5.88
CA SER D 512 -13.40 -65.05 -5.63
C SER D 512 -12.18 -64.33 -6.20
N LEU D 513 -12.29 -63.83 -7.43
CA LEU D 513 -11.16 -63.14 -8.04
C LEU D 513 -10.83 -61.84 -7.32
N LEU D 514 -11.84 -61.13 -6.81
CA LEU D 514 -11.58 -59.90 -6.08
C LEU D 514 -11.01 -60.19 -4.69
N ARG D 515 -11.43 -61.29 -4.06
CA ARG D 515 -10.96 -61.60 -2.72
C ARG D 515 -9.62 -62.33 -2.74
N LYS D 516 -9.35 -63.12 -3.78
CA LYS D 516 -8.09 -63.86 -3.84
C LYS D 516 -6.93 -62.96 -4.25
N THR D 517 -7.15 -62.07 -5.21
CA THR D 517 -6.09 -61.18 -5.68
C THR D 517 -5.85 -60.08 -4.66
N LYS D 518 -4.59 -59.87 -4.29
CA LYS D 518 -4.23 -58.88 -3.29
C LYS D 518 -3.85 -57.57 -3.96
N ILE D 519 -4.47 -56.47 -3.51
CA ILE D 519 -4.11 -55.15 -4.00
C ILE D 519 -2.84 -54.61 -3.35
N VAL D 520 -2.39 -55.22 -2.26
CA VAL D 520 -1.18 -54.83 -1.56
C VAL D 520 -0.12 -55.90 -1.80
N ASP D 521 1.03 -55.47 -2.30
CA ASP D 521 2.15 -56.39 -2.56
C ASP D 521 2.97 -56.51 -1.27
N THR D 522 2.80 -57.63 -0.57
CA THR D 522 3.53 -57.84 0.68
C THR D 522 5.03 -57.95 0.43
N ASP D 523 5.44 -58.46 -0.73
CA ASP D 523 6.86 -58.54 -1.05
C ASP D 523 7.49 -57.16 -1.19
N LYS D 524 6.68 -56.16 -1.51
CA LYS D 524 7.18 -54.78 -1.59
C LYS D 524 7.09 -54.06 -0.26
N PHE D 525 6.14 -54.44 0.60
CA PHE D 525 5.95 -53.76 1.87
C PHE D 525 7.21 -53.87 2.73
N ASP D 526 7.69 -55.10 2.95
CA ASP D 526 8.92 -55.27 3.72
C ASP D 526 10.14 -54.80 2.94
N LYS D 527 10.06 -54.81 1.61
CA LYS D 527 11.16 -54.29 0.81
C LYS D 527 11.29 -52.78 0.95
N MET D 528 10.20 -52.10 1.28
CA MET D 528 10.25 -50.67 1.54
C MET D 528 10.93 -50.39 2.88
N ASP D 529 11.31 -49.13 3.06
CA ASP D 529 11.98 -48.71 4.29
C ASP D 529 10.96 -48.47 5.39
N ASP D 530 11.46 -48.32 6.62
CA ASP D 530 10.59 -48.07 7.77
C ASP D 530 9.90 -46.71 7.63
N ASN D 531 10.69 -45.65 7.45
CA ASN D 531 10.14 -44.31 7.24
C ASN D 531 10.01 -44.02 5.74
N ILE D 532 9.11 -43.10 5.43
CA ILE D 532 8.91 -42.71 4.03
C ILE D 532 10.14 -41.97 3.54
N THR D 533 10.76 -42.50 2.49
CA THR D 533 12.00 -41.97 1.95
C THR D 533 11.73 -40.89 0.92
N PRO D 534 12.71 -40.02 0.65
CA PRO D 534 12.53 -39.02 -0.42
C PRO D 534 12.29 -39.63 -1.79
N GLU D 535 12.76 -40.87 -2.01
CA GLU D 535 12.52 -41.52 -3.29
C GLU D 535 11.05 -41.85 -3.50
N GLU D 536 10.30 -42.00 -2.41
CA GLU D 536 8.87 -42.29 -2.52
C GLU D 536 8.06 -41.04 -2.84
N VAL D 537 8.43 -39.90 -2.24
CA VAL D 537 7.68 -38.67 -2.46
C VAL D 537 8.09 -37.96 -3.75
N ASN D 538 9.27 -38.27 -4.28
CA ASN D 538 9.70 -37.64 -5.53
C ASN D 538 8.93 -38.16 -6.74
N LEU D 539 8.29 -39.32 -6.61
CA LEU D 539 7.48 -39.84 -7.71
C LEU D 539 6.23 -38.99 -7.91
N PHE D 540 5.65 -38.46 -6.83
CA PHE D 540 4.46 -37.62 -6.92
C PHE D 540 4.82 -36.15 -6.79
N MET E 32 -17.39 34.02 -32.97
CA MET E 32 -16.01 33.98 -32.53
C MET E 32 -15.09 33.42 -33.60
N LYS E 33 -14.53 34.31 -34.42
CA LYS E 33 -13.66 33.91 -35.51
C LYS E 33 -12.24 33.64 -35.01
N LYS E 34 -11.60 32.64 -35.61
CA LYS E 34 -10.22 32.30 -35.25
C LYS E 34 -9.27 33.37 -35.77
N VAL E 35 -7.97 33.16 -35.51
CA VAL E 35 -6.97 34.16 -35.91
C VAL E 35 -6.77 34.15 -37.42
N TYR E 36 -6.91 33.00 -38.07
CA TYR E 36 -6.72 32.93 -39.51
C TYR E 36 -7.96 33.31 -40.29
N GLU E 37 -9.11 33.48 -39.64
CA GLU E 37 -10.31 33.98 -40.29
C GLU E 37 -10.34 35.50 -40.34
N LEU E 38 -9.21 36.16 -40.14
CA LEU E 38 -9.11 37.61 -40.08
C LEU E 38 -8.33 38.14 -41.27
N THR E 39 -8.74 39.33 -41.74
CA THR E 39 -8.02 39.99 -42.81
C THR E 39 -6.71 40.58 -42.26
N SER E 40 -5.99 41.29 -43.13
CA SER E 40 -4.67 41.81 -42.76
C SER E 40 -4.79 42.82 -41.62
N GLU E 41 -5.46 43.94 -41.86
CA GLU E 41 -5.51 45.04 -40.90
C GLU E 41 -6.56 44.84 -39.80
N GLU E 42 -7.24 43.70 -39.76
CA GLU E 42 -8.01 43.33 -38.57
C GLU E 42 -7.35 42.25 -37.74
N ALA E 43 -6.40 41.50 -38.32
CA ALA E 43 -5.51 40.67 -37.53
C ALA E 43 -4.38 41.47 -36.90
N LEU E 44 -4.03 42.62 -37.49
CA LEU E 44 -3.09 43.53 -36.87
C LEU E 44 -3.71 44.30 -35.71
N SER E 45 -5.03 44.32 -35.61
CA SER E 45 -5.71 44.91 -34.47
C SER E 45 -5.89 43.91 -33.34
N TYR E 46 -6.16 42.65 -33.68
CA TYR E 46 -6.19 41.59 -32.67
C TYR E 46 -4.83 41.46 -31.99
N PHE E 47 -3.75 41.49 -32.77
CA PHE E 47 -2.41 41.28 -32.22
C PHE E 47 -1.99 42.41 -31.31
N LEU E 48 -2.42 43.64 -31.59
CA LEU E 48 -2.03 44.79 -30.79
C LEU E 48 -2.95 45.03 -29.60
N ARG E 49 -3.88 44.12 -29.34
CA ARG E 49 -4.66 44.19 -28.11
C ARG E 49 -3.82 43.69 -26.94
N HIS E 50 -4.18 44.16 -25.74
CA HIS E 50 -3.44 43.75 -24.55
C HIS E 50 -3.58 42.25 -24.30
N ASP E 51 -4.74 41.67 -24.63
CA ASP E 51 -4.92 40.24 -24.47
C ASP E 51 -3.97 39.45 -25.36
N SER E 52 -3.56 40.03 -26.48
CA SER E 52 -2.64 39.38 -27.40
C SER E 52 -1.18 39.68 -27.10
N TYR E 53 -0.89 40.88 -26.59
CA TYR E 53 0.48 41.24 -26.25
C TYR E 53 1.03 40.35 -25.15
N THR E 54 0.18 39.96 -24.20
CA THR E 54 0.60 39.12 -23.10
C THR E 54 -0.59 38.33 -22.57
N THR E 55 -0.34 37.08 -22.21
CA THR E 55 -1.32 36.23 -21.54
C THR E 55 -1.06 36.14 -20.04
N LEU E 56 -0.27 37.05 -19.49
CA LEU E 56 0.02 37.05 -18.06
C LEU E 56 -1.23 37.37 -17.26
N GLU E 57 -1.22 36.93 -16.00
CA GLU E 57 -2.33 37.18 -15.07
C GLU E 57 -2.08 38.49 -14.33
N LEU E 58 -2.25 39.59 -15.06
CA LEU E 58 -2.01 40.93 -14.58
C LEU E 58 -3.31 41.61 -14.17
N PRO E 59 -3.26 42.56 -13.24
CA PRO E 59 -4.47 43.29 -12.83
C PRO E 59 -5.08 44.04 -14.01
N ALA E 60 -6.28 44.56 -13.78
CA ALA E 60 -7.04 45.17 -14.87
C ALA E 60 -6.54 46.56 -15.24
N TYR E 61 -5.92 47.28 -14.29
CA TYR E 61 -5.56 48.67 -14.57
C TYR E 61 -4.44 48.80 -15.59
N ILE E 62 -3.66 47.74 -15.82
CA ILE E 62 -2.61 47.78 -16.84
C ILE E 62 -3.21 47.36 -18.17
N ASN E 63 -2.87 48.09 -19.23
CA ASN E 63 -3.43 47.85 -20.55
C ASN E 63 -2.45 48.36 -21.59
N PHE E 64 -1.77 47.45 -22.27
CA PHE E 64 -0.77 47.80 -23.27
C PHE E 64 -1.38 48.19 -24.61
N THR E 65 -2.70 48.15 -24.75
CA THR E 65 -3.34 48.44 -26.03
C THR E 65 -3.11 49.90 -26.44
N THR E 66 -3.35 50.84 -25.51
CA THR E 66 -3.15 52.25 -25.81
C THR E 66 -1.70 52.56 -26.15
N LEU E 67 -0.75 51.75 -25.69
CA LEU E 67 0.64 51.94 -26.05
C LEU E 67 0.95 51.30 -27.41
N LEU E 68 0.51 50.06 -27.61
CA LEU E 68 0.81 49.34 -28.85
C LEU E 68 0.14 49.97 -30.05
N ASN E 69 -1.04 50.57 -29.86
CA ASN E 69 -1.71 51.25 -30.96
C ASN E 69 -1.08 52.59 -31.28
N ASP E 70 -0.56 53.30 -30.26
CA ASP E 70 0.07 54.58 -30.51
C ASP E 70 1.42 54.41 -31.21
N ILE E 71 2.19 53.40 -30.82
CA ILE E 71 3.46 53.16 -31.49
C ILE E 71 3.23 52.59 -32.89
N ASN E 72 2.10 51.92 -33.11
CA ASN E 72 1.76 51.45 -34.45
C ASN E 72 1.50 52.62 -35.39
N SER E 73 0.61 53.54 -34.99
CA SER E 73 0.26 54.66 -35.86
C SER E 73 1.46 55.52 -36.18
N SER E 74 2.48 55.53 -35.32
CA SER E 74 3.69 56.29 -35.56
C SER E 74 4.65 55.59 -36.51
N ILE E 75 4.44 54.31 -36.80
CA ILE E 75 5.32 53.59 -37.72
C ILE E 75 4.94 53.88 -39.17
N HIS E 76 3.71 53.55 -39.56
CA HIS E 76 3.28 53.77 -40.94
C HIS E 76 3.12 55.24 -41.28
N ASN E 77 3.14 56.13 -40.28
CA ASN E 77 3.21 57.56 -40.52
C ASN E 77 4.67 57.96 -40.69
N LYS E 78 4.96 59.25 -40.60
CA LYS E 78 6.33 59.76 -40.69
C LYS E 78 6.92 60.11 -39.33
N LYS E 79 6.29 59.64 -38.24
CA LYS E 79 6.73 60.00 -36.91
C LYS E 79 8.07 59.37 -36.54
N ILE E 80 8.08 58.05 -36.35
CA ILE E 80 9.27 57.33 -35.93
C ILE E 80 9.65 56.32 -37.01
N LYS E 81 10.86 55.80 -36.90
CA LYS E 81 11.39 54.80 -37.82
C LYS E 81 12.09 53.72 -36.99
N ILE E 82 11.36 52.65 -36.70
CA ILE E 82 11.90 51.54 -35.92
C ILE E 82 12.16 50.36 -36.85
N GLU E 83 13.35 50.32 -37.44
CA GLU E 83 13.74 49.25 -38.36
C GLU E 83 15.00 48.57 -37.85
N PRO E 84 14.94 47.28 -37.47
CA PRO E 84 16.11 46.63 -36.90
C PRO E 84 16.91 45.82 -37.91
N THR E 85 18.11 45.41 -37.52
CA THR E 85 18.95 44.55 -38.35
C THR E 85 19.70 43.59 -37.43
N ALA E 86 20.18 42.49 -38.01
CA ALA E 86 20.85 41.46 -37.23
C ALA E 86 22.15 41.98 -36.62
N LYS E 87 22.79 42.96 -37.26
CA LYS E 87 24.05 43.48 -36.75
C LYS E 87 23.83 44.35 -35.51
N GLU E 88 22.77 45.16 -35.52
CA GLU E 88 22.50 46.08 -34.41
C GLU E 88 21.77 45.42 -33.24
N LEU E 89 21.45 44.13 -33.35
CA LEU E 89 20.70 43.44 -32.30
C LEU E 89 21.49 42.34 -31.61
N MET E 90 22.67 41.98 -32.12
CA MET E 90 23.44 40.88 -31.56
C MET E 90 24.02 41.28 -30.20
N GLY E 91 23.53 40.65 -29.14
CA GLY E 91 24.03 40.89 -27.81
C GLY E 91 23.22 41.85 -26.96
N LYS E 92 21.91 41.93 -27.16
CA LYS E 92 21.07 42.84 -26.41
C LYS E 92 19.79 42.13 -25.98
N ASP E 93 19.52 42.14 -24.67
CA ASP E 93 18.27 41.60 -24.14
C ASP E 93 17.20 42.68 -24.29
N ILE E 94 16.34 42.53 -25.31
CA ILE E 94 15.41 43.59 -25.66
C ILE E 94 14.10 43.54 -24.89
N ASN E 95 13.72 42.38 -24.34
CA ASN E 95 12.41 42.21 -23.75
C ASN E 95 12.50 42.22 -22.23
N TYR E 96 11.38 41.94 -21.57
CA TYR E 96 11.29 41.86 -20.12
C TYR E 96 10.67 40.53 -19.73
N GLU E 97 11.38 39.76 -18.91
CA GLU E 97 10.91 38.44 -18.52
C GLU E 97 10.17 38.50 -17.19
N VAL E 98 9.18 37.63 -17.06
CA VAL E 98 8.41 37.47 -15.83
C VAL E 98 8.35 35.99 -15.50
N LEU E 99 8.74 35.62 -14.29
CA LEU E 99 8.84 34.22 -13.89
C LEU E 99 7.52 33.75 -13.28
N VAL E 100 7.06 32.59 -13.70
CA VAL E 100 5.82 31.99 -13.21
C VAL E 100 6.05 30.51 -12.98
N SER E 101 5.65 30.01 -11.81
CA SER E 101 5.80 28.60 -11.47
C SER E 101 4.92 27.72 -12.35
N GLY E 104 4.88 22.57 -10.20
CA GLY E 104 6.27 22.47 -9.80
C GLY E 104 6.71 23.60 -8.88
N LEU E 105 7.13 23.24 -7.67
CA LEU E 105 7.59 24.25 -6.71
C LEU E 105 8.92 24.84 -7.15
N TYR E 106 9.87 23.98 -7.51
CA TYR E 106 11.18 24.43 -7.99
C TYR E 106 11.20 24.68 -9.50
N SER E 107 10.08 24.48 -10.19
CA SER E 107 10.00 24.64 -11.63
C SER E 107 9.29 25.93 -11.97
N TRP E 108 9.89 26.72 -12.86
CA TRP E 108 9.34 28.00 -13.28
C TRP E 108 9.36 28.08 -14.80
N ARG E 109 8.69 29.11 -15.32
CA ARG E 109 8.69 29.42 -16.74
C ARG E 109 9.04 30.89 -16.94
N ARG E 110 9.71 31.19 -18.05
CA ARG E 110 10.13 32.55 -18.37
C ARG E 110 9.12 33.15 -19.33
N ILE E 111 8.04 33.72 -18.78
CA ILE E 111 7.07 34.43 -19.58
C ILE E 111 7.68 35.75 -20.05
N THR E 112 7.67 35.96 -21.37
CA THR E 112 8.36 37.08 -21.97
C THR E 112 7.38 38.18 -22.34
N LEU E 113 7.65 39.40 -21.85
CA LEU E 113 6.96 40.60 -22.32
C LEU E 113 7.79 41.19 -23.44
N ILE E 114 7.43 40.83 -24.68
CA ILE E 114 8.23 41.23 -25.84
C ILE E 114 8.29 42.76 -25.96
N ASN E 115 9.38 43.25 -26.54
CA ASN E 115 9.58 44.68 -26.69
C ASN E 115 8.44 45.30 -27.49
N PRO E 116 7.83 46.39 -27.01
CA PRO E 116 6.75 47.02 -27.79
C PRO E 116 7.18 47.47 -29.17
N LEU E 117 8.38 48.01 -29.30
CA LEU E 117 8.88 48.44 -30.59
C LEU E 117 8.96 47.27 -31.57
N TYR E 118 9.60 46.18 -31.15
CA TYR E 118 9.74 45.02 -32.03
C TYR E 118 8.41 44.33 -32.26
N TYR E 119 7.52 44.32 -31.26
CA TYR E 119 6.25 43.61 -31.40
C TYR E 119 5.37 44.24 -32.46
N VAL E 120 5.12 45.55 -32.35
CA VAL E 120 4.29 46.23 -33.34
C VAL E 120 4.98 46.28 -34.70
N TYR E 121 6.29 46.06 -34.75
CA TYR E 121 6.98 45.92 -36.03
C TYR E 121 6.86 44.49 -36.56
N PHE E 122 7.09 43.51 -35.68
CA PHE E 122 6.99 42.11 -36.10
C PHE E 122 5.56 41.74 -36.48
N CYS E 123 4.58 42.27 -35.75
CA CYS E 123 3.18 42.02 -36.10
C CYS E 123 2.79 42.74 -37.39
N ARG E 124 3.41 43.89 -37.66
CA ARG E 124 3.05 44.65 -38.87
C ARG E 124 3.60 44.01 -40.13
N LYS E 125 4.60 43.13 -40.03
CA LYS E 125 5.19 42.53 -41.21
C LYS E 125 4.60 41.17 -41.55
N ILE E 126 4.22 40.37 -40.55
CA ILE E 126 3.55 39.10 -40.85
C ILE E 126 2.10 39.34 -41.26
N THR E 127 1.50 40.47 -40.86
CA THR E 127 0.16 40.82 -41.28
C THR E 127 0.14 41.57 -42.61
N ALA E 128 1.29 41.74 -43.25
CA ALA E 128 1.31 42.31 -44.59
C ALA E 128 0.49 41.44 -45.52
N PRO E 129 -0.33 42.03 -46.40
CA PRO E 129 -1.29 41.23 -47.18
C PRO E 129 -0.64 40.16 -48.04
N ALA E 130 0.63 40.31 -48.39
CA ALA E 130 1.30 39.28 -49.18
C ALA E 130 1.62 38.06 -48.33
N THR E 131 2.38 38.25 -47.25
CA THR E 131 2.80 37.15 -46.41
C THR E 131 1.72 36.69 -45.43
N TRP E 132 0.66 37.48 -45.23
CA TRP E 132 -0.41 37.05 -44.35
C TRP E 132 -1.42 36.15 -45.09
N GLU E 133 -1.56 36.33 -46.40
CA GLU E 133 -2.47 35.49 -47.17
C GLU E 133 -1.98 34.05 -47.22
N ILE E 134 -0.66 33.84 -47.18
CA ILE E 134 -0.12 32.48 -47.20
C ILE E 134 -0.10 31.88 -45.81
N ILE E 135 0.08 32.70 -44.77
CA ILE E 135 -0.01 32.19 -43.40
C ILE E 135 -1.42 31.67 -43.13
N THR E 136 -2.43 32.45 -43.51
CA THR E 136 -3.81 32.00 -43.38
C THR E 136 -4.11 30.81 -44.29
N GLU E 137 -3.34 30.64 -45.36
CA GLU E 137 -3.54 29.49 -46.24
C GLU E 137 -3.17 28.19 -45.53
N LYS E 138 -2.00 28.15 -44.89
CA LYS E 138 -1.57 26.94 -44.22
C LYS E 138 -2.46 26.61 -43.02
N PHE E 139 -2.98 27.64 -42.35
CA PHE E 139 -3.95 27.39 -41.29
C PHE E 139 -5.26 26.83 -41.85
N LYS E 140 -5.73 27.38 -42.98
CA LYS E 140 -6.93 26.87 -43.60
C LYS E 140 -6.74 25.45 -44.12
N SER E 141 -5.54 25.13 -44.60
CA SER E 141 -5.24 23.77 -45.03
C SER E 141 -5.25 22.79 -43.86
N PHE E 142 -5.04 23.27 -42.63
CA PHE E 142 -5.16 22.40 -41.47
C PHE E 142 -6.60 21.98 -41.24
N GLU E 143 -7.56 22.84 -41.62
CA GLU E 143 -8.98 22.51 -41.42
C GLU E 143 -9.41 21.33 -42.29
N SER E 144 -8.77 21.15 -43.44
CA SER E 144 -9.08 20.02 -44.33
C SER E 144 -8.54 18.70 -43.81
N ASN E 145 -7.89 18.69 -42.64
CA ASN E 145 -7.41 17.46 -42.01
C ASN E 145 -8.52 16.94 -41.11
N ASP E 146 -9.44 16.18 -41.70
CA ASP E 146 -10.65 15.76 -41.00
C ASP E 146 -10.36 14.81 -39.85
N LEU E 147 -9.20 14.16 -39.83
CA LEU E 147 -8.87 13.25 -38.73
C LEU E 147 -8.27 13.97 -37.53
N PHE E 148 -7.81 15.20 -37.70
CA PHE E 148 -7.14 15.95 -36.65
C PHE E 148 -7.96 17.18 -36.31
N THR E 149 -8.48 17.24 -35.09
CA THR E 149 -9.27 18.38 -34.61
C THR E 149 -8.49 19.08 -33.51
N CYS E 150 -8.12 20.34 -33.75
CA CYS E 150 -7.37 21.14 -32.80
C CYS E 150 -8.27 22.21 -32.20
N SER E 151 -8.13 22.43 -30.89
CA SER E 151 -8.96 23.39 -30.17
C SER E 151 -8.10 24.36 -29.36
N SER E 152 -6.90 24.66 -29.84
CA SER E 152 -5.99 25.55 -29.13
C SER E 152 -5.52 26.73 -29.96
N ILE E 153 -5.99 26.87 -31.19
CA ILE E 153 -5.59 28.00 -32.03
C ILE E 153 -6.22 29.29 -31.50
N PRO E 154 -5.54 30.43 -31.56
CA PRO E 154 -6.09 31.65 -30.98
C PRO E 154 -7.39 32.07 -31.66
N VAL E 155 -8.33 32.57 -30.85
CA VAL E 155 -9.64 33.01 -31.31
C VAL E 155 -9.85 34.44 -30.85
N ARG E 156 -10.47 35.25 -31.71
CA ARG E 156 -10.79 36.63 -31.36
C ARG E 156 -11.89 36.65 -30.31
N LYS E 157 -11.61 37.28 -29.17
CA LYS E 157 -12.57 37.29 -28.07
C LYS E 157 -13.71 38.24 -28.36
N ASP E 158 -14.94 37.77 -28.17
CA ASP E 158 -16.12 38.59 -28.38
C ASP E 158 -17.27 38.10 -27.50
N MET E 168 -19.09 30.65 -15.96
CA MET E 168 -17.91 29.87 -15.58
C MET E 168 -18.17 28.37 -15.80
N ASN E 169 -17.89 27.90 -17.01
CA ASN E 169 -18.06 26.50 -17.36
C ASN E 169 -16.74 25.77 -17.15
N TRP E 170 -16.74 24.81 -16.22
CA TRP E 170 -15.51 24.09 -15.91
C TRP E 170 -15.12 23.13 -17.04
N TRP E 171 -16.10 22.51 -17.69
CA TRP E 171 -15.82 21.56 -18.75
C TRP E 171 -15.31 22.30 -19.98
N GLU E 172 -14.21 21.80 -20.54
CA GLU E 172 -13.60 22.37 -21.73
C GLU E 172 -13.85 21.47 -22.94
N ASP E 173 -13.73 22.06 -24.12
CA ASP E 173 -13.98 21.30 -25.35
C ASP E 173 -12.97 20.19 -25.55
N PHE E 174 -11.75 20.35 -25.03
CA PHE E 174 -10.77 19.28 -25.10
C PHE E 174 -11.22 18.06 -24.31
N GLU E 175 -11.96 18.27 -23.22
CA GLU E 175 -12.49 17.18 -22.42
C GLU E 175 -13.82 16.66 -22.94
N GLN E 176 -14.68 17.57 -23.41
CA GLN E 176 -15.99 17.14 -23.92
C GLN E 176 -15.86 16.33 -25.20
N LYS E 177 -14.87 16.65 -26.05
CA LYS E 177 -14.68 15.87 -27.26
C LYS E 177 -14.18 14.47 -26.96
N SER E 178 -13.23 14.35 -26.02
CA SER E 178 -12.72 13.04 -25.67
C SER E 178 -13.80 12.16 -25.03
N LEU E 179 -14.68 12.76 -24.23
CA LEU E 179 -15.77 11.99 -23.63
C LEU E 179 -16.76 11.53 -24.68
N ALA E 180 -17.12 12.42 -25.62
CA ALA E 180 -18.12 12.07 -26.62
C ALA E 180 -17.61 11.01 -27.58
N LEU E 181 -16.31 11.06 -27.91
CA LEU E 181 -15.75 10.08 -28.83
C LEU E 181 -15.63 8.69 -28.23
N ALA E 182 -15.95 8.52 -26.95
CA ALA E 182 -16.00 7.18 -26.36
C ALA E 182 -17.12 6.34 -26.97
N LEU E 183 -18.08 6.97 -27.65
CA LEU E 183 -19.11 6.23 -28.35
C LEU E 183 -18.58 5.58 -29.62
N GLU E 184 -17.57 6.19 -30.24
CA GLU E 184 -17.03 5.69 -31.49
C GLU E 184 -15.74 4.89 -31.33
N TYR E 185 -15.05 5.04 -30.20
CA TYR E 185 -13.78 4.36 -29.99
C TYR E 185 -13.71 3.80 -28.58
N GLU E 186 -12.77 2.89 -28.36
CA GLU E 186 -12.59 2.23 -27.07
C GLU E 186 -11.22 2.41 -26.46
N PHE E 187 -10.20 2.75 -27.25
CA PHE E 187 -8.85 2.95 -26.75
C PHE E 187 -8.40 4.38 -27.01
N MET E 188 -7.69 4.95 -26.04
CA MET E 188 -7.16 6.31 -26.13
C MET E 188 -5.65 6.27 -25.92
N PHE E 189 -4.95 7.19 -26.58
CA PHE E 189 -3.50 7.32 -26.46
C PHE E 189 -3.17 8.79 -26.26
N SER E 190 -2.79 9.16 -25.05
CA SER E 190 -2.58 10.54 -24.67
C SER E 190 -1.12 10.79 -24.32
N THR E 191 -0.52 11.78 -24.99
CA THR E 191 0.87 12.17 -24.73
C THR E 191 0.98 13.68 -24.80
N ASP E 192 2.18 14.18 -24.49
CA ASP E 192 2.53 15.59 -24.56
C ASP E 192 3.87 15.74 -25.28
N ILE E 193 4.20 16.97 -25.62
CA ILE E 193 5.50 17.30 -26.19
C ILE E 193 6.40 17.80 -25.07
N SER E 194 7.52 17.14 -24.86
CA SER E 194 8.42 17.45 -23.75
C SER E 194 9.09 18.80 -23.99
N ASN E 195 8.73 19.80 -23.20
CA ASN E 195 9.33 21.14 -23.23
C ASN E 195 9.22 21.74 -24.64
N PHE E 196 7.97 22.04 -25.01
CA PHE E 196 7.66 22.38 -26.39
C PHE E 196 8.25 23.73 -26.79
N TYR E 197 7.66 24.83 -26.30
CA TYR E 197 8.04 26.17 -26.73
C TYR E 197 9.55 26.44 -26.65
N PRO E 198 10.26 26.14 -25.56
CA PRO E 198 11.70 26.46 -25.52
C PRO E 198 12.58 25.57 -26.37
N SER E 199 12.13 24.37 -26.73
CA SER E 199 12.94 23.46 -27.53
C SER E 199 12.54 23.44 -28.99
N ILE E 200 11.74 24.40 -29.43
CA ILE E 200 11.34 24.47 -30.83
C ILE E 200 12.52 24.95 -31.67
N TYR E 201 12.91 24.15 -32.66
CA TYR E 201 13.94 24.56 -33.59
C TYR E 201 13.42 25.74 -34.42
N THR E 202 14.15 26.87 -34.38
CA THR E 202 13.69 28.06 -35.09
C THR E 202 13.65 27.83 -36.59
N HIS E 203 14.57 27.01 -37.13
CA HIS E 203 14.58 26.71 -38.55
C HIS E 203 13.43 25.83 -38.99
N SER E 204 12.64 25.30 -38.05
CA SER E 204 11.52 24.44 -38.39
C SER E 204 10.38 25.20 -39.06
N PHE E 205 10.32 26.52 -38.86
CA PHE E 205 9.25 27.31 -39.47
C PHE E 205 9.36 27.34 -40.99
N GLU E 206 10.54 27.08 -41.55
CA GLU E 206 10.69 27.04 -42.99
C GLU E 206 10.21 25.72 -43.58
N TRP E 207 10.26 24.63 -42.80
CA TRP E 207 9.84 23.32 -43.30
C TRP E 207 8.33 23.17 -43.36
N VAL E 208 7.55 24.13 -42.84
CA VAL E 208 6.10 23.99 -42.86
C VAL E 208 5.48 24.58 -44.12
N PHE E 209 6.14 25.52 -44.79
CA PHE E 209 5.67 26.05 -46.06
C PHE E 209 6.37 25.41 -47.25
N ILE E 210 7.66 25.10 -47.14
CA ILE E 210 8.41 24.42 -48.19
C ILE E 210 9.19 23.27 -47.57
N SER E 211 10.06 22.65 -48.37
CA SER E 211 10.91 21.56 -47.87
C SER E 211 12.06 21.40 -48.85
N LYS E 212 13.25 21.83 -48.44
CA LYS E 212 14.45 21.79 -49.28
C LYS E 212 14.23 22.56 -50.58
N SER E 220 17.26 29.24 -51.32
CA SER E 220 15.93 28.75 -51.69
C SER E 220 14.94 29.90 -51.80
N LYS E 221 13.66 29.55 -51.98
CA LYS E 221 12.63 30.56 -52.15
C LYS E 221 12.36 31.28 -50.83
N ASN E 222 11.54 32.33 -50.91
CA ASN E 222 11.21 33.17 -49.76
C ASN E 222 9.87 32.72 -49.20
N ASN E 223 9.91 31.96 -48.11
CA ASN E 223 8.70 31.51 -47.43
C ASN E 223 8.44 32.35 -46.19
N PRO E 224 7.18 32.49 -45.78
CA PRO E 224 6.89 33.24 -44.54
C PRO E 224 7.54 32.64 -43.31
N GLY E 225 7.87 31.35 -43.33
CA GLY E 225 8.56 30.76 -42.19
C GLY E 225 9.93 31.35 -41.97
N GLY E 226 10.65 31.64 -43.06
CA GLY E 226 11.93 32.32 -42.93
C GLY E 226 11.80 33.72 -42.40
N LEU E 227 10.71 34.42 -42.74
CA LEU E 227 10.43 35.73 -42.18
C LEU E 227 10.04 35.67 -40.72
N ILE E 228 9.68 34.48 -40.21
CA ILE E 228 9.39 34.29 -38.80
C ILE E 228 10.63 33.73 -38.12
N ASP E 229 11.41 32.95 -38.88
CA ASP E 229 12.66 32.40 -38.35
C ASP E 229 13.65 33.52 -38.00
N SER E 230 13.98 34.36 -38.98
CA SER E 230 15.00 35.38 -38.78
C SER E 230 14.57 36.46 -37.80
N HIS E 231 13.27 36.68 -37.64
CA HIS E 231 12.79 37.76 -36.78
C HIS E 231 12.58 37.32 -35.33
N ILE E 232 12.37 36.03 -35.08
CA ILE E 232 12.43 35.53 -33.71
C ILE E 232 13.88 35.53 -33.23
N GLN E 233 14.83 35.36 -34.15
CA GLN E 233 16.24 35.36 -33.78
C GLN E 233 16.68 36.74 -33.30
N MET E 234 16.22 37.80 -33.97
CA MET E 234 16.63 39.15 -33.59
C MET E 234 16.13 39.52 -32.20
N MET E 235 14.88 39.17 -31.89
CA MET E 235 14.32 39.48 -30.57
C MET E 235 14.99 38.71 -29.45
N MET E 236 15.78 37.68 -29.77
CA MET E 236 16.57 36.92 -28.82
C MET E 236 18.04 37.30 -28.98
N ASN E 237 18.93 36.40 -28.56
CA ASN E 237 20.36 36.51 -28.81
C ASN E 237 20.78 35.66 -29.99
N ASN E 238 19.95 35.63 -31.04
CA ASN E 238 20.18 34.83 -32.24
C ASN E 238 20.34 33.35 -31.90
N ASN E 241 16.16 26.99 -32.16
CA ASN E 241 16.60 27.56 -30.89
C ASN E 241 15.48 27.54 -29.86
N GLY E 242 14.67 28.60 -29.85
CA GLY E 242 13.59 28.73 -28.89
C GLY E 242 12.65 29.84 -29.34
N ILE E 243 11.38 29.70 -29.01
CA ILE E 243 10.40 30.77 -29.20
C ILE E 243 9.91 31.21 -27.83
N PRO E 244 9.54 32.47 -27.64
CA PRO E 244 9.15 32.94 -26.31
C PRO E 244 7.74 32.47 -25.93
N LEU E 245 7.36 32.78 -24.70
CA LEU E 245 6.05 32.45 -24.17
C LEU E 245 5.35 33.73 -23.69
N GLY E 246 4.03 33.67 -23.64
CA GLY E 246 3.23 34.75 -23.10
C GLY E 246 2.42 35.52 -24.13
N SER E 247 2.83 35.52 -25.39
CA SER E 247 2.13 36.23 -26.44
C SER E 247 1.42 35.24 -27.36
N THR E 248 0.17 35.55 -27.70
CA THR E 248 -0.55 34.73 -28.65
C THR E 248 0.06 34.81 -30.04
N LEU E 249 0.92 35.81 -30.28
CA LEU E 249 1.71 35.85 -31.51
C LEU E 249 2.58 34.61 -31.63
N MET E 250 3.23 34.21 -30.53
CA MET E 250 3.97 32.95 -30.51
C MET E 250 3.03 31.76 -30.51
N ASP E 251 1.85 31.89 -29.91
CA ASP E 251 0.86 30.82 -29.95
C ASP E 251 0.42 30.55 -31.38
N THR E 252 0.30 31.60 -32.19
CA THR E 252 -0.04 31.42 -33.61
C THR E 252 1.07 30.68 -34.33
N PHE E 253 2.32 31.07 -34.09
CA PHE E 253 3.44 30.37 -34.71
C PHE E 253 3.53 28.93 -34.22
N ALA E 254 3.21 28.69 -32.94
CA ALA E 254 3.23 27.34 -32.42
C ALA E 254 2.21 26.45 -33.13
N GLU E 255 1.05 27.00 -33.47
CA GLU E 255 0.03 26.23 -34.16
C GLU E 255 0.38 25.97 -35.63
N LEU E 256 1.28 26.77 -36.20
CA LEU E 256 1.74 26.49 -37.56
C LEU E 256 2.54 25.20 -37.61
N ILE E 257 3.55 25.08 -36.73
CA ILE E 257 4.36 23.86 -36.73
C ILE E 257 3.61 22.70 -36.09
N LEU E 258 2.69 22.98 -35.16
CA LEU E 258 1.88 21.90 -34.60
C LEU E 258 0.92 21.35 -35.64
N GLY E 259 0.34 22.22 -36.47
CA GLY E 259 -0.51 21.75 -37.56
C GLY E 259 0.28 21.01 -38.63
N GLN E 260 1.54 21.37 -38.82
CA GLN E 260 2.38 20.65 -39.79
C GLN E 260 2.70 19.25 -39.27
N ILE E 261 2.91 19.12 -37.96
CA ILE E 261 3.03 17.78 -37.37
C ILE E 261 1.77 16.97 -37.65
N ASP E 262 0.60 17.62 -37.58
CA ASP E 262 -0.66 16.93 -37.84
C ASP E 262 -0.75 16.49 -39.30
N ILE E 263 -0.27 17.31 -40.23
CA ILE E 263 -0.40 16.97 -41.64
C ILE E 263 0.74 16.06 -42.10
N GLU E 264 1.93 16.18 -41.50
CA GLU E 264 3.03 15.29 -41.85
C GLU E 264 2.88 13.92 -41.22
N LEU E 265 2.11 13.80 -40.12
CA LEU E 265 1.84 12.51 -39.53
C LEU E 265 0.85 11.71 -40.38
N ARG E 266 -0.23 12.37 -40.83
CA ARG E 266 -1.21 11.69 -41.66
C ARG E 266 -0.61 11.23 -42.98
N LYS E 267 0.42 11.93 -43.46
CA LYS E 267 1.14 11.46 -44.65
C LYS E 267 1.72 10.08 -44.43
N LYS E 268 2.35 9.87 -43.26
CA LYS E 268 2.83 8.53 -42.92
C LYS E 268 1.69 7.60 -42.53
N THR E 269 0.51 8.14 -42.22
CA THR E 269 -0.62 7.29 -41.85
C THR E 269 -1.33 6.75 -43.08
N ASN E 270 -1.70 7.64 -44.01
CA ASN E 270 -2.30 7.19 -45.27
C ASN E 270 -1.32 6.34 -46.07
N GLU E 271 -0.02 6.51 -45.86
CA GLU E 271 0.96 5.64 -46.49
C GLU E 271 0.84 4.20 -45.97
N LEU E 272 0.58 4.03 -44.68
CA LEU E 272 0.46 2.72 -44.07
C LEU E 272 -0.97 2.20 -44.06
N LYS E 273 -1.89 2.88 -44.74
CA LYS E 273 -3.28 2.46 -44.91
C LYS E 273 -4.04 2.40 -43.59
N ILE E 274 -3.59 3.10 -42.56
CA ILE E 274 -4.36 3.25 -41.33
C ILE E 274 -5.38 4.35 -41.53
N ILE E 275 -6.64 4.05 -41.23
CA ILE E 275 -7.73 4.93 -41.66
C ILE E 275 -8.68 5.28 -40.51
N ASN E 276 -9.02 4.31 -39.68
CA ASN E 276 -10.10 4.48 -38.70
C ASN E 276 -9.50 4.96 -37.37
N TYR E 277 -9.44 6.28 -37.20
CA TYR E 277 -8.97 6.89 -35.97
C TYR E 277 -9.27 8.38 -36.01
N LYS E 278 -9.29 9.00 -34.84
CA LYS E 278 -9.48 10.44 -34.70
C LYS E 278 -8.45 10.99 -33.72
N VAL E 279 -8.12 12.26 -33.89
CA VAL E 279 -7.08 12.93 -33.10
C VAL E 279 -7.64 14.24 -32.55
N VAL E 280 -7.52 14.44 -31.24
CA VAL E 280 -7.91 15.68 -30.59
C VAL E 280 -6.67 16.26 -29.93
N ARG E 281 -6.36 17.52 -30.24
CA ARG E 281 -5.12 18.14 -29.81
C ARG E 281 -5.38 19.50 -29.17
N TYR E 282 -4.61 19.82 -28.14
CA TYR E 282 -4.58 21.16 -27.55
C TYR E 282 -3.11 21.48 -27.26
N ARG E 283 -2.50 22.27 -28.14
CA ARG E 283 -1.08 22.66 -28.05
C ARG E 283 -0.25 21.37 -28.03
N ASP E 284 0.60 21.15 -27.02
CA ASP E 284 1.41 19.94 -26.97
C ASP E 284 0.62 18.70 -26.56
N ASP E 285 -0.55 18.88 -25.95
CA ASP E 285 -1.33 17.74 -25.46
C ASP E 285 -1.96 17.01 -26.63
N TYR E 286 -1.56 15.76 -26.83
CA TYR E 286 -2.05 14.92 -27.92
C TYR E 286 -2.93 13.82 -27.36
N ARG E 287 -4.04 13.54 -28.04
CA ARG E 287 -4.92 12.42 -27.70
C ARG E 287 -5.36 11.76 -28.99
N ILE E 288 -5.00 10.49 -29.18
CA ILE E 288 -5.33 9.73 -30.37
C ILE E 288 -6.31 8.63 -30.00
N PHE E 289 -7.41 8.53 -30.74
CA PHE E 289 -8.47 7.59 -30.46
C PHE E 289 -8.55 6.56 -31.59
N SER E 290 -8.65 5.29 -31.22
CA SER E 290 -8.75 4.22 -32.20
C SER E 290 -9.37 2.99 -31.54
N ASN E 291 -9.94 2.13 -32.37
CA ASN E 291 -10.51 0.87 -31.92
C ASN E 291 -9.55 -0.31 -32.08
N SER E 292 -8.34 -0.06 -32.52
CA SER E 292 -7.32 -1.09 -32.70
C SER E 292 -6.10 -0.72 -31.88
N LYS E 293 -5.72 -1.59 -30.95
CA LYS E 293 -4.57 -1.31 -30.09
C LYS E 293 -3.26 -1.33 -30.88
N ASP E 294 -3.16 -2.23 -31.86
CA ASP E 294 -1.97 -2.27 -32.71
C ASP E 294 -1.91 -1.09 -33.67
N ASP E 295 -3.06 -0.50 -34.01
CA ASP E 295 -3.06 0.70 -34.82
C ASP E 295 -2.66 1.95 -34.05
N LEU E 296 -2.80 1.93 -32.72
CA LEU E 296 -2.50 3.12 -31.93
C LEU E 296 -1.00 3.29 -31.71
N ASP E 297 -0.26 2.20 -31.49
CA ASP E 297 1.17 2.33 -31.31
C ASP E 297 1.91 2.52 -32.63
N ILE E 298 1.31 2.13 -33.75
CA ILE E 298 1.92 2.41 -35.06
C ILE E 298 1.68 3.84 -35.49
N ILE E 299 0.63 4.49 -34.97
CA ILE E 299 0.44 5.92 -35.22
C ILE E 299 1.41 6.74 -34.38
N SER E 300 1.63 6.35 -33.13
CA SER E 300 2.55 7.07 -32.27
C SER E 300 3.99 6.96 -32.76
N LYS E 301 4.40 5.76 -33.18
CA LYS E 301 5.73 5.58 -33.74
C LYS E 301 5.93 6.47 -34.97
N CYS E 302 4.88 6.66 -35.75
CA CYS E 302 4.95 7.62 -36.86
C CYS E 302 4.97 9.05 -36.33
N LEU E 303 4.24 9.31 -35.25
CA LEU E 303 4.28 10.63 -34.63
C LEU E 303 5.61 10.91 -33.97
N VAL E 304 6.26 9.87 -33.43
CA VAL E 304 7.62 10.02 -32.93
C VAL E 304 8.57 10.33 -34.07
N ASN E 305 8.33 9.75 -35.25
CA ASN E 305 9.18 10.01 -36.42
C ASN E 305 9.08 11.47 -36.86
N VAL E 306 7.87 12.02 -36.89
CA VAL E 306 7.70 13.36 -37.43
C VAL E 306 8.17 14.43 -36.44
N LEU E 307 7.99 14.21 -35.13
CA LEU E 307 8.55 15.14 -34.16
C LEU E 307 10.07 15.10 -34.16
N GLY E 308 10.66 13.95 -34.53
CA GLY E 308 12.09 13.89 -34.72
C GLY E 308 12.60 14.77 -35.85
N ASP E 309 11.73 15.08 -36.82
CA ASP E 309 12.10 15.98 -37.90
C ASP E 309 12.28 17.42 -37.40
N PHE E 310 11.49 17.82 -36.42
CA PHE E 310 11.52 19.18 -35.89
C PHE E 310 12.37 19.32 -34.63
N GLY E 311 13.03 18.25 -34.21
CA GLY E 311 13.85 18.28 -33.00
C GLY E 311 13.11 18.07 -31.71
N LEU E 312 11.81 17.77 -31.76
CA LEU E 312 11.01 17.57 -30.57
C LEU E 312 10.85 16.07 -30.28
N ASP E 313 10.31 15.78 -29.10
CA ASP E 313 10.10 14.40 -28.67
C ASP E 313 9.03 14.35 -27.61
N LEU E 314 8.50 13.16 -27.37
CA LEU E 314 7.39 12.97 -26.45
C LEU E 314 7.87 13.06 -25.00
N ASN E 315 6.96 13.50 -24.13
CA ASN E 315 7.20 13.50 -22.69
C ASN E 315 6.94 12.10 -22.17
N SER E 316 8.02 11.34 -21.96
CA SER E 316 7.88 9.92 -21.62
C SER E 316 7.16 9.70 -20.30
N LYS E 317 7.13 10.70 -19.42
CA LYS E 317 6.40 10.56 -18.16
C LYS E 317 4.89 10.59 -18.39
N LYS E 318 4.41 11.58 -19.14
CA LYS E 318 2.99 11.69 -19.48
C LYS E 318 2.68 11.02 -20.81
N THR E 319 3.18 9.79 -20.97
CA THR E 319 3.00 9.00 -22.19
C THR E 319 2.47 7.63 -21.81
N GLU E 320 1.29 7.29 -22.31
CA GLU E 320 0.69 6.00 -21.99
C GLU E 320 -0.40 5.70 -23.02
N LEU E 321 -0.79 4.42 -23.06
CA LEU E 321 -1.88 3.95 -23.91
C LEU E 321 -2.98 3.44 -22.99
N TYR E 322 -4.11 4.15 -22.98
CA TYR E 322 -5.19 3.87 -22.05
C TYR E 322 -6.30 3.08 -22.73
N GLU E 323 -6.88 2.13 -22.00
CA GLU E 323 -8.04 1.38 -22.44
C GLU E 323 -9.34 1.88 -21.81
N ASP E 324 -9.28 2.94 -21.01
CA ASP E 324 -10.44 3.51 -20.33
C ASP E 324 -10.48 5.00 -20.67
N ILE E 325 -11.25 5.34 -21.71
CA ILE E 325 -11.26 6.71 -22.22
C ILE E 325 -11.92 7.66 -21.23
N ILE E 326 -13.03 7.23 -20.62
CA ILE E 326 -13.79 8.12 -19.75
C ILE E 326 -12.98 8.50 -18.51
N LEU E 327 -12.20 7.55 -17.97
CA LEU E 327 -11.46 7.81 -16.74
C LEU E 327 -10.30 8.77 -16.99
N HIS E 328 -9.57 8.60 -18.10
CA HIS E 328 -8.38 9.37 -18.38
C HIS E 328 -8.66 10.61 -19.23
N SER E 329 -9.92 11.05 -19.31
CA SER E 329 -10.26 12.26 -20.05
C SER E 329 -10.12 13.52 -19.21
N LEU E 330 -10.39 13.43 -17.91
CA LEU E 330 -10.23 14.55 -16.99
C LEU E 330 -8.93 14.40 -16.20
N LYS E 331 -8.32 15.54 -15.90
CA LYS E 331 -7.13 15.53 -15.05
C LYS E 331 -7.51 15.09 -13.63
N GLN E 332 -6.49 14.66 -12.88
CA GLN E 332 -6.74 14.11 -11.55
C GLN E 332 -7.25 15.18 -10.58
N ALA E 333 -6.68 16.38 -10.65
CA ALA E 333 -7.13 17.46 -9.77
C ALA E 333 -8.59 17.82 -10.06
N LYS E 334 -8.99 17.78 -11.32
CA LYS E 334 -10.38 18.07 -11.67
C LYS E 334 -11.32 16.96 -11.21
N LYS E 335 -10.84 15.71 -11.23
CA LYS E 335 -11.67 14.59 -10.79
C LYS E 335 -11.95 14.67 -9.29
N ASP E 336 -10.95 15.08 -8.51
CA ASP E 336 -11.11 15.17 -7.05
C ASP E 336 -11.92 16.39 -6.64
N TYR E 337 -11.94 17.44 -7.46
CA TYR E 337 -12.74 18.62 -7.15
C TYR E 337 -14.23 18.29 -7.12
N ILE E 338 -14.66 17.29 -7.90
CA ILE E 338 -16.05 16.90 -7.93
C ILE E 338 -16.47 16.33 -6.58
N LYS E 339 -15.66 15.45 -6.01
CA LYS E 339 -16.00 14.73 -4.78
C LYS E 339 -15.81 15.57 -3.53
N GLU E 340 -15.43 16.84 -3.65
CA GLU E 340 -15.21 17.67 -2.48
C GLU E 340 -16.54 18.05 -1.83
N LYS E 341 -16.61 17.85 -0.51
CA LYS E 341 -17.83 18.17 0.22
C LYS E 341 -17.97 19.68 0.37
N ARG E 342 -19.16 20.20 0.10
CA ARG E 342 -19.43 21.62 0.24
C ARG E 342 -19.66 21.97 1.70
N HIS E 343 -18.97 23.00 2.19
CA HIS E 343 -19.01 23.39 3.59
C HIS E 343 -19.54 24.82 3.70
N LYS E 344 -20.61 24.99 4.48
CA LYS E 344 -21.13 26.32 4.71
C LYS E 344 -20.22 27.11 5.65
N SER E 345 -19.49 26.42 6.52
CA SER E 345 -18.53 27.09 7.38
C SER E 345 -17.34 27.60 6.57
N LEU E 346 -16.94 28.84 6.85
CA LEU E 346 -15.85 29.45 6.10
C LEU E 346 -14.51 28.79 6.47
N GLN E 347 -14.28 28.53 7.75
CA GLN E 347 -13.03 27.92 8.16
C GLN E 347 -12.97 26.44 7.77
N LYS E 348 -14.10 25.74 7.90
CA LYS E 348 -14.15 24.34 7.46
C LYS E 348 -13.92 24.22 5.96
N MET E 349 -14.37 25.21 5.19
CA MET E 349 -14.12 25.21 3.76
C MET E 349 -12.65 25.49 3.46
N LEU E 350 -12.10 26.55 4.05
CA LEU E 350 -10.72 26.93 3.78
C LEU E 350 -9.75 25.83 4.21
N TYR E 351 -10.04 25.16 5.32
CA TYR E 351 -9.19 24.05 5.74
C TYR E 351 -9.25 22.90 4.75
N SER E 352 -10.42 22.67 4.13
CA SER E 352 -10.50 21.66 3.08
C SER E 352 -9.72 22.06 1.85
N ILE E 353 -9.64 23.37 1.58
CA ILE E 353 -8.83 23.84 0.44
C ILE E 353 -7.36 23.52 0.67
N TYR E 354 -6.87 23.73 1.90
CA TYR E 354 -5.48 23.43 2.20
C TYR E 354 -5.19 21.94 2.04
N LEU E 355 -6.10 21.09 2.53
CA LEU E 355 -5.93 19.65 2.34
C LEU E 355 -5.98 19.29 0.86
N PHE E 356 -6.78 20.01 0.08
CA PHE E 356 -6.84 19.75 -1.36
C PHE E 356 -5.54 20.19 -2.04
N SER E 357 -5.00 21.34 -1.63
CA SER E 357 -3.77 21.83 -2.24
C SER E 357 -2.55 20.98 -1.88
N LEU E 358 -2.66 20.14 -0.86
CA LEU E 358 -1.56 19.24 -0.52
C LEU E 358 -1.54 18.01 -1.42
N LYS E 359 -2.70 17.55 -1.87
CA LYS E 359 -2.77 16.41 -2.79
C LYS E 359 -2.55 16.80 -4.24
N HIS E 360 -2.57 18.09 -4.56
CA HIS E 360 -2.40 18.57 -5.93
C HIS E 360 -1.57 19.84 -5.89
N PRO E 361 -0.24 19.71 -5.81
CA PRO E 361 0.61 20.88 -5.60
C PRO E 361 0.54 21.86 -6.76
N ASN E 362 0.39 23.14 -6.42
CA ASN E 362 0.52 24.23 -7.38
C ASN E 362 -0.47 24.06 -8.53
N SER E 363 -1.71 23.70 -8.21
CA SER E 363 -2.71 23.33 -9.19
C SER E 363 -3.65 24.49 -9.47
N LYS E 364 -4.06 24.64 -10.73
CA LYS E 364 -5.04 25.65 -11.10
C LYS E 364 -6.44 25.28 -10.62
N THR E 365 -6.70 24.00 -10.35
CA THR E 365 -7.98 23.60 -9.76
C THR E 365 -8.14 24.22 -8.37
N THR E 366 -7.04 24.29 -7.60
CA THR E 366 -7.08 24.95 -6.31
C THR E 366 -7.43 26.43 -6.45
N VAL E 367 -7.00 27.06 -7.54
CA VAL E 367 -7.34 28.46 -7.77
C VAL E 367 -8.84 28.62 -7.96
N ARG E 368 -9.46 27.75 -8.76
CA ARG E 368 -10.90 27.83 -8.94
C ARG E 368 -11.65 27.47 -7.67
N TYR E 369 -11.08 26.59 -6.84
CA TYR E 369 -11.69 26.21 -5.58
C TYR E 369 -11.43 27.24 -4.48
N LEU E 370 -10.58 28.23 -4.74
CA LEU E 370 -10.44 29.38 -3.86
C LEU E 370 -11.37 30.53 -4.26
N ASN E 371 -11.72 30.64 -5.54
CA ASN E 371 -12.72 31.63 -5.94
C ASN E 371 -14.08 31.34 -5.33
N ASP E 372 -14.39 30.06 -5.11
CA ASP E 372 -15.61 29.72 -4.39
C ASP E 372 -15.59 30.28 -2.98
N PHE E 373 -14.42 30.25 -2.34
CA PHE E 373 -14.28 30.84 -1.00
C PHE E 373 -14.40 32.35 -1.06
N LEU E 374 -13.75 32.98 -2.03
CA LEU E 374 -13.86 34.44 -2.17
C LEU E 374 -15.27 34.86 -2.50
N ARG E 375 -15.97 34.08 -3.33
CA ARG E 375 -17.37 34.36 -3.61
C ARG E 375 -18.22 34.26 -2.35
N ASN E 376 -17.92 33.28 -1.49
CA ASN E 376 -18.67 33.13 -0.26
C ASN E 376 -18.37 34.26 0.71
N LEU E 377 -17.10 34.68 0.79
CA LEU E 377 -16.75 35.83 1.62
C LEU E 377 -17.56 37.06 1.22
N PHE E 378 -17.64 37.34 -0.09
CA PHE E 378 -18.39 38.49 -0.56
C PHE E 378 -19.88 38.35 -0.33
N LYS E 379 -20.38 37.12 -0.14
CA LYS E 379 -21.79 36.93 0.16
C LYS E 379 -22.12 37.38 1.58
N ARG E 380 -21.28 37.02 2.55
CA ARG E 380 -21.48 37.46 3.92
C ARG E 380 -21.29 38.97 4.03
N LYS E 381 -22.00 39.58 4.97
CA LYS E 381 -21.85 40.98 5.30
C LYS E 381 -20.94 41.20 6.51
N THR E 382 -21.09 40.36 7.54
CA THR E 382 -20.24 40.39 8.71
C THR E 382 -19.88 38.97 9.10
N ILE E 383 -18.87 38.84 9.98
CA ILE E 383 -18.44 37.55 10.50
C ILE E 383 -18.08 37.71 11.97
N LYS E 384 -18.27 36.65 12.73
CA LYS E 384 -18.03 36.66 14.16
C LYS E 384 -16.71 35.97 14.50
N ASP E 385 -16.35 36.03 15.79
CA ASP E 385 -15.11 35.43 16.30
C ASP E 385 -13.90 35.98 15.56
N ASN E 386 -13.87 37.30 15.39
CA ASN E 386 -12.76 37.93 14.67
C ASN E 386 -11.44 37.80 15.42
N GLY E 387 -11.48 37.74 16.76
CA GLY E 387 -10.25 37.68 17.52
C GLY E 387 -9.51 36.37 17.38
N GLN E 388 -10.24 35.27 17.22
CA GLN E 388 -9.63 33.94 17.15
C GLN E 388 -9.80 33.25 15.82
N GLN E 389 -10.97 33.36 15.18
CA GLN E 389 -11.23 32.60 13.97
C GLN E 389 -10.59 33.23 12.74
N VAL E 390 -10.75 34.54 12.57
CA VAL E 390 -10.22 35.21 11.39
C VAL E 390 -8.70 35.10 11.35
N ASP E 391 -8.04 35.41 12.48
CA ASP E 391 -6.59 35.30 12.54
C ASP E 391 -6.09 33.92 12.14
N ALA E 392 -6.87 32.88 12.46
CA ALA E 392 -6.49 31.54 12.05
C ALA E 392 -6.61 31.36 10.54
N MET E 393 -7.62 31.99 9.93
CA MET E 393 -7.80 31.85 8.49
C MET E 393 -6.73 32.59 7.70
N LEU E 394 -6.16 33.66 8.28
CA LEU E 394 -4.97 34.27 7.67
C LEU E 394 -3.78 33.33 7.65
N GLY E 395 -3.72 32.36 8.56
CA GLY E 395 -2.63 31.42 8.58
C GLY E 395 -2.77 30.32 7.54
N ILE E 396 -4.00 29.90 7.28
CA ILE E 396 -4.23 28.83 6.31
C ILE E 396 -3.94 29.32 4.90
N ILE E 397 -4.44 30.51 4.56
CA ILE E 397 -4.22 31.03 3.21
C ILE E 397 -2.75 31.41 3.02
N SER E 398 -2.08 31.86 4.08
CA SER E 398 -0.65 32.17 3.97
C SER E 398 0.17 30.92 3.72
N SER E 399 -0.25 29.78 4.25
CA SER E 399 0.47 28.53 4.01
C SER E 399 0.22 28.02 2.60
N ILE E 400 -0.97 28.26 2.05
CA ILE E 400 -1.25 27.85 0.68
C ILE E 400 -0.38 28.64 -0.30
N MET E 401 -0.34 29.96 -0.13
CA MET E 401 0.46 30.80 -1.01
C MET E 401 1.95 30.53 -0.88
N ALA E 402 2.40 29.99 0.25
CA ALA E 402 3.82 29.68 0.42
C ALA E 402 4.22 28.41 -0.31
N LYS E 403 3.27 27.50 -0.55
CA LYS E 403 3.55 26.25 -1.24
C LYS E 403 2.89 26.15 -2.61
N ASN E 404 2.12 27.17 -3.01
CA ASN E 404 1.42 27.17 -4.29
C ASN E 404 1.52 28.56 -4.89
N PRO E 405 2.56 28.82 -5.69
CA PRO E 405 2.73 30.17 -6.26
C PRO E 405 1.62 30.59 -7.22
N THR E 406 0.90 29.64 -7.82
CA THR E 406 -0.17 29.99 -8.75
C THR E 406 -1.39 30.59 -8.06
N THR E 407 -1.40 30.65 -6.73
CA THR E 407 -2.52 31.18 -5.99
C THR E 407 -2.24 32.58 -5.43
N TYR E 408 -1.23 33.26 -5.95
CA TYR E 408 -0.90 34.61 -5.47
C TYR E 408 -2.05 35.59 -5.68
N PRO E 409 -2.67 35.70 -6.87
CA PRO E 409 -3.77 36.68 -7.01
C PRO E 409 -4.97 36.38 -6.13
N VAL E 410 -5.50 35.15 -6.20
CA VAL E 410 -6.67 34.81 -5.41
C VAL E 410 -6.32 34.73 -3.93
N GLY E 411 -5.07 34.39 -3.60
CA GLY E 411 -4.67 34.35 -2.21
C GLY E 411 -4.62 35.74 -1.58
N THR E 412 -4.01 36.70 -2.28
CA THR E 412 -4.04 38.09 -1.82
C THR E 412 -5.46 38.62 -1.76
N ALA E 413 -6.35 38.10 -2.63
CA ALA E 413 -7.73 38.55 -2.64
C ALA E 413 -8.43 38.21 -1.33
N ILE E 414 -8.36 36.94 -0.91
CA ILE E 414 -9.06 36.53 0.29
C ILE E 414 -8.31 36.99 1.55
N PHE E 415 -7.00 37.17 1.47
CA PHE E 415 -6.25 37.67 2.62
C PHE E 415 -6.63 39.11 2.94
N SER E 416 -6.67 39.95 1.91
CA SER E 416 -7.08 41.34 2.13
C SER E 416 -8.57 41.45 2.41
N LYS E 417 -9.37 40.49 1.94
CA LYS E 417 -10.79 40.49 2.26
C LYS E 417 -11.03 40.01 3.68
N LEU E 418 -10.26 39.04 4.15
CA LEU E 418 -10.34 38.63 5.55
C LEU E 418 -9.92 39.76 6.48
N LEU E 419 -8.97 40.58 6.05
CA LEU E 419 -8.52 41.70 6.87
C LEU E 419 -9.56 42.82 6.92
N SER E 420 -10.31 43.01 5.84
CA SER E 420 -11.36 44.03 5.84
C SER E 420 -12.46 43.68 6.84
N PHE E 421 -12.68 42.39 7.10
CA PHE E 421 -13.65 41.99 8.10
C PHE E 421 -13.11 42.14 9.51
N LEU E 422 -11.86 41.74 9.74
CA LEU E 422 -11.30 41.77 11.08
C LEU E 422 -10.98 43.19 11.52
N TYR E 423 -10.15 43.90 10.75
CA TYR E 423 -9.67 45.22 11.14
C TYR E 423 -10.56 46.35 10.62
N GLY E 424 -11.66 46.03 9.95
CA GLY E 424 -12.56 47.05 9.43
C GLY E 424 -11.90 47.97 8.40
N ASP E 425 -11.84 49.25 8.71
CA ASP E 425 -11.22 50.24 7.85
C ASP E 425 -9.90 50.76 8.39
N ASP E 426 -9.40 50.18 9.49
CA ASP E 426 -8.10 50.55 10.02
C ASP E 426 -7.01 50.07 9.07
N THR E 427 -6.25 51.01 8.51
CA THR E 427 -5.27 50.69 7.48
C THR E 427 -3.91 50.31 8.05
N GLN E 428 -3.50 50.92 9.17
CA GLN E 428 -2.19 50.62 9.73
C GLN E 428 -2.08 49.16 10.15
N LYS E 429 -3.17 48.61 10.70
CA LYS E 429 -3.17 47.19 11.06
C LYS E 429 -3.19 46.31 9.82
N LYS E 430 -3.91 46.74 8.77
CA LYS E 430 -3.97 45.97 7.55
C LYS E 430 -2.62 45.93 6.83
N LEU E 431 -1.99 47.10 6.69
CA LEU E 431 -0.71 47.18 6.00
C LEU E 431 0.36 46.34 6.70
N THR E 432 0.34 46.32 8.03
CA THR E 432 1.33 45.53 8.76
C THR E 432 1.09 44.04 8.61
N LYS E 433 -0.15 43.62 8.33
CA LYS E 433 -0.41 42.21 8.07
C LYS E 433 -0.12 41.83 6.63
N LEU E 434 -0.32 42.77 5.69
CA LEU E 434 0.13 42.54 4.32
C LEU E 434 1.65 42.36 4.28
N GLU E 435 2.37 43.22 5.00
CA GLU E 435 3.83 43.07 5.06
C GLU E 435 4.21 41.79 5.78
N GLN E 436 3.44 41.40 6.80
CA GLN E 436 3.70 40.13 7.47
C GLN E 436 3.42 38.95 6.55
N LEU E 437 2.45 39.09 5.64
CA LEU E 437 2.24 38.07 4.61
C LEU E 437 3.34 38.13 3.56
N HIS E 438 3.88 39.31 3.29
CA HIS E 438 4.95 39.44 2.31
C HIS E 438 6.22 38.76 2.79
N LYS E 439 6.61 39.00 4.04
CA LYS E 439 7.86 38.43 4.55
C LYS E 439 7.82 36.90 4.56
N LYS E 440 6.64 36.33 4.86
CA LYS E 440 6.51 34.88 4.79
C LYS E 440 6.68 34.37 3.37
N LEU E 441 6.07 35.06 2.41
CA LEU E 441 6.14 34.65 1.01
C LEU E 441 7.42 35.08 0.33
N ASP E 442 8.15 36.03 0.90
CA ASP E 442 9.40 36.48 0.30
C ASP E 442 10.53 35.47 0.53
N LYS E 443 10.26 34.38 1.25
CA LYS E 443 11.23 33.30 1.35
C LYS E 443 11.37 32.53 0.04
N GLN E 444 10.37 32.60 -0.83
CA GLN E 444 10.48 31.98 -2.13
C GLN E 444 11.41 32.82 -3.01
N PRO E 445 12.22 32.18 -3.86
CA PRO E 445 13.31 32.92 -4.53
C PRO E 445 12.87 33.91 -5.59
N ASN E 446 11.64 33.80 -6.10
CA ASN E 446 11.23 34.63 -7.23
C ASN E 446 10.16 35.60 -6.75
N THR E 447 8.88 35.27 -6.89
CA THR E 447 7.76 36.09 -6.40
C THR E 447 7.73 37.48 -7.06
N GLU E 448 8.07 37.53 -8.34
CA GLU E 448 7.82 38.77 -9.09
C GLU E 448 6.33 38.94 -9.35
N MET E 449 5.62 37.83 -9.61
CA MET E 449 4.17 37.88 -9.74
C MET E 449 3.49 38.23 -8.42
N LEU E 450 4.18 38.08 -7.30
CA LEU E 450 3.61 38.43 -6.00
C LEU E 450 3.64 39.94 -5.76
N ASP E 451 4.73 40.61 -6.15
CA ASP E 451 4.82 42.05 -5.97
C ASP E 451 3.77 42.78 -6.78
N ILE E 452 3.37 42.23 -7.93
CA ILE E 452 2.41 42.91 -8.79
C ILE E 452 1.03 42.94 -8.16
N TRP E 453 0.66 41.90 -7.41
CA TRP E 453 -0.69 41.82 -6.86
C TRP E 453 -0.82 42.49 -5.49
N PHE E 454 0.28 42.66 -4.75
CA PHE E 454 0.25 43.57 -3.62
C PHE E 454 0.14 45.02 -4.09
N GLN E 455 0.78 45.34 -5.22
CA GLN E 455 0.67 46.68 -5.78
C GLN E 455 -0.76 47.04 -6.16
N ARG E 456 -1.61 46.03 -6.41
CA ARG E 456 -3.02 46.30 -6.68
C ARG E 456 -3.77 46.56 -5.38
N THR E 457 -3.53 45.74 -4.36
CA THR E 457 -4.24 45.89 -3.09
C THR E 457 -3.76 47.13 -2.35
N GLN E 458 -2.45 47.28 -2.21
CA GLN E 458 -1.88 48.37 -1.43
C GLN E 458 -2.03 49.73 -2.09
N ALA E 459 -2.43 49.78 -3.37
CA ALA E 459 -2.71 51.05 -4.02
C ALA E 459 -4.10 51.57 -3.70
N LYS E 460 -5.04 50.69 -3.35
CA LYS E 460 -6.37 51.11 -2.96
C LYS E 460 -6.44 51.62 -1.52
N ILE E 461 -5.34 51.51 -0.77
CA ILE E 461 -5.29 52.03 0.59
C ILE E 461 -4.15 53.02 0.81
N ASN E 462 -3.10 52.97 0.00
CA ASN E 462 -1.95 53.86 0.13
C ASN E 462 -1.36 54.06 -1.26
N LEU E 463 -0.21 54.73 -1.32
CA LEU E 463 0.48 54.96 -2.59
C LEU E 463 1.96 55.17 -2.30
N GLU E 464 2.79 54.60 -3.18
CA GLU E 464 4.26 54.69 -3.10
C GLU E 464 4.75 54.13 -1.75
N TRP E 465 4.70 52.80 -1.67
CA TRP E 465 5.15 52.09 -0.48
C TRP E 465 5.43 50.64 -0.85
N ASN E 466 6.20 49.98 0.02
CA ASN E 466 6.57 48.58 -0.16
C ASN E 466 7.24 48.34 -1.51
N TYR E 469 9.32 49.47 -5.59
CA TYR E 469 9.41 48.02 -5.59
C TYR E 469 10.71 47.54 -6.20
N LYS E 470 10.78 46.23 -6.48
CA LYS E 470 11.95 45.62 -7.09
C LYS E 470 11.81 45.44 -8.59
N SER E 471 10.65 44.99 -9.06
CA SER E 471 10.43 44.80 -10.49
C SER E 471 10.38 46.15 -11.19
N ALA E 472 11.15 46.29 -12.28
CA ALA E 472 11.16 47.53 -13.02
C ALA E 472 9.80 47.84 -13.64
N LEU E 473 9.01 46.80 -13.91
CA LEU E 473 7.66 47.02 -14.41
C LEU E 473 6.75 47.58 -13.32
N CYS E 474 7.03 47.25 -12.05
CA CYS E 474 6.20 47.72 -10.96
C CYS E 474 6.43 49.21 -10.69
N VAL E 475 7.68 49.66 -10.76
CA VAL E 475 7.95 51.08 -10.53
C VAL E 475 7.37 51.94 -11.65
N ARG E 476 7.14 51.35 -12.83
CA ARG E 476 6.42 52.07 -13.88
C ARG E 476 4.95 52.22 -13.51
N ILE E 477 4.33 51.13 -13.02
CA ILE E 477 2.94 51.21 -12.57
C ILE E 477 2.82 52.19 -11.40
N ASN E 478 3.82 52.22 -10.52
CA ASN E 478 3.80 53.16 -9.41
C ASN E 478 3.87 54.60 -9.90
N ASP E 479 4.67 54.85 -10.94
CA ASP E 479 4.76 56.21 -11.48
C ASP E 479 3.43 56.65 -12.07
N GLU E 480 2.73 55.74 -12.75
CA GLU E 480 1.41 56.07 -13.29
C GLU E 480 0.36 56.15 -12.19
N LEU E 481 0.54 55.39 -11.10
CA LEU E 481 -0.44 55.41 -10.02
C LEU E 481 -0.27 56.64 -9.15
N THR E 482 0.98 57.05 -8.87
CA THR E 482 1.24 58.27 -8.12
C THR E 482 1.13 59.52 -8.97
N LYS E 483 0.80 59.38 -10.26
CA LYS E 483 0.64 60.52 -11.18
C LYS E 483 1.92 61.34 -11.26
N GLU E 484 3.05 60.65 -11.42
CA GLU E 484 4.33 61.32 -11.55
C GLU E 484 4.43 62.02 -12.91
N LYS E 485 5.46 62.85 -13.04
CA LYS E 485 5.67 63.61 -14.27
C LYS E 485 6.02 62.68 -15.42
N THR E 486 7.25 62.17 -15.42
CA THR E 486 7.73 61.28 -16.48
C THR E 486 7.84 59.86 -15.94
N PHE E 487 7.31 58.91 -16.70
CA PHE E 487 7.33 57.51 -16.31
C PHE E 487 8.69 56.90 -16.64
N SER E 488 8.92 55.68 -16.13
CA SER E 488 10.23 55.03 -16.19
C SER E 488 10.23 53.93 -17.24
N VAL E 489 11.27 53.91 -18.07
CA VAL E 489 11.45 52.89 -19.11
C VAL E 489 12.91 52.45 -19.15
N ASN E 490 13.64 52.73 -18.07
CA ASN E 490 15.09 52.53 -18.09
C ASN E 490 15.46 51.07 -18.31
N ASN E 491 14.97 50.18 -17.44
CA ASN E 491 15.29 48.77 -17.53
C ASN E 491 14.10 47.91 -17.93
N LEU E 492 12.97 48.51 -18.26
CA LEU E 492 11.81 47.74 -18.68
C LEU E 492 11.94 47.26 -20.12
N TRP E 493 12.51 48.09 -20.99
CA TRP E 493 12.77 47.73 -22.37
C TRP E 493 14.05 48.40 -22.83
N ASN E 494 14.90 47.64 -23.52
CA ASN E 494 16.20 48.13 -23.97
C ASN E 494 16.08 48.64 -25.41
N ILE E 495 16.41 49.92 -25.61
CA ILE E 495 16.38 50.53 -26.92
C ILE E 495 17.75 50.59 -27.57
N ASP E 496 18.79 50.07 -26.92
CA ASP E 496 20.17 50.29 -27.35
C ASP E 496 20.43 49.81 -28.78
N TRP E 497 19.45 49.14 -29.39
CA TRP E 497 19.53 48.73 -30.78
C TRP E 497 19.05 49.82 -31.74
N ILE E 498 18.45 50.90 -31.25
CA ILE E 498 18.06 52.02 -32.10
C ILE E 498 19.29 52.88 -32.37
N GLN E 499 19.46 53.28 -33.63
CA GLN E 499 20.61 54.08 -34.01
C GLN E 499 20.47 55.51 -33.51
N GLY E 500 21.54 56.04 -32.96
CA GLY E 500 21.55 57.41 -32.46
C GLY E 500 21.44 57.48 -30.96
N LYS E 501 21.98 58.56 -30.39
CA LYS E 501 21.92 58.76 -28.95
C LYS E 501 20.51 59.20 -28.54
N GLU E 502 20.34 59.44 -27.23
CA GLU E 502 19.07 59.93 -26.73
C GLU E 502 18.72 61.30 -27.30
N THR E 503 19.73 62.07 -27.73
CA THR E 503 19.49 63.36 -28.34
C THR E 503 19.02 63.24 -29.79
N SER E 504 19.26 62.10 -30.43
CA SER E 504 18.87 61.92 -31.82
C SER E 504 17.34 61.98 -31.94
N PRO E 505 16.84 62.51 -33.06
CA PRO E 505 15.38 62.77 -33.14
C PRO E 505 14.52 61.51 -33.08
N ASN E 506 14.86 60.47 -33.84
CA ASN E 506 14.04 59.27 -33.85
C ASN E 506 14.08 58.57 -32.50
N LYS E 507 15.26 58.51 -31.87
CA LYS E 507 15.36 57.88 -30.54
C LYS E 507 14.64 58.72 -29.49
N ALA E 508 14.74 60.05 -29.58
CA ALA E 508 14.03 60.91 -28.64
C ALA E 508 12.53 60.81 -28.83
N LYS E 509 12.07 60.70 -30.08
CA LYS E 509 10.64 60.54 -30.34
C LYS E 509 10.14 59.20 -29.80
N ILE E 510 10.96 58.16 -29.90
CA ILE E 510 10.58 56.87 -29.31
C ILE E 510 10.56 56.98 -27.79
N LEU E 511 11.62 57.57 -27.20
CA LEU E 511 11.63 57.79 -25.77
C LEU E 511 10.47 58.67 -25.32
N SER E 512 10.15 59.71 -26.11
CA SER E 512 8.98 60.52 -25.81
C SER E 512 7.71 59.69 -25.85
N LEU E 513 7.57 58.85 -26.87
CA LEU E 513 6.39 57.99 -26.97
C LEU E 513 6.38 56.91 -25.88
N LEU E 514 7.56 56.45 -25.47
CA LEU E 514 7.63 55.43 -24.43
C LEU E 514 7.38 56.01 -23.04
N ARG E 515 7.98 57.18 -22.74
CA ARG E 515 7.86 57.76 -21.41
C ARG E 515 6.54 58.47 -21.18
N LYS E 516 5.86 58.92 -22.24
CA LYS E 516 4.62 59.68 -22.08
C LYS E 516 3.38 58.83 -22.20
N THR E 517 3.41 57.74 -22.96
CA THR E 517 2.23 56.91 -23.12
C THR E 517 1.95 56.14 -21.83
N LYS E 518 0.74 56.32 -21.30
CA LYS E 518 0.36 55.68 -20.04
C LYS E 518 -0.07 54.24 -20.30
N ILE E 519 0.64 53.28 -19.69
CA ILE E 519 0.28 51.88 -19.80
C ILE E 519 -0.68 51.43 -18.70
N VAL E 520 -0.93 52.29 -17.71
CA VAL E 520 -1.83 51.97 -16.61
C VAL E 520 -3.06 52.87 -16.73
N ASP E 521 -4.24 52.27 -16.68
CA ASP E 521 -5.50 53.01 -16.79
C ASP E 521 -5.90 53.50 -15.41
N THR E 522 -5.58 54.76 -15.11
CA THR E 522 -5.93 55.34 -13.81
C THR E 522 -7.43 55.52 -13.66
N ASP E 523 -8.18 55.59 -14.77
CA ASP E 523 -9.63 55.71 -14.67
C ASP E 523 -10.27 54.42 -14.17
N LYS E 524 -9.80 53.27 -14.67
CA LYS E 524 -10.32 52.00 -14.20
C LYS E 524 -9.89 51.73 -12.77
N PHE E 525 -8.64 52.04 -12.43
CA PHE E 525 -8.15 51.83 -11.07
C PHE E 525 -8.96 52.63 -10.06
N ASP E 526 -9.35 53.85 -10.41
CA ASP E 526 -10.18 54.68 -9.55
C ASP E 526 -11.65 54.29 -9.59
N LYS E 527 -11.98 53.16 -10.22
CA LYS E 527 -13.33 52.63 -10.21
C LYS E 527 -13.42 51.19 -9.72
N MET E 528 -12.30 50.53 -9.46
CA MET E 528 -12.30 49.16 -8.98
C MET E 528 -12.67 49.11 -7.50
N ASP E 529 -12.88 47.89 -7.01
CA ASP E 529 -13.13 47.67 -5.60
C ASP E 529 -11.82 47.78 -4.82
N ASP E 530 -11.95 48.08 -3.52
CA ASP E 530 -10.77 48.16 -2.67
C ASP E 530 -10.11 46.80 -2.51
N ASN E 531 -10.87 45.71 -2.63
CA ASN E 531 -10.36 44.36 -2.57
C ASN E 531 -10.59 43.68 -3.91
N ILE E 532 -9.76 42.68 -4.20
CA ILE E 532 -9.87 41.97 -5.47
C ILE E 532 -11.20 41.23 -5.50
N THR E 533 -12.07 41.61 -6.43
CA THR E 533 -13.34 40.94 -6.59
C THR E 533 -13.13 39.53 -7.14
N PRO E 534 -14.07 38.62 -6.88
CA PRO E 534 -13.98 37.29 -7.50
C PRO E 534 -14.03 37.32 -9.01
N GLU E 535 -14.52 38.42 -9.61
CA GLU E 535 -14.54 38.54 -11.06
C GLU E 535 -13.17 38.81 -11.64
N GLU E 536 -12.24 39.36 -10.86
CA GLU E 536 -10.90 39.62 -11.37
C GLU E 536 -10.12 38.33 -11.57
N VAL E 537 -10.22 37.41 -10.62
CA VAL E 537 -9.50 36.15 -10.75
C VAL E 537 -10.24 35.19 -11.68
N ASN E 538 -11.58 35.25 -11.70
CA ASN E 538 -12.36 34.39 -12.58
C ASN E 538 -12.09 34.69 -14.06
N LEU E 539 -11.61 35.90 -14.37
CA LEU E 539 -11.32 36.25 -15.75
C LEU E 539 -10.22 35.36 -16.33
N PHE E 540 -9.23 35.00 -15.50
CA PHE E 540 -8.13 34.16 -15.93
C PHE E 540 -8.43 32.67 -15.78
N PHE E 541 -9.70 32.31 -15.65
CA PHE E 541 -10.13 30.92 -15.48
C PHE E 541 -9.45 30.26 -14.29
N MET F 32 -14.70 36.85 32.29
CA MET F 32 -14.40 35.97 33.40
C MET F 32 -12.88 35.81 33.57
N LYS F 33 -12.47 35.50 34.80
CA LYS F 33 -11.06 35.43 35.17
C LYS F 33 -10.62 33.98 35.35
N LYS F 34 -9.31 33.80 35.48
CA LYS F 34 -8.72 32.49 35.71
C LYS F 34 -8.77 32.13 37.19
N VAL F 35 -7.99 31.14 37.59
CA VAL F 35 -8.00 30.68 38.98
C VAL F 35 -7.06 31.51 39.85
N TYR F 36 -5.90 31.91 39.32
CA TYR F 36 -4.96 32.69 40.09
C TYR F 36 -5.29 34.18 40.09
N GLU F 37 -6.08 34.65 39.13
CA GLU F 37 -6.57 36.02 39.14
C GLU F 37 -7.69 36.22 40.16
N LEU F 38 -8.12 35.16 40.83
CA LEU F 38 -9.13 35.25 41.87
C LEU F 38 -8.48 35.60 43.21
N THR F 39 -9.32 35.88 44.20
CA THR F 39 -8.87 36.15 45.55
C THR F 39 -8.97 34.88 46.39
N SER F 40 -8.53 34.99 47.66
CA SER F 40 -8.53 33.84 48.55
C SER F 40 -9.96 33.35 48.82
N GLU F 41 -10.89 34.28 49.03
CA GLU F 41 -12.27 33.89 49.29
C GLU F 41 -12.93 33.32 48.03
N GLU F 42 -12.67 33.93 46.88
CA GLU F 42 -13.27 33.45 45.64
C GLU F 42 -12.68 32.11 45.22
N ALA F 43 -11.39 31.88 45.47
CA ALA F 43 -10.78 30.60 45.14
C ALA F 43 -11.28 29.48 46.06
N LEU F 44 -11.66 29.82 47.29
CA LEU F 44 -12.20 28.81 48.20
C LEU F 44 -13.54 28.29 47.69
N SER F 45 -14.49 29.18 47.45
CA SER F 45 -15.80 28.77 46.93
C SER F 45 -15.71 28.23 45.51
N TYR F 46 -14.68 28.59 44.76
CA TYR F 46 -14.54 28.04 43.41
C TYR F 46 -14.10 26.59 43.46
N PHE F 47 -13.14 26.26 44.34
CA PHE F 47 -12.70 24.88 44.48
C PHE F 47 -13.76 23.99 45.09
N LEU F 48 -14.79 24.57 45.72
CA LEU F 48 -15.83 23.81 46.38
C LEU F 48 -17.06 23.62 45.51
N ARG F 49 -16.99 23.99 44.23
CA ARG F 49 -18.07 23.67 43.32
C ARG F 49 -18.03 22.19 42.94
N HIS F 50 -19.15 21.71 42.39
CA HIS F 50 -19.17 20.35 41.86
C HIS F 50 -18.35 20.26 40.58
N ASP F 51 -18.28 21.35 39.81
CA ASP F 51 -17.54 21.34 38.56
C ASP F 51 -16.04 21.27 38.80
N SER F 52 -15.56 21.82 39.90
CA SER F 52 -14.13 21.85 40.19
C SER F 52 -13.68 20.69 41.08
N TYR F 53 -14.59 20.09 41.84
CA TYR F 53 -14.21 18.99 42.71
C TYR F 53 -13.87 17.73 41.92
N THR F 54 -14.67 17.43 40.89
CA THR F 54 -14.45 16.28 40.04
C THR F 54 -14.71 16.66 38.59
N THR F 55 -13.94 16.05 37.68
CA THR F 55 -14.10 16.31 36.26
C THR F 55 -14.54 15.05 35.53
N LEU F 56 -15.53 14.35 36.10
CA LEU F 56 -16.06 13.14 35.51
C LEU F 56 -17.42 13.41 34.86
N GLU F 57 -17.72 12.66 33.80
CA GLU F 57 -19.01 12.78 33.11
C GLU F 57 -20.08 12.06 33.94
N LEU F 58 -20.36 12.64 35.11
CA LEU F 58 -21.38 12.12 35.99
C LEU F 58 -22.76 12.58 35.53
N PRO F 59 -23.81 11.84 35.87
CA PRO F 59 -25.18 12.29 35.55
C PRO F 59 -25.44 13.67 36.12
N ALA F 60 -26.25 14.45 35.39
CA ALA F 60 -26.44 15.86 35.71
C ALA F 60 -27.13 16.08 37.05
N TYR F 61 -27.78 15.06 37.61
CA TYR F 61 -28.41 15.23 38.91
C TYR F 61 -27.41 15.22 40.06
N ILE F 62 -26.20 14.70 39.83
CA ILE F 62 -25.15 14.73 40.84
C ILE F 62 -24.56 16.13 40.85
N ASN F 63 -24.89 16.91 41.88
CA ASN F 63 -24.45 18.29 42.01
C ASN F 63 -24.22 18.59 43.50
N PHE F 64 -23.33 17.82 44.12
CA PHE F 64 -23.09 17.93 45.56
C PHE F 64 -22.07 19.05 45.86
N THR F 65 -22.46 20.26 45.46
CA THR F 65 -21.75 21.44 45.92
C THR F 65 -22.16 21.81 47.35
N THR F 66 -23.41 21.55 47.71
CA THR F 66 -23.87 21.80 49.08
C THR F 66 -23.12 20.94 50.08
N LEU F 67 -22.75 19.71 49.70
CA LEU F 67 -21.97 18.87 50.58
C LEU F 67 -20.59 19.48 50.84
N LEU F 68 -20.02 20.12 49.83
CA LEU F 68 -18.69 20.72 49.99
C LEU F 68 -18.76 22.01 50.81
N ASN F 69 -19.78 22.84 50.60
CA ASN F 69 -19.88 24.09 51.35
C ASN F 69 -20.20 23.83 52.82
N ASP F 70 -21.05 22.83 53.09
CA ASP F 70 -21.40 22.54 54.48
C ASP F 70 -20.25 21.84 55.20
N ILE F 71 -19.56 20.93 54.53
CA ILE F 71 -18.41 20.26 55.13
C ILE F 71 -17.23 21.21 55.33
N ASN F 72 -17.27 22.39 54.71
CA ASN F 72 -16.26 23.42 54.96
C ASN F 72 -16.68 24.36 56.08
N SER F 73 -17.95 24.79 56.10
CA SER F 73 -18.42 25.68 57.15
C SER F 73 -18.38 25.02 58.52
N SER F 74 -18.48 23.69 58.56
CA SER F 74 -18.40 22.98 59.84
C SER F 74 -17.01 23.09 60.46
N ILE F 75 -15.98 23.30 59.63
CA ILE F 75 -14.64 23.50 60.16
C ILE F 75 -14.37 24.97 60.48
N HIS F 76 -14.94 25.90 59.70
CA HIS F 76 -14.73 27.32 59.96
C HIS F 76 -15.43 27.74 61.25
N ASN F 77 -16.64 27.22 61.50
CA ASN F 77 -17.35 27.48 62.74
C ASN F 77 -16.93 26.56 63.87
N LYS F 78 -15.89 25.75 63.66
CA LYS F 78 -15.34 24.84 64.67
C LYS F 78 -16.37 23.81 65.16
N LYS F 79 -17.41 23.56 64.38
CA LYS F 79 -18.38 22.53 64.75
C LYS F 79 -17.72 21.15 64.75
N ILE F 80 -16.90 20.87 63.73
CA ILE F 80 -16.10 19.65 63.67
C ILE F 80 -14.66 20.05 63.42
N LYS F 81 -13.75 19.13 63.72
CA LYS F 81 -12.31 19.37 63.58
C LYS F 81 -11.69 18.29 62.71
N ILE F 82 -10.87 18.71 61.75
CA ILE F 82 -10.18 17.79 60.86
C ILE F 82 -8.74 18.24 60.69
N GLU F 83 -7.81 17.55 61.37
CA GLU F 83 -6.39 17.85 61.29
C GLU F 83 -5.63 16.53 61.20
N PRO F 84 -5.46 15.99 60.00
CA PRO F 84 -4.85 14.67 59.87
C PRO F 84 -3.35 14.68 60.11
N THR F 85 -2.84 13.53 60.54
CA THR F 85 -1.42 13.30 60.72
C THR F 85 -0.94 12.25 59.71
N ALA F 86 0.38 12.05 59.68
CA ALA F 86 0.94 11.11 58.73
C ALA F 86 0.72 9.67 59.17
N LYS F 87 0.74 9.40 60.48
CA LYS F 87 0.65 8.03 60.97
C LYS F 87 -0.71 7.41 60.64
N GLU F 88 -1.79 8.14 60.94
CA GLU F 88 -3.13 7.60 60.72
C GLU F 88 -3.46 7.44 59.24
N LEU F 89 -2.80 8.20 58.37
CA LEU F 89 -3.08 8.13 56.94
C LEU F 89 -2.28 7.05 56.22
N MET F 90 -1.11 6.68 56.76
CA MET F 90 -0.31 5.63 56.14
C MET F 90 -1.02 4.28 56.22
N GLY F 91 -0.95 3.53 55.14
CA GLY F 91 -1.61 2.24 55.07
C GLY F 91 -3.11 2.30 54.88
N LYS F 92 -3.65 3.45 54.50
CA LYS F 92 -5.09 3.63 54.32
C LYS F 92 -5.38 4.15 52.92
N ASP F 93 -6.44 3.61 52.32
CA ASP F 93 -6.94 4.09 51.03
C ASP F 93 -8.13 5.00 51.32
N ILE F 94 -7.90 6.31 51.21
CA ILE F 94 -8.88 7.29 51.67
C ILE F 94 -9.90 7.61 50.58
N ASN F 95 -9.45 7.80 49.35
CA ASN F 95 -10.31 8.30 48.29
C ASN F 95 -10.97 7.15 47.52
N TYR F 96 -12.00 7.52 46.75
CA TYR F 96 -12.68 6.58 45.86
C TYR F 96 -12.08 6.65 44.47
N GLU F 97 -12.16 5.54 43.74
CA GLU F 97 -11.55 5.42 42.42
C GLU F 97 -12.60 5.00 41.41
N VAL F 98 -12.62 5.69 40.26
CA VAL F 98 -13.51 5.37 39.15
C VAL F 98 -12.64 5.26 37.90
N LEU F 99 -12.82 4.17 37.15
CA LEU F 99 -11.95 3.84 36.03
C LEU F 99 -12.57 4.31 34.72
N VAL F 100 -11.77 5.03 33.93
CA VAL F 100 -12.18 5.47 32.60
C VAL F 100 -11.56 4.53 31.56
N SER F 101 -11.77 4.82 30.28
CA SER F 101 -11.46 3.86 29.23
C SER F 101 -10.01 3.92 28.73
N LYS F 102 -9.40 5.10 28.72
CA LYS F 102 -8.06 5.31 28.16
C LYS F 102 -7.97 4.75 26.74
N ASP F 103 -9.03 4.97 25.96
CA ASP F 103 -9.05 4.63 24.54
C ASP F 103 -8.80 3.14 24.29
N GLY F 104 -7.60 2.67 24.66
CA GLY F 104 -7.29 1.26 24.50
C GLY F 104 -8.16 0.40 25.41
N LEU F 105 -8.55 -0.76 24.89
CA LEU F 105 -9.52 -1.62 25.56
C LEU F 105 -8.88 -2.52 26.63
N TYR F 106 -7.57 -2.47 26.81
CA TYR F 106 -6.91 -3.25 27.85
C TYR F 106 -6.04 -2.37 28.75
N SER F 107 -6.26 -1.06 28.73
CA SER F 107 -5.59 -0.11 29.61
C SER F 107 -6.59 0.96 30.02
N TRP F 108 -6.62 1.30 31.30
CA TRP F 108 -7.63 2.19 31.84
C TRP F 108 -7.00 3.35 32.59
N ARG F 109 -7.76 4.44 32.70
CA ARG F 109 -7.40 5.57 33.54
C ARG F 109 -8.01 5.40 34.92
N ARG F 110 -7.33 5.95 35.93
CA ARG F 110 -7.76 5.85 37.32
C ARG F 110 -8.08 7.26 37.83
N ILE F 111 -9.36 7.63 37.76
CA ILE F 111 -9.82 8.92 38.24
C ILE F 111 -10.15 8.82 39.72
N THR F 112 -9.78 9.84 40.48
CA THR F 112 -9.86 9.82 41.94
C THR F 112 -10.94 10.79 42.42
N LEU F 113 -11.87 10.27 43.21
CA LEU F 113 -12.86 11.09 43.91
C LEU F 113 -12.30 11.40 45.30
N ILE F 114 -11.70 12.58 45.45
CA ILE F 114 -11.01 12.92 46.69
C ILE F 114 -12.02 12.99 47.83
N ASN F 115 -11.60 12.48 49.00
CA ASN F 115 -12.43 12.50 50.19
C ASN F 115 -12.86 13.94 50.50
N PRO F 116 -14.18 14.21 50.57
CA PRO F 116 -14.62 15.59 50.82
C PRO F 116 -14.05 16.20 52.09
N LEU F 117 -13.70 15.39 53.09
CA LEU F 117 -13.08 15.93 54.29
C LEU F 117 -11.65 16.38 54.02
N TYR F 118 -10.84 15.50 53.43
CA TYR F 118 -9.47 15.88 53.10
C TYR F 118 -9.43 16.90 51.97
N TYR F 119 -10.39 16.86 51.06
CA TYR F 119 -10.42 17.83 49.96
C TYR F 119 -10.51 19.25 50.49
N VAL F 120 -11.50 19.52 51.36
CA VAL F 120 -11.65 20.87 51.89
C VAL F 120 -10.52 21.21 52.85
N TYR F 121 -9.82 20.21 53.39
CA TYR F 121 -8.62 20.50 54.17
C TYR F 121 -7.49 20.99 53.27
N PHE F 122 -7.21 20.25 52.19
CA PHE F 122 -6.20 20.69 51.24
C PHE F 122 -6.65 21.93 50.49
N CYS F 123 -7.96 22.10 50.29
CA CYS F 123 -8.47 23.30 49.64
C CYS F 123 -8.26 24.53 50.52
N ARG F 124 -8.84 24.51 51.72
CA ARG F 124 -8.75 25.64 52.63
C ARG F 124 -7.34 25.90 53.14
N LYS F 125 -6.39 25.00 52.86
CA LYS F 125 -5.00 25.21 53.25
C LYS F 125 -4.23 26.07 52.25
N ILE F 126 -4.34 25.73 50.96
CA ILE F 126 -3.56 26.47 49.96
C ILE F 126 -4.18 27.84 49.72
N THR F 127 -5.49 27.99 49.92
CA THR F 127 -6.14 29.28 49.70
C THR F 127 -5.98 30.22 50.88
N ALA F 128 -5.21 29.83 51.90
CA ALA F 128 -4.89 30.76 52.97
C ALA F 128 -4.10 31.94 52.40
N PRO F 129 -4.46 33.18 52.75
CA PRO F 129 -3.81 34.34 52.13
C PRO F 129 -2.30 34.38 52.30
N ALA F 130 -1.76 33.68 53.31
CA ALA F 130 -0.31 33.63 53.46
C ALA F 130 0.34 32.81 52.36
N THR F 131 -0.34 31.76 51.88
CA THR F 131 0.17 30.94 50.79
C THR F 131 -0.51 31.19 49.46
N TRP F 132 -1.73 31.74 49.46
CA TRP F 132 -2.34 32.13 48.20
C TRP F 132 -1.68 33.36 47.60
N GLU F 133 -0.87 34.08 48.36
CA GLU F 133 -0.08 35.18 47.81
C GLU F 133 1.11 34.65 47.03
N ILE F 134 1.87 33.72 47.62
CA ILE F 134 3.09 33.23 46.99
C ILE F 134 2.77 32.32 45.81
N ILE F 135 1.58 31.69 45.80
CA ILE F 135 1.20 30.85 44.68
C ILE F 135 0.75 31.71 43.50
N THR F 136 -0.09 32.72 43.76
CA THR F 136 -0.60 33.57 42.69
C THR F 136 0.51 34.38 42.04
N GLU F 137 1.49 34.84 42.82
CA GLU F 137 2.61 35.57 42.25
C GLU F 137 3.50 34.66 41.41
N LYS F 138 3.44 33.34 41.61
CA LYS F 138 4.17 32.42 40.76
C LYS F 138 3.45 32.20 39.44
N PHE F 139 2.11 32.10 39.48
CA PHE F 139 1.34 32.03 38.25
C PHE F 139 1.44 33.32 37.46
N LYS F 140 1.46 34.46 38.14
CA LYS F 140 1.66 35.73 37.46
C LYS F 140 3.09 35.90 36.95
N SER F 141 4.06 35.19 37.55
CA SER F 141 5.40 35.17 36.98
C SER F 141 5.47 34.30 35.73
N PHE F 142 4.46 33.47 35.47
CA PHE F 142 4.44 32.67 34.26
C PHE F 142 4.06 33.52 33.05
N GLU F 143 3.11 34.44 33.23
CA GLU F 143 2.69 35.29 32.11
C GLU F 143 3.78 36.28 31.71
N SER F 144 4.76 36.53 32.58
CA SER F 144 5.91 37.34 32.19
C SER F 144 6.79 36.61 31.19
N ASN F 145 6.70 35.27 31.15
CA ASN F 145 7.33 34.48 30.10
C ASN F 145 6.51 34.68 28.82
N ASP F 146 6.78 35.80 28.15
CA ASP F 146 5.93 36.24 27.05
C ASP F 146 5.97 35.29 25.86
N LEU F 147 7.10 34.62 25.64
CA LEU F 147 7.21 33.71 24.50
C LEU F 147 6.29 32.51 24.61
N PHE F 148 5.85 32.15 25.81
CA PHE F 148 5.03 30.97 26.03
C PHE F 148 3.60 31.39 26.37
N THR F 149 2.64 30.67 25.81
CA THR F 149 1.23 30.92 26.04
C THR F 149 0.55 29.60 26.41
N CYS F 150 -0.13 29.59 27.55
CA CYS F 150 -0.80 28.40 28.07
C CYS F 150 -2.31 28.60 27.96
N SER F 151 -2.97 27.69 27.26
CA SER F 151 -4.42 27.73 27.09
C SER F 151 -5.11 26.65 27.92
N SER F 152 -4.52 26.29 29.07
CA SER F 152 -5.07 25.21 29.87
C SER F 152 -5.08 25.51 31.36
N ILE F 153 -4.88 26.76 31.77
CA ILE F 153 -4.99 27.09 33.19
C ILE F 153 -6.46 27.06 33.61
N PRO F 154 -6.78 26.63 34.83
CA PRO F 154 -8.19 26.58 35.24
C PRO F 154 -8.83 27.96 35.25
N VAL F 155 -10.09 28.00 34.81
CA VAL F 155 -10.83 29.25 34.65
C VAL F 155 -12.19 29.09 35.31
N ARG F 156 -12.66 30.15 35.97
CA ARG F 156 -13.99 30.19 36.54
C ARG F 156 -14.98 30.72 35.51
N LYS F 157 -16.07 29.96 35.31
CA LYS F 157 -17.07 30.32 34.33
C LYS F 157 -18.31 30.89 35.01
N ASP F 158 -19.07 31.69 34.26
CA ASP F 158 -20.27 32.34 34.75
C ASP F 158 -21.42 31.98 33.80
N ASN F 159 -22.17 30.94 34.15
CA ASN F 159 -23.32 30.52 33.38
C ASN F 159 -24.42 29.98 34.29
N TRP F 170 -16.88 24.54 18.73
CA TRP F 170 -16.35 24.81 17.41
C TRP F 170 -14.92 24.29 17.28
N TRP F 171 -13.96 25.21 17.31
CA TRP F 171 -12.54 24.88 17.20
C TRP F 171 -11.82 25.35 18.47
N GLU F 172 -10.98 24.49 19.03
CA GLU F 172 -10.28 24.82 20.25
C GLU F 172 -9.28 25.95 20.01
N ASP F 173 -9.15 26.83 21.01
CA ASP F 173 -8.21 27.94 20.89
C ASP F 173 -6.77 27.44 20.81
N PHE F 174 -6.49 26.25 21.36
CA PHE F 174 -5.20 25.63 21.14
C PHE F 174 -4.92 25.43 19.66
N GLU F 175 -5.94 25.00 18.91
CA GLU F 175 -5.81 24.85 17.46
C GLU F 175 -5.89 26.21 16.76
N GLN F 176 -6.74 27.10 17.26
CA GLN F 176 -6.90 28.41 16.63
C GLN F 176 -5.63 29.24 16.72
N LYS F 177 -4.95 29.20 17.87
CA LYS F 177 -3.70 29.94 18.01
C LYS F 177 -2.58 29.28 17.21
N SER F 178 -2.57 27.95 17.14
CA SER F 178 -1.55 27.25 16.37
C SER F 178 -1.75 27.43 14.87
N LEU F 179 -3.01 27.50 14.42
CA LEU F 179 -3.26 27.72 13.00
C LEU F 179 -2.88 29.13 12.58
N ALA F 180 -3.13 30.12 13.45
CA ALA F 180 -2.80 31.50 13.13
C ALA F 180 -1.31 31.78 13.15
N LEU F 181 -0.52 30.95 13.85
CA LEU F 181 0.91 31.17 13.91
C LEU F 181 1.63 30.78 12.63
N ALA F 182 0.93 30.18 11.67
CA ALA F 182 1.57 29.85 10.40
C ALA F 182 1.96 31.10 9.62
N LEU F 183 1.26 32.22 9.86
CA LEU F 183 1.60 33.45 9.18
C LEU F 183 2.98 33.96 9.58
N GLU F 184 3.42 33.64 10.79
CA GLU F 184 4.70 34.12 11.29
C GLU F 184 5.78 33.04 11.35
N TYR F 185 5.41 31.77 11.34
CA TYR F 185 6.38 30.68 11.43
C TYR F 185 6.02 29.59 10.43
N GLU F 186 7.03 28.84 10.01
CA GLU F 186 6.86 27.79 9.01
C GLU F 186 7.03 26.37 9.55
N PHE F 187 7.78 26.20 10.63
CA PHE F 187 8.00 24.88 11.22
C PHE F 187 7.29 24.78 12.56
N MET F 188 6.99 23.54 12.96
CA MET F 188 6.32 23.29 14.23
C MET F 188 6.83 21.97 14.81
N PHE F 189 7.01 21.96 16.12
CA PHE F 189 7.52 20.79 16.85
C PHE F 189 6.51 20.45 17.94
N SER F 190 5.82 19.33 17.79
CA SER F 190 4.73 18.93 18.67
C SER F 190 5.13 17.71 19.47
N THR F 191 4.86 17.73 20.78
CA THR F 191 5.22 16.63 21.67
C THR F 191 4.16 16.48 22.75
N ASP F 192 4.25 15.35 23.45
CA ASP F 192 3.45 15.07 24.64
C ASP F 192 4.37 14.51 25.72
N ILE F 193 3.88 14.50 26.95
CA ILE F 193 4.60 13.92 28.07
C ILE F 193 3.97 12.57 28.37
N SER F 194 4.73 11.50 28.16
CA SER F 194 4.23 10.15 28.37
C SER F 194 3.98 9.91 29.86
N ASN F 195 2.73 9.61 30.22
CA ASN F 195 2.32 9.39 31.60
C ASN F 195 2.70 10.58 32.47
N PHE F 196 2.19 11.75 32.10
CA PHE F 196 2.57 13.00 32.74
C PHE F 196 2.20 12.99 34.22
N TYR F 197 0.90 13.03 34.53
CA TYR F 197 0.42 13.08 35.91
C TYR F 197 1.00 11.94 36.76
N PRO F 198 0.84 10.66 36.38
CA PRO F 198 1.29 9.59 37.29
C PRO F 198 2.79 9.61 37.57
N SER F 199 3.61 9.96 36.59
CA SER F 199 5.05 9.91 36.73
C SER F 199 5.66 11.23 37.17
N ILE F 200 4.86 12.12 37.77
CA ILE F 200 5.41 13.35 38.35
C ILE F 200 6.22 13.00 39.58
N TYR F 201 7.43 13.56 39.67
CA TYR F 201 8.16 13.54 40.93
C TYR F 201 7.43 14.44 41.91
N THR F 202 6.71 13.83 42.87
CA THR F 202 5.82 14.60 43.74
C THR F 202 6.56 15.68 44.53
N HIS F 203 7.86 15.55 44.71
CA HIS F 203 8.66 16.57 45.39
C HIS F 203 9.11 17.68 44.47
N SER F 204 8.70 17.68 43.19
CA SER F 204 9.09 18.74 42.27
C SER F 204 8.45 20.08 42.64
N PHE F 205 7.38 20.07 43.43
CA PHE F 205 6.72 21.32 43.81
C PHE F 205 7.64 22.23 44.62
N GLU F 206 8.64 21.67 45.29
CA GLU F 206 9.59 22.51 46.01
C GLU F 206 10.54 23.22 45.07
N TRP F 207 10.77 22.67 43.88
CA TRP F 207 11.68 23.28 42.93
C TRP F 207 11.11 24.53 42.26
N VAL F 208 9.78 24.64 42.18
CA VAL F 208 9.19 25.75 41.44
C VAL F 208 9.30 27.07 42.21
N PHE F 209 9.42 27.03 43.53
CA PHE F 209 9.54 28.23 44.34
C PHE F 209 10.96 28.54 44.76
N ILE F 210 11.71 27.53 45.20
CA ILE F 210 13.10 27.72 45.63
C ILE F 210 13.98 26.64 45.01
N SER F 211 15.22 26.56 45.46
CA SER F 211 16.14 25.55 44.96
C SER F 211 17.12 25.11 46.05
N ASN F 223 8.65 26.67 52.00
CA ASN F 223 8.15 26.77 50.63
C ASN F 223 6.77 26.12 50.52
N PRO F 224 5.87 26.78 49.78
CA PRO F 224 4.53 26.20 49.58
C PRO F 224 4.55 24.91 48.76
N GLY F 225 5.65 24.63 48.06
CA GLY F 225 5.76 23.36 47.36
C GLY F 225 5.83 22.17 48.31
N GLY F 226 6.44 22.36 49.48
CA GLY F 226 6.46 21.31 50.47
C GLY F 226 5.08 21.00 51.03
N LEU F 227 4.22 22.01 51.11
CA LEU F 227 2.85 21.78 51.57
C LEU F 227 2.07 20.95 50.56
N ILE F 228 2.19 21.28 49.28
CA ILE F 228 1.52 20.49 48.24
C ILE F 228 2.10 19.09 48.18
N ASP F 229 3.42 18.96 48.34
CA ASP F 229 4.05 17.64 48.40
C ASP F 229 3.59 16.86 49.62
N SER F 230 3.28 17.54 50.72
CA SER F 230 2.78 16.85 51.90
C SER F 230 1.29 16.56 51.82
N HIS F 231 0.52 17.45 51.18
CA HIS F 231 -0.92 17.25 51.09
C HIS F 231 -1.28 16.17 50.08
N ILE F 232 -0.42 15.91 49.10
CA ILE F 232 -0.71 14.90 48.08
C ILE F 232 -0.31 13.52 48.57
N GLN F 233 0.88 13.39 49.14
CA GLN F 233 1.36 12.08 49.59
C GLN F 233 0.52 11.52 50.73
N MET F 234 -0.27 12.36 51.39
CA MET F 234 -1.17 11.89 52.44
C MET F 234 -2.55 11.52 51.91
N MET F 235 -2.83 11.76 50.62
CA MET F 235 -4.06 11.28 50.03
C MET F 235 -3.99 9.79 49.71
N MET F 236 -2.87 9.34 49.14
CA MET F 236 -2.65 7.93 48.84
C MET F 236 -1.70 7.38 49.90
N ASN F 237 -2.28 6.98 51.03
CA ASN F 237 -1.53 6.46 52.17
C ASN F 237 -0.47 7.45 52.65
N ASN F 241 2.11 7.41 39.70
CA ASN F 241 1.57 7.07 41.02
C ASN F 241 2.01 8.08 42.07
N GLY F 242 1.96 9.37 41.70
CA GLY F 242 2.36 10.42 42.64
C GLY F 242 1.46 11.65 42.56
N ILE F 243 0.36 11.61 41.82
CA ILE F 243 -0.63 12.68 41.82
C ILE F 243 -1.94 12.08 41.34
N PRO F 244 -3.08 12.48 41.90
CA PRO F 244 -4.37 11.93 41.44
C PRO F 244 -4.89 12.66 40.21
N LEU F 245 -5.96 12.10 39.66
CA LEU F 245 -6.59 12.61 38.45
C LEU F 245 -8.02 13.06 38.75
N GLY F 246 -8.51 14.00 37.94
CA GLY F 246 -9.91 14.39 37.99
C GLY F 246 -10.28 15.39 39.07
N SER F 247 -9.59 16.52 39.10
CA SER F 247 -9.92 17.59 40.04
C SER F 247 -9.25 18.88 39.58
N THR F 248 -10.00 19.98 39.59
CA THR F 248 -9.45 21.26 39.17
C THR F 248 -8.28 21.68 40.04
N LEU F 249 -8.38 21.45 41.35
CA LEU F 249 -7.27 21.76 42.24
C LEU F 249 -6.03 20.95 41.87
N MET F 250 -6.22 19.70 41.44
CA MET F 250 -5.10 18.91 40.95
C MET F 250 -4.58 19.45 39.62
N ASP F 251 -5.49 19.92 38.76
CA ASP F 251 -5.08 20.55 37.52
C ASP F 251 -4.33 21.86 37.78
N THR F 252 -4.76 22.60 38.80
CA THR F 252 -4.04 23.81 39.19
C THR F 252 -2.64 23.49 39.69
N PHE F 253 -2.47 22.33 40.34
CA PHE F 253 -1.17 21.95 40.86
C PHE F 253 -0.20 21.61 39.71
N ALA F 254 -0.66 20.81 38.74
CA ALA F 254 0.19 20.45 37.62
C ALA F 254 0.51 21.65 36.74
N GLU F 255 -0.39 22.64 36.68
CA GLU F 255 -0.12 23.83 35.89
C GLU F 255 1.04 24.63 36.47
N LEU F 256 1.28 24.53 37.77
CA LEU F 256 2.43 25.20 38.38
C LEU F 256 3.73 24.53 37.95
N ILE F 257 3.77 23.20 37.95
CA ILE F 257 4.96 22.48 37.50
C ILE F 257 5.24 22.74 36.03
N LEU F 258 4.17 22.76 35.21
CA LEU F 258 4.35 23.03 33.79
C LEU F 258 4.89 24.43 33.55
N GLY F 259 4.39 25.42 34.30
CA GLY F 259 4.89 26.77 34.17
C GLY F 259 6.35 26.90 34.55
N GLN F 260 6.82 26.06 35.47
CA GLN F 260 8.24 26.06 35.83
C GLN F 260 9.08 25.36 34.78
N ILE F 261 8.57 24.25 34.23
CA ILE F 261 9.23 23.64 33.07
C ILE F 261 9.32 24.64 31.93
N ASP F 262 8.33 25.52 31.82
CA ASP F 262 8.40 26.61 30.84
C ASP F 262 9.53 27.56 31.16
N ILE F 263 9.56 28.10 32.39
CA ILE F 263 10.57 29.08 32.75
C ILE F 263 11.96 28.46 32.71
N GLU F 264 12.10 27.24 33.20
CA GLU F 264 13.41 26.59 33.21
C GLU F 264 13.88 26.26 31.79
N LEU F 265 12.95 26.08 30.85
CA LEU F 265 13.35 25.86 29.47
C LEU F 265 13.88 27.14 28.84
N ARG F 266 13.24 28.28 29.14
CA ARG F 266 13.74 29.56 28.62
C ARG F 266 15.10 29.91 29.20
N LYS F 267 15.40 29.43 30.41
CA LYS F 267 16.73 29.63 30.97
C LYS F 267 17.80 29.00 30.07
N LYS F 268 17.53 27.80 29.57
CA LYS F 268 18.43 27.17 28.62
C LYS F 268 18.33 27.78 27.23
N THR F 269 17.24 28.47 26.93
CA THR F 269 17.11 29.14 25.64
C THR F 269 17.97 30.40 25.59
N ASN F 270 17.83 31.27 26.59
CA ASN F 270 18.67 32.46 26.67
C ASN F 270 20.14 32.10 26.82
N GLU F 271 20.43 30.98 27.50
CA GLU F 271 21.82 30.55 27.65
C GLU F 271 22.45 30.20 26.30
N LEU F 272 21.66 29.69 25.36
CA LEU F 272 22.16 29.30 24.05
C LEU F 272 21.79 30.31 22.96
N LYS F 273 21.25 31.46 23.34
CA LYS F 273 20.99 32.58 22.42
C LYS F 273 19.96 32.21 21.34
N ILE F 274 18.96 31.43 21.72
CA ILE F 274 17.78 31.21 20.88
C ILE F 274 16.77 32.31 21.22
N ILE F 275 16.10 32.85 20.20
CA ILE F 275 15.29 34.03 20.45
C ILE F 275 13.99 34.06 19.65
N ASN F 276 14.01 33.56 18.42
CA ASN F 276 12.88 33.74 17.50
C ASN F 276 12.07 32.45 17.46
N TYR F 277 11.14 32.32 18.41
CA TYR F 277 10.24 31.18 18.50
C TYR F 277 9.19 31.50 19.55
N LYS F 278 8.17 30.64 19.63
CA LYS F 278 7.19 30.72 20.70
C LYS F 278 6.49 29.38 20.84
N VAL F 279 5.93 29.14 22.01
CA VAL F 279 5.33 27.86 22.38
C VAL F 279 3.88 28.06 22.75
N VAL F 280 3.02 27.12 22.34
CA VAL F 280 1.62 27.09 22.71
C VAL F 280 1.35 25.75 23.38
N ARG F 281 0.85 25.78 24.61
CA ARG F 281 0.64 24.57 25.39
C ARG F 281 -0.84 24.33 25.65
N TYR F 282 -1.14 23.07 25.98
CA TYR F 282 -2.39 22.70 26.63
C TYR F 282 -2.07 21.52 27.54
N ARG F 283 -1.85 21.80 28.82
CA ARG F 283 -1.39 20.80 29.80
C ARG F 283 -0.05 20.26 29.31
N ASP F 284 0.11 18.96 29.11
CA ASP F 284 1.37 18.39 28.64
C ASP F 284 1.45 18.28 27.12
N ASP F 285 0.70 19.11 26.40
CA ASP F 285 0.71 19.14 24.94
C ASP F 285 1.55 20.34 24.49
N TYR F 286 2.71 20.06 23.92
CA TYR F 286 3.67 21.09 23.53
C TYR F 286 3.62 21.32 22.03
N ARG F 287 3.71 22.59 21.63
CA ARG F 287 3.82 22.98 20.22
C ARG F 287 4.75 24.19 20.15
N ILE F 288 5.98 23.97 19.69
CA ILE F 288 6.98 25.02 19.54
C ILE F 288 7.05 25.42 18.09
N PHE F 289 6.87 26.71 17.81
CA PHE F 289 6.89 27.25 16.46
C PHE F 289 8.16 28.05 16.24
N SER F 290 8.81 27.84 15.10
CA SER F 290 10.05 28.54 14.80
C SER F 290 10.28 28.51 13.30
N ASN F 291 11.15 29.42 12.84
CA ASN F 291 11.55 29.49 11.44
C ASN F 291 12.92 28.85 11.21
N SER F 292 13.31 27.91 12.04
CA SER F 292 14.63 27.30 11.96
C SER F 292 14.54 25.85 12.42
N LYS F 293 14.84 24.93 11.51
CA LYS F 293 14.88 23.52 11.87
C LYS F 293 16.01 23.20 12.84
N ASP F 294 17.06 24.04 12.87
CA ASP F 294 18.15 23.82 13.80
C ASP F 294 17.82 24.35 15.20
N ASP F 295 17.12 25.49 15.28
CA ASP F 295 16.71 26.01 16.56
C ASP F 295 15.76 25.05 17.28
N LEU F 296 14.78 24.52 16.55
CA LEU F 296 13.87 23.55 17.13
C LEU F 296 14.58 22.26 17.51
N ASP F 297 15.72 21.96 16.88
CA ASP F 297 16.44 20.74 17.21
C ASP F 297 17.11 20.85 18.57
N ILE F 298 17.64 22.03 18.91
CA ILE F 298 18.28 22.22 20.21
C ILE F 298 17.27 22.56 21.30
N ILE F 299 16.17 23.23 20.95
CA ILE F 299 15.09 23.46 21.91
C ILE F 299 14.49 22.13 22.34
N SER F 300 14.40 21.17 21.42
CA SER F 300 13.94 19.84 21.77
C SER F 300 14.88 19.16 22.76
N LYS F 301 16.19 19.26 22.51
CA LYS F 301 17.17 18.65 23.40
C LYS F 301 17.24 19.34 24.75
N CYS F 302 16.82 20.60 24.84
CA CYS F 302 16.75 21.27 26.13
C CYS F 302 15.45 20.98 26.86
N LEU F 303 14.37 20.72 26.13
CA LEU F 303 13.11 20.39 26.76
C LEU F 303 13.11 18.96 27.32
N VAL F 304 13.87 18.06 26.69
CA VAL F 304 14.07 16.74 27.26
C VAL F 304 15.03 16.78 28.45
N ASN F 305 15.91 17.78 28.49
CA ASN F 305 16.79 17.94 29.65
C ASN F 305 16.03 18.49 30.85
N VAL F 306 15.15 19.47 30.61
CA VAL F 306 14.40 20.07 31.71
C VAL F 306 13.36 19.11 32.26
N LEU F 307 12.93 18.11 31.49
CA LEU F 307 12.01 17.12 32.01
C LEU F 307 12.73 16.00 32.77
N GLY F 308 13.96 15.69 32.37
CA GLY F 308 14.73 14.69 33.10
C GLY F 308 15.03 15.11 34.53
N ASP F 309 15.21 16.41 34.77
CA ASP F 309 15.37 16.88 36.13
C ASP F 309 14.09 16.72 36.93
N PHE F 310 12.94 16.88 36.29
CA PHE F 310 11.65 16.68 36.93
C PHE F 310 11.22 15.21 36.94
N GLY F 311 12.09 14.29 36.53
CA GLY F 311 11.73 12.89 36.46
C GLY F 311 10.74 12.58 35.36
N LEU F 312 10.86 13.23 34.21
CA LEU F 312 9.91 13.10 33.12
C LEU F 312 10.64 12.89 31.81
N ASP F 313 9.96 12.24 30.87
CA ASP F 313 10.44 12.10 29.50
C ASP F 313 9.24 12.15 28.56
N LEU F 314 9.53 12.33 27.28
CA LEU F 314 8.50 12.61 26.29
C LEU F 314 8.02 11.34 25.60
N ASN F 315 6.87 11.46 24.93
CA ASN F 315 6.37 10.39 24.08
C ASN F 315 7.28 10.24 22.88
N SER F 316 8.04 9.13 22.83
CA SER F 316 8.89 8.88 21.67
C SER F 316 8.08 8.57 20.42
N LYS F 317 6.81 8.18 20.57
CA LYS F 317 5.95 7.90 19.44
C LYS F 317 5.24 9.15 18.92
N LYS F 318 4.81 10.02 19.83
CA LYS F 318 4.11 11.26 19.47
C LYS F 318 5.05 12.46 19.48
N THR F 319 6.16 12.36 18.76
CA THR F 319 7.16 13.41 18.71
C THR F 319 7.72 13.47 17.29
N GLU F 320 7.57 14.63 16.63
CA GLU F 320 8.04 14.78 15.27
C GLU F 320 8.08 16.27 14.92
N LEU F 321 9.16 16.68 14.24
CA LEU F 321 9.25 18.03 13.73
C LEU F 321 8.44 18.15 12.44
N TYR F 322 7.44 19.03 12.45
CA TYR F 322 6.49 19.14 11.35
C TYR F 322 6.85 20.33 10.45
N GLU F 323 6.68 20.13 9.14
CA GLU F 323 6.86 21.19 8.18
C GLU F 323 5.54 21.81 7.72
N ASP F 324 4.43 21.09 7.90
CA ASP F 324 3.10 21.58 7.55
C ASP F 324 2.36 21.90 8.85
N ILE F 325 2.38 23.16 9.25
CA ILE F 325 1.74 23.56 10.50
C ILE F 325 0.24 23.37 10.41
N ILE F 326 -0.37 23.80 9.30
CA ILE F 326 -1.83 23.73 9.17
C ILE F 326 -2.30 22.28 9.16
N LEU F 327 -1.55 21.40 8.49
CA LEU F 327 -1.97 20.01 8.37
C LEU F 327 -1.97 19.30 9.72
N HIS F 328 -1.08 19.70 10.63
CA HIS F 328 -0.91 19.00 11.89
C HIS F 328 -1.44 19.78 13.09
N SER F 329 -2.18 20.86 12.86
CA SER F 329 -2.77 21.62 13.96
C SER F 329 -4.04 20.98 14.50
N LEU F 330 -4.56 19.94 13.86
CA LEU F 330 -5.78 19.28 14.27
C LEU F 330 -5.53 17.79 14.50
N LYS F 331 -6.34 17.21 15.38
CA LYS F 331 -6.35 15.76 15.53
C LYS F 331 -6.92 15.12 14.27
N GLN F 332 -6.41 13.94 13.94
CA GLN F 332 -6.83 13.27 12.71
C GLN F 332 -8.31 12.92 12.74
N ALA F 333 -8.85 12.60 13.91
CA ALA F 333 -10.27 12.28 14.01
C ALA F 333 -11.14 13.50 13.73
N LYS F 334 -10.67 14.69 14.08
CA LYS F 334 -11.43 15.90 13.77
C LYS F 334 -11.36 16.27 12.30
N LYS F 335 -10.31 15.84 11.59
CA LYS F 335 -10.23 16.11 10.16
C LYS F 335 -11.25 15.28 9.39
N ASP F 336 -11.26 13.96 9.62
CA ASP F 336 -12.20 13.09 8.93
C ASP F 336 -13.65 13.35 9.32
N TYR F 337 -13.88 13.96 10.48
CA TYR F 337 -15.24 14.34 10.87
C TYR F 337 -15.77 15.47 10.00
N ILE F 338 -14.88 16.34 9.51
CA ILE F 338 -15.30 17.47 8.70
C ILE F 338 -15.89 17.00 7.38
N LYS F 339 -15.30 15.96 6.78
CA LYS F 339 -15.66 15.50 5.45
C LYS F 339 -16.75 14.43 5.45
N GLU F 340 -17.44 14.24 6.58
CA GLU F 340 -18.49 13.23 6.63
C GLU F 340 -19.73 13.70 5.89
N LYS F 341 -20.35 12.78 5.16
CA LYS F 341 -21.58 13.09 4.43
C LYS F 341 -22.77 13.08 5.38
N ARG F 342 -23.65 14.06 5.21
CA ARG F 342 -24.84 14.20 6.05
C ARG F 342 -26.02 13.49 5.37
N HIS F 343 -26.61 12.52 6.06
CA HIS F 343 -27.77 11.80 5.58
C HIS F 343 -28.97 12.13 6.46
N LYS F 344 -30.13 12.30 5.81
CA LYS F 344 -31.37 12.54 6.55
C LYS F 344 -31.92 11.26 7.15
N SER F 345 -31.73 10.13 6.47
CA SER F 345 -32.19 8.85 7.00
C SER F 345 -31.40 8.49 8.25
N LEU F 346 -32.12 8.15 9.32
CA LEU F 346 -31.46 7.87 10.59
C LEU F 346 -30.60 6.62 10.51
N GLN F 347 -31.07 5.59 9.78
CA GLN F 347 -30.32 4.36 9.68
C GLN F 347 -29.04 4.55 8.87
N LYS F 348 -29.10 5.40 7.83
CA LYS F 348 -27.90 5.66 7.05
C LYS F 348 -26.87 6.46 7.84
N MET F 349 -27.33 7.32 8.76
CA MET F 349 -26.39 8.10 9.57
C MET F 349 -25.81 7.26 10.71
N LEU F 350 -26.65 6.46 11.37
CA LEU F 350 -26.17 5.63 12.48
C LEU F 350 -25.18 4.59 11.98
N TYR F 351 -25.39 4.05 10.78
CA TYR F 351 -24.42 3.13 10.20
C TYR F 351 -23.13 3.85 9.84
N SER F 352 -23.22 5.12 9.43
CA SER F 352 -22.02 5.90 9.14
C SER F 352 -21.23 6.17 10.40
N ILE F 353 -21.92 6.41 11.52
CA ILE F 353 -21.23 6.63 12.79
C ILE F 353 -20.43 5.39 13.18
N TYR F 354 -21.01 4.21 12.98
CA TYR F 354 -20.30 2.96 13.28
C TYR F 354 -18.99 2.88 12.50
N LEU F 355 -19.05 3.09 11.18
CA LEU F 355 -17.83 3.04 10.37
C LEU F 355 -16.83 4.10 10.81
N PHE F 356 -17.31 5.27 11.26
CA PHE F 356 -16.41 6.27 11.80
C PHE F 356 -15.78 5.81 13.11
N SER F 357 -16.54 5.07 13.92
CA SER F 357 -16.02 4.57 15.19
C SER F 357 -15.02 3.43 15.01
N LEU F 358 -14.96 2.83 13.82
CA LEU F 358 -13.96 1.79 13.58
C LEU F 358 -12.63 2.40 13.15
N LYS F 359 -12.67 3.49 12.38
CA LYS F 359 -11.44 4.17 11.99
C LYS F 359 -10.88 5.03 13.10
N HIS F 360 -11.70 5.46 14.06
CA HIS F 360 -11.27 6.25 15.21
C HIS F 360 -11.90 5.63 16.46
N PRO F 361 -11.33 4.54 16.96
CA PRO F 361 -11.96 3.83 18.07
C PRO F 361 -11.92 4.63 19.36
N ASN F 362 -13.05 4.63 20.07
CA ASN F 362 -13.17 5.24 21.40
C ASN F 362 -12.75 6.71 21.36
N SER F 363 -13.14 7.42 20.31
CA SER F 363 -12.78 8.81 20.13
C SER F 363 -13.88 9.72 20.67
N LYS F 364 -13.46 10.86 21.25
CA LYS F 364 -14.42 11.86 21.68
C LYS F 364 -15.16 12.48 20.50
N THR F 365 -14.59 12.43 19.29
CA THR F 365 -15.30 12.88 18.11
C THR F 365 -16.52 12.01 17.82
N THR F 366 -16.43 10.71 18.12
CA THR F 366 -17.60 9.85 18.00
C THR F 366 -18.73 10.31 18.91
N VAL F 367 -18.40 10.89 20.06
CA VAL F 367 -19.42 11.38 20.97
C VAL F 367 -20.09 12.61 20.40
N ARG F 368 -19.33 13.51 19.78
CA ARG F 368 -19.92 14.64 19.08
C ARG F 368 -20.80 14.16 17.93
N TYR F 369 -20.37 13.12 17.23
CA TYR F 369 -21.09 12.61 16.07
C TYR F 369 -22.29 11.77 16.51
N LEU F 370 -22.23 11.17 17.70
CA LEU F 370 -23.39 10.49 18.25
C LEU F 370 -24.37 11.45 18.88
N ASN F 371 -23.90 12.62 19.33
CA ASN F 371 -24.80 13.62 19.92
C ASN F 371 -25.72 14.21 18.86
N ASP F 372 -25.19 14.42 17.65
CA ASP F 372 -26.04 14.93 16.57
C ASP F 372 -27.08 13.91 16.14
N PHE F 373 -26.77 12.62 16.30
CA PHE F 373 -27.80 11.60 16.08
C PHE F 373 -28.87 11.64 17.16
N LEU F 374 -28.48 12.00 18.40
CA LEU F 374 -29.46 12.20 19.45
C LEU F 374 -30.30 13.44 19.20
N ARG F 375 -29.73 14.47 18.56
CA ARG F 375 -30.50 15.66 18.25
C ARG F 375 -31.53 15.41 17.16
N ASN F 376 -31.22 14.52 16.21
CA ASN F 376 -32.18 14.20 15.16
C ASN F 376 -33.33 13.34 15.69
N LEU F 377 -33.05 12.49 16.68
CA LEU F 377 -34.10 11.64 17.23
C LEU F 377 -35.13 12.47 18.00
N PHE F 378 -34.67 13.42 18.80
CA PHE F 378 -35.58 14.27 19.56
C PHE F 378 -36.41 15.20 18.69
N LYS F 379 -36.07 15.35 17.42
CA LYS F 379 -36.82 16.17 16.49
C LYS F 379 -37.94 15.39 15.79
N ARG F 380 -38.06 14.10 16.06
CA ARG F 380 -39.06 13.26 15.40
C ARG F 380 -40.11 12.81 16.41
N LYS F 381 -41.37 12.78 15.97
CA LYS F 381 -42.45 12.28 16.82
C LYS F 381 -42.46 10.75 16.83
N THR F 382 -42.59 10.15 15.65
CA THR F 382 -42.46 8.70 15.49
C THR F 382 -41.58 8.39 14.28
N ILE F 383 -41.45 7.12 13.93
CA ILE F 383 -40.70 6.69 12.77
C ILE F 383 -41.56 5.73 11.96
N LYS F 384 -41.48 5.84 10.64
CA LYS F 384 -42.17 4.91 9.77
C LYS F 384 -41.49 3.55 9.78
N ASP F 385 -42.29 2.49 9.83
CA ASP F 385 -41.81 1.12 9.95
C ASP F 385 -40.87 0.98 11.16
N ASN F 386 -41.43 1.24 12.33
CA ASN F 386 -40.65 1.23 13.56
C ASN F 386 -40.26 -0.17 14.01
N GLY F 387 -40.92 -1.21 13.46
CA GLY F 387 -40.61 -2.56 13.91
C GLY F 387 -39.23 -3.03 13.49
N GLN F 388 -38.93 -2.91 12.18
CA GLN F 388 -37.68 -3.44 11.64
C GLN F 388 -36.54 -2.43 11.75
N GLN F 389 -36.82 -1.14 11.54
CA GLN F 389 -35.75 -0.15 11.52
C GLN F 389 -35.16 0.09 12.91
N VAL F 390 -36.03 0.18 13.92
CA VAL F 390 -35.55 0.49 15.26
C VAL F 390 -34.75 -0.68 15.84
N ASP F 391 -35.26 -1.90 15.67
CA ASP F 391 -34.55 -3.07 16.20
C ASP F 391 -33.18 -3.21 15.56
N ALA F 392 -33.04 -2.85 14.28
CA ALA F 392 -31.74 -2.89 13.64
C ALA F 392 -30.83 -1.79 14.17
N MET F 393 -31.39 -0.62 14.47
CA MET F 393 -30.59 0.48 15.00
C MET F 393 -30.15 0.21 16.44
N LEU F 394 -30.92 -0.59 17.19
CA LEU F 394 -30.50 -0.95 18.54
C LEU F 394 -29.23 -1.80 18.51
N GLY F 395 -29.14 -2.74 17.58
CA GLY F 395 -27.94 -3.56 17.45
C GLY F 395 -26.73 -2.79 16.98
N ILE F 396 -26.93 -1.68 16.26
CA ILE F 396 -25.80 -0.87 15.79
C ILE F 396 -25.14 -0.17 16.97
N ILE F 397 -25.92 0.59 17.73
CA ILE F 397 -25.34 1.34 18.85
C ILE F 397 -24.81 0.41 19.92
N SER F 398 -25.49 -0.73 20.13
CA SER F 398 -24.99 -1.72 21.08
C SER F 398 -23.60 -2.22 20.67
N SER F 399 -23.36 -2.33 19.37
CA SER F 399 -22.03 -2.68 18.88
C SER F 399 -21.06 -1.50 18.95
N ILE F 400 -21.58 -0.26 18.98
CA ILE F 400 -20.72 0.90 19.13
C ILE F 400 -20.19 0.98 20.56
N MET F 401 -21.10 0.92 21.54
CA MET F 401 -20.69 1.01 22.94
C MET F 401 -19.84 -0.19 23.35
N ALA F 402 -20.06 -1.34 22.72
CA ALA F 402 -19.27 -2.52 23.04
C ALA F 402 -17.80 -2.35 22.68
N LYS F 403 -17.48 -1.41 21.78
CA LYS F 403 -16.10 -1.13 21.40
C LYS F 403 -15.71 0.31 21.66
N ASN F 404 -16.62 1.16 22.13
CA ASN F 404 -16.35 2.56 22.39
C ASN F 404 -16.89 2.90 23.77
N PRO F 405 -16.13 2.62 24.83
CA PRO F 405 -16.64 2.86 26.19
C PRO F 405 -16.97 4.32 26.47
N THR F 406 -16.28 5.26 25.84
CA THR F 406 -16.56 6.67 26.09
C THR F 406 -17.96 7.08 25.64
N THR F 407 -18.64 6.24 24.87
CA THR F 407 -19.98 6.52 24.37
C THR F 407 -21.07 5.97 25.27
N TYR F 408 -20.74 5.62 26.51
CA TYR F 408 -21.75 5.08 27.42
C TYR F 408 -22.88 6.06 27.72
N PRO F 409 -22.64 7.36 27.97
CA PRO F 409 -23.77 8.28 28.17
C PRO F 409 -24.65 8.41 26.92
N VAL F 410 -24.07 8.86 25.81
CA VAL F 410 -24.86 9.14 24.62
C VAL F 410 -25.34 7.85 23.97
N GLY F 411 -24.59 6.75 24.10
CA GLY F 411 -25.05 5.49 23.57
C GLY F 411 -26.28 4.98 24.29
N THR F 412 -26.30 5.08 25.62
CA THR F 412 -27.51 4.77 26.38
C THR F 412 -28.63 5.74 26.06
N ALA F 413 -28.28 6.99 25.75
CA ALA F 413 -29.29 8.00 25.45
C ALA F 413 -30.10 7.62 24.21
N ILE F 414 -29.42 7.26 23.13
CA ILE F 414 -30.13 6.91 21.91
C ILE F 414 -30.72 5.51 22.01
N PHE F 415 -30.14 4.63 22.83
CA PHE F 415 -30.71 3.30 23.00
C PHE F 415 -32.04 3.38 23.74
N SER F 416 -32.17 4.31 24.68
CA SER F 416 -33.43 4.48 25.40
C SER F 416 -34.41 5.34 24.60
N LYS F 417 -33.90 6.34 23.88
CA LYS F 417 -34.77 7.18 23.05
C LYS F 417 -35.40 6.37 21.93
N LEU F 418 -34.63 5.45 21.34
CA LEU F 418 -35.19 4.58 20.30
C LEU F 418 -36.27 3.67 20.88
N LEU F 419 -36.07 3.20 22.11
CA LEU F 419 -37.07 2.35 22.76
C LEU F 419 -38.33 3.14 23.12
N SER F 420 -38.24 4.47 23.21
CA SER F 420 -39.44 5.28 23.39
C SER F 420 -40.23 5.40 22.09
N PHE F 421 -39.57 5.31 20.94
CA PHE F 421 -40.27 5.28 19.67
C PHE F 421 -40.90 3.93 19.39
N LEU F 422 -40.33 2.86 19.96
CA LEU F 422 -40.70 1.49 19.63
C LEU F 422 -41.75 0.92 20.56
N TYR F 423 -41.54 1.03 21.87
CA TYR F 423 -42.43 0.41 22.86
C TYR F 423 -43.26 1.42 23.63
N GLY F 424 -43.13 2.71 23.35
CA GLY F 424 -43.94 3.72 23.99
C GLY F 424 -43.67 3.88 25.48
N ASP F 425 -44.68 3.63 26.31
CA ASP F 425 -44.57 3.77 27.75
C ASP F 425 -44.54 2.43 28.47
N ASP F 426 -44.48 1.33 27.75
CA ASP F 426 -44.40 -0.01 28.35
C ASP F 426 -43.03 -0.17 28.98
N THR F 427 -42.97 -0.07 30.32
CA THR F 427 -41.68 -0.19 31.01
C THR F 427 -41.14 -1.61 30.96
N GLN F 428 -42.03 -2.61 30.91
CA GLN F 428 -41.57 -3.99 30.89
C GLN F 428 -40.85 -4.33 29.59
N LYS F 429 -41.39 -3.87 28.45
CA LYS F 429 -40.76 -4.16 27.17
C LYS F 429 -39.43 -3.44 27.02
N LYS F 430 -39.27 -2.29 27.70
CA LYS F 430 -38.01 -1.56 27.62
C LYS F 430 -36.97 -2.13 28.58
N LEU F 431 -37.37 -2.41 29.82
CA LEU F 431 -36.42 -2.92 30.81
C LEU F 431 -35.80 -4.24 30.40
N THR F 432 -36.46 -5.01 29.52
CA THR F 432 -35.85 -6.24 29.01
C THR F 432 -34.72 -5.92 28.04
N LYS F 433 -34.91 -4.90 27.19
CA LYS F 433 -33.88 -4.54 26.24
C LYS F 433 -32.69 -3.87 26.92
N LEU F 434 -32.94 -3.09 27.98
CA LEU F 434 -31.84 -2.51 28.73
C LEU F 434 -30.99 -3.58 29.41
N GLU F 435 -31.65 -4.55 30.04
CA GLU F 435 -30.91 -5.66 30.63
C GLU F 435 -30.18 -6.48 29.56
N GLN F 436 -30.75 -6.56 28.36
CA GLN F 436 -30.06 -7.22 27.27
C GLN F 436 -28.84 -6.42 26.81
N LEU F 437 -28.97 -5.09 26.79
CA LEU F 437 -27.81 -4.25 26.47
C LEU F 437 -26.75 -4.32 27.57
N HIS F 438 -27.17 -4.54 28.82
CA HIS F 438 -26.20 -4.61 29.91
C HIS F 438 -25.37 -5.89 29.84
N LYS F 439 -26.02 -7.04 29.66
CA LYS F 439 -25.29 -8.30 29.59
C LYS F 439 -24.30 -8.31 28.43
N LYS F 440 -24.63 -7.62 27.33
CA LYS F 440 -23.68 -7.48 26.23
C LYS F 440 -22.49 -6.63 26.64
N LEU F 441 -22.74 -5.51 27.33
CA LEU F 441 -21.69 -4.57 27.68
C LEU F 441 -20.99 -4.92 28.99
N ASP F 442 -21.60 -5.73 29.86
CA ASP F 442 -20.95 -6.14 31.09
C ASP F 442 -19.84 -7.17 30.84
N LYS F 443 -19.76 -7.73 29.64
CA LYS F 443 -18.69 -8.67 29.33
C LYS F 443 -17.32 -8.00 29.41
N GLN F 444 -17.26 -6.69 29.17
CA GLN F 444 -16.00 -5.97 29.29
C GLN F 444 -15.53 -5.99 30.74
N PRO F 445 -14.21 -5.91 30.97
CA PRO F 445 -13.69 -6.05 32.35
C PRO F 445 -14.22 -5.01 33.31
N ASN F 446 -13.97 -3.73 33.02
CA ASN F 446 -14.36 -2.63 33.90
C ASN F 446 -15.56 -1.91 33.31
N THR F 447 -16.68 -1.93 34.02
CA THR F 447 -17.91 -1.27 33.61
C THR F 447 -18.43 -0.39 34.72
N GLU F 448 -17.54 0.34 35.39
CA GLU F 448 -17.95 1.23 36.47
C GLU F 448 -18.81 2.37 35.95
N MET F 449 -18.33 3.06 34.90
CA MET F 449 -19.07 4.20 34.36
C MET F 449 -20.37 3.79 33.69
N LEU F 450 -20.48 2.54 33.23
CA LEU F 450 -21.71 2.10 32.56
C LEU F 450 -22.86 2.01 33.56
N ASP F 451 -22.60 1.46 34.75
CA ASP F 451 -23.66 1.36 35.76
C ASP F 451 -24.10 2.73 36.24
N ILE F 452 -23.20 3.71 36.24
CA ILE F 452 -23.55 5.05 36.71
C ILE F 452 -24.53 5.71 35.75
N TRP F 453 -24.53 5.33 34.48
CA TRP F 453 -25.41 5.95 33.50
C TRP F 453 -26.67 5.14 33.24
N PHE F 454 -26.71 3.86 33.58
CA PHE F 454 -27.98 3.16 33.65
C PHE F 454 -28.82 3.65 34.82
N GLN F 455 -28.19 4.24 35.84
CA GLN F 455 -28.95 4.79 36.96
C GLN F 455 -29.85 5.92 36.51
N ARG F 456 -29.30 6.87 35.73
CA ARG F 456 -30.11 7.98 35.25
C ARG F 456 -31.21 7.50 34.32
N THR F 457 -30.90 6.55 33.43
CA THR F 457 -31.87 6.11 32.44
C THR F 457 -32.97 5.27 33.08
N GLN F 458 -32.59 4.25 33.87
CA GLN F 458 -33.56 3.33 34.43
C GLN F 458 -34.40 3.96 35.54
N ALA F 459 -33.95 5.08 36.12
CA ALA F 459 -34.70 5.69 37.21
C ALA F 459 -36.00 6.30 36.73
N LYS F 460 -36.03 6.80 35.50
CA LYS F 460 -37.23 7.44 34.97
C LYS F 460 -38.30 6.45 34.54
N ILE F 461 -38.08 5.15 34.73
CA ILE F 461 -39.07 4.14 34.38
C ILE F 461 -39.17 3.11 35.50
N ASN F 462 -38.06 2.89 36.22
CA ASN F 462 -37.99 1.90 37.27
C ASN F 462 -37.42 2.53 38.54
N LEU F 463 -37.88 2.04 39.69
CA LEU F 463 -37.36 2.49 40.98
C LEU F 463 -37.41 1.28 41.92
N GLU F 464 -36.30 0.55 41.99
CA GLU F 464 -36.19 -0.64 42.80
C GLU F 464 -35.29 -0.37 44.01
N TRP F 465 -35.61 -1.02 45.13
CA TRP F 465 -34.85 -0.86 46.36
C TRP F 465 -33.59 -1.73 46.33
N SER F 468 -26.76 -5.04 44.99
CA SER F 468 -27.16 -5.29 43.62
C SER F 468 -26.46 -4.33 42.66
N TYR F 469 -25.65 -3.43 43.21
CA TYR F 469 -24.96 -2.42 42.43
C TYR F 469 -23.51 -2.74 42.17
N LYS F 470 -22.83 -3.41 43.11
CA LYS F 470 -21.42 -3.78 43.01
C LYS F 470 -20.49 -2.57 43.03
N SER F 471 -21.01 -1.40 42.67
CA SER F 471 -20.28 -0.15 42.73
C SER F 471 -20.65 0.59 44.01
N ALA F 472 -19.64 0.94 44.80
CA ALA F 472 -19.90 1.61 46.07
C ALA F 472 -20.59 2.96 45.88
N LEU F 473 -20.30 3.64 44.77
CA LEU F 473 -20.94 4.93 44.51
C LEU F 473 -22.37 4.76 43.99
N CYS F 474 -22.66 3.64 43.32
CA CYS F 474 -23.98 3.45 42.74
C CYS F 474 -25.05 3.28 43.80
N VAL F 475 -24.72 2.62 44.91
CA VAL F 475 -25.72 2.38 45.95
C VAL F 475 -26.05 3.67 46.68
N ARG F 476 -25.11 4.61 46.76
CA ARG F 476 -25.38 5.87 47.43
C ARG F 476 -26.37 6.71 46.63
N ILE F 477 -26.23 6.72 45.29
CA ILE F 477 -27.16 7.46 44.45
C ILE F 477 -28.57 6.88 44.56
N ASN F 478 -28.67 5.55 44.64
CA ASN F 478 -29.97 4.93 44.84
C ASN F 478 -30.56 5.30 46.19
N ASP F 479 -29.70 5.42 47.22
CA ASP F 479 -30.19 5.74 48.56
C ASP F 479 -30.82 7.13 48.59
N GLU F 480 -30.18 8.12 47.97
CA GLU F 480 -30.73 9.46 47.91
C GLU F 480 -31.97 9.55 47.04
N LEU F 481 -32.26 8.52 46.24
CA LEU F 481 -33.47 8.46 45.43
C LEU F 481 -34.54 7.57 46.05
N THR F 482 -34.15 6.46 46.67
CA THR F 482 -35.10 5.60 47.37
C THR F 482 -35.51 6.16 48.72
N LYS F 483 -34.79 7.16 49.23
CA LYS F 483 -35.06 7.83 50.51
C LYS F 483 -34.95 6.89 51.70
N GLU F 484 -34.36 5.71 51.53
CA GLU F 484 -34.23 4.75 52.61
C GLU F 484 -33.03 5.10 53.50
N PHE F 487 -27.23 7.35 51.55
CA PHE F 487 -26.93 7.95 52.84
C PHE F 487 -26.09 6.98 53.67
N SER F 488 -25.33 6.15 52.97
CA SER F 488 -24.36 5.24 53.57
C SER F 488 -23.00 5.50 52.93
N VAL F 489 -21.96 5.54 53.76
CA VAL F 489 -20.62 5.85 53.28
C VAL F 489 -19.64 4.83 53.84
N ASN F 490 -20.08 3.58 53.97
CA ASN F 490 -19.22 2.54 54.54
C ASN F 490 -18.02 2.25 53.63
N ASN F 491 -18.29 1.92 52.36
CA ASN F 491 -17.23 1.59 51.41
C ASN F 491 -17.02 2.69 50.37
N LEU F 492 -17.52 3.90 50.64
CA LEU F 492 -17.31 5.01 49.73
C LEU F 492 -16.11 5.86 50.14
N TRP F 493 -15.95 6.12 51.44
CA TRP F 493 -14.79 6.84 51.95
C TRP F 493 -14.39 6.24 53.30
N ASN F 494 -13.09 6.25 53.56
CA ASN F 494 -12.54 5.66 54.77
C ASN F 494 -12.28 6.75 55.80
N ILE F 495 -12.47 6.41 57.08
CA ILE F 495 -12.29 7.36 58.16
C ILE F 495 -11.43 6.75 59.26
N ASP F 496 -10.68 5.71 58.91
CA ASP F 496 -9.74 5.12 59.86
C ASP F 496 -8.62 6.09 60.24
N TRP F 497 -8.41 7.14 59.45
CA TRP F 497 -7.46 8.19 59.75
C TRP F 497 -8.03 9.29 60.63
N ILE F 498 -9.21 9.06 61.22
CA ILE F 498 -9.88 10.06 62.05
C ILE F 498 -10.00 9.50 63.46
N GLN F 499 -9.56 10.28 64.44
CA GLN F 499 -9.61 9.86 65.84
C GLN F 499 -11.07 9.81 66.29
N GLY F 500 -11.59 8.60 66.48
CA GLY F 500 -12.96 8.43 66.91
C GLY F 500 -13.40 6.98 66.93
N LYS F 501 -14.49 6.68 67.62
CA LYS F 501 -15.00 5.32 67.71
C LYS F 501 -16.32 5.17 66.96
N THR F 503 -19.84 7.16 68.02
CA THR F 503 -19.99 7.42 69.44
C THR F 503 -19.17 8.64 69.87
N SER F 504 -17.93 8.71 69.38
CA SER F 504 -17.09 9.86 69.69
C SER F 504 -17.67 11.13 69.05
N PRO F 505 -17.60 12.27 69.74
CA PRO F 505 -18.23 13.48 69.20
C PRO F 505 -17.65 13.93 67.87
N ASN F 506 -16.36 13.69 67.62
CA ASN F 506 -15.76 14.12 66.36
C ASN F 506 -16.28 13.28 65.19
N LYS F 507 -16.22 11.96 65.32
CA LYS F 507 -16.64 11.10 64.21
C LYS F 507 -18.16 11.10 64.04
N ALA F 508 -18.91 11.29 65.13
CA ALA F 508 -20.37 11.28 65.03
C ALA F 508 -20.88 12.55 64.37
N LYS F 509 -20.37 13.72 64.80
CA LYS F 509 -20.80 14.98 64.21
C LYS F 509 -20.36 15.12 62.76
N ILE F 510 -19.33 14.37 62.34
CA ILE F 510 -18.93 14.41 60.94
C ILE F 510 -19.77 13.48 60.09
N LEU F 511 -20.24 12.36 60.66
CA LEU F 511 -21.09 11.44 59.92
C LEU F 511 -22.51 11.97 59.77
N SER F 512 -22.94 12.88 60.64
CA SER F 512 -24.29 13.43 60.53
C SER F 512 -24.43 14.31 59.30
N LEU F 513 -23.42 15.13 59.01
CA LEU F 513 -23.47 15.99 57.84
C LEU F 513 -23.25 15.19 56.56
N LEU F 514 -22.51 14.09 56.63
CA LEU F 514 -22.31 13.25 55.45
C LEU F 514 -23.61 12.56 55.03
N ARG F 515 -24.48 12.24 55.99
CA ARG F 515 -25.75 11.59 55.69
C ARG F 515 -26.90 12.57 55.51
N LYS F 516 -26.75 13.81 55.98
CA LYS F 516 -27.82 14.80 55.85
C LYS F 516 -27.85 15.38 54.45
N THR F 517 -26.74 15.96 54.01
CA THR F 517 -26.68 16.56 52.68
C THR F 517 -26.69 15.47 51.61
N LYS F 518 -27.76 15.45 50.81
CA LYS F 518 -27.88 14.48 49.73
C LYS F 518 -27.03 14.94 48.54
N ILE F 519 -26.19 14.04 48.03
CA ILE F 519 -25.37 14.36 46.87
C ILE F 519 -26.19 14.42 45.58
N VAL F 520 -27.44 13.97 45.62
CA VAL F 520 -28.32 13.99 44.45
C VAL F 520 -29.32 15.12 44.64
N ASP F 521 -29.29 16.08 43.71
CA ASP F 521 -30.26 17.18 43.71
C ASP F 521 -31.56 16.65 43.11
N THR F 522 -32.38 16.05 43.96
CA THR F 522 -33.64 15.47 43.48
C THR F 522 -34.60 16.54 42.98
N ASP F 523 -34.48 17.78 43.50
CA ASP F 523 -35.32 18.86 42.99
C ASP F 523 -34.98 19.21 41.55
N LYS F 524 -33.73 19.03 41.14
CA LYS F 524 -33.32 19.27 39.77
C LYS F 524 -33.44 18.03 38.89
N PHE F 525 -33.76 16.87 39.47
CA PHE F 525 -33.92 15.64 38.70
C PHE F 525 -35.33 15.49 38.15
N ASP F 526 -36.35 15.94 38.89
CA ASP F 526 -37.73 15.77 38.45
C ASP F 526 -38.02 16.55 37.18
N LYS F 527 -37.39 17.72 37.02
CA LYS F 527 -37.64 18.54 35.83
C LYS F 527 -36.99 17.96 34.57
N MET F 528 -36.16 16.93 34.70
CA MET F 528 -35.50 16.35 33.55
C MET F 528 -36.44 15.41 32.80
N ASP F 529 -36.10 15.14 31.55
CA ASP F 529 -36.91 14.27 30.70
C ASP F 529 -36.68 12.81 31.05
N ASP F 530 -37.54 11.95 30.50
CA ASP F 530 -37.41 10.51 30.73
C ASP F 530 -36.19 9.92 30.03
N ASN F 531 -35.67 10.60 29.02
CA ASN F 531 -34.48 10.17 28.30
C ASN F 531 -33.43 11.27 28.34
N ILE F 532 -32.17 10.87 28.18
CA ILE F 532 -31.07 11.81 28.25
C ILE F 532 -31.17 12.79 27.09
N THR F 533 -31.27 14.08 27.42
CA THR F 533 -31.40 15.12 26.41
C THR F 533 -30.04 15.41 25.77
N PRO F 534 -30.03 15.93 24.54
CA PRO F 534 -28.77 16.34 23.93
C PRO F 534 -28.03 17.40 24.72
N GLU F 535 -28.76 18.23 25.49
CA GLU F 535 -28.10 19.22 26.32
C GLU F 535 -27.32 18.59 27.47
N GLU F 536 -27.80 17.47 28.00
CA GLU F 536 -27.08 16.78 29.07
C GLU F 536 -25.78 16.18 28.56
N VAL F 537 -25.79 15.67 27.33
CA VAL F 537 -24.58 15.06 26.77
C VAL F 537 -23.52 16.12 26.50
N ASN F 538 -23.95 17.32 26.11
CA ASN F 538 -23.01 18.41 25.84
C ASN F 538 -22.25 18.76 27.10
N LEU F 539 -20.92 18.70 27.03
CA LEU F 539 -20.07 18.91 28.19
C LEU F 539 -19.16 20.12 28.02
#